data_6IDD
#
_entry.id   6IDD
#
_cell.length_a   75.181
_cell.length_b   226.274
_cell.length_c   116.780
_cell.angle_alpha   90.00
_cell.angle_beta   96.65
_cell.angle_gamma   90.00
#
_symmetry.space_group_name_H-M   'P 1 21 1'
#
loop_
_entity.id
_entity.type
_entity.pdbx_description
1 polymer Hemagglutinin
2 non-polymer 2-acetamido-2-deoxy-beta-D-glucopyranose
3 water water
#
_entity_poly.entity_id   1
_entity_poly.type   'polypeptide(L)'
_entity_poly.pdbx_seq_one_letter_code
;DKICLGHHAVSNGTKVNTLTERGVEVVNATETVERTNIPRICSKGKRTVDLGQCGLLGTITGPPQCDQFLEFSADLIIER
REGSDVCYPGKFVNEEALRQILRESGGIDKEAMGFTYSGIRTNGATSACRRSGSSFYAEMKWLLSNTDNAAFPQMTKSYK
NTRKNPALIVWGIHHSVSTAEQTKLYGSGNKLVTVGSSNYQQSFVPSPGARPQVNGLSGRIDFHWLMLNPNDTVTFSFNG
AFIAPDRASFLRGKSMGIQSGVQVDADCEGDCYYSGGTIISNLPFQNIDSRAVGKCPRYVKQRSLLLATGMKNVPEIPKG
RGLFGAIAGFIENGWEGLIDGWYGFRHQNAQGEGTAADYKSTQSAIDQITGKLNRLIEKTNQQFELIDNEFTEVEKQIGN
VINWTRDSITEVWSYNAELLVAMENQHTIDLADSEMDKLYERVKRQLRENAEEDGTGCFEIFHKCDDDCMASIRNNTYDH
SKYREEAMQNRIQIDPVK
;
_entity_poly.pdbx_strand_id   A,C,E,G,I,K
#
loop_
_chem_comp.id
_chem_comp.type
_chem_comp.name
_chem_comp.formula
NAG D-saccharide, beta linking 2-acetamido-2-deoxy-beta-D-glucopyranose 'C8 H15 N O6'
#
# COMPACT_ATOMS: atom_id res chain seq x y z
N ASP A 1 32.26 -52.94 -11.32
CA ASP A 1 31.52 -51.95 -12.10
C ASP A 1 30.09 -51.81 -11.59
N LYS A 2 29.67 -50.58 -11.33
CA LYS A 2 28.33 -50.33 -10.80
C LYS A 2 27.73 -49.11 -11.47
N ILE A 3 26.41 -49.05 -11.47
CA ILE A 3 25.68 -47.90 -12.00
C ILE A 3 24.59 -47.52 -11.00
N CYS A 4 24.73 -46.37 -10.39
CA CYS A 4 23.80 -45.90 -9.36
C CYS A 4 22.82 -44.90 -9.95
N LEU A 5 21.63 -44.85 -9.37
CA LEU A 5 20.59 -43.91 -9.77
C LEU A 5 20.33 -42.91 -8.65
N GLY A 6 19.97 -41.70 -9.02
CA GLY A 6 19.75 -40.70 -7.99
C GLY A 6 18.89 -39.55 -8.48
N HIS A 7 18.65 -38.62 -7.56
CA HIS A 7 17.88 -37.41 -7.81
C HIS A 7 18.69 -36.22 -7.34
N HIS A 8 18.32 -35.02 -7.82
CA HIS A 8 19.08 -33.84 -7.47
C HIS A 8 18.72 -33.38 -6.07
N ALA A 9 19.43 -32.34 -5.60
CA ALA A 9 19.19 -31.73 -4.31
C ALA A 9 19.88 -30.38 -4.28
N VAL A 10 19.40 -29.51 -3.39
CA VAL A 10 20.00 -28.19 -3.23
C VAL A 10 20.47 -28.03 -1.78
N SER A 11 21.06 -26.88 -1.47
CA SER A 11 21.64 -26.66 -0.16
C SER A 11 20.62 -26.13 0.85
N ASN A 12 19.79 -25.17 0.45
CA ASN A 12 18.91 -24.50 1.40
C ASN A 12 17.52 -25.12 1.43
N GLY A 13 16.91 -25.32 0.27
CA GLY A 13 15.55 -25.82 0.20
C GLY A 13 14.52 -24.86 0.74
N THR A 14 13.23 -25.21 0.61
CA THR A 14 12.15 -24.37 1.09
C THR A 14 11.12 -25.23 1.81
N LYS A 15 10.82 -24.87 3.06
CA LYS A 15 9.86 -25.63 3.85
C LYS A 15 8.44 -25.34 3.40
N VAL A 16 7.62 -26.40 3.34
CA VAL A 16 6.22 -26.32 2.99
C VAL A 16 5.43 -27.15 4.00
N ASN A 17 4.11 -27.18 3.81
CA ASN A 17 3.22 -27.97 4.66
C ASN A 17 2.51 -29.01 3.81
N THR A 18 2.27 -30.19 4.40
CA THR A 18 1.61 -31.28 3.69
C THR A 18 0.44 -31.80 4.52
N LEU A 19 -0.19 -32.88 4.03
CA LEU A 19 -1.32 -33.47 4.74
C LEU A 19 -0.87 -34.18 6.01
N THR A 20 0.37 -34.67 6.06
CA THR A 20 0.87 -35.44 7.18
C THR A 20 2.02 -34.78 7.92
N GLU A 21 2.73 -33.83 7.31
CA GLU A 21 3.92 -33.26 7.91
C GLU A 21 3.90 -31.74 7.73
N ARG A 22 4.58 -31.05 8.64
CA ARG A 22 4.63 -29.60 8.65
C ARG A 22 6.08 -29.16 8.64
N GLY A 23 6.50 -28.49 7.56
CA GLY A 23 7.86 -28.02 7.44
C GLY A 23 8.74 -28.93 6.61
N VAL A 24 8.17 -29.53 5.57
CA VAL A 24 8.92 -30.43 4.70
C VAL A 24 9.75 -29.60 3.72
N GLU A 25 11.06 -29.80 3.74
CA GLU A 25 11.95 -29.10 2.82
C GLU A 25 11.82 -29.70 1.44
N VAL A 26 11.31 -28.92 0.50
CA VAL A 26 11.29 -29.30 -0.91
C VAL A 26 12.33 -28.47 -1.65
N VAL A 27 12.71 -28.96 -2.84
CA VAL A 27 13.76 -28.29 -3.61
C VAL A 27 13.31 -26.89 -4.03
N ASN A 28 12.04 -26.75 -4.40
CA ASN A 28 11.54 -25.50 -4.94
C ASN A 28 10.07 -25.35 -4.60
N ALA A 29 9.64 -24.11 -4.43
CA ALA A 29 8.25 -23.81 -4.10
C ALA A 29 7.92 -22.41 -4.56
N THR A 30 6.63 -22.11 -4.65
CA THR A 30 6.16 -20.80 -5.06
C THR A 30 4.96 -20.39 -4.22
N GLU A 31 4.79 -19.07 -4.07
CA GLU A 31 3.74 -18.54 -3.20
C GLU A 31 2.40 -18.50 -3.91
N THR A 32 1.33 -18.79 -3.18
CA THR A 32 -0.02 -18.72 -3.70
C THR A 32 -0.86 -17.59 -3.11
N VAL A 33 -0.40 -16.97 -2.02
CA VAL A 33 -1.15 -15.89 -1.37
C VAL A 33 -0.46 -14.57 -1.70
N GLU A 34 -1.23 -13.66 -2.29
CA GLU A 34 -0.68 -12.37 -2.70
C GLU A 34 -0.62 -11.41 -1.53
N ARG A 35 0.54 -10.78 -1.33
CA ARG A 35 0.73 -9.77 -0.30
C ARG A 35 1.22 -8.45 -0.85
N THR A 36 1.44 -8.35 -2.16
CA THR A 36 2.03 -7.19 -2.79
C THR A 36 0.95 -6.30 -3.40
N ASN A 37 1.08 -4.99 -3.20
CA ASN A 37 0.07 -4.03 -3.62
C ASN A 37 0.69 -2.91 -4.43
N ILE A 38 -0.02 -2.48 -5.47
CA ILE A 38 0.34 -1.28 -6.24
C ILE A 38 -0.38 -0.10 -5.60
N PRO A 39 0.34 0.86 -5.00
CA PRO A 39 -0.35 1.93 -4.27
C PRO A 39 -0.96 2.99 -5.18
N ARG A 40 -1.54 2.55 -6.30
CA ARG A 40 -2.13 3.44 -7.28
C ARG A 40 -3.41 2.80 -7.80
N ILE A 41 -4.20 3.58 -8.52
CA ILE A 41 -5.40 3.09 -9.18
C ILE A 41 -5.04 2.90 -10.66
N CYS A 42 -4.71 1.66 -11.02
CA CYS A 42 -4.33 1.33 -12.38
C CYS A 42 -5.53 1.44 -13.31
N SER A 43 -5.46 2.37 -14.27
CA SER A 43 -6.62 2.72 -15.07
C SER A 43 -6.31 2.69 -16.57
N LYS A 44 -5.27 1.97 -16.98
CA LYS A 44 -4.92 1.90 -18.39
C LYS A 44 -5.99 1.13 -19.15
N GLY A 45 -6.45 1.71 -20.27
CA GLY A 45 -7.47 1.09 -21.08
C GLY A 45 -8.89 1.27 -20.60
N LYS A 46 -9.11 2.06 -19.55
CA LYS A 46 -10.44 2.25 -18.98
C LYS A 46 -10.74 3.74 -18.88
N ARG A 47 -11.91 4.13 -19.37
CA ARG A 47 -12.40 5.49 -19.16
C ARG A 47 -12.66 5.69 -17.67
N THR A 48 -11.86 6.55 -17.03
CA THR A 48 -11.88 6.70 -15.58
C THR A 48 -12.32 8.11 -15.23
N VAL A 49 -13.26 8.22 -14.29
CA VAL A 49 -13.73 9.49 -13.78
C VAL A 49 -13.42 9.54 -12.29
N ASP A 50 -12.51 10.43 -11.90
CA ASP A 50 -12.19 10.66 -10.50
C ASP A 50 -13.11 11.77 -10.00
N LEU A 51 -14.12 11.38 -9.20
CA LEU A 51 -15.15 12.33 -8.79
C LEU A 51 -14.59 13.46 -7.94
N GLY A 52 -13.58 13.18 -7.13
CA GLY A 52 -12.98 14.20 -6.29
C GLY A 52 -13.92 14.72 -5.22
N GLN A 53 -14.27 16.00 -5.29
CA GLN A 53 -15.16 16.62 -4.32
C GLN A 53 -16.63 16.42 -4.64
N CYS A 54 -16.96 15.91 -5.83
CA CYS A 54 -18.34 15.64 -6.19
C CYS A 54 -18.75 14.27 -5.68
N GLY A 55 -19.82 14.24 -4.88
CA GLY A 55 -20.38 12.96 -4.47
C GLY A 55 -21.11 12.27 -5.60
N LEU A 56 -21.10 10.94 -5.56
CA LEU A 56 -21.68 10.15 -6.65
C LEU A 56 -23.16 10.46 -6.82
N LEU A 57 -23.89 10.66 -5.72
CA LEU A 57 -25.31 10.97 -5.82
C LEU A 57 -25.54 12.39 -6.34
N GLY A 58 -24.62 13.31 -6.03
CA GLY A 58 -24.77 14.68 -6.49
C GLY A 58 -24.85 14.79 -8.00
N THR A 59 -24.22 13.85 -8.73
CA THR A 59 -24.30 13.86 -10.19
C THR A 59 -25.73 13.79 -10.69
N ILE A 60 -26.67 13.36 -9.85
CA ILE A 60 -28.07 13.34 -10.25
C ILE A 60 -28.77 14.66 -9.93
N THR A 61 -28.38 15.33 -8.85
CA THR A 61 -29.04 16.57 -8.44
C THR A 61 -28.28 17.81 -8.88
N GLY A 62 -26.95 17.80 -8.81
CA GLY A 62 -26.14 18.83 -9.39
C GLY A 62 -25.78 19.99 -8.47
N PRO A 63 -24.99 19.72 -7.44
CA PRO A 63 -24.40 20.81 -6.66
C PRO A 63 -23.26 21.45 -7.43
N PRO A 64 -22.72 22.58 -6.96
CA PRO A 64 -21.63 23.22 -7.71
C PRO A 64 -20.42 22.33 -7.93
N GLN A 65 -20.11 21.45 -6.98
CA GLN A 65 -18.95 20.57 -7.14
C GLN A 65 -19.19 19.46 -8.15
N CYS A 66 -20.43 19.24 -8.59
CA CYS A 66 -20.76 18.21 -9.56
C CYS A 66 -21.15 18.78 -10.92
N ASP A 67 -20.78 20.03 -11.20
CA ASP A 67 -21.20 20.66 -12.44
C ASP A 67 -20.55 20.04 -13.67
N GLN A 68 -19.43 19.32 -13.50
CA GLN A 68 -18.75 18.69 -14.63
C GLN A 68 -19.07 17.20 -14.75
N PHE A 69 -19.87 16.64 -13.84
CA PHE A 69 -20.23 15.23 -13.89
C PHE A 69 -21.73 15.02 -14.07
N LEU A 70 -22.44 16.05 -14.54
CA LEU A 70 -23.89 15.91 -14.73
C LEU A 70 -24.23 14.90 -15.80
N GLU A 71 -23.35 14.70 -16.77
CA GLU A 71 -23.55 13.71 -17.83
C GLU A 71 -22.24 12.97 -18.10
N PHE A 72 -21.60 12.51 -17.03
CA PHE A 72 -20.31 11.84 -17.17
C PHE A 72 -20.50 10.46 -17.79
N SER A 73 -19.39 9.91 -18.27
CA SER A 73 -19.37 8.58 -18.88
C SER A 73 -18.04 7.93 -18.57
N ALA A 74 -18.07 6.71 -18.03
CA ALA A 74 -16.83 6.07 -17.61
C ALA A 74 -17.04 4.56 -17.52
N ASP A 75 -15.91 3.85 -17.53
CA ASP A 75 -15.88 2.42 -17.21
C ASP A 75 -15.47 2.16 -15.78
N LEU A 76 -14.81 3.11 -15.13
CA LEU A 76 -14.37 2.97 -13.74
C LEU A 76 -14.68 4.27 -13.02
N ILE A 77 -15.52 4.19 -11.98
CA ILE A 77 -15.95 5.35 -11.20
C ILE A 77 -15.24 5.29 -9.86
N ILE A 78 -14.60 6.40 -9.49
CA ILE A 78 -13.82 6.49 -8.25
C ILE A 78 -14.49 7.50 -7.33
N GLU A 79 -14.94 7.04 -6.17
CA GLU A 79 -15.42 7.93 -5.12
C GLU A 79 -14.25 8.33 -4.23
N ARG A 80 -14.28 9.58 -3.76
CA ARG A 80 -13.27 10.08 -2.85
C ARG A 80 -13.90 10.43 -1.51
N ARG A 81 -13.06 10.46 -0.48
CA ARG A 81 -13.57 10.72 0.87
C ARG A 81 -14.05 12.16 1.02
N GLU A 82 -13.45 13.10 0.29
CA GLU A 82 -13.86 14.50 0.34
C GLU A 82 -15.06 14.80 -0.55
N GLY A 83 -15.67 13.78 -1.14
CA GLY A 83 -16.84 14.00 -1.96
C GLY A 83 -18.07 14.30 -1.13
N SER A 84 -18.93 15.18 -1.66
CA SER A 84 -20.15 15.58 -0.99
C SER A 84 -21.31 15.48 -1.97
N ASP A 85 -22.41 14.86 -1.54
CA ASP A 85 -23.58 14.69 -2.38
C ASP A 85 -24.45 15.93 -2.44
N VAL A 86 -24.37 16.80 -1.44
CA VAL A 86 -25.30 17.91 -1.31
C VAL A 86 -24.55 19.21 -1.09
N CYS A 87 -25.06 20.30 -1.65
CA CYS A 87 -24.63 21.65 -1.33
C CYS A 87 -25.44 22.21 -0.17
N TYR A 88 -26.76 22.20 -0.30
CA TYR A 88 -27.69 22.50 0.77
C TYR A 88 -27.79 21.30 1.72
N PRO A 89 -27.80 21.53 3.03
CA PRO A 89 -27.79 20.40 3.98
C PRO A 89 -28.96 19.45 3.76
N GLY A 90 -28.66 18.17 3.83
CA GLY A 90 -29.65 17.14 3.59
C GLY A 90 -28.97 15.81 3.32
N LYS A 91 -29.76 14.85 2.86
CA LYS A 91 -29.25 13.52 2.55
C LYS A 91 -30.26 12.82 1.63
N PHE A 92 -29.90 11.62 1.20
CA PHE A 92 -30.73 10.78 0.36
C PHE A 92 -31.38 9.68 1.17
N VAL A 93 -32.54 9.23 0.72
CA VAL A 93 -33.21 8.06 1.26
C VAL A 93 -32.87 6.87 0.35
N ASN A 94 -32.54 5.73 0.97
CA ASN A 94 -31.99 4.59 0.24
C ASN A 94 -30.76 5.01 -0.56
N GLU A 95 -29.84 5.70 0.13
CA GLU A 95 -28.69 6.29 -0.55
C GLU A 95 -27.75 5.22 -1.08
N GLU A 96 -27.48 4.19 -0.28
CA GLU A 96 -26.50 3.18 -0.69
C GLU A 96 -26.97 2.37 -1.88
N ALA A 97 -28.28 2.09 -1.95
CA ALA A 97 -28.83 1.39 -3.11
C ALA A 97 -28.61 2.20 -4.38
N LEU A 98 -28.86 3.52 -4.31
CA LEU A 98 -28.65 4.36 -5.47
C LEU A 98 -27.17 4.46 -5.83
N ARG A 99 -26.30 4.48 -4.82
CA ARG A 99 -24.86 4.46 -5.10
C ARG A 99 -24.47 3.20 -5.83
N GLN A 100 -24.97 2.04 -5.39
CA GLN A 100 -24.67 0.78 -6.07
C GLN A 100 -25.26 0.76 -7.47
N ILE A 101 -26.40 1.43 -7.69
CA ILE A 101 -26.96 1.53 -9.03
C ILE A 101 -26.04 2.36 -9.92
N LEU A 102 -25.55 3.50 -9.41
CA LEU A 102 -24.75 4.40 -10.23
C LEU A 102 -23.34 3.89 -10.46
N ARG A 103 -22.83 3.03 -9.57
CA ARG A 103 -21.47 2.49 -9.77
C ARG A 103 -21.40 1.61 -11.01
N GLU A 104 -22.48 0.89 -11.32
CA GLU A 104 -22.54 0.03 -12.50
C GLU A 104 -23.15 0.73 -13.71
N SER A 105 -23.54 1.99 -13.57
CA SER A 105 -24.33 2.64 -14.62
C SER A 105 -23.53 2.87 -15.89
N GLY A 106 -22.22 3.05 -15.77
CA GLY A 106 -21.43 3.49 -16.90
C GLY A 106 -21.58 4.95 -17.25
N GLY A 107 -22.12 5.75 -16.34
CA GLY A 107 -22.44 7.13 -16.62
C GLY A 107 -23.94 7.37 -16.68
N ILE A 108 -24.30 8.65 -16.77
CA ILE A 108 -25.69 9.07 -16.80
C ILE A 108 -25.91 10.00 -17.97
N ASP A 109 -27.15 10.00 -18.47
CA ASP A 109 -27.57 10.89 -19.54
C ASP A 109 -28.85 11.59 -19.10
N LYS A 110 -28.81 12.91 -19.00
CA LYS A 110 -29.97 13.68 -18.56
C LYS A 110 -30.88 14.02 -19.72
N GLU A 111 -32.17 14.14 -19.44
CA GLU A 111 -33.15 14.53 -20.44
C GLU A 111 -34.20 15.41 -19.78
N ALA A 112 -34.54 16.51 -20.45
CA ALA A 112 -35.54 17.43 -19.90
C ALA A 112 -36.88 16.71 -19.73
N MET A 113 -37.50 16.91 -18.57
CA MET A 113 -38.78 16.28 -18.27
C MET A 113 -39.98 17.13 -18.66
N GLY A 114 -39.77 18.36 -19.12
CA GLY A 114 -40.85 19.17 -19.64
C GLY A 114 -41.79 19.76 -18.61
N PHE A 115 -41.32 20.01 -17.40
CA PHE A 115 -42.16 20.56 -16.35
C PHE A 115 -42.23 22.08 -16.49
N THR A 116 -43.40 22.59 -16.86
CA THR A 116 -43.67 24.02 -16.87
C THR A 116 -44.63 24.35 -15.74
N TYR A 117 -44.54 25.59 -15.24
CA TYR A 117 -45.31 26.01 -14.08
C TYR A 117 -45.95 27.37 -14.32
N SER A 118 -47.06 27.60 -13.63
CA SER A 118 -47.79 28.86 -13.74
C SER A 118 -48.50 29.10 -12.41
N GLY A 119 -48.12 30.16 -11.72
CA GLY A 119 -48.72 30.51 -10.44
C GLY A 119 -47.81 30.37 -9.24
N ILE A 120 -46.54 30.03 -9.45
CA ILE A 120 -45.58 29.86 -8.36
C ILE A 120 -44.24 30.44 -8.77
N ARG A 121 -43.39 30.69 -7.78
CA ARG A 121 -42.00 31.02 -8.03
C ARG A 121 -41.19 29.75 -8.25
N THR A 122 -40.23 29.81 -9.16
CA THR A 122 -39.44 28.63 -9.52
C THR A 122 -37.94 28.92 -9.52
N ASN A 123 -37.49 29.92 -8.76
CA ASN A 123 -36.10 30.34 -8.75
C ASN A 123 -35.57 30.42 -7.32
N GLY A 124 -35.96 29.48 -6.47
CA GLY A 124 -35.42 29.43 -5.13
C GLY A 124 -33.93 29.07 -5.15
N ALA A 125 -33.17 29.78 -4.33
CA ALA A 125 -31.72 29.59 -4.26
C ALA A 125 -31.26 29.79 -2.83
N THR A 126 -29.97 29.56 -2.60
CA THR A 126 -29.39 29.70 -1.27
C THR A 126 -27.91 30.04 -1.39
N SER A 127 -27.36 30.53 -0.29
CA SER A 127 -25.94 30.88 -0.25
C SER A 127 -25.05 29.65 -0.09
N ALA A 128 -25.62 28.50 0.29
CA ALA A 128 -24.83 27.29 0.39
C ALA A 128 -24.51 26.73 -0.99
N CYS A 129 -25.49 26.67 -1.87
CA CYS A 129 -25.30 26.20 -3.25
C CYS A 129 -24.80 27.37 -4.10
N ARG A 130 -23.55 27.75 -3.86
CA ARG A 130 -22.99 28.97 -4.43
C ARG A 130 -22.25 28.64 -5.73
N ARG A 131 -22.68 29.28 -6.82
CA ARG A 131 -21.97 29.19 -8.09
C ARG A 131 -21.39 30.55 -8.45
N SER A 132 -22.23 31.47 -8.91
CA SER A 132 -21.81 32.84 -9.15
C SER A 132 -22.13 33.69 -7.93
N GLY A 133 -23.42 33.90 -7.67
CA GLY A 133 -23.85 34.54 -6.45
C GLY A 133 -24.48 33.53 -5.50
N SER A 134 -25.80 33.41 -5.56
CA SER A 134 -26.54 32.39 -4.83
C SER A 134 -27.32 31.56 -5.84
N SER A 135 -27.13 30.25 -5.83
CA SER A 135 -27.73 29.37 -6.82
C SER A 135 -28.39 28.19 -6.09
N PHE A 136 -28.69 27.14 -6.84
CA PHE A 136 -29.35 25.95 -6.34
C PHE A 136 -28.85 24.76 -7.14
N TYR A 137 -29.41 23.58 -6.85
CA TYR A 137 -29.05 22.37 -7.60
C TYR A 137 -29.35 22.56 -9.08
N ALA A 138 -28.38 22.18 -9.91
CA ALA A 138 -28.51 22.43 -11.35
C ALA A 138 -29.62 21.61 -11.98
N GLU A 139 -29.92 20.44 -11.44
CA GLU A 139 -30.95 19.56 -12.00
C GLU A 139 -32.28 19.68 -11.27
N MET A 140 -32.40 20.60 -10.32
CA MET A 140 -33.61 20.70 -9.50
C MET A 140 -34.14 22.13 -9.54
N LYS A 141 -35.39 22.27 -9.11
CA LYS A 141 -36.07 23.56 -9.03
C LYS A 141 -36.64 23.71 -7.63
N TRP A 142 -36.26 24.78 -6.95
CA TRP A 142 -36.79 25.08 -5.62
C TRP A 142 -38.06 25.90 -5.80
N LEU A 143 -39.21 25.24 -5.72
CA LEU A 143 -40.49 25.87 -5.97
C LEU A 143 -40.96 26.61 -4.72
N LEU A 144 -41.18 27.91 -4.84
CA LEU A 144 -41.70 28.74 -3.76
C LEU A 144 -43.03 29.35 -4.19
N SER A 145 -43.76 29.90 -3.23
CA SER A 145 -45.00 30.60 -3.54
C SER A 145 -44.70 31.82 -4.41
N ASN A 146 -45.69 32.21 -5.20
CA ASN A 146 -45.51 33.34 -6.13
C ASN A 146 -45.08 34.60 -5.41
N THR A 147 -45.58 34.84 -4.21
CA THR A 147 -45.12 35.92 -3.36
C THR A 147 -45.01 35.43 -1.92
N ASP A 148 -44.37 36.24 -1.09
CA ASP A 148 -44.15 35.95 0.31
C ASP A 148 -45.46 35.64 1.03
N ASN A 149 -45.50 34.47 1.67
CA ASN A 149 -46.62 33.98 2.49
C ASN A 149 -47.86 33.66 1.68
N ALA A 150 -47.83 33.78 0.36
CA ALA A 150 -49.01 33.48 -0.44
C ALA A 150 -49.26 31.96 -0.46
N ALA A 151 -50.50 31.60 -0.82
CA ALA A 151 -50.88 30.20 -0.83
C ALA A 151 -50.29 29.48 -2.03
N PHE A 152 -49.63 28.37 -1.78
CA PHE A 152 -49.05 27.57 -2.86
C PHE A 152 -50.16 26.76 -3.52
N PRO A 153 -50.44 26.97 -4.81
CA PRO A 153 -51.56 26.26 -5.45
C PRO A 153 -51.30 24.76 -5.54
N GLN A 154 -52.39 24.00 -5.46
CA GLN A 154 -52.32 22.55 -5.63
C GLN A 154 -51.98 22.21 -7.07
N MET A 155 -50.86 21.51 -7.27
CA MET A 155 -50.39 21.18 -8.61
C MET A 155 -50.14 19.69 -8.74
N THR A 156 -50.19 19.22 -9.99
CA THR A 156 -49.98 17.82 -10.32
C THR A 156 -49.26 17.76 -11.66
N LYS A 157 -48.04 17.21 -11.67
CA LYS A 157 -47.23 17.11 -12.87
C LYS A 157 -46.85 15.66 -13.12
N SER A 158 -46.95 15.24 -14.38
CA SER A 158 -46.67 13.86 -14.78
C SER A 158 -45.55 13.83 -15.81
N TYR A 159 -44.95 12.64 -15.94
CA TYR A 159 -43.86 12.44 -16.88
C TYR A 159 -43.91 11.02 -17.43
N LYS A 160 -43.84 10.90 -18.75
CA LYS A 160 -43.88 9.63 -19.45
C LYS A 160 -42.47 9.24 -19.87
N ASN A 161 -42.10 7.98 -19.61
CA ASN A 161 -40.79 7.46 -20.00
C ASN A 161 -40.91 6.88 -21.40
N THR A 162 -40.56 7.66 -22.41
CA THR A 162 -40.67 7.26 -23.80
C THR A 162 -39.45 6.49 -24.29
N ARG A 163 -38.58 6.06 -23.39
CA ARG A 163 -37.33 5.41 -23.75
C ARG A 163 -37.45 3.90 -23.64
N LYS A 164 -36.33 3.20 -23.88
CA LYS A 164 -36.29 1.75 -23.80
C LYS A 164 -35.72 1.24 -22.49
N ASN A 165 -35.04 2.09 -21.72
CA ASN A 165 -34.47 1.73 -20.44
C ASN A 165 -35.12 2.55 -19.33
N PRO A 166 -35.10 2.05 -18.09
CA PRO A 166 -35.72 2.81 -16.99
C PRO A 166 -35.03 4.14 -16.75
N ALA A 167 -35.80 5.08 -16.21
CA ALA A 167 -35.29 6.40 -15.86
C ALA A 167 -35.12 6.51 -14.36
N LEU A 168 -34.17 7.35 -13.94
CA LEU A 168 -33.93 7.63 -12.52
C LEU A 168 -34.57 8.97 -12.19
N ILE A 169 -35.59 8.95 -11.33
CA ILE A 169 -36.33 10.16 -10.98
C ILE A 169 -36.02 10.53 -9.54
N VAL A 170 -35.57 11.76 -9.32
CA VAL A 170 -35.22 12.27 -8.01
C VAL A 170 -35.98 13.56 -7.75
N TRP A 171 -36.62 13.65 -6.58
CA TRP A 171 -37.27 14.88 -6.14
C TRP A 171 -36.82 15.19 -4.71
N GLY A 172 -37.22 16.35 -4.22
CA GLY A 172 -36.78 16.76 -2.90
C GLY A 172 -37.86 17.35 -2.03
N ILE A 173 -37.86 16.96 -0.75
CA ILE A 173 -38.73 17.55 0.26
C ILE A 173 -37.92 18.55 1.06
N HIS A 174 -38.44 19.77 1.19
CA HIS A 174 -37.78 20.81 1.98
C HIS A 174 -38.32 20.80 3.40
N HIS A 175 -37.42 20.69 4.36
CA HIS A 175 -37.75 20.71 5.78
C HIS A 175 -37.29 22.04 6.35
N SER A 176 -38.25 22.92 6.61
CA SER A 176 -37.96 24.26 7.08
C SER A 176 -37.56 24.24 8.56
N VAL A 177 -36.97 25.35 9.01
CA VAL A 177 -36.54 25.46 10.40
C VAL A 177 -37.71 25.73 11.33
N SER A 178 -38.85 26.17 10.82
CA SER A 178 -40.02 26.45 11.65
C SER A 178 -41.25 26.47 10.77
N THR A 179 -42.43 26.40 11.42
CA THR A 179 -43.68 26.55 10.68
C THR A 179 -43.84 27.95 10.13
N ALA A 180 -43.26 28.95 10.79
CA ALA A 180 -43.31 30.32 10.27
C ALA A 180 -42.56 30.45 8.96
N GLU A 181 -41.44 29.74 8.82
CA GLU A 181 -40.70 29.80 7.57
C GLU A 181 -41.38 29.00 6.47
N GLN A 182 -42.00 27.88 6.85
CA GLN A 182 -42.75 27.09 5.87
C GLN A 182 -43.95 27.84 5.35
N THR A 183 -44.62 28.61 6.23
CA THR A 183 -45.69 29.49 5.76
C THR A 183 -45.12 30.67 4.98
N LYS A 184 -43.91 31.12 5.32
CA LYS A 184 -43.27 32.21 4.60
C LYS A 184 -42.97 31.80 3.16
N LEU A 185 -42.55 30.56 2.94
CA LEU A 185 -42.14 30.11 1.62
C LEU A 185 -43.27 29.47 0.83
N TYR A 186 -44.23 28.84 1.50
CA TYR A 186 -45.28 28.09 0.80
C TYR A 186 -46.69 28.43 1.26
N GLY A 187 -46.87 29.28 2.28
CA GLY A 187 -48.18 29.60 2.77
C GLY A 187 -48.62 28.70 3.92
N SER A 188 -49.73 29.08 4.54
CA SER A 188 -50.25 28.33 5.68
C SER A 188 -50.86 27.01 5.22
N GLY A 189 -51.09 26.13 6.18
CA GLY A 189 -51.74 24.86 5.91
C GLY A 189 -50.75 23.71 5.87
N ASN A 190 -51.29 22.50 5.95
CA ASN A 190 -50.46 21.30 5.89
C ASN A 190 -49.98 21.06 4.47
N LYS A 191 -48.72 20.67 4.34
CA LYS A 191 -48.12 20.39 3.05
C LYS A 191 -48.00 18.89 2.83
N LEU A 192 -48.16 18.48 1.58
CA LEU A 192 -48.18 17.07 1.23
C LEU A 192 -47.74 16.89 -0.21
N VAL A 193 -46.88 15.89 -0.42
CA VAL A 193 -46.42 15.51 -1.76
C VAL A 193 -46.74 14.03 -1.96
N THR A 194 -47.31 13.70 -3.12
CA THR A 194 -47.62 12.32 -3.46
C THR A 194 -46.92 11.95 -4.76
N VAL A 195 -46.19 10.85 -4.74
CA VAL A 195 -45.50 10.31 -5.91
C VAL A 195 -46.11 8.95 -6.22
N GLY A 196 -46.60 8.79 -7.44
CA GLY A 196 -47.27 7.56 -7.83
C GLY A 196 -46.93 7.14 -9.24
N SER A 197 -46.86 5.83 -9.45
CA SER A 197 -46.67 5.25 -10.77
C SER A 197 -47.41 3.92 -10.86
N SER A 198 -46.82 2.93 -11.53
CA SER A 198 -47.35 1.58 -11.53
C SER A 198 -46.56 0.63 -10.62
N ASN A 199 -45.36 1.01 -10.22
CA ASN A 199 -44.56 0.23 -9.30
C ASN A 199 -44.26 0.98 -8.00
N TYR A 200 -44.51 2.29 -7.95
CA TYR A 200 -44.20 3.13 -6.81
C TYR A 200 -45.46 3.82 -6.33
N GLN A 201 -45.50 4.12 -5.03
CA GLN A 201 -46.67 4.71 -4.40
C GLN A 201 -46.34 5.20 -3.00
N GLN A 202 -45.88 6.46 -2.88
CA GLN A 202 -45.47 6.96 -1.57
C GLN A 202 -45.89 8.42 -1.42
N SER A 203 -45.97 8.86 -0.17
CA SER A 203 -46.32 10.22 0.18
C SER A 203 -45.30 10.77 1.17
N PHE A 204 -45.20 12.10 1.21
CA PHE A 204 -44.19 12.77 2.00
C PHE A 204 -44.77 14.06 2.58
N VAL A 205 -44.48 14.30 3.85
CA VAL A 205 -44.88 15.53 4.53
C VAL A 205 -43.63 16.14 5.15
N PRO A 206 -43.39 17.44 5.00
CA PRO A 206 -42.20 18.06 5.61
C PRO A 206 -42.33 18.10 7.13
N SER A 207 -41.21 18.41 7.78
CA SER A 207 -41.12 18.39 9.24
C SER A 207 -40.41 19.66 9.71
N PRO A 208 -41.16 20.73 9.95
CA PRO A 208 -40.55 21.95 10.45
C PRO A 208 -40.03 21.77 11.86
N GLY A 209 -38.88 22.36 12.14
CA GLY A 209 -38.27 22.26 13.45
C GLY A 209 -36.82 22.69 13.47
N ALA A 210 -36.32 23.03 14.65
CA ALA A 210 -34.94 23.48 14.78
C ALA A 210 -33.97 22.32 14.56
N ARG A 211 -32.80 22.65 14.01
CA ARG A 211 -31.76 21.69 13.72
C ARG A 211 -30.41 22.35 13.91
N PRO A 212 -29.36 21.58 14.20
CA PRO A 212 -28.02 22.17 14.24
C PRO A 212 -27.60 22.64 12.86
N GLN A 213 -26.90 23.77 12.83
CA GLN A 213 -26.52 24.38 11.56
C GLN A 213 -25.50 23.51 10.82
N VAL A 214 -25.81 23.20 9.56
CA VAL A 214 -24.89 22.50 8.66
C VAL A 214 -24.62 23.41 7.47
N ASN A 215 -23.36 23.72 7.23
CA ASN A 215 -22.92 24.68 6.22
C ASN A 215 -23.38 26.10 6.54
N GLY A 216 -24.04 26.30 7.68
CA GLY A 216 -24.58 27.59 8.07
C GLY A 216 -26.09 27.69 7.99
N LEU A 217 -26.80 26.63 7.62
CA LEU A 217 -28.23 26.65 7.49
C LEU A 217 -28.84 25.53 8.33
N SER A 218 -30.02 25.78 8.89
CA SER A 218 -30.72 24.80 9.70
C SER A 218 -31.85 24.08 8.96
N GLY A 219 -32.15 24.49 7.72
CA GLY A 219 -33.09 23.73 6.92
C GLY A 219 -32.46 22.47 6.35
N ARG A 220 -33.32 21.54 5.92
CA ARG A 220 -32.84 20.25 5.44
C ARG A 220 -33.65 19.86 4.20
N ILE A 221 -33.02 19.92 3.03
CA ILE A 221 -33.64 19.44 1.80
C ILE A 221 -33.19 17.99 1.60
N ASP A 222 -34.14 17.07 1.66
CA ASP A 222 -33.85 15.65 1.45
C ASP A 222 -34.31 15.22 0.06
N PHE A 223 -33.64 14.19 -0.47
CA PHE A 223 -33.89 13.73 -1.83
C PHE A 223 -34.37 12.29 -1.82
N HIS A 224 -35.34 12.00 -2.69
CA HIS A 224 -35.87 10.66 -2.86
C HIS A 224 -35.84 10.31 -4.35
N TRP A 225 -35.79 9.01 -4.64
CA TRP A 225 -35.61 8.56 -6.01
C TRP A 225 -36.43 7.32 -6.28
N LEU A 226 -36.66 7.06 -7.56
CA LEU A 226 -37.30 5.83 -8.01
C LEU A 226 -36.82 5.53 -9.43
N MET A 227 -37.09 4.30 -9.85
CA MET A 227 -36.79 3.83 -11.20
C MET A 227 -38.11 3.69 -11.96
N LEU A 228 -38.29 4.53 -12.98
CA LEU A 228 -39.48 4.53 -13.80
C LEU A 228 -39.29 3.61 -15.00
N ASN A 229 -40.12 2.57 -15.09
CA ASN A 229 -40.02 1.62 -16.18
C ASN A 229 -40.38 2.28 -17.51
N PRO A 230 -39.91 1.71 -18.62
CA PRO A 230 -40.30 2.24 -19.93
C PRO A 230 -41.80 2.19 -20.12
N ASN A 231 -42.33 3.22 -20.79
CA ASN A 231 -43.76 3.43 -21.04
C ASN A 231 -44.55 3.72 -19.78
N ASP A 232 -43.90 3.86 -18.63
CA ASP A 232 -44.59 4.14 -17.38
C ASP A 232 -44.53 5.64 -17.08
N THR A 233 -45.54 6.12 -16.36
CA THR A 233 -45.68 7.53 -16.03
C THR A 233 -45.52 7.72 -14.53
N VAL A 234 -44.73 8.74 -14.15
CA VAL A 234 -44.60 9.15 -12.77
C VAL A 234 -45.41 10.42 -12.56
N THR A 235 -46.13 10.49 -11.45
CA THR A 235 -47.00 11.62 -11.18
C THR A 235 -46.75 12.17 -9.79
N PHE A 236 -46.54 13.48 -9.70
CA PHE A 236 -46.38 14.20 -8.45
C PHE A 236 -47.60 15.09 -8.22
N SER A 237 -48.10 15.08 -6.99
CA SER A 237 -49.18 15.97 -6.57
C SER A 237 -48.73 16.68 -5.30
N PHE A 238 -48.54 17.99 -5.37
CA PHE A 238 -47.91 18.74 -4.30
C PHE A 238 -48.54 20.11 -4.15
N ASN A 239 -48.36 20.69 -2.97
CA ASN A 239 -48.85 22.03 -2.67
C ASN A 239 -47.85 22.83 -1.83
N GLY A 240 -46.56 22.55 -2.00
CA GLY A 240 -45.52 23.24 -1.27
C GLY A 240 -44.47 22.28 -0.75
N ALA A 241 -43.36 22.87 -0.32
CA ALA A 241 -42.23 22.13 0.26
C ALA A 241 -41.77 21.01 -0.66
N PHE A 242 -41.59 21.34 -1.94
CA PHE A 242 -41.29 20.35 -2.96
C PHE A 242 -40.17 20.87 -3.85
N ILE A 243 -39.10 20.10 -3.96
CA ILE A 243 -38.00 20.38 -4.87
C ILE A 243 -38.24 19.57 -6.13
N ALA A 244 -38.65 20.23 -7.20
CA ALA A 244 -39.08 19.51 -8.39
C ALA A 244 -37.89 19.10 -9.25
N PRO A 245 -37.96 17.94 -9.89
CA PRO A 245 -36.90 17.55 -10.84
C PRO A 245 -37.02 18.31 -12.15
N ASP A 246 -35.85 18.57 -12.75
CA ASP A 246 -35.76 19.22 -14.06
C ASP A 246 -35.49 18.21 -15.16
N ARG A 247 -34.42 17.43 -15.03
CA ARG A 247 -34.02 16.45 -16.02
C ARG A 247 -33.90 15.08 -15.37
N ALA A 248 -34.47 14.07 -16.02
CA ALA A 248 -34.32 12.70 -15.58
C ALA A 248 -32.98 12.13 -16.03
N SER A 249 -32.59 11.02 -15.42
CA SER A 249 -31.30 10.38 -15.66
C SER A 249 -31.50 8.99 -16.23
N PHE A 250 -30.71 8.65 -17.24
CA PHE A 250 -30.71 7.33 -17.85
C PHE A 250 -29.33 6.72 -17.80
N LEU A 251 -29.25 5.45 -17.44
CA LEU A 251 -27.96 4.77 -17.31
C LEU A 251 -27.38 4.50 -18.69
N ARG A 252 -26.09 4.82 -18.87
CA ARG A 252 -25.47 4.69 -20.18
C ARG A 252 -25.19 3.23 -20.52
N GLY A 253 -24.52 2.51 -19.63
CA GLY A 253 -24.18 1.13 -19.93
C GLY A 253 -23.65 0.33 -18.75
N LYS A 254 -22.33 0.14 -18.72
CA LYS A 254 -21.69 -0.76 -17.76
C LYS A 254 -20.40 -0.15 -17.25
N SER A 255 -20.17 -0.27 -15.95
CA SER A 255 -18.94 0.21 -15.33
C SER A 255 -18.80 -0.46 -13.96
N MET A 256 -17.86 0.04 -13.16
CA MET A 256 -17.60 -0.46 -11.82
C MET A 256 -17.16 0.72 -10.96
N GLY A 257 -17.60 0.72 -9.71
CA GLY A 257 -17.29 1.80 -8.78
C GLY A 257 -16.44 1.32 -7.63
N ILE A 258 -15.45 2.12 -7.25
CA ILE A 258 -14.56 1.83 -6.14
C ILE A 258 -14.42 3.08 -5.28
N GLN A 259 -14.05 2.88 -4.02
CA GLN A 259 -13.72 3.94 -3.09
C GLN A 259 -12.25 3.80 -2.74
N SER A 260 -11.46 4.83 -3.04
CA SER A 260 -10.01 4.76 -2.86
C SER A 260 -9.49 6.09 -2.36
N GLY A 261 -8.20 6.09 -2.01
CA GLY A 261 -7.53 7.29 -1.54
C GLY A 261 -6.14 7.47 -2.14
N VAL A 262 -5.84 6.72 -3.19
CA VAL A 262 -4.55 6.81 -3.86
C VAL A 262 -4.75 7.39 -5.26
N GLN A 263 -3.66 7.89 -5.82
CA GLN A 263 -3.70 8.54 -7.12
C GLN A 263 -4.01 7.55 -8.24
N VAL A 264 -4.40 8.09 -9.38
CA VAL A 264 -4.71 7.32 -10.57
C VAL A 264 -3.44 7.17 -11.40
N ASP A 265 -3.22 5.98 -11.95
CA ASP A 265 -2.08 5.71 -12.81
C ASP A 265 -2.61 5.22 -14.16
N ALA A 266 -2.51 6.07 -15.18
CA ALA A 266 -2.99 5.72 -16.51
C ALA A 266 -2.04 4.83 -17.28
N ASP A 267 -0.84 4.59 -16.77
CA ASP A 267 0.14 3.71 -17.41
C ASP A 267 0.13 2.29 -16.85
N CYS A 268 -0.53 2.07 -15.72
CA CYS A 268 -0.64 0.75 -15.12
C CYS A 268 -2.03 0.18 -15.38
N GLU A 269 -2.09 -1.15 -15.48
CA GLU A 269 -3.30 -1.87 -15.87
C GLU A 269 -3.65 -2.88 -14.77
N GLY A 270 -4.93 -2.92 -14.41
CA GLY A 270 -5.38 -3.83 -13.37
C GLY A 270 -6.87 -4.05 -13.44
N ASP A 271 -7.32 -5.09 -12.71
CA ASP A 271 -8.72 -5.44 -12.66
C ASP A 271 -9.24 -5.64 -11.24
N CYS A 272 -8.38 -5.55 -10.23
CA CYS A 272 -8.77 -5.75 -8.84
C CYS A 272 -8.36 -4.52 -8.05
N TYR A 273 -9.33 -3.86 -7.42
CA TYR A 273 -9.08 -2.60 -6.73
C TYR A 273 -9.56 -2.68 -5.28
N TYR A 274 -8.95 -1.84 -4.45
CA TYR A 274 -9.43 -1.60 -3.10
C TYR A 274 -8.95 -0.21 -2.70
N SER A 275 -9.24 0.18 -1.46
CA SER A 275 -8.97 1.55 -1.04
C SER A 275 -7.49 1.89 -1.10
N GLY A 276 -6.61 0.90 -0.98
CA GLY A 276 -5.18 1.15 -0.96
C GLY A 276 -4.47 1.06 -2.30
N GLY A 277 -5.16 0.61 -3.34
CA GLY A 277 -4.54 0.57 -4.65
C GLY A 277 -5.12 -0.56 -5.48
N THR A 278 -4.27 -1.09 -6.36
CA THR A 278 -4.65 -2.12 -7.32
C THR A 278 -3.89 -3.40 -7.00
N ILE A 279 -4.60 -4.52 -6.97
CA ILE A 279 -4.00 -5.83 -6.74
C ILE A 279 -3.80 -6.50 -8.09
N ILE A 280 -2.56 -6.56 -8.54
CA ILE A 280 -2.18 -7.20 -9.80
C ILE A 280 -1.52 -8.52 -9.44
N SER A 281 -2.14 -9.63 -9.81
CA SER A 281 -1.63 -10.94 -9.42
C SER A 281 -2.32 -12.02 -10.24
N ASN A 282 -1.56 -13.07 -10.54
CA ASN A 282 -2.11 -14.29 -11.09
C ASN A 282 -2.34 -15.37 -10.03
N LEU A 283 -1.96 -15.09 -8.78
CA LEU A 283 -2.15 -16.04 -7.71
C LEU A 283 -3.63 -16.17 -7.38
N PRO A 284 -4.08 -17.36 -6.98
CA PRO A 284 -5.51 -17.56 -6.69
C PRO A 284 -5.98 -16.96 -5.38
N PHE A 285 -5.08 -16.50 -4.51
CA PHE A 285 -5.46 -16.02 -3.20
C PHE A 285 -4.73 -14.71 -2.90
N GLN A 286 -5.33 -13.90 -2.02
CA GLN A 286 -4.74 -12.64 -1.61
C GLN A 286 -5.08 -12.40 -0.15
N ASN A 287 -4.15 -11.78 0.57
CA ASN A 287 -4.30 -11.46 1.98
C ASN A 287 -4.13 -9.95 2.20
N ILE A 288 -4.65 -9.16 1.28
CA ILE A 288 -4.49 -7.70 1.34
C ILE A 288 -5.72 -7.07 1.95
N ASP A 289 -6.89 -7.29 1.34
CA ASP A 289 -8.12 -6.70 1.83
C ASP A 289 -9.30 -7.56 1.42
N SER A 290 -10.15 -7.91 2.39
CA SER A 290 -11.31 -8.76 2.13
C SER A 290 -12.41 -8.07 1.35
N ARG A 291 -12.38 -6.74 1.25
CA ARG A 291 -13.40 -5.98 0.55
C ARG A 291 -12.96 -5.54 -0.84
N ALA A 292 -11.94 -6.18 -1.40
CA ALA A 292 -11.51 -5.87 -2.75
C ALA A 292 -12.62 -6.20 -3.75
N VAL A 293 -12.68 -5.43 -4.83
CA VAL A 293 -13.72 -5.55 -5.82
C VAL A 293 -13.11 -5.63 -7.21
N GLY A 294 -13.91 -6.11 -8.16
CA GLY A 294 -13.43 -6.40 -9.49
C GLY A 294 -13.25 -7.88 -9.70
N LYS A 295 -12.28 -8.26 -10.53
CA LYS A 295 -11.91 -9.65 -10.73
C LYS A 295 -10.67 -9.92 -9.88
N CYS A 296 -10.90 -10.46 -8.69
CA CYS A 296 -9.88 -10.56 -7.64
C CYS A 296 -9.61 -12.00 -7.25
N PRO A 297 -8.42 -12.28 -6.72
CA PRO A 297 -8.20 -13.57 -6.06
C PRO A 297 -9.03 -13.66 -4.79
N ARG A 298 -9.34 -14.90 -4.40
CA ARG A 298 -10.12 -15.12 -3.19
C ARG A 298 -9.34 -14.66 -1.96
N TYR A 299 -9.99 -13.84 -1.14
CA TYR A 299 -9.35 -13.38 0.09
C TYR A 299 -9.28 -14.52 1.10
N VAL A 300 -8.14 -14.61 1.79
CA VAL A 300 -7.90 -15.66 2.78
C VAL A 300 -7.22 -15.04 3.99
N LYS A 301 -7.38 -15.71 5.14
CA LYS A 301 -6.78 -15.21 6.37
C LYS A 301 -5.27 -15.44 6.40
N GLN A 302 -4.80 -16.50 5.75
CA GLN A 302 -3.38 -16.83 5.80
C GLN A 302 -2.56 -15.85 4.98
N ARG A 303 -1.38 -15.51 5.49
CA ARG A 303 -0.50 -14.60 4.77
C ARG A 303 0.34 -15.31 3.72
N SER A 304 0.59 -16.61 3.90
CA SER A 304 1.47 -17.35 3.00
C SER A 304 1.04 -18.80 2.94
N LEU A 305 0.99 -19.35 1.72
CA LEU A 305 0.65 -20.76 1.49
C LEU A 305 1.58 -21.25 0.37
N LEU A 306 2.73 -21.79 0.76
CA LEU A 306 3.75 -22.20 -0.20
C LEU A 306 3.35 -23.50 -0.86
N LEU A 307 3.26 -23.48 -2.19
CA LEU A 307 2.99 -24.67 -3.00
C LEU A 307 4.31 -25.25 -3.49
N ALA A 308 4.50 -26.54 -3.26
CA ALA A 308 5.75 -27.20 -3.67
C ALA A 308 5.79 -27.36 -5.17
N THR A 309 6.88 -26.89 -5.78
CA THR A 309 7.14 -27.06 -7.21
C THR A 309 8.36 -27.94 -7.45
N GLY A 310 8.68 -28.81 -6.50
CA GLY A 310 9.83 -29.70 -6.62
C GLY A 310 9.73 -30.84 -5.64
N MET A 311 10.64 -31.79 -5.81
CA MET A 311 10.66 -32.97 -4.95
C MET A 311 11.12 -32.61 -3.55
N LYS A 312 11.04 -33.59 -2.64
CA LYS A 312 11.58 -33.41 -1.31
C LYS A 312 13.10 -33.26 -1.37
N ASN A 313 13.62 -32.25 -0.68
CA ASN A 313 15.05 -31.95 -0.69
C ASN A 313 15.75 -32.79 0.36
N VAL A 314 16.61 -33.70 -0.09
CA VAL A 314 17.37 -34.57 0.81
C VAL A 314 18.86 -34.35 0.59
N PRO A 315 19.50 -33.45 1.33
CA PRO A 315 20.93 -33.20 1.13
C PRO A 315 21.81 -34.17 1.88
N GLU A 316 23.11 -33.95 1.87
CA GLU A 316 24.06 -34.84 2.53
C GLU A 316 24.49 -34.29 3.88
N GLY A 322 6.84 -39.71 0.00
CA GLY A 322 7.47 -40.85 0.62
C GLY A 322 6.64 -42.12 0.53
N LEU A 323 5.66 -42.13 -0.38
CA LEU A 323 4.80 -43.30 -0.53
C LEU A 323 5.49 -44.45 -1.23
N PHE A 324 6.52 -44.18 -2.03
CA PHE A 324 7.16 -45.21 -2.83
C PHE A 324 8.54 -45.62 -2.36
N GLY A 325 9.09 -44.93 -1.35
CA GLY A 325 10.28 -45.40 -0.67
C GLY A 325 11.59 -45.13 -1.39
N ALA A 326 11.59 -44.39 -2.48
CA ALA A 326 12.83 -44.07 -3.20
C ALA A 326 13.46 -42.80 -2.63
N ILE A 327 12.84 -41.65 -2.93
CA ILE A 327 13.34 -40.38 -2.41
C ILE A 327 13.16 -40.35 -0.91
N ALA A 328 14.25 -40.04 -0.19
CA ALA A 328 14.28 -40.09 1.27
C ALA A 328 13.91 -41.48 1.79
N GLY A 329 14.24 -42.52 1.01
CA GLY A 329 13.97 -43.89 1.41
C GLY A 329 15.22 -44.74 1.36
N PHE A 330 15.21 -45.80 0.54
CA PHE A 330 16.41 -46.61 0.41
C PHE A 330 17.53 -45.86 -0.30
N ILE A 331 17.21 -44.80 -1.02
CA ILE A 331 18.22 -43.85 -1.51
C ILE A 331 18.51 -42.89 -0.37
N GLU A 332 19.75 -42.93 0.13
CA GLU A 332 20.07 -42.25 1.39
C GLU A 332 19.95 -40.74 1.27
N ASN A 333 20.47 -40.16 0.19
CA ASN A 333 20.42 -38.72 0.00
C ASN A 333 20.44 -38.40 -1.48
N GLY A 334 20.46 -37.11 -1.80
CA GLY A 334 20.44 -36.61 -3.15
C GLY A 334 21.80 -36.10 -3.60
N TRP A 335 21.83 -35.73 -4.88
CA TRP A 335 23.05 -35.28 -5.55
C TRP A 335 22.97 -33.77 -5.75
N GLU A 336 23.77 -33.02 -4.98
CA GLU A 336 23.79 -31.57 -5.08
C GLU A 336 24.49 -31.08 -6.34
N GLY A 337 25.16 -31.97 -7.09
CA GLY A 337 25.85 -31.59 -8.29
C GLY A 337 25.09 -31.92 -9.56
N LEU A 338 24.00 -32.68 -9.44
CA LEU A 338 23.18 -33.01 -10.59
C LEU A 338 22.36 -31.79 -11.01
N ILE A 339 23.03 -30.80 -11.61
CA ILE A 339 22.36 -29.59 -12.08
C ILE A 339 21.80 -29.76 -13.48
N ASP A 340 21.91 -30.94 -14.08
CA ASP A 340 21.46 -31.17 -15.44
C ASP A 340 20.00 -31.58 -15.52
N GLY A 341 19.45 -32.15 -14.46
CA GLY A 341 18.07 -32.58 -14.48
C GLY A 341 17.58 -32.94 -13.10
N TRP A 342 16.48 -33.68 -13.06
CA TRP A 342 15.89 -34.11 -11.79
C TRP A 342 16.40 -35.47 -11.35
N TYR A 343 16.40 -36.44 -12.24
CA TYR A 343 16.89 -37.78 -11.96
C TYR A 343 18.08 -38.06 -12.88
N GLY A 344 18.98 -38.92 -12.43
CA GLY A 344 20.19 -39.16 -13.20
C GLY A 344 20.93 -40.41 -12.80
N PHE A 345 21.94 -40.72 -13.61
CA PHE A 345 22.80 -41.88 -13.43
C PHE A 345 24.20 -41.44 -13.02
N ARG A 346 24.84 -42.29 -12.22
CA ARG A 346 26.23 -42.08 -11.80
C ARG A 346 26.91 -43.44 -11.81
N HIS A 347 27.77 -43.67 -12.80
CA HIS A 347 28.41 -44.96 -13.02
C HIS A 347 29.87 -44.94 -12.59
N GLN A 348 30.39 -46.13 -12.36
CA GLN A 348 31.78 -46.35 -11.97
C GLN A 348 32.26 -47.63 -12.63
N ASN A 349 33.34 -47.53 -13.41
CA ASN A 349 33.91 -48.68 -14.11
C ASN A 349 35.42 -48.45 -14.25
N ALA A 350 36.03 -49.15 -15.20
CA ALA A 350 37.47 -48.99 -15.42
C ALA A 350 37.82 -47.60 -15.92
N GLN A 351 36.87 -46.93 -16.58
CA GLN A 351 37.04 -45.52 -16.90
C GLN A 351 36.54 -44.62 -15.77
N GLY A 352 35.51 -45.07 -15.05
CA GLY A 352 35.21 -44.54 -13.72
C GLY A 352 34.54 -43.19 -13.62
N GLU A 353 33.51 -43.12 -12.77
CA GLU A 353 32.90 -41.86 -12.33
C GLU A 353 32.29 -41.07 -13.49
N GLY A 354 31.01 -41.26 -13.73
CA GLY A 354 30.30 -40.47 -14.73
C GLY A 354 28.88 -40.16 -14.31
N THR A 355 28.48 -38.89 -14.40
CA THR A 355 27.16 -38.46 -13.93
C THR A 355 26.41 -37.81 -15.08
N ALA A 356 25.28 -38.42 -15.47
CA ALA A 356 24.40 -37.90 -16.49
C ALA A 356 22.99 -37.78 -15.94
N ALA A 357 22.10 -37.19 -16.73
CA ALA A 357 20.73 -36.95 -16.32
C ALA A 357 19.76 -37.65 -17.28
N ASP A 358 18.67 -38.17 -16.72
CA ASP A 358 17.63 -38.82 -17.50
C ASP A 358 16.58 -37.79 -17.88
N TYR A 359 16.43 -37.54 -19.18
CA TYR A 359 15.55 -36.47 -19.63
C TYR A 359 14.08 -36.85 -19.52
N LYS A 360 13.76 -38.14 -19.69
CA LYS A 360 12.35 -38.54 -19.79
C LYS A 360 11.63 -38.41 -18.46
N SER A 361 12.20 -38.96 -17.39
CA SER A 361 11.56 -38.88 -16.08
C SER A 361 11.55 -37.45 -15.55
N THR A 362 12.67 -36.74 -15.71
CA THR A 362 12.74 -35.33 -15.32
C THR A 362 11.64 -34.52 -16.00
N GLN A 363 11.56 -34.63 -17.32
CA GLN A 363 10.53 -33.91 -18.07
C GLN A 363 9.12 -34.38 -17.72
N SER A 364 8.98 -35.64 -17.27
CA SER A 364 7.65 -36.11 -16.87
C SER A 364 7.20 -35.43 -15.58
N ALA A 365 8.04 -35.45 -14.55
CA ALA A 365 7.69 -34.77 -13.30
C ALA A 365 7.52 -33.27 -13.53
N ILE A 366 8.38 -32.69 -14.36
CA ILE A 366 8.28 -31.26 -14.66
C ILE A 366 6.97 -30.94 -15.37
N ASP A 367 6.56 -31.81 -16.30
CA ASP A 367 5.29 -31.58 -16.99
C ASP A 367 4.11 -31.72 -16.03
N GLN A 368 4.21 -32.66 -15.09
CA GLN A 368 3.11 -32.85 -14.14
C GLN A 368 2.96 -31.66 -13.20
N ILE A 369 4.06 -31.23 -12.56
CA ILE A 369 4.00 -30.08 -11.68
C ILE A 369 3.62 -28.82 -12.45
N THR A 370 4.08 -28.72 -13.70
CA THR A 370 3.73 -27.57 -14.54
C THR A 370 2.23 -27.55 -14.81
N GLY A 371 1.65 -28.70 -15.12
CA GLY A 371 0.20 -28.76 -15.29
C GLY A 371 -0.55 -28.41 -14.04
N LYS A 372 -0.02 -28.81 -12.87
CA LYS A 372 -0.65 -28.46 -11.61
C LYS A 372 -0.63 -26.96 -11.39
N LEU A 373 0.53 -26.32 -11.64
CA LEU A 373 0.62 -24.86 -11.51
C LEU A 373 -0.32 -24.15 -12.47
N ASN A 374 -0.36 -24.61 -13.73
CA ASN A 374 -1.27 -24.01 -14.68
C ASN A 374 -2.73 -24.19 -14.27
N ARG A 375 -3.03 -25.26 -13.53
CA ARG A 375 -4.40 -25.43 -13.04
C ARG A 375 -4.70 -24.51 -11.87
N LEU A 376 -3.72 -24.29 -10.98
CA LEU A 376 -3.97 -23.45 -9.81
C LEU A 376 -3.85 -21.97 -10.15
N ILE A 377 -2.90 -21.60 -11.01
CA ILE A 377 -2.74 -20.21 -11.43
C ILE A 377 -3.74 -19.93 -12.54
N GLU A 378 -4.93 -19.46 -12.18
CA GLU A 378 -6.01 -19.24 -13.14
C GLU A 378 -6.58 -17.85 -12.89
N LYS A 379 -7.76 -17.59 -13.46
CA LYS A 379 -8.45 -16.32 -13.31
C LYS A 379 -9.92 -16.56 -13.01
N THR A 380 -10.45 -15.84 -12.03
CA THR A 380 -11.88 -15.88 -11.73
C THR A 380 -12.56 -14.76 -12.53
N ASN A 381 -13.27 -15.14 -13.59
CA ASN A 381 -13.95 -14.15 -14.42
C ASN A 381 -15.18 -13.56 -13.76
N GLN A 382 -15.54 -14.02 -12.56
CA GLN A 382 -16.67 -13.46 -11.83
C GLN A 382 -16.26 -12.17 -11.14
N GLN A 383 -16.99 -11.10 -11.40
CA GLN A 383 -16.70 -9.79 -10.83
C GLN A 383 -17.65 -9.51 -9.67
N PHE A 384 -17.12 -8.97 -8.58
CA PHE A 384 -17.91 -8.57 -7.43
C PHE A 384 -17.78 -7.06 -7.23
N GLU A 385 -18.89 -6.43 -6.90
CA GLU A 385 -18.96 -4.99 -6.69
C GLU A 385 -19.13 -4.70 -5.20
N LEU A 386 -19.19 -3.40 -4.89
CA LEU A 386 -19.31 -2.96 -3.50
C LEU A 386 -20.74 -3.13 -3.01
N ILE A 387 -20.88 -3.82 -1.87
CA ILE A 387 -22.11 -3.78 -1.09
C ILE A 387 -21.91 -3.10 0.26
N ASP A 388 -20.67 -2.86 0.67
CA ASP A 388 -20.33 -2.10 1.85
C ASP A 388 -20.04 -0.65 1.47
N ASN A 389 -19.67 0.15 2.46
CA ASN A 389 -19.30 1.53 2.22
C ASN A 389 -18.27 1.95 3.27
N GLU A 390 -17.14 2.47 2.80
CA GLU A 390 -16.03 2.81 3.68
C GLU A 390 -16.10 4.23 4.21
N PHE A 391 -16.74 5.14 3.48
CA PHE A 391 -16.82 6.54 3.88
C PHE A 391 -18.06 6.83 4.70
N THR A 392 -19.21 6.27 4.32
CA THR A 392 -20.47 6.47 5.01
C THR A 392 -21.06 5.11 5.34
N GLU A 393 -21.00 4.73 6.62
CA GLU A 393 -21.39 3.37 7.01
C GLU A 393 -22.86 3.13 6.75
N VAL A 394 -23.19 1.91 6.31
CA VAL A 394 -24.56 1.52 6.01
C VAL A 394 -25.30 1.23 7.32
N GLU A 395 -26.57 0.83 7.21
CA GLU A 395 -27.36 0.51 8.38
C GLU A 395 -26.70 -0.60 9.20
N LYS A 396 -26.92 -0.55 10.52
CA LYS A 396 -26.22 -1.45 11.43
C LYS A 396 -26.62 -2.90 11.20
N GLN A 397 -27.92 -3.17 10.99
CA GLN A 397 -28.38 -4.55 10.88
C GLN A 397 -27.90 -5.18 9.58
N ILE A 398 -28.21 -4.55 8.44
CA ILE A 398 -27.78 -5.09 7.16
C ILE A 398 -26.26 -5.10 7.06
N GLY A 399 -25.59 -4.16 7.74
CA GLY A 399 -24.14 -4.20 7.79
C GLY A 399 -23.61 -5.37 8.57
N ASN A 400 -24.30 -5.74 9.66
CA ASN A 400 -23.90 -6.92 10.42
C ASN A 400 -24.15 -8.19 9.63
N VAL A 401 -25.24 -8.24 8.87
CA VAL A 401 -25.49 -9.40 8.00
C VAL A 401 -24.41 -9.51 6.94
N ILE A 402 -24.04 -8.37 6.34
CA ILE A 402 -22.99 -8.37 5.31
C ILE A 402 -21.66 -8.83 5.91
N ASN A 403 -21.30 -8.30 7.08
CA ASN A 403 -20.05 -8.68 7.72
C ASN A 403 -20.05 -10.16 8.09
N TRP A 404 -21.18 -10.67 8.57
CA TRP A 404 -21.30 -12.08 8.93
C TRP A 404 -21.10 -12.96 7.70
N THR A 405 -21.77 -12.63 6.60
CA THR A 405 -21.63 -13.42 5.37
C THR A 405 -20.19 -13.37 4.85
N ARG A 406 -19.59 -12.17 4.84
CA ARG A 406 -18.22 -12.05 4.35
C ARG A 406 -17.24 -12.84 5.20
N ASP A 407 -17.46 -12.86 6.52
CA ASP A 407 -16.58 -13.64 7.38
C ASP A 407 -16.76 -15.14 7.17
N SER A 408 -18.01 -15.57 6.93
CA SER A 408 -18.25 -17.00 6.66
C SER A 408 -17.56 -17.42 5.36
N ILE A 409 -17.74 -16.64 4.29
CA ILE A 409 -17.09 -16.95 3.03
C ILE A 409 -15.57 -16.92 3.18
N THR A 410 -15.06 -15.97 3.98
CA THR A 410 -13.63 -15.91 4.23
C THR A 410 -13.13 -17.18 4.91
N GLU A 411 -13.89 -17.69 5.88
CA GLU A 411 -13.53 -18.95 6.52
C GLU A 411 -13.51 -20.09 5.51
N VAL A 412 -14.54 -20.17 4.66
CA VAL A 412 -14.60 -21.25 3.67
C VAL A 412 -13.40 -21.21 2.74
N TRP A 413 -13.08 -20.03 2.20
CA TRP A 413 -11.97 -19.94 1.26
C TRP A 413 -10.62 -20.13 1.93
N SER A 414 -10.48 -19.73 3.19
CA SER A 414 -9.24 -20.01 3.92
C SER A 414 -9.05 -21.52 4.09
N TYR A 415 -10.12 -22.21 4.49
CA TYR A 415 -10.06 -23.67 4.61
C TYR A 415 -9.69 -24.32 3.28
N ASN A 416 -10.39 -23.94 2.21
CA ASN A 416 -10.13 -24.55 0.90
C ASN A 416 -8.71 -24.27 0.44
N ALA A 417 -8.19 -23.08 0.71
CA ALA A 417 -6.83 -22.76 0.31
C ALA A 417 -5.81 -23.58 1.07
N GLU A 418 -5.95 -23.66 2.41
CA GLU A 418 -5.03 -24.44 3.22
C GLU A 418 -5.04 -25.92 2.80
N LEU A 419 -6.23 -26.53 2.80
CA LEU A 419 -6.35 -27.94 2.41
C LEU A 419 -5.81 -28.18 1.00
N LEU A 420 -6.13 -27.27 0.08
CA LEU A 420 -5.64 -27.42 -1.30
C LEU A 420 -4.12 -27.44 -1.34
N VAL A 421 -3.48 -26.47 -0.67
CA VAL A 421 -2.02 -26.39 -0.71
C VAL A 421 -1.40 -27.64 -0.11
N ALA A 422 -1.85 -28.04 1.08
CA ALA A 422 -1.27 -29.21 1.73
C ALA A 422 -1.45 -30.47 0.87
N MET A 423 -2.65 -30.67 0.33
CA MET A 423 -2.93 -31.85 -0.49
C MET A 423 -2.04 -31.87 -1.72
N GLU A 424 -1.97 -30.75 -2.45
CA GLU A 424 -1.14 -30.70 -3.64
C GLU A 424 0.34 -30.92 -3.33
N ASN A 425 0.79 -30.47 -2.15
CA ASN A 425 2.18 -30.72 -1.77
C ASN A 425 2.41 -32.20 -1.52
N GLN A 426 1.49 -32.85 -0.80
CA GLN A 426 1.60 -34.29 -0.59
C GLN A 426 1.69 -35.03 -1.91
N HIS A 427 0.78 -34.72 -2.85
CA HIS A 427 0.78 -35.40 -4.14
C HIS A 427 2.01 -35.06 -4.96
N THR A 428 2.59 -33.88 -4.78
CA THR A 428 3.81 -33.53 -5.49
C THR A 428 4.98 -34.39 -5.01
N ILE A 429 5.18 -34.46 -3.68
CA ILE A 429 6.26 -35.26 -3.13
C ILE A 429 6.11 -36.72 -3.52
N ASP A 430 4.90 -37.27 -3.32
CA ASP A 430 4.67 -38.67 -3.69
C ASP A 430 4.83 -38.89 -5.18
N LEU A 431 4.54 -37.87 -5.99
CA LEU A 431 4.68 -38.00 -7.44
C LEU A 431 6.14 -38.10 -7.84
N ALA A 432 6.98 -37.19 -7.33
CA ALA A 432 8.41 -37.27 -7.63
C ALA A 432 9.01 -38.58 -7.13
N ASP A 433 8.62 -39.00 -5.93
CA ASP A 433 9.04 -40.31 -5.44
C ASP A 433 8.66 -41.41 -6.42
N SER A 434 7.43 -41.36 -6.92
CA SER A 434 6.96 -42.35 -7.89
C SER A 434 7.81 -42.34 -9.16
N GLU A 435 8.25 -41.16 -9.59
CA GLU A 435 9.08 -41.10 -10.78
C GLU A 435 10.46 -41.70 -10.54
N MET A 436 11.06 -41.42 -9.38
CA MET A 436 12.34 -42.03 -9.06
C MET A 436 12.24 -43.55 -9.03
N ASP A 437 11.24 -44.07 -8.30
CA ASP A 437 11.06 -45.52 -8.25
C ASP A 437 10.76 -46.10 -9.63
N LYS A 438 10.08 -45.34 -10.49
CA LYS A 438 9.77 -45.83 -11.84
C LYS A 438 11.04 -45.95 -12.67
N LEU A 439 11.92 -44.94 -12.60
CA LEU A 439 13.19 -45.01 -13.32
C LEU A 439 14.04 -46.18 -12.82
N TYR A 440 14.15 -46.31 -11.50
CA TYR A 440 14.91 -47.43 -10.93
C TYR A 440 14.37 -48.77 -11.41
N GLU A 441 13.04 -48.92 -11.37
CA GLU A 441 12.43 -50.15 -11.84
C GLU A 441 12.73 -50.39 -13.31
N ARG A 442 12.77 -49.32 -14.11
CA ARG A 442 13.07 -49.47 -15.53
C ARG A 442 14.50 -49.97 -15.74
N VAL A 443 15.46 -49.45 -14.99
CA VAL A 443 16.84 -49.91 -15.14
C VAL A 443 16.96 -51.36 -14.69
N LYS A 444 16.35 -51.70 -13.55
CA LYS A 444 16.37 -53.08 -13.10
C LYS A 444 15.80 -54.02 -14.15
N ARG A 445 14.71 -53.60 -14.81
CA ARG A 445 14.13 -54.42 -15.86
C ARG A 445 15.04 -54.49 -17.09
N GLN A 446 15.81 -53.44 -17.35
CA GLN A 446 16.74 -53.46 -18.48
C GLN A 446 17.86 -54.47 -18.24
N LEU A 447 18.53 -54.38 -17.10
CA LEU A 447 19.69 -55.23 -16.85
C LEU A 447 19.31 -56.70 -16.68
N ARG A 448 18.06 -56.98 -16.30
CA ARG A 448 17.55 -58.33 -16.18
C ARG A 448 18.40 -59.20 -15.26
N GLU A 449 19.19 -60.11 -15.83
CA GLU A 449 20.00 -61.04 -15.05
C GLU A 449 21.49 -60.71 -15.05
N ASN A 450 21.88 -59.59 -15.66
CA ASN A 450 23.29 -59.24 -15.76
C ASN A 450 23.77 -58.36 -14.61
N ALA A 451 22.89 -58.01 -13.67
CA ALA A 451 23.26 -57.13 -12.57
C ALA A 451 22.43 -57.48 -11.35
N GLU A 452 22.86 -56.97 -10.19
CA GLU A 452 22.16 -57.21 -8.94
C GLU A 452 22.00 -55.92 -8.17
N GLU A 453 20.91 -55.84 -7.41
CA GLU A 453 20.65 -54.67 -6.57
C GLU A 453 21.49 -54.73 -5.30
N ASP A 454 22.07 -53.60 -4.91
CA ASP A 454 22.83 -53.51 -3.68
C ASP A 454 22.04 -52.92 -2.52
N GLY A 455 20.84 -52.41 -2.76
CA GLY A 455 19.97 -51.88 -1.74
C GLY A 455 20.02 -50.38 -1.57
N THR A 456 21.04 -49.72 -2.10
CA THR A 456 21.19 -48.28 -1.99
C THR A 456 20.79 -47.54 -3.26
N GLY A 457 20.22 -48.26 -4.23
CA GLY A 457 19.89 -47.67 -5.52
C GLY A 457 20.89 -47.94 -6.61
N CYS A 458 22.00 -48.62 -6.30
CA CYS A 458 23.01 -48.95 -7.30
C CYS A 458 22.75 -50.34 -7.88
N PHE A 459 23.33 -50.56 -9.06
CA PHE A 459 23.26 -51.84 -9.75
C PHE A 459 24.68 -52.35 -9.98
N GLU A 460 25.00 -53.47 -9.36
CA GLU A 460 26.27 -54.15 -9.58
C GLU A 460 26.19 -54.92 -10.88
N ILE A 461 26.85 -54.41 -11.92
CA ILE A 461 26.93 -55.07 -13.21
C ILE A 461 28.02 -56.12 -13.15
N PHE A 462 27.65 -57.39 -13.32
CA PHE A 462 28.59 -58.49 -13.16
C PHE A 462 29.39 -58.77 -14.43
N HIS A 463 29.45 -57.82 -15.35
CA HIS A 463 30.36 -57.88 -16.49
C HIS A 463 31.06 -56.53 -16.62
N LYS A 464 31.97 -56.43 -17.58
CA LYS A 464 32.65 -55.17 -17.83
C LYS A 464 31.77 -54.26 -18.68
N CYS A 465 31.62 -53.02 -18.24
CA CYS A 465 30.71 -52.06 -18.86
C CYS A 465 31.45 -50.74 -19.03
N ASP A 466 31.97 -50.50 -20.23
CA ASP A 466 32.68 -49.27 -20.53
C ASP A 466 31.70 -48.12 -20.71
N ASP A 467 32.23 -46.94 -21.07
CA ASP A 467 31.40 -45.75 -21.21
C ASP A 467 30.35 -45.91 -22.30
N ASP A 468 30.67 -46.67 -23.35
CA ASP A 468 29.67 -46.95 -24.38
C ASP A 468 28.57 -47.87 -23.84
N CYS A 469 28.93 -48.79 -22.94
CA CYS A 469 27.94 -49.67 -22.34
C CYS A 469 27.07 -48.92 -21.34
N MET A 470 27.67 -48.02 -20.56
CA MET A 470 26.91 -47.18 -19.65
C MET A 470 25.94 -46.29 -20.42
N ALA A 471 26.44 -45.61 -21.45
CA ALA A 471 25.56 -44.82 -22.31
C ALA A 471 24.49 -45.69 -22.95
N SER A 472 24.81 -46.95 -23.23
CA SER A 472 23.80 -47.87 -23.73
C SER A 472 22.72 -48.13 -22.67
N ILE A 473 23.09 -48.15 -21.40
CA ILE A 473 22.10 -48.32 -20.34
C ILE A 473 21.24 -47.08 -20.21
N ARG A 474 21.84 -45.89 -20.32
CA ARG A 474 21.10 -44.67 -20.01
C ARG A 474 20.05 -44.36 -21.07
N ASN A 475 20.30 -44.69 -22.34
CA ASN A 475 19.37 -44.38 -23.41
C ASN A 475 18.54 -45.59 -23.86
N ASN A 476 18.49 -46.64 -23.04
CA ASN A 476 17.60 -47.78 -23.26
C ASN A 476 17.94 -48.52 -24.55
N THR A 477 19.23 -48.67 -24.84
CA THR A 477 19.70 -49.49 -25.95
C THR A 477 20.47 -50.71 -25.47
N TYR A 478 20.47 -50.97 -24.17
CA TYR A 478 21.19 -52.11 -23.60
C TYR A 478 20.51 -53.41 -23.99
N ASP A 479 21.29 -54.35 -24.51
CA ASP A 479 20.82 -55.69 -24.88
C ASP A 479 21.40 -56.69 -23.89
N HIS A 480 20.54 -57.29 -23.08
CA HIS A 480 21.01 -58.16 -22.01
C HIS A 480 21.60 -59.47 -22.53
N SER A 481 21.18 -59.92 -23.71
CA SER A 481 21.67 -61.18 -24.24
C SER A 481 23.14 -61.11 -24.65
N LYS A 482 23.65 -59.92 -24.96
CA LYS A 482 25.05 -59.78 -25.35
C LYS A 482 25.99 -60.05 -24.17
N TYR A 483 25.51 -59.84 -22.95
CA TYR A 483 26.33 -60.06 -21.75
C TYR A 483 25.75 -61.13 -20.83
N ARG A 484 24.69 -61.83 -21.26
CA ARG A 484 23.97 -62.77 -20.41
C ARG A 484 24.80 -64.00 -20.03
N GLU A 485 26.05 -64.08 -20.47
CA GLU A 485 26.92 -65.19 -20.10
C GLU A 485 28.16 -64.73 -19.34
N GLU A 486 28.86 -63.71 -19.84
CA GLU A 486 29.96 -63.14 -19.06
C GLU A 486 29.47 -62.61 -17.73
N ALA A 487 28.31 -61.95 -17.72
CA ALA A 487 27.77 -61.41 -16.48
C ALA A 487 27.18 -62.49 -15.59
N MET A 488 26.57 -63.52 -16.18
CA MET A 488 25.90 -64.55 -15.40
C MET A 488 26.83 -65.67 -14.96
N GLN A 489 28.15 -65.53 -15.19
CA GLN A 489 29.08 -66.51 -14.64
C GLN A 489 29.27 -66.36 -13.14
N ASN A 490 28.50 -65.49 -12.49
CA ASN A 490 28.60 -65.28 -11.06
C ASN A 490 27.29 -65.66 -10.37
N ASP B 1 30.27 -23.25 -50.36
CA ASP B 1 30.61 -23.42 -48.95
C ASP B 1 30.93 -22.08 -48.30
N LYS B 2 30.18 -21.75 -47.25
CA LYS B 2 30.39 -20.51 -46.52
C LYS B 2 30.01 -20.71 -45.06
N ILE B 3 30.46 -19.80 -44.22
CA ILE B 3 30.12 -19.83 -42.80
C ILE B 3 29.76 -18.41 -42.36
N CYS B 4 28.51 -18.21 -41.97
CA CYS B 4 28.06 -16.94 -41.41
C CYS B 4 28.05 -17.02 -39.89
N LEU B 5 28.01 -15.86 -39.25
CA LEU B 5 27.93 -15.80 -37.80
C LEU B 5 27.25 -14.49 -37.42
N GLY B 6 26.38 -14.56 -36.43
CA GLY B 6 25.63 -13.40 -36.03
C GLY B 6 25.12 -13.50 -34.62
N HIS B 7 24.05 -12.76 -34.35
CA HIS B 7 23.46 -12.64 -33.02
C HIS B 7 22.00 -13.07 -33.09
N HIS B 8 21.33 -13.03 -31.93
CA HIS B 8 19.93 -13.40 -31.84
C HIS B 8 19.05 -12.15 -31.84
N ALA B 9 17.75 -12.38 -31.80
CA ALA B 9 16.76 -11.32 -31.72
C ALA B 9 15.42 -11.94 -31.35
N VAL B 10 14.62 -11.20 -30.60
CA VAL B 10 13.28 -11.62 -30.24
C VAL B 10 12.27 -10.83 -31.06
N SER B 11 11.07 -11.39 -31.20
CA SER B 11 10.04 -10.73 -31.99
C SER B 11 9.60 -9.42 -31.34
N ASN B 12 9.40 -9.43 -30.02
CA ASN B 12 8.99 -8.24 -29.27
C ASN B 12 9.97 -8.04 -28.13
N GLY B 13 10.86 -7.07 -28.28
CA GLY B 13 11.79 -6.68 -27.24
C GLY B 13 11.21 -5.64 -26.31
N THR B 14 12.09 -4.82 -25.75
CA THR B 14 11.70 -3.76 -24.83
C THR B 14 12.43 -2.48 -25.20
N LYS B 15 11.68 -1.39 -25.35
CA LYS B 15 12.28 -0.11 -25.69
C LYS B 15 12.82 0.58 -24.46
N VAL B 16 14.03 1.13 -24.58
CA VAL B 16 14.71 1.85 -23.51
C VAL B 16 15.21 3.18 -24.06
N ASN B 17 15.83 3.96 -23.19
CA ASN B 17 16.37 5.27 -23.54
C ASN B 17 17.88 5.26 -23.38
N THR B 18 18.58 5.93 -24.30
CA THR B 18 20.02 6.03 -24.29
C THR B 18 20.43 7.50 -24.36
N LEU B 19 21.74 7.73 -24.39
CA LEU B 19 22.24 9.10 -24.50
C LEU B 19 21.98 9.72 -25.86
N THR B 20 21.64 8.90 -26.86
CA THR B 20 21.51 9.35 -28.22
C THR B 20 20.15 9.11 -28.85
N GLU B 21 19.29 8.30 -28.22
CA GLU B 21 18.06 7.87 -28.89
C GLU B 21 17.04 7.46 -27.83
N ARG B 22 15.77 7.73 -28.12
CA ARG B 22 14.66 7.31 -27.28
C ARG B 22 13.93 6.16 -27.95
N GLY B 23 13.55 5.16 -27.15
CA GLY B 23 12.82 4.03 -27.66
C GLY B 23 13.66 3.09 -28.50
N VAL B 24 14.80 2.66 -27.98
CA VAL B 24 15.65 1.69 -28.65
C VAL B 24 15.23 0.30 -28.18
N GLU B 25 14.88 -0.56 -29.14
CA GLU B 25 14.45 -1.92 -28.82
C GLU B 25 15.66 -2.77 -28.46
N VAL B 26 15.76 -3.15 -27.20
CA VAL B 26 16.74 -4.12 -26.76
C VAL B 26 16.04 -5.46 -26.56
N VAL B 27 16.84 -6.53 -26.56
CA VAL B 27 16.26 -7.87 -26.44
C VAL B 27 15.60 -8.05 -25.08
N ASN B 28 16.22 -7.52 -24.03
CA ASN B 28 15.74 -7.72 -22.68
C ASN B 28 16.11 -6.53 -21.82
N ALA B 29 15.24 -6.20 -20.86
CA ALA B 29 15.46 -5.07 -19.97
C ALA B 29 14.80 -5.35 -18.63
N THR B 30 15.22 -4.59 -17.63
CA THR B 30 14.65 -4.69 -16.29
C THR B 30 14.31 -3.30 -15.77
N GLU B 31 13.56 -3.25 -14.67
CA GLU B 31 13.11 -2.00 -14.10
C GLU B 31 14.01 -1.59 -12.94
N THR B 32 14.33 -0.30 -12.87
CA THR B 32 15.14 0.24 -11.79
C THR B 32 14.38 1.12 -10.81
N VAL B 33 13.15 1.53 -11.15
CA VAL B 33 12.34 2.37 -10.28
C VAL B 33 11.27 1.51 -9.63
N GLU B 34 11.17 1.57 -8.31
CA GLU B 34 10.22 0.74 -7.58
C GLU B 34 8.86 1.42 -7.54
N ARG B 35 7.82 0.70 -7.99
CA ARG B 35 6.44 1.16 -7.93
C ARG B 35 5.58 0.15 -7.18
N THR B 36 6.18 -0.64 -6.30
CA THR B 36 5.52 -1.73 -5.62
C THR B 36 5.62 -1.53 -4.11
N ASN B 37 4.51 -1.79 -3.41
CA ASN B 37 4.39 -1.57 -1.98
C ASN B 37 3.90 -2.83 -1.29
N ILE B 38 4.33 -3.01 -0.05
CA ILE B 38 3.73 -3.98 0.86
C ILE B 38 2.77 -3.21 1.77
N PRO B 39 1.45 -3.45 1.68
CA PRO B 39 0.51 -2.60 2.42
C PRO B 39 0.46 -2.90 3.90
N ARG B 40 1.62 -3.12 4.51
CA ARG B 40 1.71 -3.38 5.94
C ARG B 40 3.02 -2.82 6.47
N ILE B 41 3.13 -2.78 7.79
CA ILE B 41 4.35 -2.33 8.46
C ILE B 41 5.16 -3.58 8.78
N CYS B 42 6.17 -3.84 7.94
CA CYS B 42 7.00 -5.03 8.06
C CYS B 42 7.97 -4.85 9.22
N SER B 43 7.68 -5.52 10.34
CA SER B 43 8.40 -5.30 11.59
C SER B 43 9.04 -6.58 12.11
N LYS B 44 9.51 -7.44 11.21
CA LYS B 44 10.15 -8.68 11.64
C LYS B 44 11.47 -8.37 12.35
N GLY B 45 11.66 -9.00 13.52
CA GLY B 45 12.89 -8.80 14.27
C GLY B 45 13.03 -7.43 14.90
N LYS B 46 11.94 -6.68 15.02
CA LYS B 46 11.97 -5.36 15.63
C LYS B 46 10.90 -5.27 16.71
N ARG B 47 11.29 -4.87 17.91
CA ARG B 47 10.32 -4.59 18.96
C ARG B 47 9.55 -3.33 18.59
N THR B 48 8.24 -3.46 18.41
CA THR B 48 7.42 -2.38 17.89
C THR B 48 6.30 -2.04 18.86
N VAL B 49 6.05 -0.75 19.01
CA VAL B 49 4.96 -0.24 19.83
C VAL B 49 4.01 0.54 18.94
N ASP B 50 2.77 0.11 18.87
CA ASP B 50 1.72 0.80 18.12
C ASP B 50 0.94 1.66 19.10
N LEU B 51 1.11 2.99 18.99
CA LEU B 51 0.53 3.89 19.97
C LEU B 51 -0.99 3.93 19.89
N GLY B 52 -1.54 3.83 18.68
CA GLY B 52 -2.99 3.80 18.54
C GLY B 52 -3.60 5.13 18.92
N GLN B 53 -4.55 5.10 19.86
CA GLN B 53 -5.19 6.32 20.33
C GLN B 53 -4.29 7.16 21.20
N CYS B 54 -3.11 6.66 21.58
CA CYS B 54 -2.18 7.40 22.42
C CYS B 54 -1.26 8.25 21.55
N GLY B 55 -1.07 9.50 21.94
CA GLY B 55 -0.11 10.36 21.27
C GLY B 55 1.28 10.18 21.85
N LEU B 56 2.29 10.38 21.00
CA LEU B 56 3.67 10.14 21.41
C LEU B 56 4.07 11.03 22.58
N LEU B 57 3.63 12.29 22.58
CA LEU B 57 3.96 13.18 23.69
C LEU B 57 3.20 12.82 24.95
N GLY B 58 1.98 12.30 24.81
CA GLY B 58 1.21 11.91 25.97
C GLY B 58 1.90 10.89 26.86
N THR B 59 2.75 10.05 26.25
CA THR B 59 3.49 9.06 27.03
C THR B 59 4.34 9.70 28.12
N ILE B 60 4.68 10.98 27.99
CA ILE B 60 5.42 11.67 29.03
C ILE B 60 4.49 12.20 30.12
N THR B 61 3.29 12.65 29.75
CA THR B 61 2.36 13.21 30.72
C THR B 61 1.35 12.19 31.22
N GLY B 62 0.86 11.33 30.33
CA GLY B 62 0.02 10.22 30.71
C GLY B 62 -1.46 10.53 30.76
N PRO B 63 -2.08 10.78 29.61
CA PRO B 63 -3.54 10.75 29.53
C PRO B 63 -4.04 9.31 29.64
N PRO B 64 -5.33 9.09 29.86
CA PRO B 64 -5.80 7.71 30.03
C PRO B 64 -5.56 6.82 28.83
N GLN B 65 -5.44 7.38 27.62
CA GLN B 65 -5.15 6.58 26.45
C GLN B 65 -3.68 6.16 26.37
N CYS B 66 -2.81 6.71 27.21
CA CYS B 66 -1.40 6.37 27.23
C CYS B 66 -0.99 5.64 28.51
N ASP B 67 -1.93 4.98 29.18
CA ASP B 67 -1.62 4.32 30.44
C ASP B 67 -0.69 3.13 30.24
N GLN B 68 -0.78 2.45 29.09
CA GLN B 68 0.07 1.31 28.80
C GLN B 68 1.35 1.68 28.08
N PHE B 69 1.61 2.98 27.90
CA PHE B 69 2.83 3.45 27.23
C PHE B 69 3.64 4.39 28.12
N LEU B 70 3.44 4.33 29.43
CA LEU B 70 4.14 5.24 30.32
C LEU B 70 5.64 4.94 30.38
N GLU B 71 6.02 3.67 30.22
CA GLU B 71 7.41 3.26 30.20
C GLU B 71 7.64 2.27 29.06
N PHE B 72 7.21 2.66 27.86
CA PHE B 72 7.29 1.76 26.72
C PHE B 72 8.74 1.56 26.27
N SER B 73 8.95 0.54 25.44
CA SER B 73 10.27 0.23 24.93
C SER B 73 10.10 -0.43 23.58
N ALA B 74 10.81 0.07 22.56
CA ALA B 74 10.64 -0.44 21.22
C ALA B 74 11.83 -0.04 20.36
N ASP B 75 11.94 -0.71 19.21
CA ASP B 75 12.87 -0.30 18.15
C ASP B 75 12.17 0.47 17.04
N LEU B 76 10.86 0.32 16.92
CA LEU B 76 10.08 1.01 15.89
C LEU B 76 8.82 1.54 16.53
N ILE B 77 8.65 2.86 16.51
CA ILE B 77 7.48 3.53 17.08
C ILE B 77 6.57 3.94 15.94
N ILE B 78 5.28 3.67 16.10
CA ILE B 78 4.28 3.92 15.06
C ILE B 78 3.24 4.90 15.63
N GLU B 79 3.13 6.07 15.00
CA GLU B 79 2.10 7.04 15.36
C GLU B 79 0.88 6.85 14.47
N ARG B 80 -0.30 6.89 15.07
CA ARG B 80 -1.55 6.75 14.36
C ARG B 80 -2.26 8.10 14.28
N ARG B 81 -3.22 8.18 13.34
CA ARG B 81 -3.94 9.43 13.13
C ARG B 81 -4.80 9.78 14.33
N GLU B 82 -5.43 8.79 14.95
CA GLU B 82 -6.33 9.02 16.07
C GLU B 82 -5.60 9.27 17.38
N GLY B 83 -4.27 9.34 17.38
CA GLY B 83 -3.54 9.56 18.61
C GLY B 83 -3.71 10.98 19.12
N SER B 84 -3.76 11.12 20.44
CA SER B 84 -3.93 12.40 21.09
C SER B 84 -2.90 12.53 22.21
N ASP B 85 -2.24 13.70 22.27
CA ASP B 85 -1.25 13.94 23.30
C ASP B 85 -1.86 14.39 24.62
N VAL B 86 -3.10 14.86 24.62
CA VAL B 86 -3.71 15.45 25.80
C VAL B 86 -5.10 14.88 26.01
N CYS B 87 -5.57 14.98 27.25
CA CYS B 87 -6.96 14.72 27.61
C CYS B 87 -7.69 16.03 27.89
N TYR B 88 -7.20 16.81 28.85
CA TYR B 88 -7.68 18.16 29.04
C TYR B 88 -7.22 19.04 27.88
N PRO B 89 -8.03 20.02 27.49
CA PRO B 89 -7.64 20.88 26.35
C PRO B 89 -6.29 21.55 26.59
N GLY B 90 -5.49 21.59 25.53
CA GLY B 90 -4.16 22.15 25.60
C GLY B 90 -3.28 21.58 24.51
N LYS B 91 -1.99 21.86 24.63
CA LYS B 91 -1.02 21.38 23.65
C LYS B 91 0.38 21.46 24.26
N PHE B 92 1.38 21.13 23.46
CA PHE B 92 2.77 21.18 23.84
C PHE B 92 3.47 22.33 23.13
N VAL B 93 4.23 23.12 23.86
CA VAL B 93 5.12 24.10 23.25
C VAL B 93 6.40 23.41 22.83
N ASN B 94 6.87 23.71 21.61
CA ASN B 94 7.99 23.01 21.00
C ASN B 94 7.68 21.51 20.89
N GLU B 95 6.52 21.21 20.31
CA GLU B 95 6.03 19.83 20.30
C GLU B 95 6.74 18.96 19.27
N GLU B 96 7.02 19.52 18.09
CA GLU B 96 7.60 18.69 17.03
C GLU B 96 9.04 18.29 17.36
N ALA B 97 9.80 19.19 18.00
CA ALA B 97 11.13 18.83 18.45
C ALA B 97 11.09 17.70 19.46
N LEU B 98 10.14 17.75 20.39
CA LEU B 98 10.01 16.68 21.37
C LEU B 98 9.59 15.38 20.72
N ARG B 99 8.73 15.46 19.69
CA ARG B 99 8.37 14.26 18.95
C ARG B 99 9.60 13.66 18.25
N GLN B 100 10.42 14.50 17.64
CA GLN B 100 11.63 14.00 16.99
C GLN B 100 12.62 13.45 18.01
N ILE B 101 12.56 13.92 19.26
CA ILE B 101 13.42 13.35 20.29
C ILE B 101 12.89 11.99 20.72
N LEU B 102 11.57 11.85 20.89
CA LEU B 102 11.00 10.60 21.38
C LEU B 102 10.96 9.51 20.32
N ARG B 103 10.94 9.88 19.03
CA ARG B 103 10.87 8.86 17.98
C ARG B 103 12.11 7.99 17.97
N GLU B 104 13.28 8.58 18.17
CA GLU B 104 14.54 7.84 18.17
C GLU B 104 15.05 7.57 19.58
N SER B 105 14.18 7.61 20.58
CA SER B 105 14.60 7.42 21.97
C SER B 105 14.70 5.95 22.35
N GLY B 106 14.08 5.05 21.59
CA GLY B 106 14.06 3.65 21.96
C GLY B 106 13.16 3.34 23.15
N GLY B 107 12.32 4.28 23.56
CA GLY B 107 11.50 4.13 24.74
C GLY B 107 11.90 5.12 25.82
N ILE B 108 11.06 5.16 26.86
CA ILE B 108 11.26 6.06 27.98
C ILE B 108 11.23 5.27 29.27
N ASP B 109 11.91 5.78 30.30
CA ASP B 109 11.92 5.20 31.62
C ASP B 109 11.68 6.30 32.64
N LYS B 110 10.59 6.18 33.39
CA LYS B 110 10.23 7.19 34.37
C LYS B 110 10.98 6.98 35.68
N GLU B 111 11.06 8.05 36.47
CA GLU B 111 11.71 8.01 37.77
C GLU B 111 11.06 9.04 38.67
N ALA B 112 10.72 8.64 39.90
CA ALA B 112 10.08 9.55 40.83
C ALA B 112 11.00 10.71 41.17
N MET B 113 10.50 11.93 40.99
CA MET B 113 11.31 13.12 41.25
C MET B 113 11.46 13.39 42.74
N GLY B 114 10.40 13.18 43.50
CA GLY B 114 10.45 13.33 44.94
C GLY B 114 9.74 14.54 45.52
N PHE B 115 8.74 15.08 44.84
CA PHE B 115 8.03 16.25 45.34
C PHE B 115 7.00 15.82 46.38
N THR B 116 7.08 16.42 47.57
CA THR B 116 6.09 16.26 48.62
C THR B 116 5.51 17.62 48.94
N TYR B 117 4.18 17.72 48.94
CA TYR B 117 3.50 19.00 49.08
C TYR B 117 2.98 19.15 50.51
N SER B 118 3.53 20.12 51.22
CA SER B 118 3.24 20.35 52.64
C SER B 118 2.37 21.60 52.76
N GLY B 119 1.06 21.42 52.58
CA GLY B 119 0.12 22.47 52.88
C GLY B 119 -0.72 23.01 51.75
N ILE B 120 -1.09 22.15 50.78
CA ILE B 120 -2.01 22.50 49.71
C ILE B 120 -2.76 21.25 49.30
N ARG B 121 -3.81 21.43 48.50
CA ARG B 121 -4.59 20.32 47.97
C ARG B 121 -3.97 19.88 46.64
N THR B 122 -3.81 18.56 46.48
CA THR B 122 -3.05 18.02 45.35
C THR B 122 -3.85 17.03 44.52
N ASN B 123 -5.17 16.95 44.69
CA ASN B 123 -5.98 15.99 43.96
C ASN B 123 -6.80 16.67 42.86
N GLY B 124 -6.17 17.55 42.10
CA GLY B 124 -6.86 18.22 41.00
C GLY B 124 -7.21 17.30 39.86
N ALA B 125 -8.49 16.97 39.73
CA ALA B 125 -8.98 16.09 38.68
C ALA B 125 -9.92 16.86 37.75
N THR B 126 -10.21 16.25 36.61
CA THR B 126 -11.09 16.85 35.61
C THR B 126 -11.95 15.77 34.97
N SER B 127 -13.03 16.20 34.33
CA SER B 127 -13.97 15.29 33.69
C SER B 127 -13.57 14.92 32.27
N ALA B 128 -12.53 15.54 31.72
CA ALA B 128 -12.03 15.17 30.41
C ALA B 128 -11.01 14.05 30.47
N CYS B 129 -10.24 13.97 31.55
CA CYS B 129 -9.28 12.89 31.77
C CYS B 129 -9.99 11.81 32.58
N ARG B 130 -10.55 10.82 31.89
CA ARG B 130 -11.44 9.84 32.49
C ARG B 130 -10.74 8.49 32.61
N ARG B 131 -10.72 7.96 33.84
CA ARG B 131 -10.29 6.58 34.08
C ARG B 131 -11.42 5.82 34.77
N SER B 132 -11.47 5.90 36.10
CA SER B 132 -12.63 5.39 36.83
C SER B 132 -13.79 6.38 36.72
N GLY B 133 -13.63 7.55 37.31
CA GLY B 133 -14.57 8.64 37.14
C GLY B 133 -13.91 9.85 36.52
N SER B 134 -13.53 10.80 37.36
CA SER B 134 -12.75 11.97 36.94
C SER B 134 -11.32 11.80 37.43
N SER B 135 -10.36 11.97 36.53
CA SER B 135 -8.95 11.74 36.85
C SER B 135 -8.13 12.87 36.23
N PHE B 136 -6.84 12.64 36.08
CA PHE B 136 -5.91 13.63 35.56
C PHE B 136 -4.74 12.88 34.92
N TYR B 137 -3.72 13.62 34.50
CA TYR B 137 -2.54 12.99 33.93
C TYR B 137 -1.83 12.15 34.99
N ALA B 138 -1.46 10.93 34.62
CA ALA B 138 -0.87 10.01 35.59
C ALA B 138 0.51 10.44 36.04
N GLU B 139 1.25 11.15 35.18
CA GLU B 139 2.59 11.61 35.50
C GLU B 139 2.63 13.05 35.98
N MET B 140 1.47 13.72 36.07
CA MET B 140 1.39 15.11 36.49
C MET B 140 0.45 15.23 37.68
N LYS B 141 0.54 16.38 38.36
CA LYS B 141 -0.33 16.69 39.48
C LYS B 141 -0.86 18.11 39.33
N TRP B 142 -2.14 18.29 39.64
CA TRP B 142 -2.82 19.57 39.51
C TRP B 142 -2.88 20.19 40.90
N LEU B 143 -1.90 21.04 41.21
CA LEU B 143 -1.82 21.65 42.53
C LEU B 143 -2.87 22.73 42.67
N LEU B 144 -3.71 22.60 43.69
CA LEU B 144 -4.85 23.47 43.91
C LEU B 144 -4.71 24.18 45.24
N SER B 145 -5.68 25.05 45.51
CA SER B 145 -5.82 25.68 46.81
C SER B 145 -6.33 24.66 47.82
N ASN B 146 -6.03 24.92 49.10
CA ASN B 146 -6.48 24.00 50.15
C ASN B 146 -7.99 24.05 50.32
N THR B 147 -8.53 25.22 50.65
CA THR B 147 -9.96 25.42 50.73
C THR B 147 -10.50 25.78 49.35
N ASP B 148 -11.72 26.32 49.29
CA ASP B 148 -12.39 26.58 48.02
C ASP B 148 -11.93 27.91 47.45
N ASN B 149 -10.79 28.42 47.92
CA ASN B 149 -10.24 29.67 47.41
C ASN B 149 -8.77 29.85 47.81
N ALA B 150 -8.54 30.28 49.05
CA ALA B 150 -7.21 30.37 49.67
C ALA B 150 -6.15 31.06 48.81
N ALA B 151 -4.88 30.76 49.09
CA ALA B 151 -3.76 31.42 48.41
C ALA B 151 -2.80 30.34 47.93
N PHE B 152 -1.57 30.75 47.61
CA PHE B 152 -0.54 29.84 47.11
C PHE B 152 0.84 30.43 47.36
N PRO B 153 1.58 29.90 48.34
CA PRO B 153 2.90 30.44 48.64
C PRO B 153 3.88 30.23 47.50
N GLN B 154 4.80 31.18 47.33
CA GLN B 154 5.92 31.01 46.42
C GLN B 154 6.71 29.78 46.81
N MET B 155 6.46 28.65 46.15
CA MET B 155 7.08 27.40 46.51
C MET B 155 8.39 27.21 45.76
N THR B 156 9.18 26.22 46.21
CA THR B 156 10.52 26.00 45.66
C THR B 156 10.79 24.49 45.69
N LYS B 157 10.25 23.79 44.70
CA LYS B 157 10.49 22.36 44.53
C LYS B 157 11.60 22.15 43.52
N SER B 158 12.62 21.40 43.90
CA SER B 158 13.79 21.18 43.08
C SER B 158 14.01 19.69 42.85
N TYR B 159 14.78 19.37 41.81
CA TYR B 159 15.09 17.98 41.48
C TYR B 159 16.47 17.92 40.87
N LYS B 160 17.26 16.94 41.33
CA LYS B 160 18.65 16.75 40.90
C LYS B 160 18.73 15.52 40.01
N ASN B 161 19.17 15.72 38.77
CA ASN B 161 19.32 14.60 37.84
C ASN B 161 20.53 13.77 38.23
N THR B 162 20.32 12.74 39.07
CA THR B 162 21.41 11.92 39.56
C THR B 162 21.85 10.84 38.56
N ARG B 163 21.08 10.60 37.51
CA ARG B 163 21.45 9.59 36.53
C ARG B 163 22.47 10.16 35.54
N LYS B 164 23.05 9.26 34.74
CA LYS B 164 24.15 9.63 33.85
C LYS B 164 23.68 10.28 32.55
N ASN B 165 22.46 10.01 32.12
CA ASN B 165 21.93 10.56 30.88
C ASN B 165 21.05 11.77 31.16
N PRO B 166 20.83 12.62 30.15
CA PRO B 166 19.93 13.77 30.34
C PRO B 166 18.51 13.30 30.65
N ALA B 167 17.80 14.13 31.41
CA ALA B 167 16.43 13.84 31.83
C ALA B 167 15.45 14.75 31.10
N LEU B 168 14.22 14.27 30.95
CA LEU B 168 13.17 15.01 30.27
C LEU B 168 12.16 15.47 31.30
N ILE B 169 12.13 16.78 31.56
CA ILE B 169 11.21 17.39 32.53
C ILE B 169 10.07 18.04 31.77
N VAL B 170 8.84 17.84 32.27
CA VAL B 170 7.66 18.41 31.65
C VAL B 170 6.77 18.99 32.74
N TRP B 171 6.33 20.23 32.56
CA TRP B 171 5.43 20.90 33.49
C TRP B 171 4.33 21.59 32.71
N GLY B 172 3.18 21.76 33.35
CA GLY B 172 2.02 22.35 32.70
C GLY B 172 1.59 23.65 33.35
N ILE B 173 1.07 24.55 32.54
CA ILE B 173 0.49 25.81 32.98
C ILE B 173 -1.00 25.77 32.70
N HIS B 174 -1.80 26.16 33.69
CA HIS B 174 -3.26 26.09 33.60
C HIS B 174 -3.82 27.49 33.35
N HIS B 175 -3.98 27.82 32.08
CA HIS B 175 -4.67 29.05 31.68
C HIS B 175 -6.17 28.84 31.91
N SER B 176 -6.72 29.54 32.91
CA SER B 176 -8.09 29.31 33.34
C SER B 176 -9.06 30.07 32.43
N VAL B 177 -10.35 29.94 32.74
CA VAL B 177 -11.39 30.57 31.92
C VAL B 177 -11.38 32.08 32.13
N SER B 178 -11.62 32.52 33.37
CA SER B 178 -11.67 33.93 33.70
C SER B 178 -10.70 34.22 34.84
N THR B 179 -10.56 35.51 35.16
CA THR B 179 -9.71 35.88 36.29
C THR B 179 -10.36 35.49 37.62
N ALA B 180 -11.70 35.54 37.69
CA ALA B 180 -12.39 35.08 38.90
C ALA B 180 -12.24 33.57 39.08
N GLU B 181 -12.21 32.81 37.98
CA GLU B 181 -11.93 31.39 38.08
C GLU B 181 -10.51 31.14 38.56
N GLN B 182 -9.57 32.01 38.18
CA GLN B 182 -8.21 31.91 38.69
C GLN B 182 -8.14 32.31 40.16
N THR B 183 -9.05 33.17 40.62
CA THR B 183 -9.17 33.38 42.07
C THR B 183 -9.68 32.13 42.76
N LYS B 184 -10.72 31.51 42.18
CA LYS B 184 -11.21 30.23 42.69
C LYS B 184 -10.14 29.15 42.63
N LEU B 185 -9.11 29.33 41.80
CA LEU B 185 -8.10 28.28 41.58
C LEU B 185 -6.90 28.46 42.49
N TYR B 186 -6.13 29.54 42.27
CA TYR B 186 -4.79 29.66 42.85
C TYR B 186 -4.62 30.90 43.72
N GLY B 187 -5.70 31.57 44.11
CA GLY B 187 -5.56 32.72 44.98
C GLY B 187 -6.05 34.03 44.37
N SER B 188 -5.11 34.87 43.98
CA SER B 188 -5.36 36.15 43.30
C SER B 188 -4.01 36.80 43.03
N GLY B 189 -4.00 37.69 42.04
CA GLY B 189 -2.82 38.46 41.72
C GLY B 189 -2.09 37.94 40.50
N ASN B 190 -0.88 38.45 40.32
CA ASN B 190 -0.01 38.10 39.20
C ASN B 190 0.87 36.94 39.61
N LYS B 191 0.43 35.72 39.30
CA LYS B 191 1.12 34.51 39.70
C LYS B 191 2.16 34.14 38.64
N LEU B 192 3.44 34.23 39.01
CA LEU B 192 4.53 33.86 38.14
C LEU B 192 4.92 32.41 38.39
N VAL B 193 5.48 31.77 37.36
CA VAL B 193 5.94 30.39 37.45
C VAL B 193 7.33 30.33 36.82
N THR B 194 8.35 30.09 37.64
CA THR B 194 9.72 30.09 37.17
C THR B 194 10.26 28.66 37.16
N VAL B 195 10.95 28.30 36.08
CA VAL B 195 11.68 27.04 35.99
C VAL B 195 13.15 27.38 35.88
N GLY B 196 13.91 27.06 36.91
CA GLY B 196 15.31 27.42 36.96
C GLY B 196 16.25 26.23 37.01
N SER B 197 16.97 26.00 35.91
CA SER B 197 18.01 24.98 35.89
C SER B 197 19.37 25.65 36.03
N SER B 198 20.08 25.82 34.92
CA SER B 198 21.34 26.56 34.91
C SER B 198 21.47 27.26 33.58
N ASN B 199 20.93 26.65 32.52
CA ASN B 199 20.82 27.26 31.21
C ASN B 199 19.39 27.60 30.85
N TYR B 200 18.48 27.56 31.82
CA TYR B 200 17.05 27.71 31.52
C TYR B 200 16.39 28.45 32.68
N GLN B 201 16.21 29.75 32.52
CA GLN B 201 15.26 30.54 33.28
C GLN B 201 14.25 31.10 32.28
N GLN B 202 12.97 31.06 32.62
CA GLN B 202 11.98 31.51 31.64
C GLN B 202 10.81 32.25 32.27
N SER B 203 10.15 31.63 33.25
CA SER B 203 8.98 32.22 33.89
C SER B 203 7.81 32.36 32.92
N PHE B 204 6.82 31.49 33.06
CA PHE B 204 5.53 31.60 32.39
C PHE B 204 4.51 32.20 33.36
N VAL B 205 3.48 32.82 32.78
CA VAL B 205 2.38 33.41 33.54
C VAL B 205 1.09 33.04 32.82
N PRO B 206 0.06 32.59 33.54
CA PRO B 206 -1.17 32.17 32.86
C PRO B 206 -1.82 33.31 32.08
N SER B 207 -2.67 32.94 31.14
CA SER B 207 -3.38 33.90 30.29
C SER B 207 -4.88 33.63 30.40
N PRO B 208 -5.48 33.96 31.55
CA PRO B 208 -6.92 33.70 31.71
C PRO B 208 -7.74 34.63 30.83
N GLY B 209 -8.69 34.05 30.11
CA GLY B 209 -9.53 34.81 29.20
C GLY B 209 -10.56 33.96 28.48
N ALA B 210 -11.68 34.57 28.12
CA ALA B 210 -12.74 33.83 27.44
C ALA B 210 -12.24 33.31 26.09
N ARG B 211 -12.63 32.07 25.79
CA ARG B 211 -12.22 31.40 24.55
C ARG B 211 -13.17 30.25 24.30
N PRO B 212 -13.23 29.75 23.06
CA PRO B 212 -14.13 28.63 22.76
C PRO B 212 -13.82 27.40 23.61
N GLN B 213 -14.76 26.47 23.60
CA GLN B 213 -14.69 25.27 24.42
C GLN B 213 -14.15 24.09 23.61
N VAL B 214 -13.31 23.29 24.27
CA VAL B 214 -12.83 22.02 23.73
C VAL B 214 -13.16 20.94 24.74
N ASN B 215 -13.75 19.84 24.25
CA ASN B 215 -14.21 18.74 25.10
C ASN B 215 -15.20 19.19 26.17
N GLY B 216 -15.80 20.37 26.00
CA GLY B 216 -16.71 20.92 26.97
C GLY B 216 -16.09 21.87 27.98
N LEU B 217 -14.78 22.10 27.90
CA LEU B 217 -14.07 22.96 28.84
C LEU B 217 -13.38 24.10 28.10
N SER B 218 -13.21 25.23 28.79
CA SER B 218 -12.53 26.38 28.23
C SER B 218 -11.13 26.58 28.80
N GLY B 219 -10.73 25.81 29.81
CA GLY B 219 -9.37 25.90 30.31
C GLY B 219 -8.37 25.31 29.33
N ARG B 220 -7.11 25.72 29.50
CA ARG B 220 -6.03 25.28 28.62
C ARG B 220 -4.80 24.97 29.46
N ILE B 221 -4.47 23.70 29.57
CA ILE B 221 -3.23 23.27 30.23
C ILE B 221 -2.19 23.07 29.14
N ASP B 222 -1.24 23.99 29.04
CA ASP B 222 -0.16 23.91 28.06
C ASP B 222 1.08 23.31 28.70
N PHE B 223 1.70 22.36 28.02
CA PHE B 223 2.84 21.63 28.55
C PHE B 223 4.13 22.15 27.93
N HIS B 224 5.13 22.37 28.78
CA HIS B 224 6.47 22.76 28.36
C HIS B 224 7.46 21.73 28.89
N TRP B 225 8.57 21.56 28.17
CA TRP B 225 9.56 20.54 28.50
C TRP B 225 10.94 21.16 28.58
N LEU B 226 11.90 20.34 29.02
CA LEU B 226 13.25 20.76 29.33
C LEU B 226 14.12 19.52 29.42
N MET B 227 15.42 19.70 29.16
CA MET B 227 16.39 18.60 29.18
C MET B 227 17.41 18.88 30.28
N LEU B 228 17.21 18.27 31.45
CA LEU B 228 18.15 18.42 32.55
C LEU B 228 19.44 17.66 32.23
N ASN B 229 20.54 18.39 32.12
CA ASN B 229 21.83 17.77 31.96
C ASN B 229 22.25 17.07 33.26
N PRO B 230 23.17 16.12 33.18
CA PRO B 230 23.59 15.39 34.39
C PRO B 230 24.04 16.33 35.50
N ASN B 231 23.64 16.00 36.73
CA ASN B 231 23.95 16.70 37.97
C ASN B 231 23.29 18.07 38.09
N ASP B 232 22.52 18.50 37.09
CA ASP B 232 21.84 19.78 37.21
C ASP B 232 20.59 19.64 38.08
N THR B 233 19.98 20.78 38.41
CA THR B 233 18.83 20.82 39.30
C THR B 233 17.77 21.73 38.70
N VAL B 234 16.53 21.25 38.62
CA VAL B 234 15.40 22.04 38.16
C VAL B 234 14.66 22.58 39.37
N THR B 235 14.31 23.87 39.33
CA THR B 235 13.60 24.53 40.40
C THR B 235 12.29 25.09 39.87
N PHE B 236 11.23 24.96 40.66
CA PHE B 236 9.89 25.40 40.27
C PHE B 236 9.43 26.46 41.26
N SER B 237 9.73 27.72 40.95
CA SER B 237 9.27 28.86 41.73
C SER B 237 7.89 29.27 41.23
N PHE B 238 6.90 28.50 41.65
CA PHE B 238 5.51 28.72 41.26
C PHE B 238 4.70 29.16 42.48
N ASN B 239 3.62 29.89 42.22
CA ASN B 239 2.70 30.30 43.26
C ASN B 239 1.26 30.15 42.78
N GLY B 240 0.96 29.05 42.10
CA GLY B 240 -0.38 28.73 41.70
C GLY B 240 -0.51 28.53 40.19
N ALA B 241 -1.64 27.92 39.82
CA ALA B 241 -1.96 27.63 38.41
C ALA B 241 -0.85 26.83 37.75
N PHE B 242 -0.30 25.86 38.47
CA PHE B 242 0.85 25.10 38.04
C PHE B 242 0.52 23.62 38.03
N ILE B 243 0.84 22.95 36.92
CA ILE B 243 0.70 21.50 36.80
C ILE B 243 2.11 20.93 37.00
N ALA B 244 2.35 20.35 38.17
CA ALA B 244 3.69 19.94 38.53
C ALA B 244 3.99 18.53 38.05
N PRO B 245 5.25 18.26 37.69
CA PRO B 245 5.63 16.90 37.30
C PRO B 245 5.78 15.99 38.51
N ASP B 246 5.63 14.69 38.25
CA ASP B 246 5.82 13.67 39.26
C ASP B 246 7.03 12.79 38.99
N ARG B 247 7.23 12.37 37.75
CA ARG B 247 8.33 11.50 37.37
C ARG B 247 8.99 12.04 36.11
N ALA B 248 10.33 12.00 36.08
CA ALA B 248 11.08 12.40 34.91
C ALA B 248 11.27 11.21 33.98
N SER B 249 11.55 11.51 32.71
CA SER B 249 11.73 10.50 31.69
C SER B 249 13.19 10.42 31.27
N PHE B 250 13.63 9.20 30.93
CA PHE B 250 14.97 8.97 30.44
C PHE B 250 14.91 8.14 29.16
N LEU B 251 15.73 8.51 28.19
CA LEU B 251 15.75 7.82 26.90
C LEU B 251 16.45 6.48 27.05
N ARG B 252 15.74 5.40 26.71
CA ARG B 252 16.29 4.06 26.88
C ARG B 252 17.47 3.82 25.95
N GLY B 253 17.25 3.94 24.64
CA GLY B 253 18.31 3.70 23.68
C GLY B 253 18.10 4.39 22.35
N LYS B 254 17.76 3.61 21.32
CA LYS B 254 17.59 4.13 19.97
C LYS B 254 16.44 3.39 19.30
N SER B 255 15.73 4.11 18.43
CA SER B 255 14.61 3.54 17.68
C SER B 255 14.35 4.42 16.47
N MET B 256 13.29 4.11 15.74
CA MET B 256 12.85 4.90 14.60
C MET B 256 11.36 5.15 14.72
N GLY B 257 10.94 6.37 14.41
CA GLY B 257 9.54 6.75 14.48
C GLY B 257 8.96 6.94 13.08
N ILE B 258 7.81 6.32 12.85
CA ILE B 258 7.10 6.43 11.58
C ILE B 258 5.66 6.85 11.86
N GLN B 259 4.98 7.29 10.81
CA GLN B 259 3.55 7.59 10.85
C GLN B 259 2.89 6.78 9.75
N SER B 260 1.97 5.89 10.13
CA SER B 260 1.39 4.94 9.19
C SER B 260 -0.08 4.74 9.49
N GLY B 261 -0.82 4.31 8.46
CA GLY B 261 -2.22 3.98 8.60
C GLY B 261 -2.53 2.55 8.21
N VAL B 262 -1.50 1.71 8.13
CA VAL B 262 -1.67 0.30 7.82
C VAL B 262 -1.23 -0.54 9.01
N GLN B 263 -1.68 -1.79 9.01
CA GLN B 263 -1.45 -2.67 10.15
C GLN B 263 0.01 -3.11 10.21
N VAL B 264 0.38 -3.65 11.36
CA VAL B 264 1.73 -4.15 11.60
C VAL B 264 1.80 -5.59 11.11
N ASP B 265 2.95 -5.96 10.54
CA ASP B 265 3.21 -7.32 10.07
C ASP B 265 4.51 -7.79 10.71
N ALA B 266 4.39 -8.66 11.73
CA ALA B 266 5.56 -9.13 12.44
C ALA B 266 6.31 -10.23 11.69
N ASP B 267 5.68 -10.87 10.71
CA ASP B 267 6.33 -11.90 9.92
C ASP B 267 7.04 -11.35 8.70
N CYS B 268 6.83 -10.08 8.36
CA CYS B 268 7.43 -9.46 7.19
C CYS B 268 8.59 -8.57 7.62
N GLU B 269 9.67 -8.59 6.85
CA GLU B 269 10.90 -7.88 7.17
C GLU B 269 11.13 -6.74 6.18
N GLY B 270 11.51 -5.58 6.70
CA GLY B 270 11.74 -4.42 5.86
C GLY B 270 12.40 -3.32 6.65
N ASP B 271 12.95 -2.35 5.90
CA ASP B 271 13.65 -1.22 6.50
C ASP B 271 13.22 0.13 5.95
N CYS B 272 12.31 0.17 4.97
CA CYS B 272 11.83 1.42 4.39
C CYS B 272 10.34 1.54 4.63
N TYR B 273 9.94 2.57 5.37
CA TYR B 273 8.56 2.73 5.78
C TYR B 273 8.00 4.06 5.26
N TYR B 274 6.69 4.06 5.02
CA TYR B 274 5.94 5.29 4.77
C TYR B 274 4.50 5.05 5.22
N SER B 275 3.65 6.04 5.00
CA SER B 275 2.29 5.98 5.54
C SER B 275 1.50 4.81 4.97
N GLY B 276 1.83 4.36 3.76
CA GLY B 276 1.09 3.31 3.10
C GLY B 276 1.60 1.89 3.32
N GLY B 277 2.73 1.72 3.95
CA GLY B 277 3.22 0.39 4.24
C GLY B 277 4.74 0.36 4.26
N THR B 278 5.30 -0.69 3.65
CA THR B 278 6.74 -0.93 3.65
C THR B 278 7.21 -1.11 2.22
N ILE B 279 8.28 -0.39 1.86
CA ILE B 279 8.87 -0.49 0.53
C ILE B 279 9.99 -1.51 0.60
N ILE B 280 9.71 -2.73 0.15
CA ILE B 280 10.67 -3.83 0.16
C ILE B 280 11.20 -3.96 -1.26
N SER B 281 12.42 -3.49 -1.48
CA SER B 281 12.95 -3.46 -2.84
C SER B 281 14.47 -3.46 -2.79
N ASN B 282 15.07 -4.11 -3.78
CA ASN B 282 16.50 -4.00 -4.03
C ASN B 282 16.81 -2.98 -5.11
N LEU B 283 15.80 -2.47 -5.81
CA LEU B 283 16.02 -1.46 -6.82
C LEU B 283 16.55 -0.18 -6.19
N PRO B 284 17.41 0.57 -6.90
CA PRO B 284 18.03 1.76 -6.30
C PRO B 284 17.10 2.96 -6.21
N PHE B 285 15.96 2.97 -6.90
CA PHE B 285 15.07 4.12 -6.92
C PHE B 285 13.65 3.67 -6.64
N GLN B 286 12.82 4.63 -6.22
CA GLN B 286 11.42 4.37 -5.94
C GLN B 286 10.61 5.62 -6.26
N ASN B 287 9.38 5.42 -6.73
CA ASN B 287 8.47 6.50 -7.10
C ASN B 287 7.15 6.34 -6.35
N ILE B 288 7.26 6.09 -5.04
CA ILE B 288 6.10 5.82 -4.19
C ILE B 288 5.84 6.99 -3.24
N ASP B 289 6.84 7.39 -2.46
CA ASP B 289 6.68 8.46 -1.49
C ASP B 289 8.02 9.11 -1.23
N SER B 290 8.11 10.42 -1.49
CA SER B 290 9.36 11.15 -1.27
C SER B 290 9.71 11.29 0.19
N ARG B 291 8.76 11.07 1.10
CA ARG B 291 8.99 11.20 2.53
C ARG B 291 9.19 9.85 3.21
N ALA B 292 9.61 8.84 2.47
CA ALA B 292 9.90 7.54 3.07
C ALA B 292 11.14 7.63 3.95
N VAL B 293 11.06 7.04 5.13
CA VAL B 293 12.14 7.09 6.11
C VAL B 293 12.71 5.69 6.29
N GLY B 294 13.87 5.62 6.93
CA GLY B 294 14.59 4.37 7.10
C GLY B 294 15.72 4.21 6.12
N LYS B 295 15.96 2.98 5.68
CA LYS B 295 16.98 2.68 4.66
C LYS B 295 16.23 2.38 3.36
N CYS B 296 16.12 3.39 2.52
CA CYS B 296 15.24 3.37 1.36
C CYS B 296 16.01 3.54 0.06
N PRO B 297 15.44 3.12 -1.06
CA PRO B 297 15.90 3.62 -2.35
C PRO B 297 15.63 5.11 -2.45
N ARG B 298 16.42 5.79 -3.28
CA ARG B 298 16.28 7.23 -3.45
C ARG B 298 15.06 7.54 -4.29
N TYR B 299 14.25 8.49 -3.82
CA TYR B 299 13.04 8.86 -4.54
C TYR B 299 13.36 9.61 -5.81
N VAL B 300 12.64 9.27 -6.88
CA VAL B 300 12.79 9.92 -8.18
C VAL B 300 11.41 10.30 -8.71
N LYS B 301 11.40 11.26 -9.63
CA LYS B 301 10.14 11.71 -10.21
C LYS B 301 9.59 10.72 -11.22
N GLN B 302 10.47 10.13 -12.02
CA GLN B 302 10.03 9.21 -13.06
C GLN B 302 9.43 7.95 -12.45
N ARG B 303 8.37 7.44 -13.08
CA ARG B 303 7.78 6.18 -12.62
C ARG B 303 8.57 4.98 -13.13
N SER B 304 9.24 5.10 -14.28
CA SER B 304 9.93 3.96 -14.88
C SER B 304 11.21 4.41 -15.55
N LEU B 305 12.28 3.64 -15.32
CA LEU B 305 13.58 3.87 -15.97
C LEU B 305 14.15 2.49 -16.30
N LEU B 306 13.94 2.04 -17.54
CA LEU B 306 14.27 0.67 -17.92
C LEU B 306 15.75 0.56 -18.25
N LEU B 307 16.44 -0.32 -17.53
CA LEU B 307 17.85 -0.61 -17.76
C LEU B 307 17.97 -1.78 -18.74
N ALA B 308 18.76 -1.58 -19.80
CA ALA B 308 18.95 -2.62 -20.80
C ALA B 308 19.84 -3.73 -20.25
N THR B 309 19.37 -4.97 -20.35
CA THR B 309 20.13 -6.14 -19.93
C THR B 309 20.47 -7.05 -21.12
N GLY B 310 20.33 -6.54 -22.34
CA GLY B 310 20.63 -7.31 -23.52
C GLY B 310 21.02 -6.40 -24.66
N MET B 311 21.37 -7.01 -25.79
CA MET B 311 21.81 -6.26 -26.96
C MET B 311 20.62 -5.57 -27.63
N LYS B 312 20.94 -4.75 -28.63
CA LYS B 312 19.90 -4.09 -29.41
C LYS B 312 19.13 -5.12 -30.22
N ASN B 313 17.81 -5.06 -30.12
CA ASN B 313 16.95 -6.04 -30.80
C ASN B 313 16.79 -5.64 -32.27
N VAL B 314 17.28 -6.49 -33.16
CA VAL B 314 17.17 -6.24 -34.60
C VAL B 314 16.48 -7.45 -35.25
N PRO B 315 15.16 -7.41 -35.44
CA PRO B 315 14.46 -8.54 -36.04
C PRO B 315 14.51 -8.49 -37.57
N GLU B 316 14.12 -9.59 -38.19
CA GLU B 316 14.11 -9.70 -39.64
C GLU B 316 12.92 -8.94 -40.22
N LEU B 323 28.52 1.48 -32.05
CA LEU B 323 29.86 2.04 -32.17
C LEU B 323 30.79 1.16 -33.01
N PHE B 324 30.50 -0.12 -33.07
CA PHE B 324 31.36 -1.08 -33.74
C PHE B 324 30.77 -1.62 -35.04
N GLY B 325 29.57 -1.16 -35.42
CA GLY B 325 29.01 -1.47 -36.71
C GLY B 325 28.67 -2.92 -36.97
N ALA B 326 28.75 -3.79 -35.95
CA ALA B 326 28.39 -5.21 -36.13
C ALA B 326 26.90 -5.40 -35.88
N ILE B 327 26.46 -5.19 -34.64
CA ILE B 327 25.04 -5.26 -34.32
C ILE B 327 24.34 -4.08 -34.99
N ALA B 328 23.29 -4.37 -35.76
CA ALA B 328 22.55 -3.36 -36.54
C ALA B 328 23.49 -2.59 -37.46
N GLY B 329 24.43 -3.30 -38.09
CA GLY B 329 25.37 -2.69 -39.00
C GLY B 329 25.57 -3.49 -40.26
N PHE B 330 26.81 -3.96 -40.51
CA PHE B 330 27.03 -4.78 -41.69
C PHE B 330 26.39 -6.15 -41.58
N ILE B 331 26.06 -6.58 -40.36
CA ILE B 331 25.19 -7.74 -40.17
C ILE B 331 23.75 -7.25 -40.28
N GLU B 332 22.98 -7.85 -41.19
CA GLU B 332 21.66 -7.32 -41.54
C GLU B 332 20.73 -7.28 -40.34
N ASN B 333 20.56 -8.42 -39.66
CA ASN B 333 19.66 -8.50 -38.53
C ASN B 333 20.06 -9.70 -37.67
N GLY B 334 19.24 -10.02 -36.67
CA GLY B 334 19.50 -11.12 -35.78
C GLY B 334 18.70 -12.36 -36.16
N TRP B 335 18.99 -13.45 -35.48
CA TRP B 335 18.37 -14.75 -35.73
C TRP B 335 17.42 -15.07 -34.58
N GLU B 336 16.13 -15.11 -34.88
CA GLU B 336 15.15 -15.47 -33.87
C GLU B 336 15.23 -16.94 -33.47
N GLY B 337 15.77 -17.79 -34.35
CA GLY B 337 15.96 -19.19 -34.00
C GLY B 337 17.12 -19.45 -33.07
N LEU B 338 18.03 -18.48 -32.93
CA LEU B 338 19.17 -18.62 -32.04
C LEU B 338 18.72 -18.49 -30.58
N ILE B 339 18.37 -19.61 -29.96
CA ILE B 339 17.94 -19.64 -28.56
C ILE B 339 18.97 -20.29 -27.66
N ASP B 340 20.13 -20.69 -28.21
CA ASP B 340 21.16 -21.35 -27.42
C ASP B 340 22.12 -20.36 -26.77
N GLY B 341 22.16 -19.12 -27.24
CA GLY B 341 23.07 -18.14 -26.68
C GLY B 341 22.84 -16.78 -27.30
N TRP B 342 23.84 -15.92 -27.17
CA TRP B 342 23.75 -14.57 -27.69
C TRP B 342 24.34 -14.44 -29.09
N TYR B 343 25.42 -15.17 -29.37
CA TYR B 343 26.05 -15.16 -30.68
C TYR B 343 26.20 -16.59 -31.16
N GLY B 344 26.11 -16.78 -32.48
CA GLY B 344 26.14 -18.12 -33.03
C GLY B 344 26.62 -18.15 -34.46
N PHE B 345 26.76 -19.38 -34.96
CA PHE B 345 27.22 -19.65 -36.31
C PHE B 345 26.10 -20.28 -37.13
N ARG B 346 26.14 -20.05 -38.44
CA ARG B 346 25.19 -20.67 -39.37
C ARG B 346 25.95 -20.95 -40.66
N HIS B 347 26.16 -22.23 -40.95
CA HIS B 347 27.01 -22.65 -42.05
C HIS B 347 26.19 -23.11 -43.25
N GLN B 348 26.86 -23.18 -44.40
CA GLN B 348 26.25 -23.64 -45.65
C GLN B 348 27.29 -24.47 -46.39
N ASN B 349 27.03 -25.75 -46.54
CA ASN B 349 27.92 -26.65 -47.27
C ASN B 349 27.07 -27.68 -48.02
N ALA B 350 27.73 -28.70 -48.55
CA ALA B 350 27.04 -29.72 -49.32
C ALA B 350 26.14 -30.60 -48.46
N GLN B 351 26.38 -30.66 -47.15
CA GLN B 351 25.58 -31.52 -46.29
C GLN B 351 24.25 -30.90 -45.90
N GLY B 352 24.12 -29.57 -45.98
CA GLY B 352 22.85 -28.93 -45.67
C GLY B 352 23.00 -27.60 -44.96
N GLU B 353 22.31 -27.47 -43.82
CA GLU B 353 22.31 -26.23 -43.04
C GLU B 353 22.70 -26.56 -41.60
N GLY B 354 22.96 -25.50 -40.83
CA GLY B 354 23.32 -25.67 -39.44
C GLY B 354 23.53 -24.37 -38.68
N THR B 355 22.95 -24.28 -37.49
CA THR B 355 23.10 -23.12 -36.62
C THR B 355 23.49 -23.61 -35.23
N ALA B 356 24.56 -23.01 -34.67
CA ALA B 356 25.01 -23.38 -33.34
C ALA B 356 25.04 -22.16 -32.42
N ALA B 357 26.00 -22.12 -31.50
CA ALA B 357 26.14 -20.99 -30.59
C ALA B 357 27.55 -20.98 -30.03
N ASP B 358 28.02 -19.79 -29.68
CA ASP B 358 29.35 -19.58 -29.12
C ASP B 358 29.21 -19.26 -27.64
N TYR B 359 29.89 -20.04 -26.80
CA TYR B 359 29.73 -19.91 -25.36
C TYR B 359 30.59 -18.80 -24.77
N LYS B 360 31.77 -18.55 -25.37
CA LYS B 360 32.70 -17.61 -24.76
C LYS B 360 32.23 -16.16 -24.92
N SER B 361 31.78 -15.79 -26.12
CA SER B 361 31.30 -14.44 -26.33
C SER B 361 30.00 -14.18 -25.57
N THR B 362 29.03 -15.09 -25.70
CA THR B 362 27.78 -14.98 -24.96
C THR B 362 28.03 -14.87 -23.46
N GLN B 363 28.90 -15.74 -22.94
CA GLN B 363 29.19 -15.70 -21.51
C GLN B 363 29.92 -14.42 -21.12
N SER B 364 30.73 -13.87 -22.02
CA SER B 364 31.42 -12.62 -21.73
C SER B 364 30.43 -11.46 -21.60
N ALA B 365 29.56 -11.30 -22.60
CA ALA B 365 28.57 -10.22 -22.53
C ALA B 365 27.62 -10.41 -21.35
N ILE B 366 27.18 -11.65 -21.11
CA ILE B 366 26.25 -11.92 -20.01
C ILE B 366 26.92 -11.61 -18.67
N ASP B 367 28.20 -11.97 -18.52
CA ASP B 367 28.89 -11.68 -17.27
C ASP B 367 29.12 -10.18 -17.10
N GLN B 368 29.34 -9.46 -18.19
CA GLN B 368 29.53 -8.01 -18.08
C GLN B 368 28.24 -7.32 -17.66
N ILE B 369 27.12 -7.63 -18.34
CA ILE B 369 25.84 -7.04 -17.96
C ILE B 369 25.46 -7.47 -16.55
N THR B 370 25.79 -8.71 -16.17
CA THR B 370 25.57 -9.16 -14.81
C THR B 370 26.36 -8.31 -13.83
N GLY B 371 27.60 -7.95 -14.18
CA GLY B 371 28.37 -7.04 -13.36
C GLY B 371 27.69 -5.69 -13.21
N LYS B 372 27.13 -5.17 -14.31
CA LYS B 372 26.37 -3.93 -14.24
C LYS B 372 25.20 -4.05 -13.27
N LEU B 373 24.45 -5.15 -13.36
CA LEU B 373 23.30 -5.33 -12.48
C LEU B 373 23.71 -5.44 -11.02
N ASN B 374 24.79 -6.17 -10.75
CA ASN B 374 25.28 -6.27 -9.38
C ASN B 374 25.75 -4.92 -8.86
N ARG B 375 26.29 -4.07 -9.73
CA ARG B 375 26.79 -2.78 -9.27
C ARG B 375 25.65 -1.78 -9.04
N LEU B 376 24.61 -1.82 -9.90
CA LEU B 376 23.52 -0.86 -9.78
C LEU B 376 22.56 -1.26 -8.67
N ILE B 377 22.16 -2.53 -8.61
CA ILE B 377 21.28 -3.02 -7.56
C ILE B 377 22.04 -3.06 -6.25
N GLU B 378 22.00 -1.94 -5.51
CA GLU B 378 22.76 -1.80 -4.28
C GLU B 378 21.87 -1.22 -3.18
N LYS B 379 22.13 -1.64 -1.95
CA LYS B 379 21.37 -1.18 -0.80
C LYS B 379 22.14 -0.09 -0.07
N THR B 380 21.53 1.09 0.05
CA THR B 380 22.09 2.16 0.85
C THR B 380 21.92 1.85 2.34
N ASN B 381 22.92 2.20 3.14
CA ASN B 381 22.89 1.92 4.56
C ASN B 381 22.63 3.15 5.42
N GLN B 382 22.61 4.35 4.84
CA GLN B 382 22.30 5.54 5.60
C GLN B 382 20.82 5.60 5.94
N GLN B 383 20.51 5.84 7.20
CA GLN B 383 19.14 5.93 7.67
C GLN B 383 18.75 7.41 7.80
N PHE B 384 17.56 7.74 7.30
CA PHE B 384 17.00 9.08 7.40
C PHE B 384 15.78 9.06 8.30
N GLU B 385 15.74 9.99 9.25
CA GLU B 385 14.65 10.06 10.21
C GLU B 385 13.52 10.93 9.68
N LEU B 386 12.47 11.05 10.48
CA LEU B 386 11.30 11.85 10.12
C LEU B 386 11.49 13.27 10.63
N ILE B 387 11.54 14.23 9.70
CA ILE B 387 11.61 15.65 10.05
C ILE B 387 10.33 16.40 9.74
N ASP B 388 9.42 15.80 8.98
CA ASP B 388 8.10 16.37 8.73
C ASP B 388 7.09 15.74 9.66
N ASN B 389 5.81 16.07 9.45
CA ASN B 389 4.73 15.49 10.24
C ASN B 389 3.48 15.51 9.37
N GLU B 390 2.99 14.32 9.01
CA GLU B 390 1.83 14.21 8.15
C GLU B 390 0.52 14.52 8.87
N PHE B 391 0.50 14.41 10.19
CA PHE B 391 -0.73 14.59 10.96
C PHE B 391 -0.90 16.02 11.44
N THR B 392 0.15 16.62 12.01
CA THR B 392 0.12 17.99 12.50
C THR B 392 1.25 18.75 11.81
N GLU B 393 0.89 19.64 10.88
CA GLU B 393 1.89 20.34 10.09
C GLU B 393 2.80 21.17 10.97
N VAL B 394 4.09 21.20 10.62
CA VAL B 394 5.09 21.93 11.36
C VAL B 394 5.01 23.41 11.01
N GLU B 395 5.93 24.21 11.58
CA GLU B 395 5.98 25.64 11.30
C GLU B 395 6.04 25.91 9.80
N LYS B 396 5.35 26.97 9.37
CA LYS B 396 5.21 27.25 7.94
C LYS B 396 6.56 27.57 7.30
N GLN B 397 7.38 28.37 7.97
CA GLN B 397 8.65 28.79 7.37
C GLN B 397 9.63 27.63 7.26
N ILE B 398 9.91 26.96 8.39
CA ILE B 398 10.81 25.82 8.35
C ILE B 398 10.21 24.69 7.52
N GLY B 399 8.88 24.64 7.42
CA GLY B 399 8.25 23.69 6.53
C GLY B 399 8.53 23.99 5.07
N ASN B 400 8.53 25.27 4.70
CA ASN B 400 8.89 25.65 3.33
C ASN B 400 10.35 25.39 3.05
N VAL B 401 11.22 25.58 4.05
CA VAL B 401 12.63 25.27 3.87
C VAL B 401 12.82 23.76 3.67
N ILE B 402 12.13 22.95 4.48
CA ILE B 402 12.25 21.50 4.39
C ILE B 402 11.73 21.00 3.04
N ASN B 403 10.56 21.48 2.63
CA ASN B 403 10.02 21.09 1.34
C ASN B 403 10.92 21.54 0.20
N TRP B 404 11.52 22.73 0.33
CA TRP B 404 12.44 23.23 -0.68
C TRP B 404 13.66 22.33 -0.82
N THR B 405 14.27 21.97 0.31
CA THR B 405 15.45 21.09 0.27
C THR B 405 15.09 19.72 -0.27
N ARG B 406 13.96 19.16 0.16
CA ARG B 406 13.55 17.85 -0.33
C ARG B 406 13.31 17.88 -1.84
N ASP B 407 12.73 18.97 -2.34
CA ASP B 407 12.52 19.08 -3.78
C ASP B 407 13.84 19.19 -4.53
N SER B 408 14.80 19.92 -3.96
CA SER B 408 16.12 20.02 -4.59
C SER B 408 16.80 18.66 -4.66
N ILE B 409 16.79 17.92 -3.56
CA ILE B 409 17.40 16.59 -3.54
C ILE B 409 16.68 15.66 -4.51
N THR B 410 15.35 15.76 -4.58
CA THR B 410 14.59 14.94 -5.52
C THR B 410 14.98 15.25 -6.97
N GLU B 411 15.22 16.53 -7.27
CA GLU B 411 15.70 16.88 -8.60
C GLU B 411 17.06 16.28 -8.88
N VAL B 412 17.97 16.35 -7.89
CA VAL B 412 19.31 15.81 -8.07
C VAL B 412 19.26 14.33 -8.35
N TRP B 413 18.51 13.58 -7.53
CA TRP B 413 18.46 12.12 -7.72
C TRP B 413 17.70 11.74 -8.98
N SER B 414 16.72 12.54 -9.40
CA SER B 414 16.05 12.26 -10.68
C SER B 414 17.00 12.43 -11.85
N TYR B 415 17.81 13.49 -11.83
CA TYR B 415 18.82 13.69 -12.86
C TYR B 415 19.83 12.55 -12.87
N ASN B 416 20.38 12.22 -11.70
CA ASN B 416 21.36 11.14 -11.61
C ASN B 416 20.77 9.82 -12.10
N ALA B 417 19.51 9.54 -11.76
CA ALA B 417 18.88 8.29 -12.18
C ALA B 417 18.73 8.23 -13.70
N GLU B 418 18.15 9.29 -14.29
CA GLU B 418 17.92 9.27 -15.73
C GLU B 418 19.23 9.18 -16.50
N LEU B 419 20.20 10.04 -16.14
CA LEU B 419 21.50 10.02 -16.81
C LEU B 419 22.18 8.66 -16.64
N LEU B 420 22.10 8.08 -15.44
CA LEU B 420 22.71 6.78 -15.20
C LEU B 420 22.11 5.71 -16.10
N VAL B 421 20.77 5.64 -16.15
CA VAL B 421 20.13 4.60 -16.95
C VAL B 421 20.48 4.77 -18.43
N ALA B 422 20.38 6.01 -18.94
CA ALA B 422 20.68 6.24 -20.35
C ALA B 422 22.13 5.86 -20.68
N MET B 423 23.06 6.26 -19.82
CA MET B 423 24.48 5.97 -20.07
C MET B 423 24.74 4.47 -20.05
N GLU B 424 24.23 3.77 -19.03
CA GLU B 424 24.43 2.33 -18.93
C GLU B 424 23.83 1.61 -20.13
N ASN B 425 22.69 2.09 -20.62
CA ASN B 425 22.11 1.51 -21.83
C ASN B 425 23.03 1.71 -23.02
N GLN B 426 23.59 2.91 -23.17
CA GLN B 426 24.53 3.18 -24.25
C GLN B 426 25.71 2.22 -24.20
N HIS B 427 26.40 2.15 -23.05
CA HIS B 427 27.57 1.30 -22.93
C HIS B 427 27.23 -0.17 -23.05
N THR B 428 25.99 -0.55 -22.71
CA THR B 428 25.58 -1.95 -22.86
C THR B 428 25.42 -2.31 -24.34
N ILE B 429 24.71 -1.47 -25.09
CA ILE B 429 24.54 -1.72 -26.52
C ILE B 429 25.90 -1.75 -27.22
N ASP B 430 26.72 -0.73 -26.96
CA ASP B 430 28.05 -0.70 -27.56
C ASP B 430 28.91 -1.88 -27.11
N LEU B 431 28.66 -2.37 -25.88
CA LEU B 431 29.41 -3.51 -25.38
C LEU B 431 29.09 -4.78 -26.16
N ALA B 432 27.79 -5.08 -26.32
CA ALA B 432 27.41 -6.25 -27.11
C ALA B 432 27.88 -6.11 -28.55
N ASP B 433 27.79 -4.91 -29.12
CA ASP B 433 28.32 -4.66 -30.45
C ASP B 433 29.80 -5.02 -30.52
N SER B 434 30.57 -4.59 -29.51
CA SER B 434 31.99 -4.90 -29.47
C SER B 434 32.24 -6.40 -29.39
N GLU B 435 31.41 -7.12 -28.62
CA GLU B 435 31.59 -8.57 -28.52
C GLU B 435 31.36 -9.24 -29.86
N MET B 436 30.29 -8.85 -30.56
CA MET B 436 30.05 -9.39 -31.90
C MET B 436 31.23 -9.12 -32.83
N ASP B 437 31.75 -7.88 -32.82
CA ASP B 437 32.88 -7.55 -33.68
C ASP B 437 34.10 -8.39 -33.32
N LYS B 438 34.33 -8.62 -32.02
CA LYS B 438 35.49 -9.41 -31.60
C LYS B 438 35.38 -10.85 -32.08
N LEU B 439 34.19 -11.45 -31.94
CA LEU B 439 34.00 -12.80 -32.48
C LEU B 439 34.25 -12.83 -33.98
N TYR B 440 33.72 -11.83 -34.71
CA TYR B 440 33.88 -11.79 -36.16
C TYR B 440 35.36 -11.74 -36.55
N GLU B 441 36.10 -10.76 -36.01
CA GLU B 441 37.52 -10.66 -36.35
C GLU B 441 38.29 -11.90 -35.91
N ARG B 442 37.87 -12.54 -34.82
CA ARG B 442 38.52 -13.77 -34.39
C ARG B 442 38.37 -14.87 -35.44
N VAL B 443 37.15 -15.03 -35.97
CA VAL B 443 36.95 -16.03 -37.02
C VAL B 443 37.73 -15.67 -38.28
N LYS B 444 37.77 -14.37 -38.62
CA LYS B 444 38.51 -13.94 -39.79
C LYS B 444 39.99 -14.29 -39.67
N ARG B 445 40.59 -14.02 -38.51
CA ARG B 445 41.99 -14.39 -38.31
C ARG B 445 42.16 -15.90 -38.23
N GLN B 446 41.10 -16.62 -37.84
CA GLN B 446 41.16 -18.08 -37.86
C GLN B 446 41.28 -18.61 -39.28
N LEU B 447 40.51 -18.05 -40.22
CA LEU B 447 40.42 -18.62 -41.56
C LEU B 447 41.63 -18.28 -42.43
N ARG B 448 42.41 -17.28 -42.07
CA ARG B 448 43.64 -16.90 -42.81
C ARG B 448 43.23 -16.55 -44.24
N GLU B 449 44.03 -16.95 -45.24
CA GLU B 449 43.74 -16.68 -46.64
C GLU B 449 42.82 -17.72 -47.26
N ASN B 450 42.23 -18.60 -46.46
CA ASN B 450 41.38 -19.67 -46.98
C ASN B 450 39.94 -19.22 -47.21
N ALA B 451 39.54 -18.05 -46.69
CA ALA B 451 38.19 -17.55 -46.85
C ALA B 451 38.24 -16.05 -47.10
N GLU B 452 37.18 -15.53 -47.71
CA GLU B 452 37.07 -14.12 -48.03
C GLU B 452 35.81 -13.55 -47.40
N GLU B 453 35.93 -12.32 -46.87
CA GLU B 453 34.78 -11.63 -46.30
C GLU B 453 33.76 -11.33 -47.37
N ASP B 454 32.53 -11.80 -47.17
CA ASP B 454 31.47 -11.52 -48.13
C ASP B 454 30.97 -10.08 -48.02
N GLY B 455 31.04 -9.50 -46.82
CA GLY B 455 30.56 -8.15 -46.57
C GLY B 455 29.35 -8.07 -45.67
N THR B 456 28.58 -9.15 -45.57
CA THR B 456 27.37 -9.18 -44.75
C THR B 456 27.55 -10.00 -43.48
N GLY B 457 28.80 -10.18 -43.02
CA GLY B 457 29.07 -10.96 -41.84
C GLY B 457 29.32 -12.43 -42.07
N CYS B 458 29.49 -12.86 -43.32
CA CYS B 458 29.78 -14.24 -43.64
C CYS B 458 31.21 -14.36 -44.15
N PHE B 459 31.63 -15.61 -44.32
CA PHE B 459 32.96 -15.92 -44.84
C PHE B 459 32.80 -16.98 -45.94
N GLU B 460 33.23 -16.63 -47.16
CA GLU B 460 33.25 -17.58 -48.26
C GLU B 460 34.50 -18.42 -48.13
N ILE B 461 34.32 -19.70 -47.82
CA ILE B 461 35.42 -20.65 -47.68
C ILE B 461 35.76 -21.18 -49.07
N PHE B 462 36.98 -20.88 -49.53
CA PHE B 462 37.45 -21.27 -50.87
C PHE B 462 38.00 -22.69 -50.91
N HIS B 463 37.54 -23.57 -50.02
CA HIS B 463 37.91 -24.99 -50.07
C HIS B 463 36.73 -25.81 -49.56
N LYS B 464 36.93 -27.13 -49.48
CA LYS B 464 35.90 -28.03 -48.97
C LYS B 464 35.95 -28.06 -47.44
N CYS B 465 34.83 -27.71 -46.81
CA CYS B 465 34.73 -27.67 -45.35
C CYS B 465 33.42 -28.35 -44.96
N ASP B 466 33.52 -29.62 -44.57
CA ASP B 466 32.35 -30.39 -44.18
C ASP B 466 31.98 -30.09 -42.72
N ASP B 467 31.16 -30.97 -42.11
CA ASP B 467 30.67 -30.69 -40.76
C ASP B 467 31.79 -30.74 -39.74
N ASP B 468 32.71 -31.70 -39.86
CA ASP B 468 33.84 -31.75 -38.93
C ASP B 468 34.74 -30.52 -39.08
N CYS B 469 34.88 -30.01 -40.31
CA CYS B 469 35.68 -28.80 -40.51
C CYS B 469 34.98 -27.58 -39.93
N MET B 470 33.66 -27.45 -40.16
CA MET B 470 32.91 -26.37 -39.53
C MET B 470 33.00 -26.44 -38.02
N ALA B 471 32.94 -27.66 -37.46
CA ALA B 471 33.13 -27.83 -36.03
C ALA B 471 34.52 -27.40 -35.60
N SER B 472 35.53 -27.66 -36.43
CA SER B 472 36.88 -27.19 -36.13
C SER B 472 36.95 -25.67 -36.13
N ILE B 473 36.17 -25.01 -36.98
CA ILE B 473 36.13 -23.55 -36.98
C ILE B 473 35.44 -23.04 -35.73
N ARG B 474 34.34 -23.69 -35.32
CA ARG B 474 33.54 -23.19 -34.21
C ARG B 474 34.18 -23.46 -32.86
N ASN B 475 34.97 -24.53 -32.73
CA ASN B 475 35.64 -24.84 -31.47
C ASN B 475 37.10 -24.41 -31.46
N ASN B 476 37.51 -23.60 -32.45
CA ASN B 476 38.84 -22.99 -32.49
C ASN B 476 39.95 -24.03 -32.66
N THR B 477 39.80 -24.87 -33.69
CA THR B 477 40.81 -25.88 -34.04
C THR B 477 40.92 -26.01 -35.55
N TYR B 478 40.91 -24.89 -36.27
CA TYR B 478 40.99 -24.88 -37.72
C TYR B 478 42.43 -24.54 -38.12
N ASP B 479 43.17 -25.56 -38.55
CA ASP B 479 44.52 -25.36 -39.08
C ASP B 479 44.42 -24.87 -40.52
N HIS B 480 44.86 -23.62 -40.75
CA HIS B 480 44.74 -23.05 -42.09
C HIS B 480 45.69 -23.69 -43.09
N SER B 481 46.86 -24.14 -42.62
CA SER B 481 47.82 -24.78 -43.52
C SER B 481 47.27 -26.08 -44.11
N LYS B 482 46.26 -26.68 -43.47
CA LYS B 482 45.68 -27.90 -43.98
C LYS B 482 44.93 -27.66 -45.29
N TYR B 483 44.38 -26.46 -45.48
CA TYR B 483 43.59 -26.13 -46.66
C TYR B 483 44.15 -24.97 -47.47
N ARG B 484 45.32 -24.44 -47.10
CA ARG B 484 45.85 -23.27 -47.79
C ARG B 484 46.11 -23.55 -49.26
N GLU B 485 46.72 -24.70 -49.55
CA GLU B 485 47.07 -25.03 -50.94
C GLU B 485 45.85 -25.20 -51.82
N GLU B 486 44.74 -25.70 -51.28
CA GLU B 486 43.53 -25.85 -52.07
C GLU B 486 42.77 -24.53 -52.18
N ALA B 487 42.80 -23.72 -51.12
CA ALA B 487 42.06 -22.46 -51.11
C ALA B 487 42.78 -21.34 -51.87
N MET B 488 44.06 -21.51 -52.20
CA MET B 488 44.77 -20.45 -52.90
C MET B 488 44.35 -20.35 -54.37
N GLN B 489 44.32 -21.48 -55.08
CA GLN B 489 44.03 -21.43 -56.51
C GLN B 489 42.57 -21.09 -56.80
N ASN B 490 41.67 -21.39 -55.88
CA ASN B 490 40.24 -21.14 -56.10
C ASN B 490 39.91 -19.66 -55.88
N ASP C 1 13.58 -72.96 6.69
CA ASP C 1 13.85 -71.68 7.35
C ASP C 1 13.28 -70.52 6.54
N LYS C 2 12.42 -69.73 7.18
CA LYS C 2 11.77 -68.61 6.52
C LYS C 2 11.64 -67.45 7.48
N ILE C 3 11.44 -66.25 6.92
CA ILE C 3 11.18 -65.06 7.73
C ILE C 3 10.02 -64.30 7.09
N CYS C 4 8.98 -64.03 7.86
CA CYS C 4 7.75 -63.44 7.35
C CYS C 4 7.59 -62.01 7.84
N LEU C 5 6.95 -61.18 7.02
CA LEU C 5 6.62 -59.80 7.37
C LEU C 5 5.13 -59.69 7.62
N GLY C 6 4.75 -58.88 8.60
CA GLY C 6 3.33 -58.76 8.90
C GLY C 6 2.99 -57.46 9.60
N HIS C 7 1.69 -57.25 9.73
CA HIS C 7 1.12 -56.08 10.40
C HIS C 7 0.19 -56.53 11.51
N HIS C 8 -0.04 -55.63 12.46
CA HIS C 8 -0.87 -55.96 13.60
C HIS C 8 -2.35 -55.98 13.21
N ALA C 9 -3.18 -56.42 14.14
CA ALA C 9 -4.63 -56.45 13.94
C ALA C 9 -5.31 -56.58 15.29
N VAL C 10 -6.62 -56.28 15.30
CA VAL C 10 -7.43 -56.42 16.49
C VAL C 10 -8.66 -57.25 16.13
N SER C 11 -9.30 -57.80 17.16
CA SER C 11 -10.46 -58.65 16.94
C SER C 11 -11.64 -57.84 16.40
N ASN C 12 -11.96 -56.73 17.06
CA ASN C 12 -13.06 -55.86 16.66
C ASN C 12 -12.50 -54.48 16.35
N GLY C 13 -12.50 -54.12 15.06
CA GLY C 13 -12.05 -52.81 14.63
C GLY C 13 -13.19 -51.80 14.61
N THR C 14 -12.89 -50.66 14.01
CA THR C 14 -13.85 -49.55 13.91
C THR C 14 -14.09 -49.25 12.44
N LYS C 15 -15.36 -49.22 12.04
CA LYS C 15 -15.72 -49.01 10.65
C LYS C 15 -15.73 -47.51 10.33
N VAL C 16 -15.11 -47.15 9.20
CA VAL C 16 -15.06 -45.77 8.74
C VAL C 16 -15.46 -45.74 7.27
N ASN C 17 -15.59 -44.53 6.74
CA ASN C 17 -15.92 -44.31 5.34
C ASN C 17 -14.74 -43.73 4.59
N THR C 18 -14.53 -44.19 3.37
CA THR C 18 -13.43 -43.74 2.53
C THR C 18 -13.98 -43.17 1.23
N LEU C 19 -13.06 -42.65 0.41
CA LEU C 19 -13.43 -42.08 -0.89
C LEU C 19 -14.05 -43.12 -1.81
N THR C 20 -13.84 -44.41 -1.55
CA THR C 20 -14.25 -45.45 -2.47
C THR C 20 -14.99 -46.61 -1.81
N GLU C 21 -15.18 -46.58 -0.49
CA GLU C 21 -15.78 -47.72 0.20
C GLU C 21 -16.38 -47.23 1.52
N ARG C 22 -17.57 -47.74 1.83
CA ARG C 22 -18.25 -47.45 3.09
C ARG C 22 -18.19 -48.66 4.00
N GLY C 23 -17.80 -48.45 5.25
CA GLY C 23 -17.72 -49.53 6.21
C GLY C 23 -16.40 -50.26 6.25
N VAL C 24 -15.30 -49.57 5.98
CA VAL C 24 -13.97 -50.18 6.03
C VAL C 24 -13.52 -50.27 7.48
N GLU C 25 -13.23 -51.48 7.94
CA GLU C 25 -12.74 -51.69 9.29
C GLU C 25 -11.28 -51.26 9.37
N VAL C 26 -10.97 -50.35 10.29
CA VAL C 26 -9.60 -49.95 10.58
C VAL C 26 -9.33 -50.25 12.05
N VAL C 27 -8.04 -50.28 12.39
CA VAL C 27 -7.64 -50.67 13.74
C VAL C 27 -8.11 -49.64 14.76
N ASN C 28 -7.98 -48.36 14.45
CA ASN C 28 -8.36 -47.30 15.38
C ASN C 28 -8.98 -46.15 14.61
N ALA C 29 -9.79 -45.37 15.32
CA ALA C 29 -10.45 -44.20 14.74
C ALA C 29 -10.78 -43.23 15.87
N THR C 30 -11.06 -41.99 15.50
CA THR C 30 -11.41 -40.96 16.47
C THR C 30 -12.51 -40.08 15.88
N GLU C 31 -13.30 -39.47 16.76
CA GLU C 31 -14.41 -38.64 16.34
C GLU C 31 -13.95 -37.25 15.94
N THR C 32 -14.61 -36.69 14.93
CA THR C 32 -14.36 -35.32 14.49
C THR C 32 -15.55 -34.38 14.67
N VAL C 33 -16.73 -34.90 14.94
CA VAL C 33 -17.93 -34.10 15.11
C VAL C 33 -18.32 -34.12 16.59
N GLU C 34 -18.28 -32.96 17.23
CA GLU C 34 -18.56 -32.87 18.66
C GLU C 34 -20.05 -32.94 18.91
N ARG C 35 -20.43 -33.72 19.94
CA ARG C 35 -21.83 -33.82 20.34
C ARG C 35 -22.00 -33.52 21.83
N THR C 36 -20.97 -33.82 22.62
CA THR C 36 -21.04 -33.56 24.04
C THR C 36 -20.95 -32.07 24.33
N ASN C 37 -21.80 -31.59 25.24
CA ASN C 37 -21.86 -30.20 25.60
C ASN C 37 -22.01 -30.06 27.10
N ILE C 38 -21.42 -29.01 27.66
CA ILE C 38 -21.55 -28.69 29.07
C ILE C 38 -22.82 -27.85 29.25
N PRO C 39 -23.78 -28.31 30.04
CA PRO C 39 -25.05 -27.57 30.16
C PRO C 39 -24.98 -26.36 31.06
N ARG C 40 -23.84 -25.65 31.03
CA ARG C 40 -23.64 -24.45 31.83
C ARG C 40 -22.88 -23.44 31.00
N ILE C 41 -22.95 -22.17 31.43
CA ILE C 41 -22.25 -21.08 30.75
C ILE C 41 -20.89 -20.94 31.42
N CYS C 42 -19.86 -21.48 30.78
CA CYS C 42 -18.50 -21.45 31.30
C CYS C 42 -17.91 -20.08 31.05
N SER C 43 -17.85 -19.24 32.08
CA SER C 43 -17.29 -17.89 31.98
C SER C 43 -16.24 -17.69 33.07
N LYS C 44 -15.25 -18.58 33.08
CA LYS C 44 -14.12 -18.47 33.99
C LYS C 44 -13.20 -17.35 33.55
N GLY C 45 -13.01 -16.35 34.41
CA GLY C 45 -12.13 -15.25 34.09
C GLY C 45 -12.62 -14.38 32.95
N LYS C 46 -13.93 -14.10 32.93
CA LYS C 46 -14.50 -13.27 31.88
C LYS C 46 -15.37 -12.14 32.40
N ARG C 47 -15.54 -12.02 33.72
CA ARG C 47 -16.40 -10.99 34.31
C ARG C 47 -17.80 -11.00 33.68
N THR C 48 -18.63 -11.96 34.06
CA THR C 48 -19.95 -12.08 33.48
C THR C 48 -20.93 -11.11 34.15
N VAL C 49 -21.99 -10.78 33.42
CA VAL C 49 -23.10 -9.99 33.95
C VAL C 49 -24.38 -10.65 33.45
N ASP C 50 -25.12 -11.27 34.36
CA ASP C 50 -26.38 -11.93 34.03
C ASP C 50 -27.52 -10.93 34.20
N LEU C 51 -28.18 -10.60 33.10
CA LEU C 51 -29.24 -9.59 33.14
C LEU C 51 -30.45 -10.08 33.92
N GLY C 52 -30.80 -11.34 33.77
CA GLY C 52 -31.94 -11.87 34.52
C GLY C 52 -33.23 -11.28 34.01
N GLN C 53 -34.03 -10.72 34.93
CA GLN C 53 -35.29 -10.09 34.56
C GLN C 53 -35.10 -8.77 33.81
N CYS C 54 -33.89 -8.23 33.80
CA CYS C 54 -33.63 -6.99 33.08
C CYS C 54 -33.39 -7.27 31.61
N GLY C 55 -33.98 -6.43 30.76
CA GLY C 55 -33.77 -6.52 29.33
C GLY C 55 -32.55 -5.73 28.89
N LEU C 56 -31.96 -6.16 27.78
CA LEU C 56 -30.72 -5.54 27.30
C LEU C 56 -30.95 -4.08 26.92
N LEU C 57 -32.08 -3.78 26.28
CA LEU C 57 -32.33 -2.38 25.91
C LEU C 57 -32.72 -1.53 27.11
N GLY C 58 -33.40 -2.12 28.08
CA GLY C 58 -33.80 -1.37 29.27
C GLY C 58 -32.63 -0.75 30.00
N THR C 59 -31.44 -1.36 29.90
CA THR C 59 -30.27 -0.81 30.54
C THR C 59 -29.92 0.60 30.04
N ILE C 60 -30.51 1.02 28.93
CA ILE C 60 -30.32 2.39 28.48
C ILE C 60 -31.42 3.31 29.03
N THR C 61 -32.64 2.82 29.18
CA THR C 61 -33.74 3.62 29.71
C THR C 61 -33.86 3.52 31.22
N GLY C 62 -33.74 2.32 31.76
CA GLY C 62 -33.67 2.13 33.20
C GLY C 62 -35.02 1.87 33.87
N PRO C 63 -35.62 0.71 33.59
CA PRO C 63 -36.78 0.28 34.36
C PRO C 63 -36.35 -0.21 35.72
N PRO C 64 -37.28 -0.47 36.64
CA PRO C 64 -36.88 -0.95 37.98
C PRO C 64 -36.03 -2.21 37.96
N GLN C 65 -36.24 -3.11 37.00
CA GLN C 65 -35.47 -4.34 36.95
C GLN C 65 -34.06 -4.15 36.41
N CYS C 66 -33.75 -3.00 35.81
CA CYS C 66 -32.42 -2.71 35.30
C CYS C 66 -31.70 -1.64 36.12
N ASP C 67 -32.06 -1.48 37.38
CA ASP C 67 -31.48 -0.41 38.20
C ASP C 67 -30.01 -0.66 38.48
N GLN C 68 -29.60 -1.92 38.65
CA GLN C 68 -28.20 -2.24 38.94
C GLN C 68 -27.35 -2.37 37.68
N PHE C 69 -27.96 -2.33 36.50
CA PHE C 69 -27.23 -2.47 35.23
C PHE C 69 -27.16 -1.17 34.45
N LEU C 70 -27.32 -0.02 35.13
CA LEU C 70 -27.32 1.25 34.44
C LEU C 70 -25.94 1.62 33.92
N GLU C 71 -24.88 1.14 34.58
CA GLU C 71 -23.52 1.37 34.14
C GLU C 71 -22.70 0.08 34.26
N PHE C 72 -23.25 -1.00 33.75
CA PHE C 72 -22.61 -2.31 33.89
C PHE C 72 -21.33 -2.37 33.03
N SER C 73 -20.52 -3.39 33.32
CA SER C 73 -19.28 -3.61 32.59
C SER C 73 -18.99 -5.10 32.60
N ALA C 74 -18.75 -5.67 31.42
CA ALA C 74 -18.55 -7.11 31.31
C ALA C 74 -17.87 -7.43 29.99
N ASP C 75 -17.35 -8.65 29.91
CA ASP C 75 -16.87 -9.21 28.66
C ASP C 75 -17.82 -10.24 28.07
N LEU C 76 -18.79 -10.71 28.85
CA LEU C 76 -19.80 -11.66 28.39
C LEU C 76 -21.15 -11.22 28.94
N ILE C 77 -22.07 -10.88 28.04
CA ILE C 77 -23.40 -10.43 28.40
C ILE C 77 -24.39 -11.55 28.13
N ILE C 78 -25.15 -11.93 29.15
CA ILE C 78 -26.11 -13.03 29.06
C ILE C 78 -27.52 -12.45 29.14
N GLU C 79 -28.31 -12.69 28.10
CA GLU C 79 -29.71 -12.32 28.09
C GLU C 79 -30.57 -13.52 28.47
N ARG C 80 -31.58 -13.28 29.29
CA ARG C 80 -32.49 -14.31 29.73
C ARG C 80 -33.87 -14.13 29.08
N ARG C 81 -34.62 -15.23 29.00
CA ARG C 81 -35.94 -15.18 28.39
C ARG C 81 -36.91 -14.34 29.20
N GLU C 82 -36.68 -14.20 30.52
CA GLU C 82 -37.53 -13.40 31.37
C GLU C 82 -37.16 -11.92 31.35
N GLY C 83 -36.17 -11.53 30.55
CA GLY C 83 -35.77 -10.14 30.52
C GLY C 83 -36.80 -9.27 29.84
N SER C 84 -36.97 -8.05 30.35
CA SER C 84 -37.93 -7.09 29.83
C SER C 84 -37.25 -5.74 29.68
N ASP C 85 -37.41 -5.12 28.51
CA ASP C 85 -36.79 -3.82 28.24
C ASP C 85 -37.58 -2.66 28.84
N VAL C 86 -38.84 -2.88 29.21
CA VAL C 86 -39.73 -1.79 29.59
C VAL C 86 -40.50 -2.16 30.85
N CYS C 87 -40.86 -1.14 31.62
CA CYS C 87 -41.82 -1.26 32.71
C CYS C 87 -43.18 -0.72 32.30
N TYR C 88 -43.21 0.46 31.69
CA TYR C 88 -44.40 0.96 31.02
C TYR C 88 -44.52 0.30 29.65
N PRO C 89 -45.72 -0.10 29.24
CA PRO C 89 -45.87 -0.84 27.97
C PRO C 89 -45.32 -0.06 26.78
N GLY C 90 -44.47 -0.71 26.01
CA GLY C 90 -43.85 -0.08 24.85
C GLY C 90 -42.80 -0.98 24.27
N LYS C 91 -42.09 -0.46 23.27
CA LYS C 91 -41.04 -1.21 22.60
C LYS C 91 -40.05 -0.22 21.99
N PHE C 92 -39.02 -0.76 21.34
CA PHE C 92 -37.98 0.01 20.69
C PHE C 92 -38.13 -0.07 19.18
N VAL C 93 -37.64 0.97 18.50
CA VAL C 93 -37.51 0.97 17.05
C VAL C 93 -36.07 0.63 16.69
N ASN C 94 -35.90 -0.25 15.71
CA ASN C 94 -34.60 -0.84 15.40
C ASN C 94 -34.01 -1.50 16.65
N GLU C 95 -34.85 -2.28 17.33
CA GLU C 95 -34.46 -2.88 18.60
C GLU C 95 -33.33 -3.89 18.42
N GLU C 96 -33.38 -4.68 17.34
CA GLU C 96 -32.38 -5.72 17.16
C GLU C 96 -31.00 -5.14 16.87
N ALA C 97 -30.94 -4.08 16.07
CA ALA C 97 -29.66 -3.42 15.81
C ALA C 97 -29.06 -2.86 17.09
N LEU C 98 -29.89 -2.25 17.94
CA LEU C 98 -29.38 -1.72 19.21
C LEU C 98 -28.93 -2.84 20.13
N ARG C 99 -29.65 -3.96 20.14
CA ARG C 99 -29.21 -5.11 20.93
C ARG C 99 -27.85 -5.61 20.45
N GLN C 100 -27.66 -5.72 19.14
CA GLN C 100 -26.37 -6.14 18.61
C GLN C 100 -25.28 -5.13 18.93
N ILE C 101 -25.62 -3.84 18.98
CA ILE C 101 -24.63 -2.84 19.38
C ILE C 101 -24.24 -3.00 20.84
N LEU C 102 -25.23 -3.28 21.70
CA LEU C 102 -24.96 -3.40 23.13
C LEU C 102 -24.29 -4.71 23.52
N ARG C 103 -24.44 -5.77 22.70
CA ARG C 103 -23.85 -7.04 23.05
C ARG C 103 -22.33 -7.00 23.01
N GLU C 104 -21.76 -6.25 22.08
CA GLU C 104 -20.32 -6.14 21.92
C GLU C 104 -19.77 -4.82 22.46
N SER C 105 -20.55 -4.12 23.29
CA SER C 105 -20.14 -2.82 23.79
C SER C 105 -19.25 -2.89 25.03
N GLY C 106 -19.19 -4.04 25.69
CA GLY C 106 -18.42 -4.14 26.93
C GLY C 106 -19.02 -3.42 28.10
N GLY C 107 -20.25 -2.94 27.99
CA GLY C 107 -20.89 -2.14 29.00
C GLY C 107 -21.14 -0.73 28.53
N ILE C 108 -21.88 0.02 29.36
CA ILE C 108 -22.25 1.39 29.06
C ILE C 108 -21.82 2.29 30.20
N ASP C 109 -21.61 3.57 29.87
CA ASP C 109 -21.27 4.60 30.84
C ASP C 109 -22.17 5.79 30.60
N LYS C 110 -22.96 6.15 31.60
CA LYS C 110 -23.91 7.24 31.48
C LYS C 110 -23.25 8.57 31.81
N GLU C 111 -23.78 9.64 31.23
CA GLU C 111 -23.29 10.99 31.50
C GLU C 111 -24.46 11.95 31.42
N ALA C 112 -24.55 12.86 32.40
CA ALA C 112 -25.67 13.78 32.46
C ALA C 112 -25.69 14.69 31.24
N MET C 113 -26.83 14.70 30.54
CA MET C 113 -26.98 15.58 29.38
C MET C 113 -26.91 17.04 29.80
N GLY C 114 -27.54 17.39 30.92
CA GLY C 114 -27.58 18.76 31.37
C GLY C 114 -28.77 19.53 30.83
N PHE C 115 -29.96 18.96 30.98
CA PHE C 115 -31.20 19.58 30.53
C PHE C 115 -31.92 20.24 31.69
N THR C 116 -32.42 21.46 31.46
CA THR C 116 -33.20 22.20 32.44
C THR C 116 -34.45 22.72 31.75
N TYR C 117 -35.59 22.58 32.40
CA TYR C 117 -36.88 22.93 31.83
C TYR C 117 -37.54 24.03 32.66
N SER C 118 -38.52 24.69 32.06
CA SER C 118 -39.20 25.81 32.70
C SER C 118 -40.69 25.73 32.43
N GLY C 119 -41.49 26.01 33.47
CA GLY C 119 -42.93 26.12 33.36
C GLY C 119 -43.68 24.82 33.15
N ILE C 120 -42.99 23.72 32.87
CA ILE C 120 -43.67 22.45 32.61
C ILE C 120 -43.43 21.50 33.77
N ARG C 121 -44.06 20.32 33.72
CA ARG C 121 -43.82 19.28 34.71
C ARG C 121 -42.71 18.36 34.23
N THR C 122 -42.01 17.77 35.20
CA THR C 122 -40.93 16.83 34.90
C THR C 122 -40.97 15.60 35.80
N ASN C 123 -42.05 15.38 36.54
CA ASN C 123 -42.16 14.28 37.47
C ASN C 123 -43.27 13.31 37.07
N GLY C 124 -43.48 13.13 35.77
CA GLY C 124 -44.47 12.18 35.32
C GLY C 124 -44.05 10.76 35.66
N ALA C 125 -44.95 10.04 36.35
CA ALA C 125 -44.66 8.69 36.80
C ALA C 125 -45.87 7.80 36.50
N THR C 126 -45.69 6.51 36.77
CA THR C 126 -46.73 5.52 36.51
C THR C 126 -46.59 4.37 37.50
N SER C 127 -47.69 3.64 37.68
CA SER C 127 -47.71 2.52 38.62
C SER C 127 -47.03 1.27 38.07
N ALA C 128 -46.80 1.20 36.76
CA ALA C 128 -46.12 0.03 36.19
C ALA C 128 -44.64 0.03 36.53
N CYS C 129 -44.01 1.22 36.60
CA CYS C 129 -42.61 1.34 36.99
C CYS C 129 -42.58 1.60 38.49
N ARG C 130 -42.68 0.51 39.26
CA ARG C 130 -42.89 0.57 40.70
C ARG C 130 -41.54 0.46 41.41
N ARG C 131 -41.02 1.60 41.87
CA ARG C 131 -39.86 1.61 42.76
C ARG C 131 -40.34 1.73 44.20
N SER C 132 -40.52 2.96 44.68
CA SER C 132 -41.19 3.17 45.97
C SER C 132 -42.70 2.99 45.77
N GLY C 133 -43.34 3.97 45.14
CA GLY C 133 -44.72 3.85 44.72
C GLY C 133 -44.81 3.89 43.21
N SER C 134 -45.22 5.03 42.66
CA SER C 134 -45.24 5.24 41.22
C SER C 134 -43.98 5.99 40.80
N SER C 135 -43.24 5.42 39.86
CA SER C 135 -41.98 6.00 39.41
C SER C 135 -41.95 5.95 37.89
N PHE C 136 -40.75 6.08 37.31
CA PHE C 136 -40.57 6.10 35.88
C PHE C 136 -39.17 5.58 35.57
N TYR C 137 -38.80 5.61 34.29
CA TYR C 137 -37.46 5.21 33.89
C TYR C 137 -36.42 6.12 34.54
N ALA C 138 -35.35 5.50 35.06
CA ALA C 138 -34.35 6.27 35.78
C ALA C 138 -33.59 7.22 34.86
N GLU C 139 -33.36 6.81 33.62
CA GLU C 139 -32.61 7.61 32.66
C GLU C 139 -33.51 8.48 31.79
N MET C 140 -34.79 8.61 32.14
CA MET C 140 -35.74 9.37 31.34
C MET C 140 -36.56 10.28 32.24
N LYS C 141 -37.15 11.30 31.63
CA LYS C 141 -38.03 12.24 32.30
C LYS C 141 -39.31 12.38 31.49
N TRP C 142 -40.45 12.27 32.16
CA TRP C 142 -41.76 12.36 31.52
C TRP C 142 -42.22 13.81 31.61
N LEU C 143 -41.99 14.57 30.55
CA LEU C 143 -42.38 15.97 30.52
C LEU C 143 -43.89 16.08 30.36
N LEU C 144 -44.52 16.82 31.27
CA LEU C 144 -45.96 17.02 31.25
C LEU C 144 -46.26 18.51 31.34
N SER C 145 -47.49 18.84 31.71
CA SER C 145 -47.92 20.23 31.91
C SER C 145 -48.48 20.38 33.31
N ASN C 146 -48.44 21.63 33.81
CA ASN C 146 -48.70 21.88 35.24
C ASN C 146 -50.13 21.52 35.61
N THR C 147 -51.11 22.19 35.02
CA THR C 147 -52.51 21.95 35.30
C THR C 147 -53.03 20.77 34.47
N ASP C 148 -54.23 20.30 34.81
CA ASP C 148 -54.84 19.19 34.09
C ASP C 148 -55.12 19.49 32.64
N ASN C 149 -55.16 20.77 32.26
CA ASN C 149 -55.34 21.15 30.86
C ASN C 149 -54.72 22.50 30.56
N ALA C 150 -53.41 22.55 30.33
CA ALA C 150 -52.77 23.76 29.84
C ALA C 150 -52.26 23.56 28.42
N ALA C 151 -51.02 23.98 28.17
CA ALA C 151 -50.45 23.84 26.84
C ALA C 151 -48.93 23.71 26.94
N PHE C 152 -48.39 22.65 26.33
CA PHE C 152 -46.96 22.42 26.33
C PHE C 152 -46.28 23.40 25.37
N PRO C 153 -45.44 24.30 25.86
CA PRO C 153 -44.80 25.29 24.98
C PRO C 153 -43.83 24.62 24.03
N GLN C 154 -43.62 25.28 22.89
CA GLN C 154 -42.66 24.80 21.90
C GLN C 154 -41.26 24.93 22.46
N MET C 155 -40.60 23.80 22.70
CA MET C 155 -39.28 23.77 23.32
C MET C 155 -38.29 23.07 22.40
N THR C 156 -37.02 23.39 22.60
CA THR C 156 -35.94 22.84 21.78
C THR C 156 -34.70 22.68 22.66
N LYS C 157 -34.39 21.45 23.03
CA LYS C 157 -33.23 21.14 23.86
C LYS C 157 -32.19 20.43 23.01
N SER C 158 -30.95 20.90 23.09
CA SER C 158 -29.86 20.39 22.29
C SER C 158 -28.76 19.82 23.19
N TYR C 159 -27.99 18.89 22.63
CA TYR C 159 -26.87 18.28 23.35
C TYR C 159 -25.69 18.16 22.40
N LYS C 160 -24.48 18.34 22.93
CA LYS C 160 -23.25 18.31 22.15
C LYS C 160 -22.33 17.25 22.73
N ASN C 161 -22.02 16.23 21.93
CA ASN C 161 -21.17 15.14 22.38
C ASN C 161 -19.74 15.65 22.55
N THR C 162 -19.28 15.73 23.79
CA THR C 162 -17.97 16.29 24.10
C THR C 162 -16.87 15.26 24.18
N ARG C 163 -17.19 13.97 24.11
CA ARG C 163 -16.20 12.91 24.22
C ARG C 163 -15.82 12.38 22.84
N LYS C 164 -14.68 11.70 22.80
CA LYS C 164 -14.07 11.25 21.55
C LYS C 164 -14.67 9.95 21.03
N ASN C 165 -15.87 9.59 21.47
CA ASN C 165 -16.54 8.37 21.05
C ASN C 165 -18.01 8.68 20.82
N PRO C 166 -18.70 7.89 20.00
CA PRO C 166 -20.13 8.13 19.77
C PRO C 166 -20.94 7.98 21.04
N ALA C 167 -22.09 8.65 21.06
CA ALA C 167 -23.00 8.64 22.20
C ALA C 167 -24.34 8.06 21.79
N LEU C 168 -24.92 7.25 22.66
CA LEU C 168 -26.22 6.64 22.43
C LEU C 168 -27.30 7.54 23.04
N ILE C 169 -28.16 8.10 22.20
CA ILE C 169 -29.15 9.08 22.62
C ILE C 169 -30.53 8.45 22.42
N VAL C 170 -31.15 8.02 23.51
CA VAL C 170 -32.46 7.37 23.46
C VAL C 170 -33.50 8.32 24.02
N TRP C 171 -34.49 8.65 23.20
CA TRP C 171 -35.65 9.44 23.61
C TRP C 171 -36.91 8.58 23.44
N GLY C 172 -38.04 9.14 23.85
CA GLY C 172 -39.29 8.39 23.79
C GLY C 172 -40.49 9.19 23.34
N ILE C 173 -41.36 8.56 22.56
CA ILE C 173 -42.63 9.13 22.15
C ILE C 173 -43.74 8.44 22.93
N HIS C 174 -44.63 9.23 23.52
CA HIS C 174 -45.75 8.71 24.29
C HIS C 174 -47.00 8.68 23.42
N HIS C 175 -47.73 7.57 23.48
CA HIS C 175 -48.96 7.37 22.70
C HIS C 175 -50.08 7.12 23.69
N SER C 176 -51.03 8.07 23.76
CA SER C 176 -52.06 8.07 24.77
C SER C 176 -53.23 7.16 24.37
N VAL C 177 -54.13 6.93 25.33
CA VAL C 177 -55.28 6.07 25.09
C VAL C 177 -56.33 6.78 24.25
N SER C 178 -56.40 8.11 24.31
CA SER C 178 -57.40 8.85 23.57
C SER C 178 -56.89 10.26 23.32
N THR C 179 -57.60 10.98 22.45
CA THR C 179 -57.28 12.39 22.21
C THR C 179 -57.49 13.20 23.48
N ALA C 180 -58.49 12.85 24.28
CA ALA C 180 -58.75 13.57 25.52
C ALA C 180 -57.57 13.43 26.49
N GLU C 181 -56.93 12.26 26.50
CA GLU C 181 -55.77 12.07 27.38
C GLU C 181 -54.58 12.89 26.91
N GLN C 182 -54.30 12.89 25.60
CA GLN C 182 -53.19 13.67 25.09
C GLN C 182 -53.42 15.17 25.30
N THR C 183 -54.66 15.62 25.17
CA THR C 183 -54.96 17.01 25.47
C THR C 183 -54.86 17.29 26.95
N LYS C 184 -55.16 16.30 27.80
CA LYS C 184 -55.02 16.47 29.24
C LYS C 184 -53.55 16.55 29.65
N LEU C 185 -52.67 15.88 28.92
CA LEU C 185 -51.26 15.80 29.33
C LEU C 185 -50.40 16.88 28.68
N TYR C 186 -50.68 17.23 27.43
CA TYR C 186 -49.76 18.09 26.68
C TYR C 186 -50.41 19.30 26.02
N GLY C 187 -51.73 19.47 26.16
CA GLY C 187 -52.36 20.67 25.62
C GLY C 187 -53.47 20.38 24.63
N SER C 188 -53.16 20.51 23.35
CA SER C 188 -54.10 20.28 22.24
C SER C 188 -53.36 20.52 20.94
N GLY C 189 -53.96 20.04 19.85
CA GLY C 189 -53.40 20.26 18.53
C GLY C 189 -52.40 19.20 18.12
N ASN C 190 -51.90 19.37 16.90
CA ASN C 190 -50.95 18.42 16.33
C ASN C 190 -49.61 18.54 17.04
N LYS C 191 -49.19 17.46 17.70
CA LYS C 191 -47.92 17.42 18.42
C LYS C 191 -46.84 16.80 17.54
N LEU C 192 -45.64 17.36 17.59
CA LEU C 192 -44.55 16.92 16.73
C LEU C 192 -43.25 16.87 17.54
N VAL C 193 -42.37 15.95 17.15
CA VAL C 193 -41.06 15.78 17.78
C VAL C 193 -40.03 15.59 16.68
N THR C 194 -38.99 16.42 16.68
CA THR C 194 -37.95 16.37 15.65
C THR C 194 -36.58 16.22 16.30
N VAL C 195 -35.78 15.29 15.79
CA VAL C 195 -34.46 14.96 16.32
C VAL C 195 -33.45 15.06 15.19
N GLY C 196 -32.63 16.10 15.20
CA GLY C 196 -31.70 16.37 14.11
C GLY C 196 -30.25 16.29 14.56
N SER C 197 -29.38 15.92 13.61
CA SER C 197 -27.93 15.91 13.84
C SER C 197 -27.19 15.95 12.50
N SER C 198 -26.07 15.23 12.42
CA SER C 198 -25.30 15.16 11.18
C SER C 198 -25.62 13.92 10.36
N ASN C 199 -25.85 12.79 11.01
CA ASN C 199 -26.21 11.54 10.33
C ASN C 199 -27.68 11.20 10.46
N TYR C 200 -28.50 12.11 10.97
CA TYR C 200 -29.88 11.83 11.31
C TYR C 200 -30.75 13.05 11.03
N GLN C 201 -32.07 12.82 10.99
CA GLN C 201 -33.02 13.89 10.66
C GLN C 201 -34.43 13.56 11.14
N GLN C 202 -35.16 12.74 10.37
CA GLN C 202 -36.40 12.12 10.81
C GLN C 202 -37.53 13.07 11.22
N SER C 203 -38.64 12.47 11.66
CA SER C 203 -39.89 13.17 11.94
C SER C 203 -40.85 12.31 12.76
N PHE C 204 -41.00 12.61 14.04
CA PHE C 204 -41.78 11.79 14.96
C PHE C 204 -43.09 12.47 15.32
N VAL C 205 -44.14 11.69 15.48
CA VAL C 205 -45.48 12.19 15.79
C VAL C 205 -46.19 11.15 16.65
N PRO C 206 -46.92 11.54 17.70
CA PRO C 206 -47.62 10.55 18.52
C PRO C 206 -48.78 9.88 17.80
N SER C 207 -49.48 8.99 18.51
CA SER C 207 -50.58 8.22 17.91
C SER C 207 -51.60 7.88 18.99
N PRO C 208 -52.44 8.83 19.37
CA PRO C 208 -53.50 8.52 20.35
C PRO C 208 -54.57 7.64 19.73
N GLY C 209 -55.04 6.68 20.52
CA GLY C 209 -56.07 5.77 20.05
C GLY C 209 -56.35 4.62 21.02
N ALA C 210 -57.50 3.98 20.87
CA ALA C 210 -57.85 2.87 21.74
C ALA C 210 -56.91 1.70 21.51
N ARG C 211 -56.56 1.02 22.61
CA ARG C 211 -55.55 -0.02 22.55
C ARG C 211 -55.75 -0.96 23.74
N PRO C 212 -55.50 -2.25 23.58
CA PRO C 212 -55.58 -3.16 24.72
C PRO C 212 -54.49 -2.89 25.73
N GLN C 213 -54.82 -3.08 27.01
CA GLN C 213 -53.94 -2.71 28.09
C GLN C 213 -52.93 -3.81 28.38
N VAL C 214 -51.67 -3.40 28.55
CA VAL C 214 -50.59 -4.28 29.00
C VAL C 214 -50.13 -3.77 30.36
N ASN C 215 -50.01 -4.69 31.32
CA ASN C 215 -49.70 -4.34 32.71
C ASN C 215 -50.76 -3.41 33.30
N GLY C 216 -51.98 -3.48 32.77
CA GLY C 216 -53.05 -2.63 33.23
C GLY C 216 -53.09 -1.25 32.63
N LEU C 217 -52.23 -0.96 31.66
CA LEU C 217 -52.15 0.36 31.04
C LEU C 217 -52.25 0.23 29.53
N SER C 218 -53.03 1.11 28.91
CA SER C 218 -53.24 1.08 27.47
C SER C 218 -52.36 2.07 26.72
N GLY C 219 -51.60 2.92 27.41
CA GLY C 219 -50.67 3.79 26.75
C GLY C 219 -49.45 3.04 26.22
N ARG C 220 -48.74 3.67 25.30
CA ARG C 220 -47.57 3.05 24.66
C ARG C 220 -46.45 4.07 24.58
N ILE C 221 -45.42 3.90 25.40
CA ILE C 221 -44.22 4.73 25.35
C ILE C 221 -43.16 3.96 24.57
N ASP C 222 -42.84 4.44 23.37
CA ASP C 222 -41.82 3.82 22.55
C ASP C 222 -40.53 4.62 22.61
N PHE C 223 -39.41 3.94 22.38
CA PHE C 223 -38.09 4.54 22.51
C PHE C 223 -37.34 4.45 21.18
N HIS C 224 -36.74 5.55 20.77
CA HIS C 224 -35.90 5.63 19.59
C HIS C 224 -34.50 6.05 20.02
N TRP C 225 -33.49 5.58 19.30
CA TRP C 225 -32.10 5.76 19.72
C TRP C 225 -31.29 6.40 18.61
N LEU C 226 -30.10 6.91 19.00
CA LEU C 226 -29.25 7.67 18.12
C LEU C 226 -27.79 7.43 18.47
N MET C 227 -26.91 7.72 17.53
CA MET C 227 -25.47 7.52 17.68
C MET C 227 -24.75 8.80 17.25
N LEU C 228 -24.60 9.74 18.18
CA LEU C 228 -23.88 10.98 17.89
C LEU C 228 -22.39 10.70 17.71
N ASN C 229 -21.81 11.27 16.65
CA ASN C 229 -20.37 11.20 16.47
C ASN C 229 -19.69 12.21 17.38
N PRO C 230 -18.37 12.05 17.60
CA PRO C 230 -17.64 13.07 18.38
C PRO C 230 -17.75 14.44 17.73
N ASN C 231 -17.90 15.45 18.59
CA ASN C 231 -18.10 16.86 18.24
C ASN C 231 -19.42 17.12 17.54
N ASP C 232 -20.23 16.09 17.27
CA ASP C 232 -21.52 16.28 16.63
C ASP C 232 -22.55 16.76 17.65
N THR C 233 -23.56 17.48 17.14
CA THR C 233 -24.60 18.07 17.98
C THR C 233 -25.95 17.51 17.57
N VAL C 234 -26.74 17.10 18.56
CA VAL C 234 -28.10 16.64 18.35
C VAL C 234 -29.05 17.70 18.91
N THR C 235 -30.23 17.79 18.31
CA THR C 235 -31.21 18.82 18.66
C THR C 235 -32.60 18.22 18.66
N PHE C 236 -33.35 18.47 19.73
CA PHE C 236 -34.74 18.04 19.87
C PHE C 236 -35.64 19.26 19.84
N SER C 237 -36.58 19.29 18.90
CA SER C 237 -37.63 20.30 18.86
C SER C 237 -38.95 19.58 19.10
N PHE C 238 -39.53 19.79 20.28
CA PHE C 238 -40.73 19.09 20.69
C PHE C 238 -41.71 20.08 21.30
N ASN C 239 -42.99 19.66 21.34
CA ASN C 239 -44.03 20.48 21.93
C ASN C 239 -45.09 19.65 22.66
N GLY C 240 -44.75 18.44 23.07
CA GLY C 240 -45.66 17.57 23.78
C GLY C 240 -45.47 16.12 23.36
N ALA C 241 -45.98 15.21 24.20
CA ALA C 241 -45.89 13.77 23.95
C ALA C 241 -44.45 13.33 23.73
N PHE C 242 -43.54 13.84 24.57
CA PHE C 242 -42.11 13.61 24.40
C PHE C 242 -41.53 13.13 25.72
N ILE C 243 -41.00 11.90 25.71
CA ILE C 243 -40.30 11.35 26.88
C ILE C 243 -38.84 11.75 26.74
N ALA C 244 -38.44 12.78 27.48
CA ALA C 244 -37.11 13.35 27.33
C ALA C 244 -36.06 12.42 27.94
N PRO C 245 -34.85 12.40 27.36
CA PRO C 245 -33.76 11.65 27.98
C PRO C 245 -33.10 12.45 29.09
N ASP C 246 -32.46 11.73 30.01
CA ASP C 246 -31.74 12.32 31.12
C ASP C 246 -30.23 12.22 30.96
N ARG C 247 -29.71 11.01 30.70
CA ARG C 247 -28.29 10.78 30.58
C ARG C 247 -28.00 9.99 29.30
N ALA C 248 -26.84 10.24 28.72
CA ALA C 248 -26.40 9.55 27.52
C ALA C 248 -25.53 8.34 27.87
N SER C 249 -25.49 7.40 26.93
CA SER C 249 -24.74 6.16 27.10
C SER C 249 -23.53 6.15 26.18
N PHE C 250 -22.40 5.64 26.70
CA PHE C 250 -21.18 5.48 25.92
C PHE C 250 -20.69 4.06 26.04
N LEU C 251 -20.23 3.50 24.93
CA LEU C 251 -19.75 2.13 24.93
C LEU C 251 -18.40 2.03 25.63
N ARG C 252 -18.28 1.09 26.57
CA ARG C 252 -17.04 0.98 27.34
C ARG C 252 -15.93 0.36 26.51
N GLY C 253 -16.12 -0.87 26.04
CA GLY C 253 -15.11 -1.55 25.26
C GLY C 253 -15.68 -2.61 24.32
N LYS C 254 -15.29 -3.86 24.54
CA LYS C 254 -15.78 -4.98 23.76
C LYS C 254 -16.26 -6.09 24.68
N SER C 255 -17.23 -6.87 24.20
CA SER C 255 -17.77 -7.98 24.96
C SER C 255 -18.44 -8.94 23.99
N MET C 256 -19.12 -9.96 24.55
CA MET C 256 -19.85 -10.95 23.78
C MET C 256 -21.26 -11.06 24.34
N GLY C 257 -22.23 -11.20 23.45
CA GLY C 257 -23.62 -11.32 23.86
C GLY C 257 -24.25 -12.64 23.48
N ILE C 258 -24.71 -13.40 24.47
CA ILE C 258 -25.33 -14.69 24.24
C ILE C 258 -26.72 -14.70 24.86
N GLN C 259 -27.55 -15.60 24.38
CA GLN C 259 -28.89 -15.85 24.92
C GLN C 259 -28.93 -17.29 25.41
N SER C 260 -29.05 -17.48 26.71
CA SER C 260 -29.01 -18.81 27.30
C SER C 260 -30.06 -18.93 28.40
N GLY C 261 -30.36 -20.17 28.76
CA GLY C 261 -31.30 -20.46 29.83
C GLY C 261 -30.76 -21.44 30.84
N VAL C 262 -29.43 -21.52 30.95
CA VAL C 262 -28.78 -22.40 31.91
C VAL C 262 -27.96 -21.56 32.88
N GLN C 263 -27.60 -22.17 34.00
CA GLN C 263 -26.90 -21.49 35.06
C GLN C 263 -25.46 -21.14 34.63
N VAL C 264 -24.83 -20.28 35.43
CA VAL C 264 -23.47 -19.81 35.17
C VAL C 264 -22.50 -20.60 36.04
N ASP C 265 -21.43 -21.09 35.43
CA ASP C 265 -20.41 -21.87 36.12
C ASP C 265 -19.08 -21.13 36.01
N ALA C 266 -18.56 -20.66 37.14
CA ALA C 266 -17.30 -19.94 37.18
C ALA C 266 -16.09 -20.87 37.23
N ASP C 267 -16.30 -22.19 37.19
CA ASP C 267 -15.21 -23.14 37.24
C ASP C 267 -14.67 -23.46 35.86
N CYS C 268 -15.54 -23.88 34.94
CA CYS C 268 -15.11 -24.27 33.61
C CYS C 268 -14.89 -23.04 32.73
N GLU C 269 -14.03 -23.21 31.73
CA GLU C 269 -13.66 -22.14 30.82
C GLU C 269 -14.03 -22.55 29.39
N GLY C 270 -14.67 -21.64 28.67
CA GLY C 270 -15.08 -21.92 27.30
C GLY C 270 -15.16 -20.64 26.49
N ASP C 271 -15.07 -20.82 25.17
CA ASP C 271 -15.17 -19.71 24.23
C ASP C 271 -16.29 -19.89 23.22
N CYS C 272 -17.04 -20.98 23.29
CA CYS C 272 -18.15 -21.24 22.37
C CYS C 272 -19.42 -21.46 23.19
N TYR C 273 -20.42 -20.61 22.98
CA TYR C 273 -21.65 -20.65 23.75
C TYR C 273 -22.85 -20.81 22.85
N TYR C 274 -23.91 -21.41 23.40
CA TYR C 274 -25.21 -21.46 22.74
C TYR C 274 -26.28 -21.47 23.84
N SER C 275 -27.53 -21.63 23.43
CA SER C 275 -28.63 -21.52 24.39
C SER C 275 -28.59 -22.61 25.45
N GLY C 276 -28.04 -23.79 25.13
CA GLY C 276 -27.99 -24.93 26.03
C GLY C 276 -26.79 -25.00 26.95
N GLY C 277 -25.73 -24.27 26.65
CA GLY C 277 -24.57 -24.27 27.49
C GLY C 277 -23.34 -23.88 26.68
N THR C 278 -22.22 -24.53 27.00
CA THR C 278 -20.92 -24.22 26.43
C THR C 278 -20.37 -25.42 25.69
N ILE C 279 -19.85 -25.19 24.48
CA ILE C 279 -19.24 -26.25 23.68
C ILE C 279 -17.72 -26.17 23.89
N ILE C 280 -17.20 -27.03 24.75
CA ILE C 280 -15.77 -27.09 25.04
C ILE C 280 -15.22 -28.28 24.26
N SER C 281 -14.54 -28.00 23.15
CA SER C 281 -14.02 -29.07 22.31
C SER C 281 -12.98 -28.50 21.36
N ASN C 282 -12.03 -29.34 20.97
CA ASN C 282 -11.04 -29.01 19.95
C ASN C 282 -11.33 -29.67 18.62
N LEU C 283 -12.40 -30.46 18.53
CA LEU C 283 -12.78 -31.07 17.26
C LEU C 283 -13.17 -29.99 16.26
N PRO C 284 -12.89 -30.20 14.97
CA PRO C 284 -13.15 -29.15 13.98
C PRO C 284 -14.62 -28.95 13.65
N PHE C 285 -15.50 -29.85 14.09
CA PHE C 285 -16.92 -29.78 13.74
C PHE C 285 -17.77 -30.03 14.97
N GLN C 286 -19.05 -29.67 14.85
CA GLN C 286 -20.00 -29.86 15.94
C GLN C 286 -21.41 -29.98 15.34
N ASN C 287 -22.22 -30.83 15.95
CA ASN C 287 -23.61 -31.03 15.54
C ASN C 287 -24.56 -30.73 16.70
N ILE C 288 -24.25 -29.67 17.45
CA ILE C 288 -25.03 -29.33 18.63
C ILE C 288 -26.04 -28.24 18.28
N ASP C 289 -25.56 -27.05 17.93
CA ASP C 289 -26.43 -25.92 17.61
C ASP C 289 -25.79 -25.12 16.49
N SER C 290 -26.54 -24.94 15.39
CA SER C 290 -26.02 -24.21 14.24
C SER C 290 -25.88 -22.72 14.51
N ARG C 291 -26.51 -22.21 15.56
CA ARG C 291 -26.47 -20.79 15.88
C ARG C 291 -25.51 -20.49 17.03
N ALA C 292 -24.56 -21.38 17.30
CA ALA C 292 -23.56 -21.13 18.33
C ALA C 292 -22.71 -19.94 17.95
N VAL C 293 -22.33 -19.15 18.97
CA VAL C 293 -21.57 -17.93 18.75
C VAL C 293 -20.26 -18.01 19.54
N GLY C 294 -19.33 -17.13 19.17
CA GLY C 294 -17.99 -17.15 19.75
C GLY C 294 -16.98 -17.76 18.82
N LYS C 295 -16.02 -18.51 19.36
CA LYS C 295 -15.01 -19.21 18.58
C LYS C 295 -15.36 -20.70 18.63
N CYS C 296 -16.17 -21.13 17.68
CA CYS C 296 -16.78 -22.45 17.69
C CYS C 296 -16.26 -23.33 16.56
N PRO C 297 -16.34 -24.65 16.72
CA PRO C 297 -16.20 -25.53 15.56
C PRO C 297 -17.33 -25.30 14.58
N ARG C 298 -17.02 -25.49 13.29
CA ARG C 298 -18.01 -25.24 12.25
C ARG C 298 -19.12 -26.27 12.32
N TYR C 299 -20.37 -25.79 12.26
CA TYR C 299 -21.51 -26.68 12.38
C TYR C 299 -21.70 -27.50 11.11
N VAL C 300 -22.12 -28.76 11.28
CA VAL C 300 -22.36 -29.67 10.18
C VAL C 300 -23.64 -30.45 10.47
N LYS C 301 -24.26 -30.94 9.40
CA LYS C 301 -25.49 -31.71 9.55
C LYS C 301 -25.23 -33.10 10.11
N GLN C 302 -24.09 -33.70 9.76
CA GLN C 302 -23.79 -35.05 10.20
C GLN C 302 -23.54 -35.08 11.71
N ARG C 303 -23.91 -36.20 12.33
CA ARG C 303 -23.72 -36.37 13.76
C ARG C 303 -22.39 -37.03 14.10
N SER C 304 -21.81 -37.80 13.18
CA SER C 304 -20.56 -38.49 13.45
C SER C 304 -19.78 -38.65 12.16
N LEU C 305 -18.50 -38.33 12.20
CA LEU C 305 -17.59 -38.51 11.07
C LEU C 305 -16.28 -39.07 11.63
N LEU C 306 -16.13 -40.39 11.57
CA LEU C 306 -15.00 -41.07 12.17
C LEU C 306 -13.77 -40.93 11.27
N LEU C 307 -12.69 -40.39 11.83
CA LEU C 307 -11.41 -40.28 11.15
C LEU C 307 -10.56 -41.50 11.47
N ALA C 308 -10.01 -42.12 10.44
CA ALA C 308 -9.16 -43.30 10.64
C ALA C 308 -7.81 -42.88 11.20
N THR C 309 -7.43 -43.52 12.32
CA THR C 309 -6.13 -43.27 12.94
C THR C 309 -5.25 -44.52 12.93
N GLY C 310 -5.57 -45.49 12.07
CA GLY C 310 -4.80 -46.71 11.98
C GLY C 310 -4.99 -47.36 10.63
N MET C 311 -4.25 -48.45 10.43
CA MET C 311 -4.32 -49.19 9.18
C MET C 311 -5.62 -49.98 9.10
N LYS C 312 -5.91 -50.47 7.90
CA LYS C 312 -7.07 -51.34 7.71
C LYS C 312 -6.92 -52.60 8.54
N ASN C 313 -7.97 -52.95 9.28
CA ASN C 313 -7.95 -54.12 10.14
C ASN C 313 -8.29 -55.36 9.33
N VAL C 314 -7.34 -56.29 9.25
CA VAL C 314 -7.53 -57.55 8.55
C VAL C 314 -7.35 -58.69 9.54
N PRO C 315 -8.44 -59.23 10.06
CA PRO C 315 -8.35 -60.33 11.03
C PRO C 315 -8.21 -61.67 10.31
N GLU C 316 -8.14 -62.73 11.11
CA GLU C 316 -7.98 -64.08 10.58
C GLU C 316 -9.35 -64.76 10.44
N LEU C 323 -4.04 -50.29 -2.24
CA LEU C 323 -3.41 -49.53 -3.31
C LEU C 323 -2.01 -50.05 -3.59
N PHE C 324 -1.29 -50.43 -2.53
CA PHE C 324 0.06 -50.95 -2.65
C PHE C 324 0.11 -52.48 -2.57
N GLY C 325 -1.02 -53.13 -2.30
CA GLY C 325 -1.11 -54.57 -2.36
C GLY C 325 -0.58 -55.32 -1.16
N ALA C 326 -0.02 -54.62 -0.16
CA ALA C 326 0.52 -55.32 1.01
C ALA C 326 -0.58 -55.59 2.03
N ILE C 327 -1.06 -54.55 2.69
CA ILE C 327 -2.16 -54.71 3.63
C ILE C 327 -3.41 -55.13 2.87
N ALA C 328 -4.06 -56.20 3.34
CA ALA C 328 -5.24 -56.76 2.67
C ALA C 328 -4.94 -57.11 1.21
N GLY C 329 -3.75 -57.65 0.97
CA GLY C 329 -3.34 -58.02 -0.37
C GLY C 329 -2.63 -59.37 -0.40
N PHE C 330 -1.37 -59.39 -0.87
CA PHE C 330 -0.64 -60.65 -0.89
C PHE C 330 -0.29 -61.12 0.52
N ILE C 331 -0.31 -60.21 1.50
CA ILE C 331 -0.31 -60.61 2.91
C ILE C 331 -1.75 -60.93 3.28
N GLU C 332 -1.99 -62.17 3.71
CA GLU C 332 -3.36 -62.67 3.79
C GLU C 332 -4.15 -62.01 4.92
N ASN C 333 -3.52 -61.76 6.06
CA ASN C 333 -4.22 -61.15 7.19
C ASN C 333 -3.19 -60.56 8.14
N GLY C 334 -3.69 -60.00 9.24
CA GLY C 334 -2.85 -59.40 10.25
C GLY C 334 -2.64 -60.32 11.45
N TRP C 335 -1.75 -59.87 12.34
CA TRP C 335 -1.37 -60.64 13.53
C TRP C 335 -1.95 -59.94 14.75
N GLU C 336 -3.01 -60.51 15.31
CA GLU C 336 -3.56 -59.97 16.56
C GLU C 336 -2.60 -60.14 17.72
N GLY C 337 -1.68 -61.10 17.65
CA GLY C 337 -0.67 -61.26 18.68
C GLY C 337 0.43 -60.23 18.65
N LEU C 338 0.54 -59.45 17.58
CA LEU C 338 1.54 -58.40 17.47
C LEU C 338 1.02 -57.15 18.19
N ILE C 339 1.21 -57.14 19.50
CA ILE C 339 0.83 -56.00 20.32
C ILE C 339 2.02 -55.10 20.64
N ASP C 340 3.16 -55.34 19.98
CA ASP C 340 4.38 -54.57 20.23
C ASP C 340 4.54 -53.40 19.27
N GLY C 341 3.72 -53.32 18.24
CA GLY C 341 3.84 -52.25 17.27
C GLY C 341 2.85 -52.44 16.15
N TRP C 342 3.12 -51.77 15.02
CA TRP C 342 2.28 -51.86 13.83
C TRP C 342 2.78 -52.90 12.83
N TYR C 343 4.09 -52.97 12.61
CA TYR C 343 4.68 -53.93 11.69
C TYR C 343 5.72 -54.78 12.43
N GLY C 344 5.88 -56.03 11.99
CA GLY C 344 6.78 -56.92 12.68
C GLY C 344 7.21 -58.10 11.85
N PHE C 345 8.26 -58.76 12.33
CA PHE C 345 8.80 -59.96 11.73
C PHE C 345 8.33 -61.19 12.49
N ARG C 346 8.14 -62.30 11.77
CA ARG C 346 7.83 -63.58 12.38
C ARG C 346 8.65 -64.63 11.64
N HIS C 347 9.72 -65.09 12.29
CA HIS C 347 10.66 -66.01 11.66
C HIS C 347 10.46 -67.42 12.19
N GLN C 348 10.81 -68.40 11.34
CA GLN C 348 10.75 -69.81 11.70
C GLN C 348 12.03 -70.48 11.22
N ASN C 349 12.80 -71.02 12.15
CA ASN C 349 14.05 -71.70 11.83
C ASN C 349 14.15 -73.02 12.59
N ALA C 350 15.35 -73.36 13.07
CA ALA C 350 15.56 -74.57 13.85
C ALA C 350 15.51 -74.33 15.34
N GLN C 351 15.84 -73.14 15.82
CA GLN C 351 15.81 -72.82 17.24
C GLN C 351 14.40 -72.53 17.74
N GLY C 352 13.40 -72.54 16.87
CA GLY C 352 12.04 -72.28 17.29
C GLY C 352 11.27 -71.33 16.39
N GLU C 353 10.49 -70.43 16.99
CA GLU C 353 9.64 -69.52 16.23
C GLU C 353 9.62 -68.17 16.94
N GLY C 354 9.85 -67.10 16.18
CA GLY C 354 9.98 -65.78 16.77
C GLY C 354 9.06 -64.77 16.12
N THR C 355 8.76 -63.72 16.88
CA THR C 355 7.93 -62.61 16.40
C THR C 355 8.37 -61.35 17.12
N ALA C 356 8.95 -60.42 16.39
CA ALA C 356 9.37 -59.11 16.91
C ALA C 356 8.67 -58.02 16.13
N ALA C 357 8.91 -56.77 16.54
CA ALA C 357 8.30 -55.61 15.91
C ALA C 357 9.38 -54.65 15.39
N ASP C 358 9.09 -54.01 14.27
CA ASP C 358 9.99 -53.06 13.64
C ASP C 358 9.62 -51.65 14.06
N TYR C 359 10.56 -50.94 14.67
CA TYR C 359 10.28 -49.62 15.22
C TYR C 359 10.27 -48.53 14.15
N LYS C 360 11.05 -48.69 13.09
CA LYS C 360 11.19 -47.65 12.08
C LYS C 360 9.86 -47.39 11.37
N SER C 361 9.30 -48.41 10.75
CA SER C 361 8.06 -48.24 9.99
C SER C 361 6.89 -47.90 10.91
N THR C 362 6.80 -48.57 12.06
CA THR C 362 5.73 -48.29 13.01
C THR C 362 5.75 -46.83 13.44
N GLN C 363 6.90 -46.36 13.93
CA GLN C 363 7.02 -44.97 14.34
C GLN C 363 6.82 -44.01 13.18
N SER C 364 7.15 -44.45 11.95
CA SER C 364 6.95 -43.60 10.79
C SER C 364 5.46 -43.37 10.52
N ALA C 365 4.69 -44.46 10.42
CA ALA C 365 3.25 -44.32 10.22
C ALA C 365 2.60 -43.58 11.37
N ILE C 366 3.04 -43.86 12.60
CA ILE C 366 2.50 -43.16 13.76
C ILE C 366 2.79 -41.67 13.68
N ASP C 367 3.96 -41.31 13.16
CA ASP C 367 4.29 -39.89 13.02
C ASP C 367 3.45 -39.23 11.94
N GLN C 368 3.18 -39.94 10.84
CA GLN C 368 2.38 -39.35 9.77
C GLN C 368 0.93 -39.14 10.21
N ILE C 369 0.31 -40.18 10.78
CA ILE C 369 -1.06 -40.04 11.24
C ILE C 369 -1.14 -39.04 12.39
N THR C 370 -0.11 -38.98 13.23
CA THR C 370 -0.05 -37.95 14.26
C THR C 370 -0.03 -36.56 13.64
N GLY C 371 0.69 -36.39 12.53
CA GLY C 371 0.67 -35.13 11.82
C GLY C 371 -0.71 -34.80 11.27
N LYS C 372 -1.41 -35.82 10.75
CA LYS C 372 -2.79 -35.60 10.32
C LYS C 372 -3.67 -35.13 11.47
N LEU C 373 -3.51 -35.73 12.65
CA LEU C 373 -4.32 -35.34 13.79
C LEU C 373 -4.00 -33.92 14.25
N ASN C 374 -2.70 -33.58 14.30
CA ASN C 374 -2.32 -32.22 14.68
C ASN C 374 -2.82 -31.19 13.67
N ARG C 375 -2.93 -31.59 12.39
CA ARG C 375 -3.38 -30.64 11.38
C ARG C 375 -4.89 -30.49 11.37
N LEU C 376 -5.63 -31.57 11.66
CA LEU C 376 -7.09 -31.50 11.63
C LEU C 376 -7.66 -30.93 12.92
N ILE C 377 -7.14 -31.35 14.06
CA ILE C 377 -7.58 -30.82 15.35
C ILE C 377 -7.00 -29.42 15.53
N GLU C 378 -7.73 -28.42 15.05
CA GLU C 378 -7.25 -27.04 15.07
C GLU C 378 -8.36 -26.12 15.55
N LYS C 379 -7.97 -25.09 16.31
CA LYS C 379 -8.91 -24.10 16.82
C LYS C 379 -9.03 -22.93 15.84
N THR C 380 -10.26 -22.51 15.58
CA THR C 380 -10.52 -21.36 14.73
C THR C 380 -10.58 -20.10 15.60
N ASN C 381 -9.71 -19.14 15.32
CA ASN C 381 -9.64 -17.90 16.08
C ASN C 381 -10.57 -16.82 15.53
N GLN C 382 -11.58 -17.20 14.77
CA GLN C 382 -12.54 -16.26 14.21
C GLN C 382 -13.79 -16.24 15.07
N GLN C 383 -14.10 -15.08 15.65
CA GLN C 383 -15.26 -14.94 16.51
C GLN C 383 -16.45 -14.47 15.68
N PHE C 384 -17.57 -15.18 15.81
CA PHE C 384 -18.82 -14.83 15.14
C PHE C 384 -19.81 -14.32 16.17
N GLU C 385 -20.47 -13.21 15.85
CA GLU C 385 -21.40 -12.57 16.77
C GLU C 385 -22.81 -13.11 16.57
N LEU C 386 -23.74 -12.61 17.38
CA LEU C 386 -25.14 -13.02 17.31
C LEU C 386 -25.90 -12.06 16.41
N ILE C 387 -26.46 -12.59 15.32
CA ILE C 387 -27.29 -11.81 14.41
C ILE C 387 -28.74 -12.27 14.38
N ASP C 388 -29.08 -13.33 15.11
CA ASP C 388 -30.44 -13.81 15.24
C ASP C 388 -30.98 -13.42 16.62
N ASN C 389 -32.19 -13.90 16.93
CA ASN C 389 -32.78 -13.67 18.24
C ASN C 389 -33.73 -14.83 18.53
N GLU C 390 -33.37 -15.65 19.51
CA GLU C 390 -34.20 -16.79 19.88
C GLU C 390 -35.42 -16.39 20.70
N PHE C 391 -35.33 -15.27 21.42
CA PHE C 391 -36.41 -14.85 22.32
C PHE C 391 -37.44 -13.97 21.63
N THR C 392 -36.98 -12.92 20.93
CA THR C 392 -37.90 -11.94 20.36
C THR C 392 -38.13 -12.13 18.86
N GLU C 393 -37.22 -12.81 18.16
CA GLU C 393 -37.27 -12.99 16.71
C GLU C 393 -37.08 -11.66 15.99
N VAL C 394 -36.64 -11.71 14.73
CA VAL C 394 -36.37 -10.50 13.95
C VAL C 394 -37.40 -10.36 12.84
N GLU C 395 -37.18 -9.41 11.95
CA GLU C 395 -38.05 -9.23 10.79
C GLU C 395 -38.07 -10.50 9.95
N LYS C 396 -39.23 -10.79 9.37
CA LYS C 396 -39.41 -12.05 8.67
C LYS C 396 -38.52 -12.14 7.43
N GLN C 397 -38.36 -11.02 6.71
CA GLN C 397 -37.59 -11.04 5.47
C GLN C 397 -36.10 -11.21 5.75
N ILE C 398 -35.54 -10.34 6.62
CA ILE C 398 -34.14 -10.46 6.97
C ILE C 398 -33.88 -11.77 7.72
N GLY C 399 -34.91 -12.30 8.39
CA GLY C 399 -34.77 -13.60 9.02
C GLY C 399 -34.69 -14.72 8.01
N ASN C 400 -35.46 -14.62 6.92
CA ASN C 400 -35.39 -15.62 5.86
C ASN C 400 -34.05 -15.53 5.12
N VAL C 401 -33.52 -14.31 4.95
CA VAL C 401 -32.21 -14.18 4.33
C VAL C 401 -31.12 -14.76 5.22
N ILE C 402 -31.17 -14.45 6.52
CA ILE C 402 -30.17 -14.98 7.45
C ILE C 402 -30.25 -16.50 7.52
N ASN C 403 -31.46 -17.04 7.62
CA ASN C 403 -31.61 -18.49 7.66
C ASN C 403 -31.14 -19.13 6.36
N TRP C 404 -31.39 -18.46 5.22
CA TRP C 404 -30.95 -18.99 3.94
C TRP C 404 -29.43 -19.04 3.85
N THR C 405 -28.76 -17.95 4.21
CA THR C 405 -27.30 -17.93 4.19
C THR C 405 -26.72 -18.95 5.16
N ARG C 406 -27.30 -19.03 6.37
CA ARG C 406 -26.80 -19.99 7.35
C ARG C 406 -26.94 -21.43 6.85
N ASP C 407 -28.09 -21.74 6.23
CA ASP C 407 -28.27 -23.09 5.70
C ASP C 407 -27.30 -23.37 4.55
N SER C 408 -27.02 -22.37 3.73
CA SER C 408 -26.04 -22.57 2.65
C SER C 408 -24.65 -22.85 3.22
N ILE C 409 -24.20 -22.05 4.19
CA ILE C 409 -22.89 -22.28 4.80
C ILE C 409 -22.84 -23.63 5.48
N THR C 410 -23.94 -24.02 6.14
CA THR C 410 -24.01 -25.33 6.76
C THR C 410 -23.86 -26.44 5.72
N GLU C 411 -24.47 -26.26 4.55
CA GLU C 411 -24.29 -27.22 3.47
C GLU C 411 -22.82 -27.29 3.04
N VAL C 412 -22.17 -26.13 2.90
CA VAL C 412 -20.78 -26.11 2.45
C VAL C 412 -19.89 -26.85 3.45
N TRP C 413 -20.06 -26.56 4.75
CA TRP C 413 -19.19 -27.19 5.74
C TRP C 413 -19.53 -28.67 5.93
N SER C 414 -20.78 -29.07 5.69
CA SER C 414 -21.11 -30.48 5.74
C SER C 414 -20.44 -31.24 4.60
N TYR C 415 -20.51 -30.68 3.39
CA TYR C 415 -19.82 -31.28 2.24
C TYR C 415 -18.32 -31.37 2.49
N ASN C 416 -17.72 -30.26 2.93
CA ASN C 416 -16.28 -30.23 3.16
C ASN C 416 -15.87 -31.20 4.25
N ALA C 417 -16.72 -31.37 5.28
CA ALA C 417 -16.41 -32.31 6.34
C ALA C 417 -16.45 -33.75 5.85
N GLU C 418 -17.53 -34.11 5.14
CA GLU C 418 -17.64 -35.45 4.57
C GLU C 418 -16.45 -35.77 3.67
N LEU C 419 -16.23 -34.92 2.67
CA LEU C 419 -15.14 -35.15 1.72
C LEU C 419 -13.78 -35.20 2.42
N LEU C 420 -13.58 -34.32 3.40
CA LEU C 420 -12.32 -34.31 4.14
C LEU C 420 -12.09 -35.64 4.85
N VAL C 421 -13.10 -36.12 5.58
CA VAL C 421 -12.94 -37.36 6.34
C VAL C 421 -12.68 -38.53 5.41
N ALA C 422 -13.49 -38.66 4.35
CA ALA C 422 -13.30 -39.77 3.42
C ALA C 422 -11.92 -39.74 2.78
N MET C 423 -11.49 -38.56 2.33
CA MET C 423 -10.17 -38.43 1.69
C MET C 423 -9.05 -38.80 2.65
N GLU C 424 -9.10 -38.25 3.88
CA GLU C 424 -8.04 -38.53 4.84
C GLU C 424 -7.99 -40.02 5.19
N ASN C 425 -9.16 -40.67 5.27
CA ASN C 425 -9.17 -42.11 5.51
C ASN C 425 -8.53 -42.87 4.36
N GLN C 426 -8.87 -42.50 3.13
CA GLN C 426 -8.26 -43.13 1.96
C GLN C 426 -6.74 -43.02 2.01
N HIS C 427 -6.23 -41.81 2.19
CA HIS C 427 -4.77 -41.61 2.20
C HIS C 427 -4.12 -42.28 3.41
N THR C 428 -4.86 -42.44 4.51
CA THR C 428 -4.30 -43.10 5.67
C THR C 428 -4.12 -44.60 5.42
N ILE C 429 -5.17 -45.24 4.89
CA ILE C 429 -5.08 -46.66 4.55
C ILE C 429 -3.97 -46.90 3.53
N ASP C 430 -3.98 -46.12 2.45
CA ASP C 430 -2.93 -46.25 1.43
C ASP C 430 -1.55 -45.94 2.01
N LEU C 431 -1.49 -45.10 3.04
CA LEU C 431 -0.23 -44.75 3.67
C LEU C 431 0.35 -45.94 4.43
N ALA C 432 -0.45 -46.54 5.31
CA ALA C 432 0.03 -47.71 6.04
C ALA C 432 0.37 -48.85 5.09
N ASP C 433 -0.46 -49.05 4.06
CA ASP C 433 -0.13 -50.03 3.02
C ASP C 433 1.24 -49.74 2.42
N SER C 434 1.50 -48.47 2.10
CA SER C 434 2.80 -48.08 1.56
C SER C 434 3.94 -48.44 2.51
N GLU C 435 3.75 -48.17 3.82
CA GLU C 435 4.82 -48.47 4.77
C GLU C 435 5.10 -49.97 4.84
N MET C 436 4.04 -50.79 4.85
CA MET C 436 4.24 -52.24 4.87
C MET C 436 5.01 -52.70 3.62
N ASP C 437 4.59 -52.22 2.45
CA ASP C 437 5.27 -52.59 1.22
C ASP C 437 6.74 -52.17 1.25
N LYS C 438 7.02 -50.98 1.79
CA LYS C 438 8.40 -50.50 1.84
C LYS C 438 9.24 -51.37 2.76
N LEU C 439 8.68 -51.81 3.89
CA LEU C 439 9.40 -52.74 4.76
C LEU C 439 9.69 -54.04 4.04
N TYR C 440 8.68 -54.59 3.36
CA TYR C 440 8.84 -55.86 2.64
C TYR C 440 9.94 -55.76 1.60
N GLU C 441 9.91 -54.71 0.77
CA GLU C 441 10.94 -54.54 -0.25
C GLU C 441 12.30 -54.27 0.35
N ARG C 442 12.34 -53.65 1.54
CA ARG C 442 13.62 -53.45 2.21
C ARG C 442 14.23 -54.79 2.62
N VAL C 443 13.41 -55.70 3.15
CA VAL C 443 13.92 -57.03 3.48
C VAL C 443 14.33 -57.77 2.21
N LYS C 444 13.55 -57.63 1.14
CA LYS C 444 13.89 -58.28 -0.13
C LYS C 444 15.26 -57.84 -0.63
N ARG C 445 15.48 -56.53 -0.70
CA ARG C 445 16.78 -56.03 -1.13
C ARG C 445 17.87 -56.41 -0.13
N GLN C 446 17.51 -56.58 1.14
CA GLN C 446 18.51 -56.90 2.15
C GLN C 446 19.01 -58.34 2.03
N LEU C 447 18.13 -59.26 1.63
CA LEU C 447 18.52 -60.66 1.55
C LEU C 447 19.30 -61.00 0.28
N ARG C 448 19.27 -60.13 -0.73
CA ARG C 448 20.06 -60.26 -1.96
C ARG C 448 19.68 -61.58 -2.63
N GLU C 449 20.64 -62.42 -3.02
CA GLU C 449 20.37 -63.65 -3.75
C GLU C 449 20.30 -64.88 -2.84
N ASN C 450 20.28 -64.67 -1.53
CA ASN C 450 20.30 -65.77 -0.57
C ASN C 450 18.92 -66.25 -0.16
N ALA C 451 17.85 -65.65 -0.70
CA ALA C 451 16.49 -66.02 -0.32
C ALA C 451 15.57 -65.76 -1.50
N GLU C 452 14.39 -66.37 -1.44
CA GLU C 452 13.41 -66.24 -2.50
C GLU C 452 12.03 -65.95 -1.90
N GLU C 453 11.31 -65.01 -2.53
CA GLU C 453 9.97 -64.66 -2.08
C GLU C 453 9.04 -65.86 -2.22
N ASP C 454 8.17 -66.04 -1.23
CA ASP C 454 7.21 -67.14 -1.26
C ASP C 454 5.87 -66.75 -1.87
N GLY C 455 5.54 -65.46 -1.89
CA GLY C 455 4.30 -64.98 -2.46
C GLY C 455 3.27 -64.54 -1.44
N THR C 456 3.41 -64.98 -0.19
CA THR C 456 2.46 -64.65 0.87
C THR C 456 3.04 -63.65 1.86
N GLY C 457 4.13 -62.98 1.50
CA GLY C 457 4.79 -62.03 2.38
C GLY C 457 5.96 -62.58 3.15
N CYS C 458 6.35 -63.82 2.90
CA CYS C 458 7.48 -64.45 3.59
C CYS C 458 8.67 -64.58 2.65
N PHE C 459 9.80 -64.95 3.23
CA PHE C 459 11.04 -65.17 2.49
C PHE C 459 11.59 -66.54 2.86
N GLU C 460 11.74 -67.40 1.85
CA GLU C 460 12.41 -68.68 2.03
C GLU C 460 13.91 -68.45 2.00
N ILE C 461 14.57 -68.69 3.14
CA ILE C 461 16.01 -68.53 3.27
C ILE C 461 16.68 -69.85 2.92
N PHE C 462 17.45 -69.86 1.83
CA PHE C 462 18.12 -71.06 1.33
C PHE C 462 19.43 -71.36 2.04
N HIS C 463 19.56 -70.98 3.31
CA HIS C 463 20.72 -71.35 4.11
C HIS C 463 20.26 -71.49 5.56
N LYS C 464 21.21 -71.75 6.46
CA LYS C 464 20.92 -71.96 7.87
C LYS C 464 21.03 -70.63 8.60
N CYS C 465 19.90 -70.10 9.05
CA CYS C 465 19.82 -68.78 9.67
C CYS C 465 19.29 -68.95 11.09
N ASP C 466 20.17 -68.82 12.09
CA ASP C 466 19.80 -69.00 13.48
C ASP C 466 19.16 -67.75 14.05
N ASP C 467 19.12 -67.62 15.37
CA ASP C 467 18.48 -66.47 15.99
C ASP C 467 19.32 -65.20 15.81
N ASP C 468 20.64 -65.31 15.92
CA ASP C 468 21.49 -64.15 15.70
C ASP C 468 21.45 -63.69 14.25
N CYS C 469 21.25 -64.63 13.31
CA CYS C 469 21.11 -64.26 11.90
C CYS C 469 19.79 -63.54 11.65
N MET C 470 18.70 -64.03 12.25
CA MET C 470 17.42 -63.32 12.16
C MET C 470 17.53 -61.93 12.77
N ALA C 471 18.13 -61.83 13.95
CA ALA C 471 18.32 -60.52 14.58
C ALA C 471 19.19 -59.61 13.71
N SER C 472 20.15 -60.18 12.98
CA SER C 472 20.92 -59.39 12.04
C SER C 472 20.07 -58.91 10.88
N ILE C 473 19.07 -59.71 10.48
CA ILE C 473 18.16 -59.27 9.42
C ILE C 473 17.28 -58.14 9.92
N ARG C 474 16.86 -58.20 11.18
CA ARG C 474 15.89 -57.21 11.68
C ARG C 474 16.53 -55.85 11.91
N ASN C 475 17.83 -55.77 12.18
CA ASN C 475 18.48 -54.51 12.49
C ASN C 475 19.40 -54.03 11.37
N ASN C 476 19.19 -54.52 10.14
CA ASN C 476 19.95 -54.09 8.96
C ASN C 476 21.45 -54.30 9.15
N THR C 477 21.82 -55.49 9.61
CA THR C 477 23.22 -55.89 9.72
C THR C 477 23.46 -57.24 9.06
N TYR C 478 22.55 -57.69 8.20
CA TYR C 478 22.69 -58.98 7.53
C TYR C 478 23.62 -58.84 6.35
N ASP C 479 24.76 -59.53 6.41
CA ASP C 479 25.74 -59.54 5.33
C ASP C 479 25.44 -60.73 4.43
N HIS C 480 25.02 -60.45 3.19
CA HIS C 480 24.62 -61.53 2.29
C HIS C 480 25.81 -62.34 1.78
N SER C 481 27.00 -61.75 1.76
CA SER C 481 28.18 -62.49 1.29
C SER C 481 28.60 -63.58 2.26
N LYS C 482 28.19 -63.49 3.53
CA LYS C 482 28.51 -64.55 4.49
C LYS C 482 27.85 -65.86 4.09
N TYR C 483 26.63 -65.80 3.56
CA TYR C 483 25.85 -66.99 3.23
C TYR C 483 25.62 -67.16 1.74
N ARG C 484 26.20 -66.31 0.90
CA ARG C 484 25.88 -66.34 -0.53
C ARG C 484 26.30 -67.64 -1.17
N GLU C 485 27.51 -68.13 -0.86
CA GLU C 485 27.97 -69.39 -1.45
C GLU C 485 27.13 -70.56 -0.95
N GLU C 486 26.73 -70.54 0.31
CA GLU C 486 25.93 -71.63 0.88
C GLU C 486 24.54 -71.66 0.26
N ALA C 487 23.92 -70.50 0.06
CA ALA C 487 22.56 -70.46 -0.46
C ALA C 487 22.52 -70.62 -1.99
N MET C 488 23.58 -70.20 -2.67
CA MET C 488 23.59 -70.26 -4.13
C MET C 488 23.53 -71.70 -4.64
N GLN C 489 24.00 -72.65 -3.83
CA GLN C 489 24.00 -74.05 -4.19
C GLN C 489 22.61 -74.69 -4.07
N ASN C 490 21.55 -73.88 -3.98
CA ASN C 490 20.21 -74.41 -3.85
C ASN C 490 19.23 -73.68 -4.78
N ASP D 1 7.87 -69.70 -25.17
CA ASP D 1 6.79 -69.75 -24.21
C ASP D 1 6.80 -68.54 -23.27
N LYS D 2 5.75 -67.73 -23.34
CA LYS D 2 5.63 -66.54 -22.52
C LYS D 2 4.17 -66.34 -22.13
N ILE D 3 3.97 -65.56 -21.07
CA ILE D 3 2.63 -65.17 -20.64
C ILE D 3 2.65 -63.67 -20.35
N CYS D 4 1.86 -62.91 -21.09
CA CYS D 4 1.74 -61.48 -20.88
C CYS D 4 0.44 -61.19 -20.14
N LEU D 5 0.33 -59.96 -19.63
CA LEU D 5 -0.89 -59.53 -18.96
C LEU D 5 -1.03 -58.03 -19.17
N GLY D 6 -2.26 -57.60 -19.39
CA GLY D 6 -2.50 -56.20 -19.67
C GLY D 6 -3.91 -55.79 -19.34
N HIS D 7 -4.31 -54.66 -19.92
CA HIS D 7 -5.58 -54.01 -19.61
C HIS D 7 -6.36 -53.79 -20.90
N HIS D 8 -7.66 -53.58 -20.75
CA HIS D 8 -8.52 -53.32 -21.90
C HIS D 8 -8.37 -51.87 -22.37
N ALA D 9 -8.82 -51.63 -23.59
CA ALA D 9 -8.76 -50.30 -24.17
C ALA D 9 -9.85 -50.17 -25.22
N VAL D 10 -10.19 -48.91 -25.54
CA VAL D 10 -11.20 -48.61 -26.54
C VAL D 10 -10.62 -47.62 -27.55
N SER D 11 -11.20 -47.62 -28.74
CA SER D 11 -10.72 -46.73 -29.80
C SER D 11 -10.99 -45.27 -29.46
N ASN D 12 -12.25 -44.92 -29.21
CA ASN D 12 -12.63 -43.57 -28.85
C ASN D 12 -12.99 -43.53 -27.37
N GLY D 13 -12.12 -42.92 -26.57
CA GLY D 13 -12.35 -42.75 -25.16
C GLY D 13 -13.06 -41.43 -24.85
N THR D 14 -12.98 -41.03 -23.59
CA THR D 14 -13.60 -39.80 -23.12
C THR D 14 -12.56 -38.97 -22.41
N LYS D 15 -12.33 -37.74 -22.90
CA LYS D 15 -11.35 -36.86 -22.29
C LYS D 15 -11.90 -36.24 -21.01
N VAL D 16 -11.12 -36.32 -19.93
CA VAL D 16 -11.46 -35.73 -18.66
C VAL D 16 -10.31 -34.85 -18.21
N ASN D 17 -10.52 -34.14 -17.10
CA ASN D 17 -9.51 -33.29 -16.50
C ASN D 17 -9.08 -33.85 -15.16
N THR D 18 -7.80 -33.73 -14.85
CA THR D 18 -7.21 -34.27 -13.63
C THR D 18 -6.51 -33.16 -12.86
N LEU D 19 -5.95 -33.53 -11.71
CA LEU D 19 -5.19 -32.59 -10.89
C LEU D 19 -3.94 -32.08 -11.60
N THR D 20 -3.44 -32.82 -12.61
CA THR D 20 -2.15 -32.52 -13.20
C THR D 20 -2.19 -32.45 -14.72
N GLU D 21 -3.33 -32.69 -15.35
CA GLU D 21 -3.40 -32.68 -16.81
C GLU D 21 -4.83 -32.43 -17.24
N ARG D 22 -4.98 -31.78 -18.39
CA ARG D 22 -6.28 -31.54 -19.02
C ARG D 22 -6.35 -32.31 -20.33
N GLY D 23 -7.41 -33.11 -20.48
CA GLY D 23 -7.62 -33.86 -21.70
C GLY D 23 -7.08 -35.27 -21.67
N VAL D 24 -7.16 -35.93 -20.51
CA VAL D 24 -6.72 -37.31 -20.37
C VAL D 24 -7.84 -38.22 -20.83
N GLU D 25 -7.56 -39.05 -21.83
CA GLU D 25 -8.55 -39.99 -22.34
C GLU D 25 -8.69 -41.17 -21.38
N VAL D 26 -9.92 -41.44 -20.95
CA VAL D 26 -10.24 -42.59 -20.12
C VAL D 26 -11.22 -43.48 -20.89
N VAL D 27 -11.37 -44.71 -20.40
CA VAL D 27 -12.23 -45.67 -21.07
C VAL D 27 -13.69 -45.24 -20.99
N ASN D 28 -14.13 -44.80 -19.82
CA ASN D 28 -15.53 -44.46 -19.60
C ASN D 28 -15.61 -43.31 -18.60
N ALA D 29 -16.64 -42.48 -18.77
CA ALA D 29 -16.85 -41.34 -17.89
C ALA D 29 -18.35 -41.03 -17.86
N THR D 30 -18.76 -40.34 -16.80
CA THR D 30 -20.16 -39.95 -16.62
C THR D 30 -20.24 -38.48 -16.26
N GLU D 31 -21.38 -37.86 -16.57
CA GLU D 31 -21.57 -36.44 -16.31
C GLU D 31 -22.06 -36.21 -14.89
N THR D 32 -21.54 -35.16 -14.26
CA THR D 32 -21.95 -34.78 -12.91
C THR D 32 -22.70 -33.46 -12.86
N VAL D 33 -22.76 -32.70 -13.95
CA VAL D 33 -23.45 -31.41 -14.00
C VAL D 33 -24.69 -31.59 -14.87
N GLU D 34 -25.86 -31.40 -14.27
CA GLU D 34 -27.12 -31.63 -14.97
C GLU D 34 -27.44 -30.48 -15.90
N ARG D 35 -27.90 -30.82 -17.11
CA ARG D 35 -28.36 -29.84 -18.08
C ARG D 35 -29.76 -30.11 -18.64
N THR D 36 -30.22 -31.36 -18.61
CA THR D 36 -31.54 -31.67 -19.13
C THR D 36 -32.63 -31.14 -18.19
N ASN D 37 -33.66 -30.54 -18.77
CA ASN D 37 -34.74 -29.91 -18.02
C ASN D 37 -36.08 -30.42 -18.51
N ILE D 38 -36.95 -30.78 -17.58
CA ILE D 38 -38.34 -31.12 -17.90
C ILE D 38 -39.11 -29.81 -18.07
N PRO D 39 -39.65 -29.54 -19.25
CA PRO D 39 -40.30 -28.24 -19.49
C PRO D 39 -41.68 -28.12 -18.86
N ARG D 40 -41.92 -28.83 -17.77
CA ARG D 40 -43.20 -28.80 -17.08
C ARG D 40 -42.99 -28.82 -15.57
N ILE D 41 -44.02 -28.45 -14.84
CA ILE D 41 -43.99 -28.46 -13.38
C ILE D 41 -44.49 -29.83 -12.93
N CYS D 42 -43.56 -30.73 -12.62
CA CYS D 42 -43.90 -32.07 -12.18
C CYS D 42 -44.50 -32.01 -10.78
N SER D 43 -45.81 -32.24 -10.68
CA SER D 43 -46.54 -32.08 -9.43
C SER D 43 -47.34 -33.33 -9.10
N LYS D 44 -46.79 -34.50 -9.41
CA LYS D 44 -47.46 -35.76 -9.12
C LYS D 44 -47.37 -36.05 -7.63
N GLY D 45 -48.51 -36.37 -7.03
CA GLY D 45 -48.56 -36.64 -5.61
C GLY D 45 -48.56 -35.43 -4.71
N LYS D 46 -48.74 -34.23 -5.26
CA LYS D 46 -48.76 -33.00 -4.49
C LYS D 46 -50.03 -32.23 -4.80
N ARG D 47 -50.65 -31.69 -3.75
CA ARG D 47 -51.80 -30.81 -3.93
C ARG D 47 -51.33 -29.49 -4.53
N THR D 48 -51.67 -29.25 -5.80
CA THR D 48 -51.17 -28.10 -6.54
C THR D 48 -52.32 -27.14 -6.83
N VAL D 49 -52.12 -25.87 -6.49
CA VAL D 49 -53.07 -24.81 -6.77
C VAL D 49 -52.37 -23.80 -7.68
N ASP D 50 -52.80 -23.74 -8.93
CA ASP D 50 -52.26 -22.78 -9.89
C ASP D 50 -53.06 -21.49 -9.77
N LEU D 51 -52.40 -20.42 -9.29
CA LEU D 51 -53.10 -19.17 -9.04
C LEU D 51 -53.57 -18.52 -10.34
N GLY D 52 -52.76 -18.62 -11.39
CA GLY D 52 -53.18 -18.07 -12.67
C GLY D 52 -53.21 -16.57 -12.60
N GLN D 53 -54.37 -15.98 -12.93
CA GLN D 53 -54.52 -14.54 -12.93
C GLN D 53 -54.68 -13.95 -11.53
N CYS D 54 -54.81 -14.80 -10.51
CA CYS D 54 -54.94 -14.34 -9.13
C CYS D 54 -53.58 -14.16 -8.50
N GLY D 55 -53.40 -13.05 -7.78
CA GLY D 55 -52.19 -12.80 -7.06
C GLY D 55 -52.20 -13.44 -5.69
N LEU D 56 -51.01 -13.79 -5.20
CA LEU D 56 -50.91 -14.50 -3.93
C LEU D 56 -51.45 -13.66 -2.78
N LEU D 57 -51.13 -12.36 -2.78
CA LEU D 57 -51.63 -11.49 -1.73
C LEU D 57 -53.13 -11.25 -1.85
N GLY D 58 -53.65 -11.23 -3.07
CA GLY D 58 -55.09 -11.04 -3.27
C GLY D 58 -55.92 -12.09 -2.56
N THR D 59 -55.38 -13.30 -2.40
CA THR D 59 -56.08 -14.36 -1.68
C THR D 59 -56.47 -13.94 -0.27
N ILE D 60 -55.79 -12.95 0.31
CA ILE D 60 -56.17 -12.45 1.62
C ILE D 60 -57.23 -11.36 1.53
N THR D 61 -57.19 -10.53 0.47
CA THR D 61 -58.16 -9.45 0.33
C THR D 61 -59.35 -9.86 -0.52
N GLY D 62 -59.11 -10.60 -1.61
CA GLY D 62 -60.17 -11.18 -2.39
C GLY D 62 -60.69 -10.30 -3.51
N PRO D 63 -59.87 -10.07 -4.54
CA PRO D 63 -60.39 -9.45 -5.76
C PRO D 63 -61.19 -10.45 -6.56
N PRO D 64 -61.90 -10.01 -7.61
CA PRO D 64 -62.72 -10.96 -8.39
C PRO D 64 -61.94 -12.15 -8.92
N GLN D 65 -60.66 -11.99 -9.24
CA GLN D 65 -59.87 -13.09 -9.78
C GLN D 65 -59.42 -14.08 -8.72
N CYS D 66 -59.66 -13.80 -7.44
CA CYS D 66 -59.23 -14.67 -6.35
C CYS D 66 -60.41 -15.21 -5.54
N ASP D 67 -61.62 -15.16 -6.09
CA ASP D 67 -62.79 -15.60 -5.35
C ASP D 67 -62.78 -17.11 -5.08
N GLN D 68 -62.03 -17.88 -5.88
CA GLN D 68 -61.93 -19.32 -5.68
C GLN D 68 -60.69 -19.72 -4.88
N PHE D 69 -59.81 -18.77 -4.55
CA PHE D 69 -58.62 -19.05 -3.76
C PHE D 69 -58.69 -18.41 -2.37
N LEU D 70 -59.91 -18.10 -1.89
CA LEU D 70 -60.04 -17.44 -0.61
C LEU D 70 -59.72 -18.37 0.56
N GLU D 71 -59.83 -19.68 0.38
CA GLU D 71 -59.47 -20.65 1.39
C GLU D 71 -58.76 -21.84 0.74
N PHE D 72 -57.79 -21.53 -0.12
CA PHE D 72 -57.10 -22.59 -0.86
C PHE D 72 -56.28 -23.45 0.09
N SER D 73 -55.92 -24.64 -0.40
CA SER D 73 -55.10 -25.57 0.37
C SER D 73 -54.24 -26.35 -0.62
N ALA D 74 -52.92 -26.29 -0.43
CA ALA D 74 -52.01 -26.89 -1.38
C ALA D 74 -50.68 -27.21 -0.72
N ASP D 75 -49.93 -28.11 -1.35
CA ASP D 75 -48.55 -28.37 -0.98
C ASP D 75 -47.56 -27.63 -1.88
N LEU D 76 -48.00 -27.21 -3.07
CA LEU D 76 -47.14 -26.48 -4.00
C LEU D 76 -47.95 -25.31 -4.56
N ILE D 77 -47.57 -24.10 -4.19
CA ILE D 77 -48.22 -22.88 -4.68
C ILE D 77 -47.42 -22.34 -5.85
N ILE D 78 -48.09 -22.02 -6.95
CA ILE D 78 -47.45 -21.58 -8.18
C ILE D 78 -47.95 -20.19 -8.51
N GLU D 79 -47.07 -19.20 -8.44
CA GLU D 79 -47.39 -17.85 -8.88
C GLU D 79 -47.13 -17.70 -10.37
N ARG D 80 -48.06 -17.04 -11.05
CA ARG D 80 -47.94 -16.78 -12.48
C ARG D 80 -47.68 -15.30 -12.72
N ARG D 81 -47.13 -15.01 -13.91
CA ARG D 81 -46.77 -13.63 -14.22
C ARG D 81 -48.00 -12.75 -14.42
N GLU D 82 -49.11 -13.33 -14.91
CA GLU D 82 -50.33 -12.58 -15.11
C GLU D 82 -51.12 -12.34 -13.83
N GLY D 83 -50.62 -12.80 -12.69
CA GLY D 83 -51.33 -12.61 -11.44
C GLY D 83 -51.39 -11.17 -11.02
N SER D 84 -52.40 -10.86 -10.21
CA SER D 84 -52.59 -9.50 -9.68
C SER D 84 -53.17 -9.60 -8.28
N ASP D 85 -52.60 -8.83 -7.36
CA ASP D 85 -53.06 -8.82 -5.98
C ASP D 85 -54.26 -7.91 -5.75
N VAL D 86 -54.56 -7.02 -6.69
CA VAL D 86 -55.56 -5.99 -6.48
C VAL D 86 -56.45 -5.87 -7.70
N CYS D 87 -57.68 -5.40 -7.48
CA CYS D 87 -58.58 -4.93 -8.54
C CYS D 87 -58.69 -3.42 -8.55
N TYR D 88 -58.93 -2.81 -7.39
CA TYR D 88 -58.74 -1.38 -7.23
C TYR D 88 -57.25 -1.08 -7.10
N PRO D 89 -56.74 -0.04 -7.79
CA PRO D 89 -55.30 0.20 -7.79
C PRO D 89 -54.74 0.42 -6.40
N GLY D 90 -53.61 -0.23 -6.13
CA GLY D 90 -52.97 -0.15 -4.83
C GLY D 90 -51.84 -1.13 -4.74
N LYS D 91 -51.23 -1.18 -3.55
CA LYS D 91 -50.12 -2.10 -3.32
C LYS D 91 -49.99 -2.35 -1.82
N PHE D 92 -49.34 -3.47 -1.49
CA PHE D 92 -49.14 -3.89 -0.11
C PHE D 92 -47.87 -3.27 0.47
N VAL D 93 -47.88 -3.07 1.78
CA VAL D 93 -46.68 -2.70 2.52
C VAL D 93 -46.05 -3.99 3.05
N ASN D 94 -44.74 -4.11 2.89
CA ASN D 94 -44.02 -5.35 3.16
C ASN D 94 -44.65 -6.50 2.37
N GLU D 95 -44.81 -6.27 1.05
CA GLU D 95 -45.51 -7.23 0.22
C GLU D 95 -44.72 -8.54 0.07
N GLU D 96 -43.40 -8.44 -0.08
CA GLU D 96 -42.62 -9.65 -0.34
C GLU D 96 -42.53 -10.52 0.90
N ALA D 97 -42.44 -9.91 2.09
CA ALA D 97 -42.43 -10.70 3.32
C ALA D 97 -43.73 -11.48 3.47
N LEU D 98 -44.86 -10.82 3.21
CA LEU D 98 -46.15 -11.50 3.28
C LEU D 98 -46.26 -12.59 2.22
N ARG D 99 -45.68 -12.35 1.04
CA ARG D 99 -45.66 -13.39 0.02
C ARG D 99 -44.90 -14.61 0.49
N GLN D 100 -43.71 -14.40 1.08
CA GLN D 100 -42.92 -15.52 1.59
C GLN D 100 -43.64 -16.22 2.75
N ILE D 101 -44.45 -15.48 3.52
CA ILE D 101 -45.24 -16.09 4.58
C ILE D 101 -46.33 -16.97 3.98
N LEU D 102 -46.95 -16.52 2.90
CA LEU D 102 -48.05 -17.28 2.29
C LEU D 102 -47.55 -18.47 1.49
N ARG D 103 -46.33 -18.42 0.97
CA ARG D 103 -45.83 -19.51 0.14
C ARG D 103 -45.69 -20.80 0.94
N GLU D 104 -45.24 -20.70 2.19
CA GLU D 104 -45.01 -21.86 3.04
C GLU D 104 -46.14 -22.10 4.03
N SER D 105 -47.30 -21.49 3.82
CA SER D 105 -48.40 -21.60 4.76
C SER D 105 -49.27 -22.83 4.55
N GLY D 106 -49.15 -23.49 3.41
CA GLY D 106 -50.01 -24.63 3.13
C GLY D 106 -51.46 -24.29 2.91
N GLY D 107 -51.75 -23.03 2.61
CA GLY D 107 -53.11 -22.56 2.43
C GLY D 107 -53.52 -21.60 3.53
N ILE D 108 -54.73 -21.05 3.35
CA ILE D 108 -55.29 -20.09 4.29
C ILE D 108 -56.69 -20.53 4.69
N ASP D 109 -57.08 -20.19 5.91
CA ASP D 109 -58.41 -20.48 6.45
C ASP D 109 -58.98 -19.20 7.03
N LYS D 110 -60.06 -18.71 6.43
CA LYS D 110 -60.67 -17.46 6.84
C LYS D 110 -61.63 -17.67 8.01
N GLU D 111 -61.83 -16.61 8.78
CA GLU D 111 -62.77 -16.64 9.90
C GLU D 111 -63.39 -15.26 10.06
N ALA D 112 -64.71 -15.22 10.18
CA ALA D 112 -65.40 -13.94 10.27
C ALA D 112 -64.99 -13.19 11.53
N MET D 113 -64.61 -11.92 11.35
CA MET D 113 -64.20 -11.09 12.47
C MET D 113 -65.38 -10.52 13.25
N GLY D 114 -66.58 -10.55 12.67
CA GLY D 114 -67.78 -10.13 13.37
C GLY D 114 -67.88 -8.63 13.60
N PHE D 115 -67.63 -7.85 12.55
CA PHE D 115 -67.72 -6.40 12.65
C PHE D 115 -69.11 -5.94 12.21
N THR D 116 -69.85 -5.33 13.14
CA THR D 116 -71.14 -4.74 12.84
C THR D 116 -71.01 -3.22 12.87
N TYR D 117 -71.76 -2.54 12.00
CA TYR D 117 -71.62 -1.11 11.82
C TYR D 117 -72.97 -0.43 12.01
N SER D 118 -73.06 0.40 13.04
CA SER D 118 -74.20 1.30 13.23
C SER D 118 -73.82 2.68 12.71
N GLY D 119 -74.76 3.30 12.00
CA GLY D 119 -74.51 4.61 11.44
C GLY D 119 -73.90 4.57 10.06
N ILE D 120 -72.57 4.40 9.99
CA ILE D 120 -71.85 4.53 8.72
C ILE D 120 -72.38 3.54 7.67
N ARG D 121 -72.05 3.84 6.42
CA ARG D 121 -72.39 2.96 5.29
C ARG D 121 -71.21 2.04 5.00
N THR D 122 -71.53 0.85 4.47
CA THR D 122 -70.51 -0.19 4.35
C THR D 122 -70.59 -0.97 3.04
N ASN D 123 -71.14 -0.40 1.97
CA ASN D 123 -71.27 -1.10 0.70
C ASN D 123 -70.58 -0.34 -0.43
N GLY D 124 -69.39 0.20 -0.17
CA GLY D 124 -68.65 0.92 -1.19
C GLY D 124 -68.16 -0.04 -2.27
N ALA D 125 -68.41 0.31 -3.53
CA ALA D 125 -68.06 -0.52 -4.66
C ALA D 125 -67.37 0.32 -5.73
N THR D 126 -66.84 -0.36 -6.73
CA THR D 126 -66.14 0.31 -7.83
C THR D 126 -66.23 -0.55 -9.08
N SER D 127 -66.06 0.09 -10.23
CA SER D 127 -66.11 -0.59 -11.52
C SER D 127 -64.82 -1.33 -11.85
N ALA D 128 -63.81 -1.27 -10.98
CA ALA D 128 -62.59 -2.04 -11.20
C ALA D 128 -62.72 -3.47 -10.67
N CYS D 129 -63.50 -3.66 -9.62
CA CYS D 129 -63.75 -4.98 -9.05
C CYS D 129 -65.14 -5.42 -9.48
N ARG D 130 -65.22 -5.97 -10.68
CA ARG D 130 -66.51 -6.34 -11.27
C ARG D 130 -66.82 -7.80 -11.00
N ARG D 131 -67.98 -8.04 -10.37
CA ARG D 131 -68.52 -9.39 -10.22
C ARG D 131 -69.92 -9.42 -10.83
N SER D 132 -70.91 -8.91 -10.11
CA SER D 132 -72.24 -8.73 -10.67
C SER D 132 -72.32 -7.46 -11.51
N GLY D 133 -72.05 -6.32 -10.88
CA GLY D 133 -71.94 -5.06 -11.59
C GLY D 133 -70.72 -4.30 -11.15
N SER D 134 -70.78 -3.70 -9.96
CA SER D 134 -69.64 -3.07 -9.31
C SER D 134 -69.53 -3.64 -7.92
N SER D 135 -68.38 -4.26 -7.62
CA SER D 135 -68.19 -4.89 -6.32
C SER D 135 -66.87 -4.45 -5.70
N PHE D 136 -66.49 -5.10 -4.60
CA PHE D 136 -65.29 -4.73 -3.85
C PHE D 136 -64.57 -6.02 -3.45
N TYR D 137 -63.52 -5.88 -2.65
CA TYR D 137 -62.81 -7.04 -2.15
C TYR D 137 -63.72 -7.88 -1.27
N ALA D 138 -63.75 -9.19 -1.52
CA ALA D 138 -64.67 -10.07 -0.81
C ALA D 138 -64.36 -10.14 0.68
N GLU D 139 -63.09 -10.01 1.06
CA GLU D 139 -62.70 -10.07 2.46
C GLU D 139 -62.61 -8.70 3.11
N MET D 140 -62.96 -7.64 2.39
CA MET D 140 -62.88 -6.27 2.89
C MET D 140 -64.24 -5.61 2.74
N LYS D 141 -64.35 -4.40 3.29
CA LYS D 141 -65.55 -3.59 3.15
C LYS D 141 -65.17 -2.13 3.12
N TRP D 142 -65.72 -1.41 2.15
CA TRP D 142 -65.42 0.01 1.96
C TRP D 142 -66.43 0.83 2.76
N LEU D 143 -65.95 1.46 3.84
CA LEU D 143 -66.81 2.25 4.72
C LEU D 143 -66.88 3.67 4.21
N LEU D 144 -68.10 4.21 4.12
CA LEU D 144 -68.34 5.54 3.58
C LEU D 144 -69.26 6.31 4.52
N SER D 145 -69.32 7.62 4.32
CA SER D 145 -70.28 8.44 5.06
C SER D 145 -71.70 8.05 4.69
N ASN D 146 -72.63 8.35 5.60
CA ASN D 146 -74.01 7.89 5.45
C ASN D 146 -74.63 8.42 4.16
N THR D 147 -74.51 9.72 3.91
CA THR D 147 -75.07 10.32 2.70
C THR D 147 -73.98 10.55 1.67
N ASP D 148 -74.11 11.61 0.89
CA ASP D 148 -73.11 12.00 -0.10
C ASP D 148 -72.08 12.97 0.47
N ASN D 149 -72.17 13.30 1.75
CA ASN D 149 -71.26 14.25 2.36
C ASN D 149 -71.38 14.21 3.88
N ALA D 150 -71.22 15.38 4.49
CA ALA D 150 -71.49 15.60 5.93
C ALA D 150 -70.46 14.79 6.73
N ALA D 151 -70.86 14.12 7.82
CA ALA D 151 -69.90 13.57 8.76
C ALA D 151 -69.81 12.05 8.72
N PHE D 152 -68.61 11.53 8.98
CA PHE D 152 -68.40 10.10 9.22
C PHE D 152 -68.09 9.95 10.69
N PRO D 153 -68.97 9.35 11.50
CA PRO D 153 -68.74 9.34 12.95
C PRO D 153 -67.54 8.49 13.33
N GLN D 154 -66.84 8.95 14.37
CA GLN D 154 -65.68 8.21 14.88
C GLN D 154 -66.12 6.86 15.43
N MET D 155 -65.38 5.81 15.07
CA MET D 155 -65.72 4.47 15.51
C MET D 155 -64.46 3.70 15.90
N THR D 156 -64.65 2.70 16.76
CA THR D 156 -63.60 1.78 17.18
C THR D 156 -64.14 0.36 17.11
N LYS D 157 -63.40 -0.52 16.45
CA LYS D 157 -63.78 -1.92 16.32
C LYS D 157 -62.61 -2.79 16.77
N SER D 158 -62.90 -3.76 17.65
CA SER D 158 -61.88 -4.60 18.25
C SER D 158 -62.15 -6.06 17.94
N TYR D 159 -61.08 -6.79 17.62
CA TYR D 159 -61.15 -8.22 17.33
C TYR D 159 -60.17 -8.96 18.22
N LYS D 160 -60.62 -10.08 18.78
CA LYS D 160 -59.79 -10.93 19.62
C LYS D 160 -59.48 -12.23 18.90
N ASN D 161 -58.22 -12.66 18.97
CA ASN D 161 -57.80 -13.92 18.38
C ASN D 161 -58.09 -15.05 19.36
N THR D 162 -59.08 -15.89 19.02
CA THR D 162 -59.46 -17.02 19.85
C THR D 162 -58.92 -18.34 19.31
N ARG D 163 -57.74 -18.31 18.69
CA ARG D 163 -57.10 -19.51 18.15
C ARG D 163 -55.76 -19.71 18.84
N LYS D 164 -55.16 -20.88 18.60
CA LYS D 164 -53.85 -21.17 19.16
C LYS D 164 -52.71 -20.79 18.22
N ASN D 165 -52.99 -20.55 16.95
CA ASN D 165 -52.02 -20.12 15.97
C ASN D 165 -52.22 -18.63 15.64
N PRO D 166 -51.18 -17.94 15.19
CA PRO D 166 -51.33 -16.53 14.85
C PRO D 166 -52.30 -16.32 13.69
N ALA D 167 -52.90 -15.13 13.65
CA ALA D 167 -53.85 -14.77 12.63
C ALA D 167 -53.29 -13.66 11.74
N LEU D 168 -53.73 -13.63 10.48
CA LEU D 168 -53.27 -12.64 9.52
C LEU D 168 -54.34 -11.56 9.40
N ILE D 169 -54.07 -10.38 9.95
CA ILE D 169 -54.98 -9.24 9.91
C ILE D 169 -54.50 -8.30 8.81
N VAL D 170 -55.37 -7.99 7.86
CA VAL D 170 -55.06 -7.12 6.74
C VAL D 170 -56.14 -6.06 6.64
N TRP D 171 -55.73 -4.79 6.74
CA TRP D 171 -56.63 -3.67 6.57
C TRP D 171 -56.10 -2.77 5.46
N GLY D 172 -56.89 -1.75 5.11
CA GLY D 172 -56.52 -0.89 4.01
C GLY D 172 -56.77 0.58 4.26
N ILE D 173 -55.83 1.42 3.79
CA ILE D 173 -55.98 2.86 3.84
C ILE D 173 -56.30 3.35 2.43
N HIS D 174 -57.28 4.24 2.32
CA HIS D 174 -57.72 4.77 1.03
C HIS D 174 -57.17 6.18 0.85
N HIS D 175 -56.49 6.39 -0.27
CA HIS D 175 -55.94 7.69 -0.65
C HIS D 175 -56.77 8.22 -1.81
N SER D 176 -57.55 9.26 -1.55
CA SER D 176 -58.46 9.83 -2.53
C SER D 176 -57.69 10.64 -3.56
N VAL D 177 -58.36 10.86 -4.71
CA VAL D 177 -57.75 11.62 -5.79
C VAL D 177 -57.54 13.08 -5.41
N SER D 178 -58.30 13.59 -4.46
CA SER D 178 -58.18 14.99 -4.05
C SER D 178 -58.80 15.15 -2.66
N THR D 179 -58.56 16.31 -2.07
CA THR D 179 -59.13 16.60 -0.76
C THR D 179 -60.65 16.66 -0.83
N ALA D 180 -61.20 17.16 -1.94
CA ALA D 180 -62.65 17.25 -2.09
C ALA D 180 -63.30 15.87 -2.10
N GLU D 181 -62.66 14.90 -2.74
CA GLU D 181 -63.20 13.54 -2.75
C GLU D 181 -63.16 12.91 -1.36
N GLN D 182 -62.10 13.18 -0.60
CA GLN D 182 -62.03 12.67 0.76
C GLN D 182 -63.09 13.31 1.66
N THR D 183 -63.33 14.61 1.48
CA THR D 183 -64.39 15.28 2.25
C THR D 183 -65.76 14.78 1.83
N LYS D 184 -65.93 14.43 0.55
CA LYS D 184 -67.20 13.88 0.09
C LYS D 184 -67.45 12.50 0.64
N LEU D 185 -66.42 11.65 0.67
CA LEU D 185 -66.59 10.27 1.10
C LEU D 185 -66.64 10.13 2.62
N TYR D 186 -65.89 10.95 3.36
CA TYR D 186 -65.78 10.75 4.79
C TYR D 186 -65.87 12.02 5.64
N GLY D 187 -65.90 13.21 5.06
CA GLY D 187 -66.03 14.41 5.86
C GLY D 187 -64.87 15.37 5.73
N SER D 188 -65.09 16.63 6.14
CA SER D 188 -64.16 17.72 5.92
C SER D 188 -62.78 17.47 6.54
N GLY D 189 -62.71 17.51 7.87
CA GLY D 189 -61.45 17.59 8.57
C GLY D 189 -60.63 16.31 8.54
N ASN D 190 -59.58 16.33 9.35
CA ASN D 190 -58.55 15.29 9.33
C ASN D 190 -59.15 13.90 9.50
N LYS D 191 -58.59 12.93 8.77
CA LYS D 191 -58.94 11.53 8.93
C LYS D 191 -57.80 10.81 9.63
N LEU D 192 -58.12 9.98 10.60
CA LEU D 192 -57.11 9.30 11.39
C LEU D 192 -57.51 7.84 11.61
N VAL D 193 -56.54 6.95 11.44
CA VAL D 193 -56.70 5.54 11.76
C VAL D 193 -55.66 5.17 12.81
N THR D 194 -56.00 4.22 13.67
CA THR D 194 -55.08 3.75 14.71
C THR D 194 -55.30 2.26 14.90
N VAL D 195 -54.24 1.48 14.75
CA VAL D 195 -54.29 0.04 14.94
C VAL D 195 -53.39 -0.31 16.12
N GLY D 196 -53.94 -1.04 17.10
CA GLY D 196 -53.18 -1.36 18.27
C GLY D 196 -53.47 -2.72 18.88
N SER D 197 -52.43 -3.52 19.11
CA SER D 197 -52.59 -4.82 19.73
C SER D 197 -51.56 -5.11 20.82
N SER D 198 -50.55 -4.26 20.99
CA SER D 198 -49.30 -4.55 21.70
C SER D 198 -48.41 -5.51 20.91
N ASN D 199 -47.10 -5.29 21.01
CA ASN D 199 -46.12 -5.67 19.99
C ASN D 199 -46.58 -5.23 18.60
N TYR D 200 -47.49 -4.26 18.57
CA TYR D 200 -47.88 -3.53 17.39
C TYR D 200 -48.52 -2.24 17.86
N GLN D 201 -48.53 -1.24 16.98
CA GLN D 201 -49.06 0.08 17.24
C GLN D 201 -48.85 0.90 15.97
N GLN D 202 -49.85 1.68 15.58
CA GLN D 202 -49.67 2.56 14.42
C GLN D 202 -50.82 3.54 14.29
N SER D 203 -50.53 4.65 13.64
CA SER D 203 -51.53 5.63 13.22
C SER D 203 -51.36 5.88 11.73
N PHE D 204 -52.41 6.39 11.10
CA PHE D 204 -52.41 6.59 9.66
C PHE D 204 -53.23 7.83 9.32
N VAL D 205 -52.66 8.68 8.48
CA VAL D 205 -53.34 9.86 7.96
C VAL D 205 -53.34 9.74 6.43
N PRO D 206 -54.49 9.82 5.78
CA PRO D 206 -54.52 9.66 4.31
C PRO D 206 -53.81 10.81 3.61
N SER D 207 -53.38 10.53 2.39
CA SER D 207 -52.66 11.49 1.55
C SER D 207 -53.41 11.65 0.23
N PRO D 208 -54.43 12.49 0.20
CA PRO D 208 -55.16 12.72 -1.06
C PRO D 208 -54.25 13.36 -2.10
N GLY D 209 -54.44 12.96 -3.35
CA GLY D 209 -53.61 13.46 -4.43
C GLY D 209 -53.80 12.70 -5.72
N ALA D 210 -53.48 13.33 -6.85
CA ALA D 210 -53.69 12.74 -8.15
C ALA D 210 -52.56 11.76 -8.46
N ARG D 211 -52.91 10.51 -8.70
CA ARG D 211 -52.00 9.46 -9.15
C ARG D 211 -52.29 9.12 -10.60
N PRO D 212 -51.35 8.47 -11.30
CA PRO D 212 -51.62 8.09 -12.68
C PRO D 212 -52.76 7.08 -12.77
N GLN D 213 -53.52 7.17 -13.86
CA GLN D 213 -54.71 6.33 -14.04
C GLN D 213 -54.30 4.88 -14.20
N VAL D 214 -54.52 4.09 -13.16
CA VAL D 214 -54.41 2.63 -13.23
C VAL D 214 -55.82 2.06 -13.12
N ASN D 215 -56.23 1.32 -14.13
CA ASN D 215 -57.61 0.81 -14.24
C ASN D 215 -58.60 1.97 -14.27
N GLY D 216 -58.22 3.07 -14.91
CA GLY D 216 -59.06 4.24 -15.03
C GLY D 216 -59.24 5.05 -13.78
N LEU D 217 -58.82 4.56 -12.62
CA LEU D 217 -58.98 5.25 -11.35
C LEU D 217 -57.65 5.83 -10.88
N SER D 218 -57.73 6.95 -10.18
CA SER D 218 -56.54 7.66 -9.71
C SER D 218 -56.37 7.61 -8.20
N GLY D 219 -57.30 6.98 -7.47
CA GLY D 219 -57.10 6.75 -6.05
C GLY D 219 -56.23 5.55 -5.79
N ARG D 220 -55.76 5.43 -4.56
CA ARG D 220 -54.82 4.36 -4.21
C ARG D 220 -55.19 3.78 -2.84
N ILE D 221 -55.67 2.55 -2.81
CA ILE D 221 -55.93 1.82 -1.59
C ILE D 221 -54.70 0.96 -1.30
N ASP D 222 -53.91 1.32 -0.29
CA ASP D 222 -52.74 0.54 0.09
C ASP D 222 -53.04 -0.28 1.34
N PHE D 223 -52.58 -1.52 1.34
CA PHE D 223 -52.94 -2.49 2.37
C PHE D 223 -51.80 -2.69 3.35
N HIS D 224 -52.16 -2.78 4.63
CA HIS D 224 -51.23 -3.11 5.71
C HIS D 224 -51.67 -4.40 6.37
N TRP D 225 -50.73 -5.07 7.03
CA TRP D 225 -51.01 -6.36 7.64
C TRP D 225 -50.16 -6.53 8.90
N LEU D 226 -50.78 -7.11 9.93
CA LEU D 226 -50.10 -7.54 11.14
C LEU D 226 -50.49 -8.98 11.44
N MET D 227 -49.75 -9.60 12.36
CA MET D 227 -50.01 -10.98 12.77
C MET D 227 -50.42 -10.98 14.23
N LEU D 228 -51.68 -11.31 14.49
CA LEU D 228 -52.18 -11.38 15.85
C LEU D 228 -51.74 -12.67 16.53
N ASN D 229 -51.33 -12.54 17.78
CA ASN D 229 -50.99 -13.69 18.62
C ASN D 229 -52.24 -14.21 19.32
N PRO D 230 -52.18 -15.42 19.88
CA PRO D 230 -53.33 -15.94 20.63
C PRO D 230 -53.68 -15.03 21.79
N ASN D 231 -54.99 -14.85 22.01
CA ASN D 231 -55.51 -14.02 23.09
C ASN D 231 -55.20 -12.54 22.89
N ASP D 232 -54.52 -12.20 21.81
CA ASP D 232 -54.15 -10.81 21.56
C ASP D 232 -55.32 -10.08 20.91
N THR D 233 -55.63 -8.90 21.44
CA THR D 233 -56.75 -8.09 20.97
C THR D 233 -56.23 -6.93 20.12
N VAL D 234 -56.79 -6.77 18.93
CA VAL D 234 -56.45 -5.67 18.03
C VAL D 234 -57.60 -4.68 18.02
N THR D 235 -57.27 -3.39 17.99
CA THR D 235 -58.26 -2.32 18.04
C THR D 235 -58.00 -1.34 16.90
N PHE D 236 -59.08 -1.01 16.18
CA PHE D 236 -59.05 -0.04 15.09
C PHE D 236 -59.88 1.18 15.49
N SER D 237 -59.23 2.34 15.54
CA SER D 237 -59.90 3.61 15.84
C SER D 237 -59.81 4.49 14.60
N PHE D 238 -60.94 4.68 13.93
CA PHE D 238 -60.95 5.38 12.64
C PHE D 238 -62.16 6.30 12.54
N ASN D 239 -62.12 7.17 11.54
CA ASN D 239 -63.23 8.08 11.26
C ASN D 239 -63.38 8.35 9.77
N GLY D 240 -62.83 7.49 8.93
CA GLY D 240 -62.99 7.59 7.50
C GLY D 240 -61.73 7.15 6.78
N ALA D 241 -61.84 7.01 5.46
CA ALA D 241 -60.76 6.56 4.60
C ALA D 241 -60.15 5.25 5.12
N PHE D 242 -61.02 4.32 5.50
CA PHE D 242 -60.60 3.07 6.13
C PHE D 242 -61.27 1.91 5.41
N ILE D 243 -60.47 1.01 4.85
CA ILE D 243 -60.96 -0.21 4.23
C ILE D 243 -60.95 -1.30 5.29
N ALA D 244 -62.13 -1.65 5.80
CA ALA D 244 -62.20 -2.51 6.98
C ALA D 244 -62.04 -3.98 6.58
N PRO D 245 -61.36 -4.77 7.40
CA PRO D 245 -61.30 -6.21 7.15
C PRO D 245 -62.59 -6.89 7.58
N ASP D 246 -63.00 -7.89 6.80
CA ASP D 246 -64.21 -8.65 7.10
C ASP D 246 -63.93 -10.05 7.63
N ARG D 247 -62.84 -10.68 7.20
CA ARG D 247 -62.48 -12.01 7.67
C ARG D 247 -60.96 -12.08 7.85
N ALA D 248 -60.53 -12.73 8.91
CA ALA D 248 -59.11 -12.94 9.17
C ALA D 248 -58.64 -14.23 8.51
N SER D 249 -57.33 -14.38 8.42
CA SER D 249 -56.70 -15.51 7.75
C SER D 249 -55.83 -16.27 8.74
N PHE D 250 -55.81 -17.60 8.60
CA PHE D 250 -55.00 -18.47 9.43
C PHE D 250 -54.20 -19.41 8.54
N LEU D 251 -52.95 -19.66 8.91
CA LEU D 251 -52.08 -20.54 8.14
C LEU D 251 -52.47 -22.00 8.39
N ARG D 252 -52.68 -22.74 7.31
CA ARG D 252 -53.10 -24.13 7.41
C ARG D 252 -51.97 -25.03 7.87
N GLY D 253 -50.92 -25.17 7.05
CA GLY D 253 -49.82 -26.04 7.39
C GLY D 253 -48.49 -25.62 6.77
N LYS D 254 -48.06 -26.37 5.75
CA LYS D 254 -46.77 -26.13 5.12
C LYS D 254 -46.89 -26.43 3.63
N SER D 255 -46.22 -25.61 2.82
CA SER D 255 -46.19 -25.80 1.37
C SER D 255 -44.93 -25.15 0.82
N MET D 256 -44.83 -25.11 -0.50
CA MET D 256 -43.72 -24.48 -1.19
C MET D 256 -44.27 -23.58 -2.30
N GLY D 257 -43.62 -22.43 -2.48
CA GLY D 257 -44.06 -21.44 -3.45
C GLY D 257 -43.00 -21.29 -4.53
N ILE D 258 -43.45 -21.46 -5.78
CA ILE D 258 -42.59 -21.32 -6.95
C ILE D 258 -43.26 -20.36 -7.91
N GLN D 259 -42.44 -19.80 -8.81
CA GLN D 259 -42.88 -18.88 -9.85
C GLN D 259 -42.44 -19.46 -11.19
N SER D 260 -43.41 -19.91 -11.99
CA SER D 260 -43.13 -20.58 -13.25
C SER D 260 -44.00 -20.01 -14.36
N GLY D 261 -43.66 -20.37 -15.59
CA GLY D 261 -44.43 -19.96 -16.75
C GLY D 261 -44.72 -21.12 -17.69
N VAL D 262 -44.55 -22.34 -17.20
CA VAL D 262 -44.81 -23.54 -17.98
C VAL D 262 -46.02 -24.27 -17.40
N GLN D 263 -46.59 -25.16 -18.21
CA GLN D 263 -47.79 -25.87 -17.82
C GLN D 263 -47.49 -26.86 -16.69
N VAL D 264 -48.56 -27.38 -16.09
CA VAL D 264 -48.48 -28.31 -14.97
C VAL D 264 -48.66 -29.72 -15.51
N ASP D 265 -47.80 -30.64 -15.06
CA ASP D 265 -47.86 -32.03 -15.48
C ASP D 265 -47.91 -32.91 -14.23
N ALA D 266 -49.05 -33.55 -14.00
CA ALA D 266 -49.22 -34.47 -12.89
C ALA D 266 -48.78 -35.89 -13.23
N ASP D 267 -48.05 -36.06 -14.33
CA ASP D 267 -47.54 -37.37 -14.73
C ASP D 267 -46.14 -37.62 -14.20
N CYS D 268 -45.28 -36.61 -14.20
CA CYS D 268 -43.92 -36.72 -13.68
C CYS D 268 -43.86 -36.20 -12.25
N GLU D 269 -42.83 -36.65 -11.53
CA GLU D 269 -42.63 -36.31 -10.13
C GLU D 269 -41.26 -35.67 -9.95
N GLY D 270 -41.21 -34.57 -9.21
CA GLY D 270 -39.97 -33.87 -8.98
C GLY D 270 -40.03 -33.04 -7.72
N ASP D 271 -38.85 -32.76 -7.18
CA ASP D 271 -38.73 -31.98 -5.94
C ASP D 271 -37.92 -30.70 -6.14
N CYS D 272 -37.37 -30.46 -7.33
CA CYS D 272 -36.61 -29.25 -7.63
C CYS D 272 -37.32 -28.51 -8.75
N TYR D 273 -37.68 -27.26 -8.49
CA TYR D 273 -38.43 -26.45 -9.44
C TYR D 273 -37.69 -25.16 -9.75
N TYR D 274 -38.04 -24.57 -10.89
CA TYR D 274 -37.59 -23.23 -11.26
C TYR D 274 -38.56 -22.70 -12.32
N SER D 275 -38.26 -21.53 -12.88
CA SER D 275 -39.20 -20.87 -13.78
C SER D 275 -39.43 -21.68 -15.05
N GLY D 276 -38.39 -22.35 -15.55
CA GLY D 276 -38.49 -23.09 -16.80
C GLY D 276 -39.04 -24.49 -16.69
N GLY D 277 -39.18 -25.02 -15.48
CA GLY D 277 -39.72 -26.36 -15.32
C GLY D 277 -39.28 -27.07 -14.05
N THR D 278 -38.95 -28.35 -14.17
CA THR D 278 -38.61 -29.19 -13.03
C THR D 278 -37.30 -29.90 -13.30
N ILE D 279 -36.38 -29.84 -12.33
CA ILE D 279 -35.06 -30.46 -12.43
C ILE D 279 -35.14 -31.81 -11.73
N ILE D 280 -35.35 -32.86 -12.50
CA ILE D 280 -35.35 -34.23 -11.98
C ILE D 280 -34.00 -34.85 -12.33
N SER D 281 -33.15 -35.02 -11.32
CA SER D 281 -31.80 -35.51 -11.57
C SER D 281 -31.22 -36.08 -10.29
N ASN D 282 -30.29 -37.02 -10.46
CA ASN D 282 -29.52 -37.56 -9.35
C ASN D 282 -28.12 -36.99 -9.28
N LEU D 283 -27.70 -36.22 -10.27
CA LEU D 283 -26.37 -35.62 -10.26
C LEU D 283 -26.26 -34.59 -9.15
N PRO D 284 -25.07 -34.41 -8.59
CA PRO D 284 -24.91 -33.47 -7.46
C PRO D 284 -24.86 -32.00 -7.87
N PHE D 285 -24.75 -31.69 -9.16
CA PHE D 285 -24.65 -30.31 -9.62
C PHE D 285 -25.59 -30.08 -10.78
N GLN D 286 -25.94 -28.81 -11.00
CA GLN D 286 -26.80 -28.41 -12.10
C GLN D 286 -26.39 -27.03 -12.58
N ASN D 287 -26.49 -26.82 -13.90
CA ASN D 287 -26.14 -25.55 -14.52
C ASN D 287 -27.35 -25.02 -15.27
N ILE D 288 -28.51 -25.05 -14.65
CA ILE D 288 -29.74 -24.66 -15.32
C ILE D 288 -30.20 -23.29 -14.81
N ASP D 289 -30.39 -23.17 -13.50
CA ASP D 289 -30.88 -21.93 -12.91
C ASP D 289 -30.37 -21.81 -11.49
N SER D 290 -29.65 -20.71 -11.21
CA SER D 290 -29.08 -20.51 -9.88
C SER D 290 -30.14 -20.22 -8.83
N ARG D 291 -31.35 -19.85 -9.24
CA ARG D 291 -32.43 -19.53 -8.30
C ARG D 291 -33.43 -20.66 -8.13
N ALA D 292 -33.03 -21.90 -8.45
CA ALA D 292 -33.91 -23.04 -8.25
C ALA D 292 -34.18 -23.24 -6.76
N VAL D 293 -35.37 -23.73 -6.45
CA VAL D 293 -35.83 -23.88 -5.07
C VAL D 293 -36.27 -25.32 -4.85
N GLY D 294 -36.41 -25.68 -3.57
CA GLY D 294 -36.73 -27.04 -3.19
C GLY D 294 -35.49 -27.82 -2.80
N LYS D 295 -35.44 -29.10 -3.15
CA LYS D 295 -34.27 -29.95 -2.93
C LYS D 295 -33.60 -30.14 -4.28
N CYS D 296 -32.56 -29.36 -4.54
CA CYS D 296 -31.92 -29.27 -5.85
C CYS D 296 -30.45 -29.62 -5.76
N PRO D 297 -29.83 -30.01 -6.88
CA PRO D 297 -28.38 -30.05 -6.93
C PRO D 297 -27.82 -28.63 -6.85
N ARG D 298 -26.61 -28.52 -6.31
CA ARG D 298 -25.98 -27.22 -6.12
C ARG D 298 -25.63 -26.61 -7.47
N TYR D 299 -26.03 -25.35 -7.67
CA TYR D 299 -25.75 -24.67 -8.92
C TYR D 299 -24.26 -24.37 -9.05
N VAL D 300 -23.75 -24.50 -10.28
CA VAL D 300 -22.34 -24.25 -10.58
C VAL D 300 -22.25 -23.51 -11.90
N LYS D 301 -21.14 -22.80 -12.09
CA LYS D 301 -20.94 -22.05 -13.33
C LYS D 301 -20.63 -22.98 -14.49
N GLN D 302 -19.85 -24.03 -14.26
CA GLN D 302 -19.50 -24.96 -15.31
C GLN D 302 -20.74 -25.69 -15.81
N ARG D 303 -20.76 -26.00 -17.10
CA ARG D 303 -21.86 -26.74 -17.71
C ARG D 303 -21.55 -28.20 -17.95
N SER D 304 -20.31 -28.64 -17.70
CA SER D 304 -19.94 -30.03 -17.89
C SER D 304 -18.70 -30.33 -17.06
N LEU D 305 -18.75 -31.39 -16.25
CA LEU D 305 -17.63 -31.82 -15.42
C LEU D 305 -17.62 -33.36 -15.45
N LEU D 306 -16.85 -33.91 -16.39
CA LEU D 306 -16.85 -35.35 -16.61
C LEU D 306 -16.05 -36.05 -15.52
N LEU D 307 -16.69 -37.04 -14.88
CA LEU D 307 -16.06 -37.86 -13.86
C LEU D 307 -15.64 -39.18 -14.48
N ALA D 308 -14.35 -39.50 -14.38
CA ALA D 308 -13.83 -40.73 -14.99
C ALA D 308 -14.34 -41.94 -14.24
N THR D 309 -14.92 -42.89 -14.99
CA THR D 309 -15.39 -44.16 -14.42
C THR D 309 -14.58 -45.34 -14.96
N GLY D 310 -13.42 -45.07 -15.57
CA GLY D 310 -12.58 -46.11 -16.11
C GLY D 310 -11.12 -45.70 -16.04
N MET D 311 -10.26 -46.64 -16.44
CA MET D 311 -8.83 -46.39 -16.43
C MET D 311 -8.43 -45.46 -17.57
N LYS D 312 -7.16 -45.09 -17.59
CA LYS D 312 -6.63 -44.30 -18.68
C LYS D 312 -6.64 -45.11 -19.97
N ASN D 313 -7.14 -44.51 -21.04
CA ASN D 313 -7.28 -45.19 -22.32
C ASN D 313 -5.99 -45.06 -23.11
N VAL D 314 -5.36 -46.18 -23.42
CA VAL D 314 -4.12 -46.21 -24.19
C VAL D 314 -4.33 -47.06 -25.43
N PRO D 315 -4.77 -46.48 -26.54
CA PRO D 315 -4.98 -47.28 -27.77
C PRO D 315 -3.65 -47.71 -28.37
N GLU D 316 -3.73 -48.68 -29.29
CA GLU D 316 -2.55 -49.19 -29.97
C GLU D 316 -2.11 -48.24 -31.08
N LEU D 323 1.10 -43.12 -11.66
CA LEU D 323 1.76 -43.23 -10.36
C LEU D 323 2.53 -44.54 -10.23
N PHE D 324 1.86 -45.65 -10.56
CA PHE D 324 2.44 -46.97 -10.37
C PHE D 324 3.15 -47.50 -11.61
N GLY D 325 3.01 -46.83 -12.75
CA GLY D 325 3.83 -47.12 -13.91
C GLY D 325 3.40 -48.31 -14.75
N ALA D 326 2.30 -48.96 -14.42
CA ALA D 326 1.84 -50.09 -15.24
C ALA D 326 1.01 -49.60 -16.42
N ILE D 327 -0.13 -48.97 -16.16
CA ILE D 327 -0.94 -48.40 -17.23
C ILE D 327 -0.20 -47.21 -17.83
N ALA D 328 -0.09 -47.19 -19.15
CA ALA D 328 0.62 -46.14 -19.89
C ALA D 328 2.07 -46.00 -19.41
N GLY D 329 2.65 -47.09 -18.92
CA GLY D 329 4.02 -47.08 -18.45
C GLY D 329 4.88 -48.10 -19.18
N PHE D 330 5.35 -49.14 -18.47
CA PHE D 330 6.13 -50.17 -19.12
C PHE D 330 5.27 -51.13 -19.93
N ILE D 331 3.96 -51.18 -19.66
CA ILE D 331 3.02 -51.83 -20.56
C ILE D 331 2.67 -50.82 -21.65
N GLU D 332 3.16 -51.05 -22.87
CA GLU D 332 3.17 -50.00 -23.89
C GLU D 332 1.77 -49.52 -24.23
N ASN D 333 0.80 -50.43 -24.28
CA ASN D 333 -0.55 -50.05 -24.68
C ASN D 333 -1.54 -51.07 -24.13
N GLY D 334 -2.82 -50.85 -24.42
CA GLY D 334 -3.88 -51.73 -24.02
C GLY D 334 -4.41 -52.56 -25.19
N TRP D 335 -5.35 -53.44 -24.85
CA TRP D 335 -5.93 -54.39 -25.81
C TRP D 335 -7.39 -54.04 -26.03
N GLU D 336 -7.73 -53.69 -27.28
CA GLU D 336 -9.13 -53.49 -27.62
C GLU D 336 -9.88 -54.81 -27.73
N GLY D 337 -9.18 -55.92 -27.95
CA GLY D 337 -9.83 -57.20 -28.04
C GLY D 337 -10.31 -57.72 -26.70
N LEU D 338 -9.67 -57.28 -25.61
CA LEU D 338 -10.09 -57.67 -24.27
C LEU D 338 -11.43 -57.03 -23.94
N ILE D 339 -12.53 -57.72 -24.26
CA ILE D 339 -13.88 -57.22 -24.01
C ILE D 339 -14.54 -57.93 -22.84
N ASP D 340 -13.87 -58.89 -22.21
CA ASP D 340 -14.45 -59.65 -21.12
C ASP D 340 -14.20 -59.01 -19.75
N GLY D 341 -13.31 -58.03 -19.68
CA GLY D 341 -13.02 -57.39 -18.40
C GLY D 341 -12.00 -56.29 -18.57
N TRP D 342 -11.53 -55.78 -17.43
CA TRP D 342 -10.60 -54.67 -17.42
C TRP D 342 -9.14 -55.13 -17.54
N TYR D 343 -8.79 -56.23 -16.88
CA TYR D 343 -7.45 -56.79 -16.93
C TYR D 343 -7.51 -58.22 -17.41
N GLY D 344 -6.42 -58.68 -18.02
CA GLY D 344 -6.44 -60.04 -18.55
C GLY D 344 -5.05 -60.55 -18.87
N PHE D 345 -5.01 -61.84 -19.19
CA PHE D 345 -3.80 -62.53 -19.59
C PHE D 345 -3.82 -62.80 -21.09
N ARG D 346 -2.63 -62.91 -21.68
CA ARG D 346 -2.46 -63.26 -23.09
C ARG D 346 -1.20 -64.10 -23.20
N HIS D 347 -1.37 -65.41 -23.37
CA HIS D 347 -0.26 -66.36 -23.34
C HIS D 347 0.08 -66.86 -24.73
N GLN D 348 1.35 -67.24 -24.91
CA GLN D 348 1.87 -67.76 -26.16
C GLN D 348 2.76 -68.94 -25.82
N ASN D 349 2.34 -70.15 -26.25
CA ASN D 349 2.96 -71.39 -25.78
C ASN D 349 3.19 -72.23 -27.03
N ALA D 350 2.64 -73.44 -27.11
CA ALA D 350 2.75 -74.26 -28.32
C ALA D 350 1.42 -74.59 -28.97
N GLN D 351 0.32 -74.55 -28.23
CA GLN D 351 -1.01 -74.90 -28.71
C GLN D 351 -1.73 -73.72 -29.38
N GLY D 352 -1.10 -72.56 -29.46
CA GLY D 352 -1.74 -71.40 -30.02
C GLY D 352 -1.49 -70.14 -29.21
N GLU D 353 -2.44 -69.20 -29.23
CA GLU D 353 -2.34 -67.99 -28.43
C GLU D 353 -3.65 -67.81 -27.68
N GLY D 354 -3.55 -67.41 -26.41
CA GLY D 354 -4.71 -67.29 -25.55
C GLY D 354 -4.86 -65.89 -25.00
N THR D 355 -6.11 -65.51 -24.74
CA THR D 355 -6.42 -64.20 -24.16
C THR D 355 -7.63 -64.36 -23.26
N ALA D 356 -7.40 -64.32 -21.94
CA ALA D 356 -8.45 -64.42 -20.94
C ALA D 356 -8.47 -63.13 -20.13
N ALA D 357 -9.44 -63.04 -19.22
CA ALA D 357 -9.60 -61.90 -18.34
C ALA D 357 -9.57 -62.35 -16.88
N ASP D 358 -8.99 -61.51 -16.04
CA ASP D 358 -8.94 -61.77 -14.60
C ASP D 358 -10.14 -61.11 -13.92
N TYR D 359 -10.92 -61.91 -13.19
CA TYR D 359 -12.15 -61.42 -12.60
C TYR D 359 -11.93 -60.68 -11.28
N LYS D 360 -10.91 -61.08 -10.51
CA LYS D 360 -10.70 -60.49 -9.20
C LYS D 360 -10.32 -59.01 -9.31
N SER D 361 -9.31 -58.70 -10.14
CA SER D 361 -8.87 -57.31 -10.26
C SER D 361 -9.91 -56.45 -10.95
N THR D 362 -10.49 -56.96 -12.04
CA THR D 362 -11.53 -56.23 -12.74
C THR D 362 -12.70 -55.90 -11.81
N GLN D 363 -13.25 -56.91 -11.14
CA GLN D 363 -14.35 -56.67 -10.23
C GLN D 363 -13.94 -55.79 -9.06
N SER D 364 -12.66 -55.83 -8.68
CA SER D 364 -12.16 -54.97 -7.61
C SER D 364 -12.24 -53.50 -8.01
N ALA D 365 -11.65 -53.16 -9.18
CA ALA D 365 -11.70 -51.78 -9.65
C ALA D 365 -13.13 -51.33 -9.92
N ILE D 366 -13.97 -52.24 -10.45
CA ILE D 366 -15.35 -51.90 -10.71
C ILE D 366 -16.08 -51.58 -9.41
N ASP D 367 -15.81 -52.37 -8.35
CA ASP D 367 -16.43 -52.09 -7.05
C ASP D 367 -15.94 -50.78 -6.48
N GLN D 368 -14.66 -50.46 -6.69
CA GLN D 368 -14.12 -49.21 -6.14
C GLN D 368 -14.73 -47.99 -6.84
N ILE D 369 -14.65 -47.93 -8.16
CA ILE D 369 -15.21 -46.80 -8.89
C ILE D 369 -16.72 -46.74 -8.70
N THR D 370 -17.37 -47.90 -8.57
CA THR D 370 -18.78 -47.93 -8.22
C THR D 370 -19.02 -47.29 -6.85
N GLY D 371 -18.09 -47.50 -5.92
CA GLY D 371 -18.20 -46.83 -4.62
C GLY D 371 -18.10 -45.32 -4.75
N LYS D 372 -17.15 -44.85 -5.57
CA LYS D 372 -17.07 -43.41 -5.84
C LYS D 372 -18.38 -42.90 -6.42
N LEU D 373 -18.95 -43.62 -7.39
CA LEU D 373 -20.20 -43.21 -8.00
C LEU D 373 -21.32 -43.10 -6.97
N ASN D 374 -21.49 -44.15 -6.17
CA ASN D 374 -22.53 -44.14 -5.14
C ASN D 374 -22.34 -43.00 -4.16
N ARG D 375 -21.08 -42.67 -3.85
CA ARG D 375 -20.82 -41.60 -2.90
C ARG D 375 -21.08 -40.22 -3.51
N LEU D 376 -20.89 -40.06 -4.82
CA LEU D 376 -20.98 -38.73 -5.42
C LEU D 376 -22.40 -38.35 -5.83
N ILE D 377 -23.18 -39.28 -6.38
CA ILE D 377 -24.54 -38.94 -6.83
C ILE D 377 -25.48 -38.91 -5.64
N GLU D 378 -25.14 -38.12 -4.62
CA GLU D 378 -25.95 -38.02 -3.42
C GLU D 378 -27.01 -36.93 -3.57
N LYS D 379 -28.18 -37.19 -3.02
CA LYS D 379 -29.29 -36.23 -3.02
C LYS D 379 -29.33 -35.51 -1.68
N THR D 380 -29.49 -34.19 -1.73
CA THR D 380 -29.52 -33.37 -0.53
C THR D 380 -30.96 -33.20 -0.08
N ASN D 381 -31.23 -33.55 1.18
CA ASN D 381 -32.56 -33.42 1.76
C ASN D 381 -32.80 -32.05 2.37
N GLN D 382 -32.02 -31.04 1.98
CA GLN D 382 -32.17 -29.68 2.48
C GLN D 382 -32.97 -28.88 1.46
N GLN D 383 -34.16 -28.45 1.86
CA GLN D 383 -35.02 -27.65 1.00
C GLN D 383 -34.72 -26.17 1.19
N PHE D 384 -34.54 -25.45 0.09
CA PHE D 384 -34.33 -24.01 0.12
C PHE D 384 -35.56 -23.30 -0.44
N GLU D 385 -35.96 -22.21 0.22
CA GLU D 385 -37.16 -21.49 -0.15
C GLU D 385 -36.82 -20.34 -1.09
N LEU D 386 -37.85 -19.63 -1.54
CA LEU D 386 -37.69 -18.53 -2.47
C LEU D 386 -37.57 -17.23 -1.69
N ILE D 387 -36.43 -16.54 -1.83
CA ILE D 387 -36.21 -15.25 -1.19
C ILE D 387 -36.07 -14.13 -2.20
N ASP D 388 -36.14 -14.44 -3.49
CA ASP D 388 -36.17 -13.44 -4.55
C ASP D 388 -37.58 -13.36 -5.13
N ASN D 389 -37.71 -12.70 -6.27
CA ASN D 389 -39.01 -12.58 -6.94
C ASN D 389 -38.74 -12.27 -8.40
N GLU D 390 -39.09 -13.21 -9.29
CA GLU D 390 -38.85 -13.02 -10.71
C GLU D 390 -39.83 -12.04 -11.33
N PHE D 391 -40.95 -11.76 -10.66
CA PHE D 391 -41.99 -10.91 -11.21
C PHE D 391 -41.91 -9.49 -10.64
N THR D 392 -41.99 -9.35 -9.32
CA THR D 392 -41.95 -8.06 -8.65
C THR D 392 -40.62 -7.95 -7.92
N GLU D 393 -39.67 -7.24 -8.53
CA GLU D 393 -38.32 -7.14 -7.98
C GLU D 393 -38.36 -6.53 -6.58
N VAL D 394 -37.56 -7.10 -5.68
CA VAL D 394 -37.52 -6.69 -4.29
C VAL D 394 -36.74 -5.39 -4.15
N GLU D 395 -36.54 -4.93 -2.91
CA GLU D 395 -35.75 -3.75 -2.65
C GLU D 395 -34.35 -3.88 -3.24
N LYS D 396 -33.82 -2.77 -3.76
CA LYS D 396 -32.54 -2.81 -4.46
C LYS D 396 -31.41 -3.21 -3.54
N GLN D 397 -31.43 -2.76 -2.28
CA GLN D 397 -30.33 -3.03 -1.36
C GLN D 397 -30.33 -4.49 -0.93
N ILE D 398 -31.46 -4.97 -0.40
CA ILE D 398 -31.54 -6.37 0.01
C ILE D 398 -31.41 -7.29 -1.20
N GLY D 399 -31.80 -6.81 -2.38
CA GLY D 399 -31.59 -7.59 -3.59
C GLY D 399 -30.13 -7.69 -3.96
N ASN D 400 -29.38 -6.60 -3.81
CA ASN D 400 -27.94 -6.64 -4.06
C ASN D 400 -27.24 -7.54 -3.04
N VAL D 401 -27.70 -7.54 -1.79
CA VAL D 401 -27.12 -8.43 -0.80
C VAL D 401 -27.40 -9.89 -1.14
N ILE D 402 -28.65 -10.18 -1.52
CA ILE D 402 -29.03 -11.55 -1.87
C ILE D 402 -28.23 -12.04 -3.08
N ASN D 403 -28.14 -11.21 -4.11
CA ASN D 403 -27.37 -11.58 -5.29
C ASN D 403 -25.89 -11.75 -4.95
N TRP D 404 -25.36 -10.90 -4.07
CA TRP D 404 -23.97 -11.00 -3.66
C TRP D 404 -23.70 -12.32 -2.95
N THR D 405 -24.56 -12.70 -2.01
CA THR D 405 -24.40 -13.96 -1.31
C THR D 405 -24.55 -15.15 -2.25
N ARG D 406 -25.56 -15.11 -3.13
CA ARG D 406 -25.76 -16.21 -4.07
C ARG D 406 -24.56 -16.38 -5.00
N ASP D 407 -23.97 -15.27 -5.43
CA ASP D 407 -22.80 -15.35 -6.29
C ASP D 407 -21.60 -15.91 -5.53
N SER D 408 -21.44 -15.53 -4.26
CA SER D 408 -20.37 -16.10 -3.45
C SER D 408 -20.54 -17.61 -3.31
N ILE D 409 -21.74 -18.07 -2.94
CA ILE D 409 -21.98 -19.50 -2.78
C ILE D 409 -21.77 -20.22 -4.12
N THR D 410 -22.19 -19.59 -5.22
CA THR D 410 -21.98 -20.18 -6.53
C THR D 410 -20.49 -20.37 -6.83
N GLU D 411 -19.68 -19.37 -6.46
CA GLU D 411 -18.23 -19.53 -6.61
C GLU D 411 -17.71 -20.69 -5.77
N VAL D 412 -18.18 -20.79 -4.53
CA VAL D 412 -17.71 -21.87 -3.65
C VAL D 412 -18.02 -23.23 -4.25
N TRP D 413 -19.28 -23.44 -4.65
CA TRP D 413 -19.67 -24.76 -5.16
C TRP D 413 -19.05 -25.05 -6.53
N SER D 414 -18.81 -24.02 -7.34
CA SER D 414 -18.10 -24.23 -8.59
C SER D 414 -16.68 -24.72 -8.35
N TYR D 415 -15.97 -24.05 -7.43
CA TYR D 415 -14.63 -24.50 -7.05
C TYR D 415 -14.66 -25.92 -6.52
N ASN D 416 -15.57 -26.21 -5.58
CA ASN D 416 -15.64 -27.55 -5.00
C ASN D 416 -15.94 -28.61 -6.06
N ALA D 417 -16.79 -28.28 -7.02
CA ALA D 417 -17.10 -29.24 -8.07
C ALA D 417 -15.89 -29.52 -8.96
N GLU D 418 -15.22 -28.45 -9.39
CA GLU D 418 -14.02 -28.61 -10.23
C GLU D 418 -12.97 -29.45 -9.52
N LEU D 419 -12.58 -29.03 -8.31
CA LEU D 419 -11.55 -29.74 -7.55
C LEU D 419 -11.95 -31.18 -7.27
N LEU D 420 -13.23 -31.40 -6.94
CA LEU D 420 -13.69 -32.76 -6.67
C LEU D 420 -13.56 -33.64 -7.90
N VAL D 421 -14.00 -33.15 -9.06
CA VAL D 421 -13.93 -33.93 -10.28
C VAL D 421 -12.49 -34.27 -10.62
N ALA D 422 -11.62 -33.26 -10.64
CA ALA D 422 -10.22 -33.51 -11.00
C ALA D 422 -9.55 -34.47 -10.03
N MET D 423 -9.80 -34.29 -8.73
CA MET D 423 -9.17 -35.16 -7.73
C MET D 423 -9.65 -36.60 -7.88
N GLU D 424 -10.97 -36.80 -7.97
CA GLU D 424 -11.49 -38.15 -8.11
C GLU D 424 -10.98 -38.82 -9.39
N ASN D 425 -10.82 -38.03 -10.47
CA ASN D 425 -10.25 -38.60 -11.68
C ASN D 425 -8.81 -39.02 -11.48
N GLN D 426 -8.01 -38.18 -10.82
CA GLN D 426 -6.63 -38.53 -10.52
C GLN D 426 -6.55 -39.84 -9.73
N HIS D 427 -7.28 -39.92 -8.62
CA HIS D 427 -7.23 -41.12 -7.80
C HIS D 427 -7.84 -42.33 -8.51
N THR D 428 -8.72 -42.12 -9.48
CA THR D 428 -9.28 -43.23 -10.25
C THR D 428 -8.23 -43.81 -11.18
N ILE D 429 -7.54 -42.95 -11.94
CA ILE D 429 -6.47 -43.41 -12.82
C ILE D 429 -5.39 -44.11 -12.02
N ASP D 430 -4.94 -43.49 -10.92
CA ASP D 430 -3.93 -44.11 -10.07
C ASP D 430 -4.44 -45.41 -9.48
N LEU D 431 -5.75 -45.51 -9.20
CA LEU D 431 -6.31 -46.73 -8.64
C LEU D 431 -6.22 -47.89 -9.64
N ALA D 432 -6.69 -47.66 -10.87
CA ALA D 432 -6.61 -48.71 -11.87
C ALA D 432 -5.16 -49.10 -12.15
N ASP D 433 -4.28 -48.11 -12.26
CA ASP D 433 -2.86 -48.40 -12.40
C ASP D 433 -2.35 -49.30 -11.27
N SER D 434 -2.76 -48.99 -10.04
CA SER D 434 -2.37 -49.80 -8.89
C SER D 434 -2.85 -51.23 -9.03
N GLU D 435 -4.11 -51.42 -9.44
CA GLU D 435 -4.64 -52.78 -9.59
C GLU D 435 -3.84 -53.56 -10.63
N MET D 436 -3.52 -52.92 -11.76
CA MET D 436 -2.71 -53.58 -12.77
C MET D 436 -1.35 -53.99 -12.21
N ASP D 437 -0.70 -53.08 -11.48
CA ASP D 437 0.60 -53.41 -10.89
C ASP D 437 0.48 -54.57 -9.89
N LYS D 438 -0.60 -54.61 -9.13
CA LYS D 438 -0.79 -55.67 -8.14
C LYS D 438 -0.98 -57.02 -8.82
N LEU D 439 -1.76 -57.06 -9.90
CA LEU D 439 -1.89 -58.31 -10.66
C LEU D 439 -0.54 -58.75 -11.22
N TYR D 440 0.21 -57.80 -11.79
CA TYR D 440 1.53 -58.13 -12.34
C TYR D 440 2.45 -58.72 -11.28
N GLU D 441 2.53 -58.06 -10.12
CA GLU D 441 3.37 -58.57 -9.04
C GLU D 441 2.90 -59.93 -8.55
N ARG D 442 1.58 -60.14 -8.53
CA ARG D 442 1.05 -61.44 -8.11
C ARG D 442 1.52 -62.54 -9.05
N VAL D 443 1.45 -62.30 -10.37
CA VAL D 443 1.93 -63.30 -11.32
C VAL D 443 3.43 -63.50 -11.18
N LYS D 444 4.18 -62.41 -10.98
CA LYS D 444 5.63 -62.51 -10.85
C LYS D 444 6.03 -63.39 -9.65
N ARG D 445 5.46 -63.10 -8.48
CA ARG D 445 5.70 -63.96 -7.32
C ARG D 445 5.14 -65.36 -7.52
N GLN D 446 4.15 -65.50 -8.40
CA GLN D 446 3.56 -66.82 -8.63
C GLN D 446 4.51 -67.71 -9.43
N LEU D 447 5.21 -67.14 -10.41
CA LEU D 447 6.11 -67.93 -11.24
C LEU D 447 7.47 -68.16 -10.57
N ARG D 448 7.89 -67.25 -9.68
CA ARG D 448 9.11 -67.40 -8.87
C ARG D 448 10.31 -67.50 -9.80
N GLU D 449 11.08 -68.58 -9.77
CA GLU D 449 12.33 -68.71 -10.51
C GLU D 449 12.15 -69.43 -11.84
N ASN D 450 10.91 -69.66 -12.27
CA ASN D 450 10.63 -70.39 -13.50
C ASN D 450 10.35 -69.47 -14.68
N ALA D 451 10.47 -68.16 -14.51
CA ALA D 451 10.19 -67.21 -15.58
C ALA D 451 11.00 -65.95 -15.35
N GLU D 452 11.07 -65.12 -16.38
CA GLU D 452 11.78 -63.85 -16.31
C GLU D 452 10.94 -62.72 -16.88
N GLU D 453 11.28 -61.50 -16.50
CA GLU D 453 10.59 -60.30 -16.99
C GLU D 453 11.28 -59.80 -18.24
N ASP D 454 10.53 -59.68 -19.34
CA ASP D 454 11.11 -59.19 -20.58
C ASP D 454 11.14 -57.67 -20.65
N GLY D 455 10.35 -56.98 -19.83
CA GLY D 455 10.36 -55.53 -19.75
C GLY D 455 9.08 -54.87 -20.22
N THR D 456 8.22 -55.59 -20.93
CA THR D 456 6.98 -55.03 -21.47
C THR D 456 5.75 -55.63 -20.81
N GLY D 457 5.86 -56.04 -19.55
CA GLY D 457 4.74 -56.65 -18.87
C GLY D 457 4.51 -58.11 -19.18
N CYS D 458 5.50 -58.79 -19.75
CA CYS D 458 5.41 -60.20 -20.07
C CYS D 458 6.36 -61.01 -19.20
N PHE D 459 6.12 -62.31 -19.15
CA PHE D 459 6.96 -63.25 -18.41
C PHE D 459 7.36 -64.38 -19.36
N GLU D 460 8.64 -64.42 -19.72
CA GLU D 460 9.17 -65.53 -20.48
C GLU D 460 9.27 -66.75 -19.57
N ILE D 461 8.48 -67.77 -19.87
CA ILE D 461 8.47 -69.01 -19.09
C ILE D 461 9.53 -69.94 -19.68
N PHE D 462 10.55 -70.27 -18.88
CA PHE D 462 11.65 -71.10 -19.35
C PHE D 462 11.38 -72.59 -19.18
N HIS D 463 10.13 -73.00 -19.41
CA HIS D 463 9.76 -74.41 -19.43
C HIS D 463 8.47 -74.54 -20.25
N LYS D 464 8.19 -75.76 -20.68
CA LYS D 464 7.00 -76.01 -21.48
C LYS D 464 5.75 -75.83 -20.64
N CYS D 465 4.91 -74.87 -21.01
CA CYS D 465 3.70 -74.53 -20.27
C CYS D 465 2.52 -74.59 -21.22
N ASP D 466 1.80 -75.70 -21.23
CA ASP D 466 0.68 -75.90 -22.13
C ASP D 466 -0.53 -75.10 -21.65
N ASP D 467 -1.70 -75.38 -22.22
CA ASP D 467 -2.90 -74.61 -21.88
C ASP D 467 -3.33 -74.86 -20.44
N ASP D 468 -3.25 -76.10 -19.97
CA ASP D 468 -3.60 -76.38 -18.59
C ASP D 468 -2.63 -75.73 -17.61
N CYS D 469 -1.35 -75.60 -18.00
CA CYS D 469 -0.39 -74.89 -17.17
C CYS D 469 -0.71 -73.40 -17.11
N MET D 470 -1.03 -72.79 -18.26
CA MET D 470 -1.46 -71.40 -18.28
C MET D 470 -2.72 -71.19 -17.43
N ALA D 471 -3.68 -72.11 -17.56
CA ALA D 471 -4.88 -72.02 -16.74
C ALA D 471 -4.53 -72.13 -15.25
N SER D 472 -3.56 -72.98 -14.91
CA SER D 472 -3.10 -73.05 -13.53
C SER D 472 -2.48 -71.74 -13.09
N ILE D 473 -1.84 -71.01 -14.00
CA ILE D 473 -1.31 -69.69 -13.66
C ILE D 473 -2.44 -68.69 -13.45
N ARG D 474 -3.53 -68.82 -14.21
CA ARG D 474 -4.58 -67.81 -14.17
C ARG D 474 -5.42 -67.91 -12.88
N ASN D 475 -5.83 -69.11 -12.50
CA ASN D 475 -6.62 -69.28 -11.27
C ASN D 475 -5.75 -69.58 -10.05
N ASN D 476 -4.45 -69.26 -10.12
CA ASN D 476 -3.55 -69.32 -8.97
C ASN D 476 -3.47 -70.73 -8.38
N THR D 477 -3.45 -71.73 -9.26
CA THR D 477 -3.19 -73.11 -8.86
C THR D 477 -1.85 -73.62 -9.41
N TYR D 478 -1.02 -72.71 -9.93
CA TYR D 478 0.26 -73.08 -10.50
C TYR D 478 1.27 -73.37 -9.40
N ASP D 479 1.94 -74.52 -9.49
CA ASP D 479 2.96 -74.92 -8.53
C ASP D 479 4.32 -74.74 -9.17
N HIS D 480 5.19 -73.95 -8.52
CA HIS D 480 6.50 -73.67 -9.08
C HIS D 480 7.47 -74.83 -8.90
N SER D 481 7.32 -75.62 -7.83
CA SER D 481 8.22 -76.74 -7.61
C SER D 481 8.06 -77.83 -8.67
N LYS D 482 6.91 -77.89 -9.34
CA LYS D 482 6.70 -78.89 -10.38
C LYS D 482 7.59 -78.64 -11.59
N TYR D 483 7.92 -77.38 -11.88
CA TYR D 483 8.71 -77.02 -13.04
C TYR D 483 10.06 -76.41 -12.68
N ARG D 484 10.39 -76.27 -11.40
CA ARG D 484 11.63 -75.62 -11.01
C ARG D 484 12.85 -76.36 -11.56
N GLU D 485 12.81 -77.70 -11.53
CA GLU D 485 13.95 -78.50 -11.98
C GLU D 485 14.19 -78.35 -13.47
N GLU D 486 13.14 -78.16 -14.27
CA GLU D 486 13.32 -78.00 -15.70
C GLU D 486 13.65 -76.56 -16.08
N ALA D 487 12.97 -75.60 -15.45
CA ALA D 487 13.16 -74.19 -15.79
C ALA D 487 14.48 -73.64 -15.29
N MET D 488 15.02 -74.19 -14.20
CA MET D 488 16.26 -73.66 -13.65
C MET D 488 17.43 -73.83 -14.61
N GLN D 489 17.37 -74.82 -15.50
CA GLN D 489 18.45 -75.09 -16.45
C GLN D 489 18.58 -74.03 -17.53
N ASN D 490 17.73 -73.01 -17.54
CA ASN D 490 17.76 -72.01 -18.60
C ASN D 490 18.01 -70.62 -18.04
N ASP E 1 45.09 4.87 -59.92
CA ASP E 1 43.68 4.70 -59.60
C ASP E 1 43.49 4.36 -58.13
N LYS E 2 42.68 5.16 -57.44
CA LYS E 2 42.43 4.99 -56.03
C LYS E 2 41.12 5.68 -55.67
N ILE E 3 40.63 5.40 -54.46
CA ILE E 3 39.45 6.08 -53.93
C ILE E 3 39.66 6.27 -52.43
N CYS E 4 39.71 7.52 -51.99
CA CYS E 4 40.04 7.85 -50.61
C CYS E 4 38.78 8.15 -49.80
N LEU E 5 38.88 7.92 -48.50
CA LEU E 5 37.83 8.26 -47.55
C LEU E 5 38.28 9.44 -46.69
N GLY E 6 37.32 10.26 -46.30
CA GLY E 6 37.69 11.41 -45.48
C GLY E 6 36.49 12.03 -44.81
N HIS E 7 36.77 13.09 -44.06
CA HIS E 7 35.78 13.84 -43.33
C HIS E 7 35.97 15.33 -43.59
N HIS E 8 35.03 16.13 -43.11
CA HIS E 8 35.11 17.57 -43.29
C HIS E 8 35.86 18.21 -42.12
N ALA E 9 36.25 19.46 -42.31
CA ALA E 9 36.95 20.21 -41.27
C ALA E 9 36.74 21.70 -41.54
N VAL E 10 37.08 22.52 -40.55
CA VAL E 10 36.99 23.96 -40.66
C VAL E 10 38.30 24.57 -40.23
N SER E 11 38.54 25.80 -40.69
CA SER E 11 39.80 26.48 -40.37
C SER E 11 39.90 26.80 -38.88
N ASN E 12 38.81 27.29 -38.29
CA ASN E 12 38.77 27.63 -36.87
C ASN E 12 37.58 26.93 -36.22
N GLY E 13 37.86 25.96 -35.36
CA GLY E 13 36.84 25.26 -34.62
C GLY E 13 36.63 25.85 -33.23
N THR E 14 35.82 25.17 -32.44
CA THR E 14 35.49 25.60 -31.08
C THR E 14 36.14 24.65 -30.09
N LYS E 15 36.89 25.21 -29.15
CA LYS E 15 37.60 24.40 -28.17
C LYS E 15 36.68 24.05 -27.01
N VAL E 16 36.59 22.75 -26.70
CA VAL E 16 35.75 22.26 -25.62
C VAL E 16 36.60 21.47 -24.64
N ASN E 17 35.98 20.95 -23.59
CA ASN E 17 36.66 20.10 -22.62
C ASN E 17 36.11 18.69 -22.70
N THR E 18 36.99 17.71 -22.47
CA THR E 18 36.64 16.30 -22.55
C THR E 18 37.03 15.60 -21.26
N LEU E 19 36.70 14.31 -21.18
CA LEU E 19 37.04 13.51 -20.02
C LEU E 19 38.54 13.31 -19.87
N THR E 20 39.31 13.52 -20.93
CA THR E 20 40.74 13.21 -20.93
C THR E 20 41.63 14.32 -21.46
N GLU E 21 41.07 15.41 -21.99
CA GLU E 21 41.88 16.48 -22.55
C GLU E 21 41.12 17.80 -22.41
N ARG E 22 41.86 18.87 -22.17
CA ARG E 22 41.30 20.21 -22.01
C ARG E 22 41.63 21.03 -23.25
N GLY E 23 40.59 21.48 -23.95
CA GLY E 23 40.77 22.33 -25.11
C GLY E 23 40.83 21.59 -26.43
N VAL E 24 39.99 20.58 -26.60
CA VAL E 24 39.91 19.83 -27.85
C VAL E 24 39.10 20.66 -28.85
N GLU E 25 39.69 20.96 -30.00
CA GLU E 25 39.03 21.77 -31.01
C GLU E 25 38.10 20.89 -31.83
N VAL E 26 36.79 21.12 -31.69
CA VAL E 26 35.79 20.40 -32.46
C VAL E 26 35.24 21.32 -33.55
N VAL E 27 34.42 20.75 -34.42
CA VAL E 27 33.90 21.50 -35.55
C VAL E 27 32.86 22.52 -35.09
N ASN E 28 31.92 22.08 -34.25
CA ASN E 28 30.85 22.95 -33.77
C ASN E 28 30.53 22.62 -32.33
N ALA E 29 30.04 23.62 -31.61
CA ALA E 29 29.67 23.45 -30.21
C ALA E 29 28.64 24.51 -29.84
N THR E 30 27.81 24.19 -28.85
CA THR E 30 26.77 25.09 -28.39
C THR E 30 26.88 25.26 -26.87
N GLU E 31 26.38 26.40 -26.40
CA GLU E 31 26.46 26.72 -24.99
C GLU E 31 25.38 25.99 -24.19
N THR E 32 25.73 25.59 -22.97
CA THR E 32 24.78 24.94 -22.07
C THR E 32 24.46 25.76 -20.83
N VAL E 33 25.19 26.84 -20.55
CA VAL E 33 24.98 27.68 -19.38
C VAL E 33 24.44 29.03 -19.84
N GLU E 34 23.24 29.37 -19.39
CA GLU E 34 22.58 30.59 -19.85
C GLU E 34 23.12 31.81 -19.10
N ARG E 35 23.44 32.86 -19.86
CA ARG E 35 23.88 34.12 -19.29
C ARG E 35 23.05 35.32 -19.72
N THR E 36 22.17 35.16 -20.70
CA THR E 36 21.34 36.26 -21.18
C THR E 36 20.04 36.31 -20.38
N ASN E 37 19.60 37.53 -20.08
CA ASN E 37 18.37 37.74 -19.34
C ASN E 37 17.58 38.86 -19.98
N ILE E 38 16.26 38.83 -19.79
CA ILE E 38 15.38 39.91 -20.23
C ILE E 38 15.22 40.87 -19.06
N PRO E 39 15.77 42.10 -19.15
CA PRO E 39 15.73 43.02 -17.99
C PRO E 39 14.33 43.53 -17.67
N ARG E 40 13.31 42.70 -17.87
CA ARG E 40 11.94 43.04 -17.56
C ARG E 40 11.25 41.82 -16.98
N ILE E 41 10.21 42.05 -16.18
CA ILE E 41 9.44 40.96 -15.60
C ILE E 41 8.45 40.49 -16.66
N CYS E 42 8.80 39.41 -17.36
CA CYS E 42 7.98 38.87 -18.43
C CYS E 42 6.71 38.27 -17.84
N SER E 43 5.58 38.96 -18.02
CA SER E 43 4.32 38.58 -17.38
C SER E 43 3.20 38.39 -18.39
N LYS E 44 3.54 38.01 -19.61
CA LYS E 44 2.51 37.79 -20.63
C LYS E 44 1.64 36.60 -20.25
N GLY E 45 0.33 36.78 -20.31
CA GLY E 45 -0.60 35.73 -19.98
C GLY E 45 -0.79 35.48 -18.50
N LYS E 46 -0.34 36.39 -17.64
CA LYS E 46 -0.46 36.25 -16.20
C LYS E 46 -1.07 37.51 -15.60
N ARG E 47 -2.01 37.33 -14.67
CA ARG E 47 -2.56 38.45 -13.92
C ARG E 47 -1.49 38.94 -12.94
N THR E 48 -0.92 40.10 -13.21
CA THR E 48 0.21 40.62 -12.46
C THR E 48 -0.21 41.87 -11.69
N VAL E 49 0.14 41.91 -10.40
CA VAL E 49 -0.12 43.05 -9.55
C VAL E 49 1.22 43.56 -9.03
N ASP E 50 1.54 44.80 -9.37
CA ASP E 50 2.78 45.45 -8.91
C ASP E 50 2.45 46.25 -7.67
N LEU E 51 2.92 45.78 -6.51
CA LEU E 51 2.60 46.43 -5.25
C LEU E 51 3.17 47.83 -5.16
N GLY E 52 4.31 48.07 -5.80
CA GLY E 52 4.95 49.38 -5.75
C GLY E 52 5.33 49.80 -4.35
N GLN E 53 4.80 50.93 -3.89
CA GLN E 53 5.08 51.41 -2.56
C GLN E 53 4.28 50.68 -1.48
N CYS E 54 3.35 49.81 -1.87
CA CYS E 54 2.57 49.05 -0.89
C CYS E 54 3.33 47.80 -0.48
N GLY E 55 3.39 47.55 0.82
CA GLY E 55 3.99 46.33 1.32
C GLY E 55 3.02 45.16 1.27
N LEU E 56 3.58 43.97 1.12
CA LEU E 56 2.75 42.78 0.97
C LEU E 56 1.88 42.54 2.21
N LEU E 57 2.44 42.80 3.40
CA LEU E 57 1.65 42.64 4.62
C LEU E 57 0.65 43.78 4.81
N GLY E 58 0.95 44.96 4.27
CA GLY E 58 0.01 46.07 4.36
C GLY E 58 -1.34 45.76 3.76
N THR E 59 -1.36 44.93 2.70
CA THR E 59 -2.63 44.54 2.09
C THR E 59 -3.58 43.88 3.09
N ILE E 60 -3.07 43.43 4.23
CA ILE E 60 -3.93 42.85 5.25
C ILE E 60 -4.42 43.91 6.24
N THR E 61 -3.58 44.89 6.55
CA THR E 61 -3.96 45.94 7.50
C THR E 61 -4.53 47.16 6.80
N GLY E 62 -3.96 47.53 5.65
CA GLY E 62 -4.50 48.59 4.83
C GLY E 62 -4.02 49.99 5.18
N PRO E 63 -2.73 50.25 5.00
CA PRO E 63 -2.24 51.62 5.06
C PRO E 63 -2.68 52.37 3.80
N PRO E 64 -2.51 53.70 3.77
CA PRO E 64 -2.96 54.45 2.58
C PRO E 64 -2.34 53.95 1.27
N GLN E 65 -1.07 53.57 1.28
CA GLN E 65 -0.42 53.11 0.05
C GLN E 65 -0.93 51.76 -0.42
N CYS E 66 -1.72 51.05 0.39
CA CYS E 66 -2.25 49.74 0.03
C CYS E 66 -3.77 49.76 -0.16
N ASP E 67 -4.36 50.95 -0.31
CA ASP E 67 -5.82 51.04 -0.38
C ASP E 67 -6.38 50.32 -1.60
N GLN E 68 -5.62 50.22 -2.69
CA GLN E 68 -6.08 49.59 -3.91
C GLN E 68 -5.75 48.11 -3.97
N PHE E 69 -5.04 47.56 -2.99
CA PHE E 69 -4.68 46.15 -2.96
C PHE E 69 -5.35 45.43 -1.79
N LEU E 70 -6.47 45.96 -1.31
CA LEU E 70 -7.12 45.37 -0.15
C LEU E 70 -7.77 44.03 -0.48
N GLU E 71 -8.21 43.84 -1.73
CA GLU E 71 -8.78 42.59 -2.19
C GLU E 71 -8.20 42.23 -3.55
N PHE E 72 -6.88 42.33 -3.69
CA PHE E 72 -6.23 42.10 -4.97
C PHE E 72 -6.33 40.64 -5.37
N SER E 73 -6.11 40.39 -6.66
CA SER E 73 -6.15 39.04 -7.21
C SER E 73 -5.13 38.97 -8.34
N ALA E 74 -4.22 38.01 -8.27
CA ALA E 74 -3.14 37.93 -9.25
C ALA E 74 -2.60 36.51 -9.30
N ASP E 75 -1.85 36.24 -10.36
CA ASP E 75 -1.07 35.01 -10.49
C ASP E 75 0.40 35.21 -10.17
N LEU E 76 0.91 36.43 -10.35
CA LEU E 76 2.30 36.78 -10.07
C LEU E 76 2.31 38.05 -9.23
N ILE E 77 2.88 37.96 -8.04
CA ILE E 77 2.94 39.07 -7.10
C ILE E 77 4.37 39.62 -7.09
N ILE E 78 4.49 40.93 -7.30
CA ILE E 78 5.80 41.59 -7.38
C ILE E 78 5.92 42.55 -6.20
N GLU E 79 6.91 42.32 -5.35
CA GLU E 79 7.24 43.23 -4.28
C GLU E 79 8.34 44.18 -4.73
N ARG E 80 8.24 45.43 -4.32
CA ARG E 80 9.23 46.45 -4.66
C ARG E 80 9.99 46.88 -3.41
N ARG E 81 11.18 47.44 -3.63
CA ARG E 81 12.01 47.86 -2.52
C ARG E 81 11.46 49.09 -1.79
N GLU E 82 10.65 49.90 -2.47
CA GLU E 82 10.00 51.03 -1.83
C GLU E 82 8.68 50.66 -1.17
N GLY E 83 8.40 49.36 -1.02
CA GLY E 83 7.15 48.93 -0.40
C GLY E 83 7.25 49.00 1.11
N SER E 84 6.16 49.46 1.73
CA SER E 84 6.08 49.59 3.19
C SER E 84 4.79 48.93 3.66
N ASP E 85 4.91 48.12 4.72
CA ASP E 85 3.75 47.44 5.28
C ASP E 85 2.94 48.32 6.21
N VAL E 86 3.51 49.40 6.73
CA VAL E 86 2.90 50.18 7.79
C VAL E 86 2.90 51.66 7.42
N CYS E 87 1.97 52.38 8.06
CA CYS E 87 1.98 53.84 8.08
C CYS E 87 2.32 54.35 9.48
N TYR E 88 1.52 53.97 10.47
CA TYR E 88 1.94 54.13 11.86
C TYR E 88 3.09 53.17 12.12
N PRO E 89 4.18 53.62 12.75
CA PRO E 89 5.37 52.76 12.88
C PRO E 89 5.08 51.48 13.65
N GLY E 90 5.52 50.36 13.09
CA GLY E 90 5.31 49.08 13.72
C GLY E 90 5.88 47.97 12.85
N LYS E 91 5.63 46.74 13.28
CA LYS E 91 6.11 45.58 12.53
C LYS E 91 5.32 44.35 12.96
N PHE E 92 5.47 43.28 12.19
CA PHE E 92 4.75 42.03 12.41
C PHE E 92 5.61 41.02 13.17
N VAL E 93 4.93 40.08 13.83
CA VAL E 93 5.57 38.94 14.46
C VAL E 93 5.44 37.76 13.51
N ASN E 94 6.55 37.06 13.29
CA ASN E 94 6.64 36.03 12.25
C ASN E 94 6.23 36.61 10.89
N GLU E 95 6.87 37.72 10.53
CA GLU E 95 6.47 38.46 9.33
C GLU E 95 6.77 37.68 8.06
N GLU E 96 7.96 37.05 7.99
CA GLU E 96 8.33 36.36 6.75
C GLU E 96 7.46 35.15 6.49
N ALA E 97 6.99 34.47 7.54
CA ALA E 97 6.05 33.37 7.35
C ALA E 97 4.77 33.86 6.68
N LEU E 98 4.23 34.98 7.16
CA LEU E 98 3.02 35.53 6.57
C LEU E 98 3.27 36.02 5.14
N ARG E 99 4.46 36.59 4.89
CA ARG E 99 4.81 36.99 3.53
C ARG E 99 4.83 35.78 2.59
N GLN E 100 5.41 34.67 3.03
CA GLN E 100 5.45 33.48 2.20
C GLN E 100 4.07 32.86 2.03
N ILE E 101 3.19 33.02 3.03
CA ILE E 101 1.81 32.57 2.87
C ILE E 101 1.07 33.43 1.84
N LEU E 102 1.34 34.73 1.84
CA LEU E 102 0.63 35.64 0.94
C LEU E 102 1.16 35.60 -0.48
N ARG E 103 2.44 35.25 -0.66
CA ARG E 103 3.02 35.23 -2.00
C ARG E 103 2.35 34.20 -2.90
N GLU E 104 1.86 33.10 -2.32
CA GLU E 104 1.24 32.02 -3.08
C GLU E 104 -0.26 31.91 -2.82
N SER E 105 -0.90 33.00 -2.40
CA SER E 105 -2.31 32.98 -2.05
C SER E 105 -3.24 33.26 -3.22
N GLY E 106 -2.72 33.75 -4.34
CA GLY E 106 -3.57 34.14 -5.44
C GLY E 106 -4.41 35.36 -5.17
N GLY E 107 -4.09 36.12 -4.14
CA GLY E 107 -4.87 37.28 -3.74
C GLY E 107 -5.60 37.03 -2.43
N ILE E 108 -6.25 38.09 -1.95
CA ILE E 108 -6.98 38.05 -0.70
C ILE E 108 -8.40 38.57 -0.92
N ASP E 109 -9.32 38.09 -0.08
CA ASP E 109 -10.73 38.49 -0.13
C ASP E 109 -11.17 38.81 1.30
N LYS E 110 -11.52 40.07 1.54
CA LYS E 110 -11.86 40.54 2.88
C LYS E 110 -13.34 40.31 3.16
N GLU E 111 -13.66 40.11 4.43
CA GLU E 111 -15.02 39.93 4.90
C GLU E 111 -15.19 40.66 6.22
N ALA E 112 -16.32 41.33 6.38
CA ALA E 112 -16.57 42.12 7.59
C ALA E 112 -16.67 41.22 8.80
N MET E 113 -15.92 41.54 9.86
CA MET E 113 -15.97 40.78 11.09
C MET E 113 -17.14 41.19 11.98
N GLY E 114 -17.77 42.32 11.70
CA GLY E 114 -18.96 42.74 12.43
C GLY E 114 -18.73 43.00 13.91
N PHE E 115 -17.85 43.95 14.22
CA PHE E 115 -17.58 44.34 15.60
C PHE E 115 -18.23 45.69 15.85
N THR E 116 -19.22 45.71 16.74
CA THR E 116 -19.85 46.94 17.19
C THR E 116 -19.31 47.32 18.56
N TYR E 117 -19.17 48.62 18.80
CA TYR E 117 -18.59 49.12 20.03
C TYR E 117 -19.54 50.11 20.68
N SER E 118 -19.76 49.94 21.98
CA SER E 118 -20.68 50.78 22.75
C SER E 118 -19.93 51.35 23.95
N GLY E 119 -19.73 52.67 23.95
CA GLY E 119 -19.13 53.34 25.07
C GLY E 119 -17.69 53.77 24.90
N ILE E 120 -17.13 53.70 23.68
CA ILE E 120 -15.76 54.10 23.41
C ILE E 120 -15.71 54.84 22.09
N ARG E 121 -14.54 55.36 21.77
CA ARG E 121 -14.27 56.01 20.49
C ARG E 121 -13.57 55.03 19.55
N THR E 122 -13.87 55.17 18.27
CA THR E 122 -13.27 54.35 17.24
C THR E 122 -12.54 55.16 16.17
N ASN E 123 -12.64 56.48 16.20
CA ASN E 123 -12.07 57.33 15.16
C ASN E 123 -10.61 57.65 15.45
N GLY E 124 -9.90 56.72 16.08
CA GLY E 124 -8.49 56.92 16.34
C GLY E 124 -7.70 57.13 15.07
N ALA E 125 -6.96 58.24 14.99
CA ALA E 125 -6.28 58.61 13.75
C ALA E 125 -4.94 59.25 14.08
N THR E 126 -4.10 59.35 13.06
CA THR E 126 -2.78 59.96 13.19
C THR E 126 -2.37 60.58 11.86
N SER E 127 -1.40 61.47 11.91
CA SER E 127 -0.89 62.15 10.72
C SER E 127 0.08 61.29 9.92
N ALA E 128 0.44 60.11 10.42
CA ALA E 128 1.29 59.22 9.65
C ALA E 128 0.48 58.45 8.59
N CYS E 129 -0.78 58.15 8.90
CA CYS E 129 -1.67 57.47 7.96
C CYS E 129 -2.63 58.51 7.39
N ARG E 130 -2.15 59.20 6.36
CA ARG E 130 -2.86 60.35 5.79
C ARG E 130 -3.65 59.91 4.56
N ARG E 131 -4.99 59.97 4.68
CA ARG E 131 -5.87 59.83 3.53
C ARG E 131 -6.47 61.20 3.26
N SER E 132 -7.67 61.50 3.75
CA SER E 132 -8.22 62.84 3.66
C SER E 132 -7.40 63.80 4.51
N GLY E 133 -7.47 63.63 5.83
CA GLY E 133 -6.63 64.36 6.75
C GLY E 133 -5.75 63.43 7.55
N SER E 134 -6.23 63.02 8.72
CA SER E 134 -5.58 62.01 9.54
C SER E 134 -6.47 60.78 9.60
N SER E 135 -5.95 59.64 9.15
CA SER E 135 -6.72 58.41 9.07
C SER E 135 -5.97 57.31 9.81
N PHE E 136 -6.35 56.07 9.54
CA PHE E 136 -5.74 54.90 10.17
C PHE E 136 -5.75 53.76 9.15
N TYR E 137 -5.39 52.56 9.61
CA TYR E 137 -5.44 51.39 8.74
C TYR E 137 -6.88 51.11 8.33
N ALA E 138 -7.08 50.85 7.04
CA ALA E 138 -8.43 50.67 6.53
C ALA E 138 -9.11 49.42 7.08
N GLU E 139 -8.33 48.39 7.42
CA GLU E 139 -8.87 47.15 7.95
C GLU E 139 -8.79 47.05 9.46
N MET E 140 -8.20 48.05 10.12
CA MET E 140 -8.09 48.08 11.57
C MET E 140 -8.87 49.28 12.10
N LYS E 141 -9.08 49.29 13.41
CA LYS E 141 -9.77 50.39 14.08
C LYS E 141 -9.11 50.64 15.42
N TRP E 142 -8.80 51.91 15.68
CA TRP E 142 -8.07 52.33 16.87
C TRP E 142 -9.06 52.69 17.96
N LEU E 143 -9.18 51.83 18.97
CA LEU E 143 -10.13 52.02 20.05
C LEU E 143 -9.47 52.79 21.20
N LEU E 144 -10.12 53.85 21.65
CA LEU E 144 -9.65 54.60 22.81
C LEU E 144 -10.86 55.14 23.58
N SER E 145 -10.57 55.77 24.72
CA SER E 145 -11.62 56.19 25.63
C SER E 145 -12.49 57.27 24.99
N ASN E 146 -13.70 57.42 25.54
CA ASN E 146 -14.64 58.39 25.01
C ASN E 146 -14.13 59.82 25.14
N THR E 147 -13.30 60.08 26.14
CA THR E 147 -12.70 61.39 26.33
C THR E 147 -11.29 61.20 26.87
N ASP E 148 -10.54 62.30 26.89
CA ASP E 148 -9.17 62.27 27.40
C ASP E 148 -9.17 61.80 28.86
N ASN E 149 -8.43 60.71 29.11
CA ASN E 149 -8.23 60.09 30.42
C ASN E 149 -9.47 59.39 30.96
N ALA E 150 -10.50 59.18 30.14
CA ALA E 150 -11.65 58.44 30.58
C ALA E 150 -11.32 56.95 30.72
N ALA E 151 -12.09 56.26 31.55
CA ALA E 151 -11.86 54.85 31.82
C ALA E 151 -12.39 54.02 30.65
N PHE E 152 -11.49 53.24 30.04
CA PHE E 152 -11.84 52.31 28.98
C PHE E 152 -12.48 51.07 29.61
N PRO E 153 -13.77 50.84 29.44
CA PRO E 153 -14.41 49.69 30.08
C PRO E 153 -13.96 48.38 29.44
N GLN E 154 -13.84 47.36 30.27
CA GLN E 154 -13.46 46.03 29.79
C GLN E 154 -14.51 45.51 28.81
N MET E 155 -14.06 44.97 27.69
CA MET E 155 -14.98 44.49 26.67
C MET E 155 -14.40 43.26 25.98
N THR E 156 -15.26 42.57 25.23
CA THR E 156 -14.93 41.31 24.62
C THR E 156 -15.68 41.17 23.30
N LYS E 157 -14.94 40.91 22.22
CA LYS E 157 -15.51 40.72 20.90
C LYS E 157 -15.01 39.40 20.33
N SER E 158 -15.92 38.60 19.77
CA SER E 158 -15.58 37.31 19.20
C SER E 158 -16.08 37.22 17.77
N TYR E 159 -15.30 36.55 16.92
CA TYR E 159 -15.63 36.36 15.52
C TYR E 159 -15.47 34.89 15.15
N LYS E 160 -16.49 34.33 14.51
CA LYS E 160 -16.49 32.93 14.09
C LYS E 160 -16.28 32.86 12.59
N ASN E 161 -15.38 31.97 12.17
CA ASN E 161 -15.10 31.73 10.76
C ASN E 161 -16.20 30.83 10.20
N THR E 162 -17.04 31.39 9.33
CA THR E 162 -18.19 30.67 8.79
C THR E 162 -17.93 30.06 7.42
N ARG E 163 -16.74 30.26 6.85
CA ARG E 163 -16.41 29.75 5.53
C ARG E 163 -15.60 28.46 5.63
N LYS E 164 -15.35 27.85 4.48
CA LYS E 164 -14.74 26.53 4.43
C LYS E 164 -13.22 26.56 4.44
N ASN E 165 -12.62 27.71 4.17
CA ASN E 165 -11.18 27.88 4.22
C ASN E 165 -10.78 28.71 5.44
N PRO E 166 -9.55 28.56 5.93
CA PRO E 166 -9.12 29.33 7.10
C PRO E 166 -9.15 30.83 6.83
N ALA E 167 -9.22 31.59 7.93
CA ALA E 167 -9.35 33.04 7.87
C ALA E 167 -8.17 33.69 8.55
N LEU E 168 -7.53 34.63 7.84
CA LEU E 168 -6.39 35.36 8.40
C LEU E 168 -6.91 36.45 9.34
N ILE E 169 -6.51 36.39 10.60
CA ILE E 169 -6.92 37.36 11.62
C ILE E 169 -5.68 38.12 12.06
N VAL E 170 -5.76 39.45 12.02
CA VAL E 170 -4.64 40.32 12.37
C VAL E 170 -5.15 41.38 13.35
N TRP E 171 -4.54 41.43 14.52
CA TRP E 171 -4.81 42.47 15.51
C TRP E 171 -3.50 43.16 15.88
N GLY E 172 -3.59 44.15 16.76
CA GLY E 172 -2.42 44.90 17.15
C GLY E 172 -2.43 45.36 18.59
N ILE E 173 -1.25 45.36 19.22
CA ILE E 173 -1.08 45.87 20.58
C ILE E 173 -0.32 47.19 20.48
N HIS E 174 -0.90 48.24 21.04
CA HIS E 174 -0.33 49.58 20.94
C HIS E 174 0.58 49.87 22.12
N HIS E 175 1.80 50.31 21.82
CA HIS E 175 2.79 50.73 22.81
C HIS E 175 2.98 52.23 22.65
N SER E 176 2.48 53.00 23.62
CA SER E 176 2.59 54.44 23.59
C SER E 176 4.03 54.87 23.89
N VAL E 177 4.30 56.17 23.69
CA VAL E 177 5.64 56.69 23.95
C VAL E 177 5.91 56.85 25.44
N SER E 178 4.87 57.01 26.25
CA SER E 178 5.06 57.17 27.68
C SER E 178 3.79 56.73 28.41
N THR E 179 3.93 56.52 29.71
CA THR E 179 2.77 56.17 30.53
C THR E 179 1.75 57.31 30.56
N ALA E 180 2.19 58.55 30.32
CA ALA E 180 1.25 59.67 30.28
C ALA E 180 0.34 59.56 29.05
N GLU E 181 0.90 59.25 27.89
CA GLU E 181 0.08 59.13 26.69
C GLU E 181 -0.81 57.90 26.75
N GLN E 182 -0.31 56.80 27.31
CA GLN E 182 -1.14 55.61 27.46
C GLN E 182 -2.29 55.86 28.41
N THR E 183 -1.98 56.38 29.60
CA THR E 183 -3.03 56.69 30.57
C THR E 183 -3.84 57.92 30.17
N LYS E 184 -3.52 58.55 29.04
CA LYS E 184 -4.32 59.63 28.47
C LYS E 184 -5.26 59.13 27.38
N LEU E 185 -4.82 58.16 26.58
CA LEU E 185 -5.69 57.54 25.58
C LEU E 185 -6.61 56.50 26.19
N TYR E 186 -6.22 55.91 27.31
CA TYR E 186 -7.00 54.85 27.95
C TYR E 186 -7.06 55.05 29.45
N GLY E 187 -7.07 53.95 30.21
CA GLY E 187 -7.17 54.03 31.66
C GLY E 187 -5.83 54.01 32.37
N SER E 188 -5.53 52.94 33.09
CA SER E 188 -4.27 52.75 33.79
C SER E 188 -4.26 51.38 34.44
N GLY E 189 -3.08 50.94 34.87
CA GLY E 189 -2.94 49.75 35.68
C GLY E 189 -2.77 48.45 34.94
N ASN E 190 -1.62 48.29 34.28
CA ASN E 190 -1.27 47.05 33.58
C ASN E 190 -2.37 46.63 32.61
N LYS E 191 -2.46 47.31 31.48
CA LYS E 191 -3.44 46.97 30.46
C LYS E 191 -3.26 45.54 30.00
N LEU E 192 -4.36 44.86 29.71
CA LEU E 192 -4.35 43.46 29.34
C LEU E 192 -5.26 43.24 28.14
N VAL E 193 -4.75 42.56 27.12
CA VAL E 193 -5.50 42.22 25.91
C VAL E 193 -5.31 40.74 25.68
N THR E 194 -6.30 39.93 26.09
CA THR E 194 -6.23 38.49 25.94
C THR E 194 -6.90 38.05 24.64
N VAL E 195 -6.21 37.19 23.90
CA VAL E 195 -6.73 36.62 22.66
C VAL E 195 -6.84 35.11 22.84
N GLY E 196 -8.00 34.57 22.47
CA GLY E 196 -8.29 33.15 22.64
C GLY E 196 -8.19 32.35 21.35
N SER E 197 -9.30 31.71 20.97
CA SER E 197 -9.43 30.70 19.92
C SER E 197 -9.22 29.30 20.48
N SER E 198 -9.54 28.28 19.68
CA SER E 198 -9.55 26.90 20.19
C SER E 198 -8.16 26.43 20.56
N ASN E 199 -7.17 26.67 19.68
CA ASN E 199 -5.81 26.22 19.90
C ASN E 199 -4.86 27.38 20.20
N TYR E 200 -5.39 28.52 20.63
CA TYR E 200 -4.59 29.71 20.86
C TYR E 200 -5.09 30.42 22.12
N GLN E 201 -4.14 30.96 22.88
CA GLN E 201 -4.42 31.85 24.00
C GLN E 201 -3.13 32.58 24.32
N GLN E 202 -3.19 33.90 24.44
CA GLN E 202 -1.92 34.62 24.59
C GLN E 202 -1.91 35.68 25.69
N SER E 203 -2.79 36.66 25.59
CA SER E 203 -2.80 37.86 26.44
C SER E 203 -1.57 38.72 26.19
N PHE E 204 -1.71 40.03 26.36
CA PHE E 204 -0.66 40.98 26.07
C PHE E 204 -0.75 42.16 27.03
N VAL E 205 0.40 42.68 27.44
CA VAL E 205 0.50 43.87 28.27
C VAL E 205 1.36 44.88 27.53
N PRO E 206 0.90 46.12 27.34
CA PRO E 206 1.68 47.09 26.57
C PRO E 206 2.97 47.47 27.28
N SER E 207 3.88 48.05 26.50
CA SER E 207 5.20 48.48 26.98
C SER E 207 5.40 49.93 26.57
N PRO E 208 4.88 50.87 27.36
CA PRO E 208 5.09 52.29 27.02
C PRO E 208 6.55 52.67 27.11
N GLY E 209 7.00 53.42 26.12
CA GLY E 209 8.40 53.84 26.05
C GLY E 209 8.74 54.53 24.76
N ALA E 210 9.81 55.32 24.76
CA ALA E 210 10.21 56.08 23.59
C ALA E 210 11.05 55.19 22.67
N ARG E 211 10.55 54.98 21.45
CA ARG E 211 11.29 54.36 20.36
C ARG E 211 11.78 55.44 19.41
N PRO E 212 12.82 55.14 18.61
CA PRO E 212 13.30 56.14 17.65
C PRO E 212 12.20 56.54 16.67
N GLN E 213 12.24 57.81 16.27
CA GLN E 213 11.16 58.40 15.50
C GLN E 213 11.09 57.80 14.11
N VAL E 214 9.96 57.17 13.79
CA VAL E 214 9.68 56.64 12.45
C VAL E 214 8.36 57.23 12.00
N ASN E 215 8.35 57.83 10.80
CA ASN E 215 7.19 58.55 10.27
C ASN E 215 6.73 59.65 11.23
N GLY E 216 7.67 60.22 11.97
CA GLY E 216 7.36 61.28 12.92
C GLY E 216 6.69 60.82 14.19
N LEU E 217 6.81 59.55 14.55
CA LEU E 217 6.16 59.01 15.72
C LEU E 217 7.12 58.11 16.49
N SER E 218 6.96 58.07 17.81
CA SER E 218 7.80 57.28 18.68
C SER E 218 7.09 56.09 19.32
N GLY E 219 5.77 56.00 19.18
CA GLY E 219 5.07 54.80 19.60
C GLY E 219 5.19 53.69 18.58
N ARG E 220 4.77 52.49 18.98
CA ARG E 220 4.89 51.32 18.11
C ARG E 220 3.62 50.49 18.21
N ILE E 221 3.36 49.71 17.16
CA ILE E 221 2.25 48.78 17.12
C ILE E 221 2.80 47.40 16.82
N ASP E 222 2.49 46.43 17.68
CA ASP E 222 2.84 45.04 17.44
C ASP E 222 1.67 44.36 16.73
N PHE E 223 1.87 44.00 15.47
CA PHE E 223 0.86 43.32 14.68
C PHE E 223 1.00 41.82 14.86
N HIS E 224 -0.02 41.19 15.41
CA HIS E 224 -0.07 39.74 15.57
C HIS E 224 -1.14 39.17 14.65
N TRP E 225 -0.95 37.90 14.27
CA TRP E 225 -1.85 37.26 13.32
C TRP E 225 -1.99 35.79 13.66
N LEU E 226 -3.11 35.20 13.25
CA LEU E 226 -3.33 33.77 13.38
C LEU E 226 -4.28 33.33 12.27
N MET E 227 -4.18 32.05 11.92
CA MET E 227 -5.08 31.44 10.94
C MET E 227 -6.19 30.71 11.68
N LEU E 228 -7.42 31.17 11.50
CA LEU E 228 -8.59 30.58 12.12
C LEU E 228 -9.10 29.44 11.25
N ASN E 229 -9.12 28.23 11.80
CA ASN E 229 -9.71 27.10 11.11
C ASN E 229 -11.22 27.30 11.00
N PRO E 230 -11.87 26.61 10.05
CA PRO E 230 -13.31 26.77 9.89
C PRO E 230 -14.08 26.45 11.16
N ASN E 231 -15.21 27.15 11.33
CA ASN E 231 -16.12 26.99 12.47
C ASN E 231 -15.52 27.46 13.79
N ASP E 232 -14.23 27.77 13.81
CA ASP E 232 -13.59 28.21 15.04
C ASP E 232 -13.87 29.69 15.28
N THR E 233 -13.81 30.10 16.55
CA THR E 233 -14.07 31.47 16.96
C THR E 233 -12.85 32.04 17.65
N VAL E 234 -12.55 33.31 17.39
CA VAL E 234 -11.49 34.03 18.06
C VAL E 234 -12.12 35.07 18.98
N THR E 235 -11.47 35.29 20.12
CA THR E 235 -12.02 36.15 21.16
C THR E 235 -10.96 37.15 21.63
N PHE E 236 -11.35 38.41 21.73
CA PHE E 236 -10.49 39.48 22.23
C PHE E 236 -11.16 40.11 23.44
N SER E 237 -10.45 40.10 24.57
CA SER E 237 -10.91 40.79 25.77
C SER E 237 -9.87 41.85 26.14
N PHE E 238 -10.30 43.09 26.29
CA PHE E 238 -9.34 44.18 26.40
C PHE E 238 -9.96 45.36 27.15
N ASN E 239 -9.10 46.31 27.51
CA ASN E 239 -9.48 47.54 28.18
C ASN E 239 -8.64 48.71 27.70
N GLY E 240 -8.17 48.68 26.46
CA GLY E 240 -7.37 49.74 25.88
C GLY E 240 -6.10 49.22 25.27
N ALA E 241 -5.44 50.12 24.52
CA ALA E 241 -4.17 49.84 23.85
C ALA E 241 -4.28 48.64 22.92
N PHE E 242 -5.43 48.51 22.25
CA PHE E 242 -5.69 47.38 21.37
C PHE E 242 -6.15 47.91 20.02
N ILE E 243 -5.43 47.52 18.96
CA ILE E 243 -5.80 47.86 17.60
C ILE E 243 -6.72 46.75 17.10
N ALA E 244 -8.02 47.05 17.04
CA ALA E 244 -8.98 46.01 16.76
C ALA E 244 -9.07 45.71 15.26
N PRO E 245 -9.29 44.46 14.88
CA PRO E 245 -9.52 44.14 13.47
C PRO E 245 -10.97 44.41 13.07
N ASP E 246 -11.15 44.76 11.81
CA ASP E 246 -12.47 45.03 11.27
C ASP E 246 -12.87 44.10 10.14
N ARG E 247 -11.93 43.66 9.31
CA ARG E 247 -12.21 42.71 8.25
C ARG E 247 -11.14 41.62 8.26
N ALA E 248 -11.58 40.39 8.02
CA ALA E 248 -10.69 39.24 7.92
C ALA E 248 -10.36 38.95 6.46
N SER E 249 -9.24 38.27 6.26
CA SER E 249 -8.75 37.94 4.93
C SER E 249 -8.93 36.46 4.64
N PHE E 250 -9.25 36.15 3.38
CA PHE E 250 -9.37 34.77 2.92
C PHE E 250 -8.52 34.60 1.67
N LEU E 251 -7.78 33.49 1.61
CA LEU E 251 -6.91 33.25 0.47
C LEU E 251 -7.74 32.84 -0.74
N ARG E 252 -7.46 33.46 -1.89
CA ARG E 252 -8.23 33.19 -3.10
C ARG E 252 -7.83 31.86 -3.72
N GLY E 253 -6.56 31.69 -4.05
CA GLY E 253 -6.12 30.46 -4.70
C GLY E 253 -4.62 30.24 -4.67
N LYS E 254 -3.99 30.33 -5.84
CA LYS E 254 -2.57 30.02 -6.00
C LYS E 254 -1.90 31.12 -6.83
N SER E 255 -0.67 31.46 -6.45
CA SER E 255 0.12 32.45 -7.16
C SER E 255 1.59 32.24 -6.81
N MET E 256 2.44 33.13 -7.32
CA MET E 256 3.86 33.13 -6.99
C MET E 256 4.29 34.54 -6.65
N GLY E 257 5.22 34.66 -5.70
CA GLY E 257 5.68 35.96 -5.28
C GLY E 257 7.16 36.18 -5.55
N ILE E 258 7.47 37.23 -6.30
CA ILE E 258 8.85 37.57 -6.65
C ILE E 258 9.19 38.94 -6.06
N GLN E 259 10.49 39.24 -6.05
CA GLN E 259 11.00 40.53 -5.62
C GLN E 259 11.89 41.07 -6.73
N SER E 260 11.44 42.15 -7.38
CA SER E 260 12.10 42.64 -8.58
C SER E 260 12.40 44.13 -8.44
N GLY E 261 13.32 44.60 -9.30
CA GLY E 261 13.66 46.00 -9.39
C GLY E 261 13.63 46.49 -10.82
N VAL E 262 12.94 45.75 -11.69
CA VAL E 262 12.82 46.11 -13.10
C VAL E 262 11.34 46.16 -13.45
N GLN E 263 11.05 46.85 -14.56
CA GLN E 263 9.68 47.11 -14.97
C GLN E 263 9.01 45.84 -15.48
N VAL E 264 7.69 45.93 -15.68
CA VAL E 264 6.87 44.80 -16.09
C VAL E 264 6.70 44.86 -17.61
N ASP E 265 6.82 43.69 -18.25
CA ASP E 265 6.60 43.55 -19.69
C ASP E 265 5.51 42.51 -19.88
N ALA E 266 4.30 42.97 -20.22
CA ALA E 266 3.15 42.08 -20.39
C ALA E 266 3.11 41.44 -21.77
N ASP E 267 4.12 41.65 -22.61
CA ASP E 267 4.18 41.04 -23.94
C ASP E 267 5.26 39.97 -24.06
N CYS E 268 6.15 39.87 -23.08
CA CYS E 268 7.17 38.83 -23.04
C CYS E 268 6.72 37.71 -22.12
N GLU E 269 6.95 36.46 -22.55
CA GLU E 269 6.55 35.29 -21.80
C GLU E 269 7.75 34.66 -21.11
N GLY E 270 7.57 34.29 -19.85
CA GLY E 270 8.63 33.68 -19.07
C GLY E 270 8.17 33.02 -17.80
N ASP E 271 8.92 32.03 -17.32
CA ASP E 271 8.57 31.29 -16.12
C ASP E 271 9.69 31.27 -15.08
N CYS E 272 10.77 32.02 -15.30
CA CYS E 272 11.89 32.07 -14.37
C CYS E 272 12.22 33.53 -14.10
N TYR E 273 12.19 33.93 -12.83
CA TYR E 273 12.32 35.33 -12.46
C TYR E 273 13.43 35.50 -11.43
N TYR E 274 13.96 36.73 -11.37
CA TYR E 274 14.87 37.16 -10.32
C TYR E 274 14.80 38.68 -10.25
N SER E 275 15.57 39.26 -9.35
CA SER E 275 15.50 40.70 -9.09
C SER E 275 15.93 41.54 -10.30
N GLY E 276 16.66 40.96 -11.23
CA GLY E 276 17.16 41.72 -12.37
C GLY E 276 16.34 41.56 -13.63
N GLY E 277 15.46 40.57 -13.67
CA GLY E 277 14.62 40.38 -14.84
C GLY E 277 14.10 38.96 -14.93
N THR E 278 13.95 38.48 -16.16
CA THR E 278 13.37 37.18 -16.46
C THR E 278 14.38 36.35 -17.23
N ILE E 279 14.48 35.06 -16.87
CA ILE E 279 15.39 34.13 -17.51
C ILE E 279 14.54 33.20 -18.37
N ILE E 280 14.58 33.42 -19.68
CA ILE E 280 13.90 32.57 -20.65
C ILE E 280 14.95 31.87 -21.50
N SER E 281 15.02 30.55 -21.41
CA SER E 281 16.04 29.78 -22.10
C SER E 281 15.67 28.32 -22.09
N ASN E 282 16.19 27.59 -23.07
CA ASN E 282 16.05 26.14 -23.14
C ASN E 282 17.24 25.40 -22.54
N LEU E 283 18.28 26.12 -22.14
CA LEU E 283 19.47 25.48 -21.61
C LEU E 283 19.20 24.94 -20.20
N PRO E 284 19.85 23.83 -19.83
CA PRO E 284 19.60 23.25 -18.51
C PRO E 284 20.29 23.97 -17.36
N PHE E 285 21.20 24.91 -17.64
CA PHE E 285 21.95 25.59 -16.59
C PHE E 285 21.96 27.09 -16.85
N GLN E 286 22.23 27.85 -15.80
CA GLN E 286 22.30 29.30 -15.89
C GLN E 286 23.26 29.82 -14.83
N ASN E 287 23.97 30.89 -15.18
CA ASN E 287 24.91 31.53 -14.25
C ASN E 287 24.52 32.99 -14.06
N ILE E 288 23.24 33.24 -13.78
CA ILE E 288 22.71 34.59 -13.65
C ILE E 288 22.41 34.92 -12.19
N ASP E 289 21.56 34.12 -11.55
CA ASP E 289 21.19 34.38 -10.16
C ASP E 289 20.86 33.05 -9.49
N SER E 290 21.52 32.76 -8.37
CA SER E 290 21.30 31.51 -7.67
C SER E 290 19.96 31.47 -6.95
N ARG E 291 19.35 32.64 -6.70
CA ARG E 291 18.09 32.72 -5.99
C ARG E 291 16.89 32.86 -6.92
N ALA E 292 17.07 32.56 -8.21
CA ALA E 292 15.96 32.65 -9.15
C ALA E 292 14.86 31.67 -8.78
N VAL E 293 13.61 32.10 -8.95
CA VAL E 293 12.45 31.32 -8.56
C VAL E 293 11.59 31.04 -9.79
N GLY E 294 10.69 30.07 -9.63
CA GLY E 294 9.85 29.64 -10.72
C GLY E 294 10.31 28.31 -11.31
N LYS E 295 10.26 28.19 -12.63
CA LYS E 295 10.76 27.01 -13.34
C LYS E 295 12.04 27.44 -14.05
N CYS E 296 13.18 27.24 -13.39
CA CYS E 296 14.44 27.80 -13.82
C CYS E 296 15.44 26.71 -14.19
N PRO E 297 16.37 27.00 -15.09
CA PRO E 297 17.54 26.12 -15.25
C PRO E 297 18.36 26.13 -13.97
N ARG E 298 19.05 25.02 -13.72
CA ARG E 298 19.80 24.88 -12.48
C ARG E 298 21.00 25.82 -12.47
N TYR E 299 21.17 26.53 -11.35
CA TYR E 299 22.28 27.47 -11.24
C TYR E 299 23.61 26.74 -11.06
N VAL E 300 24.62 27.18 -11.80
CA VAL E 300 25.96 26.63 -11.72
C VAL E 300 26.96 27.77 -11.61
N LYS E 301 28.08 27.49 -10.95
CA LYS E 301 29.11 28.53 -10.79
C LYS E 301 29.81 28.85 -12.09
N GLN E 302 29.96 27.86 -12.97
CA GLN E 302 30.62 28.09 -14.25
C GLN E 302 29.82 29.04 -15.12
N ARG E 303 30.52 29.86 -15.90
CA ARG E 303 29.88 30.79 -16.81
C ARG E 303 29.69 30.23 -18.21
N SER E 304 30.48 29.23 -18.60
CA SER E 304 30.37 28.65 -19.93
C SER E 304 30.80 27.19 -19.89
N LEU E 305 29.96 26.32 -20.45
CA LEU E 305 30.25 24.89 -20.56
C LEU E 305 29.84 24.46 -21.97
N LEU E 306 30.81 24.49 -22.89
CA LEU E 306 30.52 24.26 -24.30
C LEU E 306 30.34 22.76 -24.57
N LEU E 307 29.17 22.39 -25.06
CA LEU E 307 28.88 21.03 -25.47
C LEU E 307 29.23 20.87 -26.95
N ALA E 308 30.02 19.85 -27.26
CA ALA E 308 30.43 19.61 -28.63
C ALA E 308 29.27 19.06 -29.45
N THR E 309 29.05 19.65 -30.63
CA THR E 309 28.02 19.19 -31.55
C THR E 309 28.60 18.71 -32.87
N GLY E 310 29.91 18.54 -32.96
CA GLY E 310 30.56 18.07 -34.17
C GLY E 310 31.76 17.22 -33.85
N MET E 311 32.39 16.72 -34.90
CA MET E 311 33.58 15.88 -34.76
C MET E 311 34.80 16.73 -34.41
N LYS E 312 35.92 16.07 -34.18
CA LYS E 312 37.16 16.79 -33.91
C LYS E 312 37.65 17.49 -35.19
N ASN E 313 38.10 18.72 -35.03
CA ASN E 313 38.56 19.53 -36.16
C ASN E 313 40.02 19.23 -36.44
N VAL E 314 40.30 18.73 -37.63
CA VAL E 314 41.67 18.42 -38.04
C VAL E 314 42.01 19.20 -39.31
N PRO E 315 42.60 20.38 -39.19
CA PRO E 315 42.91 21.18 -40.38
C PRO E 315 44.22 20.74 -41.01
N GLU E 316 44.52 21.36 -42.16
CA GLU E 316 45.72 21.04 -42.91
C GLU E 316 46.89 21.95 -42.50
N LEU E 323 39.48 7.29 -30.42
CA LEU E 323 39.17 5.99 -29.83
C LEU E 323 39.24 4.89 -30.89
N PHE E 324 38.83 5.23 -32.10
CA PHE E 324 38.79 4.27 -33.20
C PHE E 324 39.90 4.48 -34.22
N GLY E 325 40.77 5.46 -34.02
CA GLY E 325 41.95 5.64 -34.84
C GLY E 325 41.72 6.20 -36.22
N ALA E 326 40.51 6.60 -36.56
CA ALA E 326 40.23 7.16 -37.89
C ALA E 326 40.42 8.68 -37.87
N ILE E 327 39.48 9.40 -37.25
CA ILE E 327 39.63 10.85 -37.12
C ILE E 327 40.82 11.15 -36.24
N ALA E 328 41.68 12.06 -36.72
CA ALA E 328 42.94 12.40 -36.04
C ALA E 328 43.80 11.16 -35.79
N GLY E 329 43.69 10.16 -36.67
CA GLY E 329 44.44 8.93 -36.53
C GLY E 329 45.21 8.59 -37.79
N PHE E 330 44.90 7.44 -38.40
CA PHE E 330 45.56 7.08 -39.65
C PHE E 330 45.06 7.88 -40.83
N ILE E 331 43.97 8.61 -40.68
CA ILE E 331 43.57 9.64 -41.64
C ILE E 331 44.21 10.96 -41.20
N GLU E 332 45.04 11.53 -42.06
CA GLU E 332 45.91 12.63 -41.65
C GLU E 332 45.11 13.86 -41.21
N ASN E 333 44.17 14.30 -42.05
CA ASN E 333 43.40 15.50 -41.75
C ASN E 333 42.08 15.44 -42.51
N GLY E 334 41.25 16.47 -42.31
CA GLY E 334 39.97 16.57 -42.97
C GLY E 334 40.03 17.45 -44.21
N TRP E 335 38.90 17.50 -44.91
CA TRP E 335 38.77 18.27 -46.14
C TRP E 335 37.86 19.47 -45.85
N GLU E 336 38.46 20.66 -45.80
CA GLU E 336 37.67 21.87 -45.56
C GLU E 336 36.73 22.16 -46.71
N GLY E 337 37.07 21.70 -47.93
CA GLY E 337 36.18 21.86 -49.06
C GLY E 337 34.96 20.96 -49.03
N LEU E 338 34.95 19.96 -48.15
CA LEU E 338 33.81 19.04 -48.03
C LEU E 338 32.69 19.77 -47.29
N ILE E 339 31.96 20.61 -48.03
CA ILE E 339 30.89 21.41 -47.45
C ILE E 339 29.57 20.70 -47.69
N ASP E 340 29.65 19.48 -48.23
CA ASP E 340 28.45 18.73 -48.59
C ASP E 340 27.96 17.83 -47.46
N GLY E 341 28.81 17.50 -46.51
CA GLY E 341 28.39 16.63 -45.43
C GLY E 341 29.51 16.43 -44.43
N TRP E 342 29.37 15.39 -43.60
CA TRP E 342 30.38 15.10 -42.59
C TRP E 342 31.46 14.16 -43.10
N TYR E 343 31.10 13.12 -43.84
CA TYR E 343 32.04 12.16 -44.40
C TYR E 343 31.89 12.12 -45.91
N GLY E 344 32.98 11.84 -46.60
CA GLY E 344 32.95 11.90 -48.05
C GLY E 344 34.03 11.07 -48.70
N PHE E 345 33.82 10.79 -49.99
CA PHE E 345 34.76 10.08 -50.83
C PHE E 345 35.51 11.07 -51.71
N ARG E 346 36.81 10.82 -51.91
CA ARG E 346 37.63 11.61 -52.83
C ARG E 346 38.50 10.64 -53.61
N HIS E 347 38.07 10.30 -54.81
CA HIS E 347 38.79 9.33 -55.63
C HIS E 347 39.76 10.03 -56.59
N GLN E 348 40.57 9.21 -57.25
CA GLN E 348 41.54 9.72 -58.23
C GLN E 348 41.81 8.60 -59.23
N ASN E 349 41.19 8.70 -60.40
CA ASN E 349 41.38 7.70 -61.44
C ASN E 349 42.05 8.32 -62.66
N ALA E 350 41.69 7.84 -63.86
CA ALA E 350 42.20 8.39 -65.10
C ALA E 350 41.25 9.39 -65.75
N GLN E 351 40.01 9.49 -65.27
CA GLN E 351 39.02 10.39 -65.84
C GLN E 351 38.98 11.75 -65.13
N GLY E 352 39.80 11.95 -64.10
CA GLY E 352 39.87 13.19 -63.37
C GLY E 352 39.78 12.95 -61.88
N GLU E 353 39.60 14.04 -61.13
CA GLU E 353 39.45 13.98 -59.69
C GLU E 353 37.96 14.01 -59.34
N GLY E 354 37.65 14.42 -58.12
CA GLY E 354 36.27 14.50 -57.67
C GLY E 354 36.17 14.36 -56.17
N THR E 355 35.05 14.84 -55.63
CA THR E 355 34.79 14.76 -54.20
C THR E 355 33.28 14.71 -53.99
N ALA E 356 32.81 13.68 -53.29
CA ALA E 356 31.40 13.52 -52.98
C ALA E 356 31.24 13.27 -51.48
N ALA E 357 30.00 13.24 -51.02
CA ALA E 357 29.68 13.04 -49.63
C ALA E 357 28.78 11.83 -49.44
N ASP E 358 28.95 11.16 -48.31
CA ASP E 358 28.13 10.01 -47.93
C ASP E 358 27.00 10.48 -47.02
N TYR E 359 25.76 10.21 -47.43
CA TYR E 359 24.60 10.69 -46.68
C TYR E 359 24.29 9.79 -45.48
N LYS E 360 24.59 8.49 -45.58
CA LYS E 360 24.22 7.56 -44.53
C LYS E 360 24.95 7.87 -43.22
N SER E 361 26.28 7.84 -43.25
CA SER E 361 27.05 8.05 -42.02
C SER E 361 26.90 9.48 -41.51
N THR E 362 26.90 10.46 -42.41
CA THR E 362 26.70 11.84 -42.00
C THR E 362 25.37 12.01 -41.27
N GLN E 363 24.28 11.51 -41.88
CA GLN E 363 22.98 11.63 -41.24
C GLN E 363 22.90 10.79 -39.97
N SER E 364 23.72 9.73 -39.88
CA SER E 364 23.73 8.92 -38.66
C SER E 364 24.35 9.69 -37.49
N ALA E 365 25.55 10.23 -37.69
CA ALA E 365 26.19 11.01 -36.63
C ALA E 365 25.37 12.26 -36.30
N ILE E 366 24.80 12.89 -37.32
CA ILE E 366 23.97 14.08 -37.10
C ILE E 366 22.73 13.72 -36.29
N ASP E 367 22.11 12.57 -36.58
CA ASP E 367 20.95 12.16 -35.81
C ASP E 367 21.33 11.79 -34.38
N GLN E 368 22.53 11.25 -34.18
CA GLN E 368 22.94 10.89 -32.82
C GLN E 368 23.21 12.13 -31.98
N ILE E 369 23.96 13.10 -32.52
CA ILE E 369 24.20 14.34 -31.80
C ILE E 369 22.90 15.10 -31.60
N THR E 370 22.01 15.05 -32.59
CA THR E 370 20.70 15.66 -32.45
C THR E 370 19.91 15.02 -31.31
N GLY E 371 20.04 13.70 -31.15
CA GLY E 371 19.43 13.05 -30.00
C GLY E 371 20.03 13.50 -28.69
N LYS E 372 21.36 13.69 -28.67
CA LYS E 372 22.02 14.21 -27.47
C LYS E 372 21.47 15.59 -27.09
N LEU E 373 21.34 16.47 -28.09
CA LEU E 373 20.86 17.82 -27.79
C LEU E 373 19.38 17.84 -27.43
N ASN E 374 18.58 16.97 -28.05
CA ASN E 374 17.18 16.86 -27.65
C ASN E 374 17.04 16.31 -26.24
N ARG E 375 18.03 15.52 -25.79
CA ARG E 375 17.97 14.97 -24.44
C ARG E 375 18.45 15.97 -23.40
N LEU E 376 19.55 16.66 -23.67
CA LEU E 376 20.12 17.61 -22.71
C LEU E 376 19.30 18.89 -22.64
N ILE E 377 19.05 19.52 -23.79
CA ILE E 377 18.21 20.71 -23.82
C ILE E 377 16.79 20.27 -23.45
N GLU E 378 16.50 20.33 -22.15
CA GLU E 378 15.23 19.90 -21.59
C GLU E 378 14.87 20.82 -20.45
N LYS E 379 13.58 21.05 -20.27
CA LYS E 379 13.09 21.99 -19.28
C LYS E 379 12.60 21.27 -18.03
N THR E 380 12.77 21.91 -16.88
CA THR E 380 12.35 21.36 -15.60
C THR E 380 10.94 21.83 -15.28
N ASN E 381 10.09 20.90 -14.88
CA ASN E 381 8.72 21.21 -14.48
C ASN E 381 8.58 21.36 -12.96
N GLN E 382 9.70 21.47 -12.24
CA GLN E 382 9.70 21.62 -10.80
C GLN E 382 9.79 23.11 -10.46
N GLN E 383 8.77 23.62 -9.80
CA GLN E 383 8.75 25.03 -9.39
C GLN E 383 9.36 25.18 -8.00
N PHE E 384 10.19 26.20 -7.83
CA PHE E 384 10.78 26.53 -6.55
C PHE E 384 10.31 27.93 -6.13
N GLU E 385 9.82 28.04 -4.91
CA GLU E 385 9.28 29.29 -4.40
C GLU E 385 10.41 30.10 -3.76
N LEU E 386 10.04 31.20 -3.12
CA LEU E 386 11.00 32.08 -2.46
C LEU E 386 11.07 31.75 -0.98
N ILE E 387 12.28 31.53 -0.47
CA ILE E 387 12.51 31.28 0.94
C ILE E 387 13.44 32.31 1.57
N ASP E 388 14.16 33.09 0.77
CA ASP E 388 14.96 34.20 1.26
C ASP E 388 14.12 35.47 1.21
N ASN E 389 14.76 36.61 1.42
CA ASN E 389 14.10 37.91 1.28
C ASN E 389 15.19 38.92 0.95
N GLU E 390 15.15 39.45 -0.28
CA GLU E 390 16.17 40.37 -0.76
C GLU E 390 16.02 41.78 -0.19
N PHE E 391 14.87 42.11 0.39
CA PHE E 391 14.61 43.45 0.90
C PHE E 391 14.72 43.54 2.42
N THR E 392 14.03 42.67 3.13
CA THR E 392 14.08 42.61 4.60
C THR E 392 14.66 41.25 4.98
N GLU E 393 15.91 41.23 5.40
CA GLU E 393 16.60 39.97 5.64
C GLU E 393 15.94 39.18 6.76
N VAL E 394 15.79 37.87 6.55
CA VAL E 394 15.23 36.98 7.54
C VAL E 394 16.20 36.83 8.70
N GLU E 395 15.81 36.06 9.72
CA GLU E 395 16.67 35.87 10.88
C GLU E 395 17.97 35.18 10.48
N LYS E 396 19.01 35.41 11.29
CA LYS E 396 20.37 35.08 10.88
C LYS E 396 20.60 33.58 10.82
N GLN E 397 20.07 32.82 11.78
CA GLN E 397 20.36 31.39 11.84
C GLN E 397 19.74 30.65 10.66
N ILE E 398 18.42 30.81 10.47
CA ILE E 398 17.75 30.15 9.36
C ILE E 398 18.30 30.64 8.02
N GLY E 399 18.74 31.90 7.97
CA GLY E 399 19.35 32.39 6.75
C GLY E 399 20.69 31.74 6.46
N ASN E 400 21.48 31.48 7.50
CA ASN E 400 22.74 30.76 7.31
C ASN E 400 22.50 29.32 6.90
N VAL E 401 21.48 28.68 7.47
CA VAL E 401 21.14 27.33 7.04
C VAL E 401 20.72 27.31 5.58
N ILE E 402 19.89 28.28 5.17
CA ILE E 402 19.43 28.36 3.80
C ILE E 402 20.59 28.58 2.84
N ASN E 403 21.45 29.55 3.16
CA ASN E 403 22.62 29.81 2.30
C ASN E 403 23.53 28.60 2.23
N TRP E 404 23.67 27.86 3.33
CA TRP E 404 24.50 26.67 3.34
C TRP E 404 23.93 25.58 2.43
N THR E 405 22.63 25.31 2.55
CA THR E 405 21.99 24.32 1.68
C THR E 405 22.08 24.73 0.22
N ARG E 406 21.77 25.99 -0.08
CA ARG E 406 21.81 26.48 -1.46
C ARG E 406 23.22 26.37 -2.03
N ASP E 407 24.24 26.68 -1.24
CA ASP E 407 25.61 26.59 -1.72
C ASP E 407 25.99 25.13 -1.98
N SER E 408 25.59 24.22 -1.10
CA SER E 408 25.87 22.80 -1.32
C SER E 408 25.23 22.31 -2.62
N ILE E 409 23.95 22.64 -2.82
CA ILE E 409 23.26 22.26 -4.05
C ILE E 409 23.97 22.86 -5.26
N THR E 410 24.46 24.10 -5.13
CA THR E 410 25.19 24.73 -6.22
C THR E 410 26.45 23.95 -6.56
N GLU E 411 27.17 23.47 -5.53
CA GLU E 411 28.32 22.61 -5.76
C GLU E 411 27.91 21.35 -6.53
N VAL E 412 26.82 20.71 -6.09
CA VAL E 412 26.39 19.47 -6.74
C VAL E 412 26.08 19.71 -8.21
N TRP E 413 25.26 20.71 -8.52
CA TRP E 413 24.86 20.92 -9.91
C TRP E 413 26.00 21.44 -10.77
N SER E 414 26.92 22.21 -10.20
CA SER E 414 28.11 22.61 -10.96
C SER E 414 28.94 21.39 -11.34
N TYR E 415 29.17 20.49 -10.38
CA TYR E 415 29.89 19.25 -10.67
C TYR E 415 29.19 18.45 -11.76
N ASN E 416 27.88 18.24 -11.60
CA ASN E 416 27.13 17.43 -12.58
C ASN E 416 27.19 18.05 -13.96
N ALA E 417 27.13 19.39 -14.06
CA ALA E 417 27.19 20.04 -15.36
C ALA E 417 28.56 19.87 -15.99
N GLU E 418 29.63 20.07 -15.20
CA GLU E 418 30.99 19.91 -15.72
C GLU E 418 31.21 18.49 -16.23
N LEU E 419 30.94 17.49 -15.38
CA LEU E 419 31.15 16.10 -15.76
C LEU E 419 30.30 15.71 -16.96
N LEU E 420 29.04 16.19 -17.00
CA LEU E 420 28.15 15.89 -18.11
C LEU E 420 28.72 16.42 -19.41
N VAL E 421 29.20 17.67 -19.41
CA VAL E 421 29.72 18.26 -20.64
C VAL E 421 30.97 17.51 -21.10
N ALA E 422 31.92 17.27 -20.18
CA ALA E 422 33.15 16.59 -20.57
C ALA E 422 32.86 15.19 -21.11
N MET E 423 32.02 14.43 -20.41
CA MET E 423 31.69 13.07 -20.83
C MET E 423 31.01 13.07 -22.19
N GLU E 424 29.99 13.90 -22.36
CA GLU E 424 29.27 13.94 -23.63
C GLU E 424 30.18 14.34 -24.78
N ASN E 425 31.11 15.26 -24.54
CA ASN E 425 32.05 15.63 -25.59
C ASN E 425 32.96 14.47 -25.95
N GLN E 426 33.49 13.75 -24.94
CA GLN E 426 34.30 12.58 -25.21
C GLN E 426 33.56 11.56 -26.07
N HIS E 427 32.36 11.18 -25.65
CA HIS E 427 31.58 10.19 -26.40
C HIS E 427 31.18 10.72 -27.77
N THR E 428 31.07 12.04 -27.93
CA THR E 428 30.75 12.60 -29.24
C THR E 428 31.91 12.43 -30.21
N ILE E 429 33.12 12.83 -29.79
CA ILE E 429 34.29 12.68 -30.64
C ILE E 429 34.51 11.20 -30.98
N ASP E 430 34.46 10.34 -29.96
CA ASP E 430 34.60 8.90 -30.22
C ASP E 430 33.50 8.39 -31.14
N LEU E 431 32.31 9.00 -31.07
CA LEU E 431 31.19 8.55 -31.90
C LEU E 431 31.43 8.87 -33.36
N ALA E 432 31.82 10.11 -33.67
CA ALA E 432 32.11 10.48 -35.05
C ALA E 432 33.28 9.68 -35.59
N ASP E 433 34.34 9.52 -34.79
CA ASP E 433 35.43 8.62 -35.15
C ASP E 433 34.89 7.25 -35.53
N SER E 434 33.99 6.70 -34.70
CA SER E 434 33.43 5.39 -34.97
C SER E 434 32.70 5.36 -36.31
N GLU E 435 31.90 6.39 -36.60
CA GLU E 435 31.17 6.40 -37.87
C GLU E 435 32.12 6.43 -39.07
N MET E 436 33.20 7.21 -38.97
CA MET E 436 34.21 7.19 -40.03
C MET E 436 34.78 5.79 -40.22
N ASP E 437 35.12 5.13 -39.11
CA ASP E 437 35.64 3.77 -39.19
C ASP E 437 34.65 2.83 -39.87
N LYS E 438 33.36 2.96 -39.53
CA LYS E 438 32.33 2.12 -40.14
C LYS E 438 32.28 2.35 -41.66
N LEU E 439 32.37 3.60 -42.10
CA LEU E 439 32.38 3.88 -43.53
C LEU E 439 33.59 3.23 -44.20
N TYR E 440 34.76 3.39 -43.60
CA TYR E 440 35.99 2.83 -44.18
C TYR E 440 35.89 1.32 -44.32
N GLU E 441 35.57 0.62 -43.22
CA GLU E 441 35.44 -0.84 -43.28
C GLU E 441 34.34 -1.27 -44.24
N ARG E 442 33.29 -0.45 -44.37
CA ARG E 442 32.24 -0.74 -45.35
C ARG E 442 32.81 -0.77 -46.77
N VAL E 443 33.54 0.27 -47.16
CA VAL E 443 34.10 0.32 -48.50
C VAL E 443 35.11 -0.81 -48.70
N LYS E 444 35.92 -1.10 -47.67
CA LYS E 444 36.90 -2.17 -47.79
C LYS E 444 36.21 -3.51 -48.03
N ARG E 445 35.12 -3.78 -47.30
CA ARG E 445 34.39 -5.01 -47.53
C ARG E 445 33.66 -5.01 -48.87
N GLN E 446 33.36 -3.84 -49.43
CA GLN E 446 32.81 -3.79 -50.78
C GLN E 446 33.85 -4.21 -51.81
N LEU E 447 35.08 -3.71 -51.67
CA LEU E 447 36.07 -3.88 -52.74
C LEU E 447 36.59 -5.30 -52.85
N ARG E 448 36.49 -6.11 -51.79
CA ARG E 448 36.95 -7.51 -51.81
C ARG E 448 38.44 -7.53 -52.14
N GLU E 449 38.89 -8.46 -52.98
CA GLU E 449 40.30 -8.56 -53.35
C GLU E 449 40.66 -7.72 -54.56
N ASN E 450 39.81 -6.78 -54.95
CA ASN E 450 40.05 -5.93 -56.11
C ASN E 450 40.84 -4.67 -55.77
N ALA E 451 41.17 -4.45 -54.51
CA ALA E 451 41.89 -3.24 -54.11
C ALA E 451 42.69 -3.54 -52.84
N GLU E 452 43.57 -2.60 -52.49
CA GLU E 452 44.41 -2.72 -51.31
C GLU E 452 44.41 -1.40 -50.55
N GLU E 453 44.69 -1.49 -49.25
CA GLU E 453 44.84 -0.31 -48.42
C GLU E 453 46.27 0.22 -48.53
N ASP E 454 46.41 1.54 -48.41
CA ASP E 454 47.72 2.17 -48.38
C ASP E 454 48.05 2.83 -47.06
N GLY E 455 47.12 2.85 -46.11
CA GLY E 455 47.39 3.36 -44.78
C GLY E 455 47.09 4.81 -44.55
N THR E 456 46.47 5.50 -45.52
CA THR E 456 46.12 6.91 -45.38
C THR E 456 44.62 7.15 -45.55
N GLY E 457 43.80 6.13 -45.32
CA GLY E 457 42.38 6.25 -45.55
C GLY E 457 41.95 6.12 -47.00
N CYS E 458 42.87 5.75 -47.89
CA CYS E 458 42.57 5.60 -49.30
C CYS E 458 42.63 4.14 -49.70
N PHE E 459 42.19 3.85 -50.92
CA PHE E 459 42.14 2.50 -51.46
C PHE E 459 42.76 2.49 -52.85
N GLU E 460 43.94 1.88 -52.97
CA GLU E 460 44.56 1.65 -54.28
C GLU E 460 43.81 0.52 -54.96
N ILE E 461 42.98 0.87 -55.93
CA ILE E 461 42.25 -0.13 -56.71
C ILE E 461 43.15 -0.65 -57.82
N PHE E 462 43.21 -1.97 -57.98
CA PHE E 462 44.11 -2.60 -58.93
C PHE E 462 43.42 -3.00 -60.23
N HIS E 463 42.34 -2.32 -60.57
CA HIS E 463 41.71 -2.44 -61.89
C HIS E 463 41.34 -1.04 -62.36
N LYS E 464 40.89 -0.96 -63.61
CA LYS E 464 40.47 0.32 -64.19
C LYS E 464 39.07 0.65 -63.67
N CYS E 465 38.97 1.67 -62.83
CA CYS E 465 37.72 2.07 -62.20
C CYS E 465 37.39 3.50 -62.64
N ASP E 466 36.45 3.62 -63.57
CA ASP E 466 36.05 4.93 -64.08
C ASP E 466 35.10 5.64 -63.12
N ASP E 467 34.37 6.63 -63.61
CA ASP E 467 33.47 7.39 -62.75
C ASP E 467 32.23 6.57 -62.38
N ASP E 468 31.72 5.78 -63.32
CA ASP E 468 30.58 4.92 -63.01
C ASP E 468 30.95 3.83 -62.00
N CYS E 469 32.18 3.33 -62.07
CA CYS E 469 32.64 2.37 -61.07
C CYS E 469 32.75 3.02 -59.69
N MET E 470 33.31 4.23 -59.64
CA MET E 470 33.37 4.95 -58.36
C MET E 470 31.98 5.23 -57.82
N ALA E 471 31.06 5.65 -58.68
CA ALA E 471 29.68 5.88 -58.25
C ALA E 471 29.05 4.59 -57.73
N SER E 472 29.36 3.46 -58.37
CA SER E 472 28.87 2.18 -57.87
C SER E 472 29.46 1.84 -56.52
N ILE E 473 30.70 2.27 -56.26
CA ILE E 473 31.30 2.06 -54.95
C ILE E 473 30.61 2.93 -53.90
N ARG E 474 30.25 4.16 -54.27
CA ARG E 474 29.67 5.07 -53.29
C ARG E 474 28.23 4.67 -52.94
N ASN E 475 27.38 4.49 -53.93
CA ASN E 475 25.98 4.13 -53.67
C ASN E 475 25.79 2.65 -53.39
N ASN E 476 26.87 1.91 -53.12
CA ASN E 476 26.82 0.50 -52.71
C ASN E 476 26.20 -0.37 -53.80
N THR E 477 26.76 -0.26 -55.02
CA THR E 477 26.36 -1.10 -56.14
C THR E 477 27.59 -1.66 -56.87
N TYR E 478 28.72 -1.73 -56.19
CA TYR E 478 29.95 -2.24 -56.80
C TYR E 478 29.96 -3.77 -56.73
N ASP E 479 29.96 -4.41 -57.90
CA ASP E 479 29.98 -5.86 -58.00
C ASP E 479 31.42 -6.29 -58.27
N HIS E 480 32.08 -6.81 -57.24
CA HIS E 480 33.48 -7.18 -57.37
C HIS E 480 33.69 -8.35 -58.33
N SER E 481 32.68 -9.19 -58.53
CA SER E 481 32.80 -10.30 -59.45
C SER E 481 32.94 -9.85 -60.90
N LYS E 482 32.74 -8.57 -61.18
CA LYS E 482 32.94 -8.04 -62.53
C LYS E 482 34.38 -7.64 -62.80
N TYR E 483 35.11 -7.22 -61.77
CA TYR E 483 36.51 -6.82 -61.92
C TYR E 483 37.47 -7.76 -61.20
N ARG E 484 37.00 -8.91 -60.72
CA ARG E 484 37.83 -9.77 -59.89
C ARG E 484 38.96 -10.39 -60.70
N GLU E 485 38.63 -11.18 -61.73
CA GLU E 485 39.68 -11.84 -62.50
C GLU E 485 40.58 -10.82 -63.20
N GLU E 486 40.01 -9.70 -63.64
CA GLU E 486 40.80 -8.66 -64.30
C GLU E 486 41.61 -7.82 -63.32
N ALA E 487 41.35 -7.93 -62.01
CA ALA E 487 42.12 -7.20 -61.02
C ALA E 487 43.09 -8.05 -60.23
N MET E 488 42.92 -9.37 -60.22
CA MET E 488 43.78 -10.26 -59.46
C MET E 488 45.14 -10.46 -60.12
N GLN E 489 45.33 -10.00 -61.36
CA GLN E 489 46.61 -10.07 -62.05
C GLN E 489 47.65 -9.11 -61.49
N ASN E 490 47.39 -8.47 -60.36
CA ASN E 490 48.32 -7.52 -59.77
C ASN E 490 48.44 -7.73 -58.27
N ASP F 1 60.44 -16.07 -39.64
CA ASP F 1 60.56 -14.63 -39.40
C ASP F 1 59.23 -14.02 -39.03
N LYS F 2 59.13 -13.52 -37.80
CA LYS F 2 57.89 -12.95 -37.30
C LYS F 2 58.21 -11.70 -36.48
N ILE F 3 57.25 -10.77 -36.47
CA ILE F 3 57.33 -9.57 -35.66
C ILE F 3 56.03 -9.44 -34.88
N CYS F 4 56.12 -9.63 -33.57
CA CYS F 4 54.97 -9.48 -32.69
C CYS F 4 54.99 -8.10 -32.04
N LEU F 5 53.88 -7.76 -31.40
CA LEU F 5 53.78 -6.51 -30.66
C LEU F 5 52.75 -6.70 -29.56
N GLY F 6 53.00 -6.07 -28.42
CA GLY F 6 52.13 -6.25 -27.28
C GLY F 6 52.28 -5.13 -26.29
N HIS F 7 51.83 -5.39 -25.07
CA HIS F 7 51.81 -4.42 -24.00
C HIS F 7 52.60 -4.92 -22.82
N HIS F 8 52.88 -4.01 -21.89
CA HIS F 8 53.64 -4.36 -20.69
C HIS F 8 52.70 -4.90 -19.62
N ALA F 9 53.30 -5.42 -18.55
CA ALA F 9 52.55 -5.98 -17.43
C ALA F 9 53.50 -6.06 -16.24
N VAL F 10 52.91 -6.09 -15.04
CA VAL F 10 53.65 -6.21 -13.80
C VAL F 10 53.25 -7.50 -13.10
N SER F 11 54.01 -7.85 -12.07
CA SER F 11 53.72 -9.08 -11.33
C SER F 11 52.63 -8.87 -10.29
N ASN F 12 52.62 -7.71 -9.64
CA ASN F 12 51.62 -7.37 -8.63
C ASN F 12 50.92 -6.09 -9.06
N GLY F 13 49.73 -6.24 -9.63
CA GLY F 13 48.92 -5.09 -10.01
C GLY F 13 48.01 -4.66 -8.88
N THR F 14 47.24 -3.61 -9.15
CA THR F 14 46.31 -3.04 -8.18
C THR F 14 44.88 -3.25 -8.66
N LYS F 15 44.05 -3.83 -7.80
CA LYS F 15 42.66 -4.06 -8.14
C LYS F 15 41.84 -2.78 -8.04
N VAL F 16 40.98 -2.56 -9.03
CA VAL F 16 40.11 -1.40 -9.08
C VAL F 16 38.69 -1.86 -9.41
N ASN F 17 37.74 -0.94 -9.30
CA ASN F 17 36.36 -1.18 -9.64
C ASN F 17 36.03 -0.48 -10.96
N THR F 18 35.18 -1.12 -11.77
CA THR F 18 34.78 -0.60 -13.06
C THR F 18 33.26 -0.61 -13.16
N LEU F 19 32.75 -0.14 -14.30
CA LEU F 19 31.32 -0.10 -14.53
C LEU F 19 30.69 -1.49 -14.59
N THR F 20 31.47 -2.50 -14.95
CA THR F 20 30.92 -3.84 -15.18
C THR F 20 31.65 -4.95 -14.44
N GLU F 21 32.67 -4.64 -13.64
CA GLU F 21 33.43 -5.68 -12.97
C GLU F 21 34.07 -5.12 -11.71
N ARG F 22 34.11 -5.94 -10.67
CA ARG F 22 34.72 -5.57 -9.38
C ARG F 22 36.06 -6.28 -9.24
N GLY F 23 37.11 -5.49 -9.03
CA GLY F 23 38.42 -6.06 -8.75
C GLY F 23 39.26 -6.37 -9.96
N VAL F 24 39.18 -5.54 -10.99
CA VAL F 24 40.00 -5.71 -12.18
C VAL F 24 41.43 -5.26 -11.85
N GLU F 25 42.39 -6.15 -12.09
CA GLU F 25 43.79 -5.81 -11.85
C GLU F 25 44.29 -4.88 -12.95
N VAL F 26 44.85 -3.73 -12.55
CA VAL F 26 45.44 -2.79 -13.49
C VAL F 26 46.91 -2.59 -13.10
N VAL F 27 47.68 -2.09 -14.06
CA VAL F 27 49.11 -1.92 -13.87
C VAL F 27 49.41 -0.95 -12.73
N ASN F 28 48.67 0.16 -12.68
CA ASN F 28 48.90 1.17 -11.66
C ASN F 28 47.59 1.87 -11.34
N ALA F 29 47.50 2.40 -10.12
CA ALA F 29 46.32 3.10 -9.66
C ALA F 29 46.74 4.10 -8.59
N THR F 30 45.83 5.03 -8.29
CA THR F 30 46.10 6.06 -7.28
C THR F 30 44.82 6.33 -6.49
N GLU F 31 45.00 6.88 -5.29
CA GLU F 31 43.89 7.09 -4.38
C GLU F 31 43.23 8.43 -4.64
N THR F 32 41.89 8.45 -4.56
CA THR F 32 41.11 9.67 -4.72
C THR F 32 40.44 10.13 -3.44
N VAL F 33 40.34 9.28 -2.43
CA VAL F 33 39.71 9.62 -1.15
C VAL F 33 40.81 9.85 -0.13
N GLU F 34 40.86 11.07 0.42
CA GLU F 34 41.89 11.44 1.37
C GLU F 34 41.57 10.90 2.75
N ARG F 35 42.57 10.30 3.41
CA ARG F 35 42.41 9.79 4.76
C ARG F 35 43.45 10.27 5.74
N THR F 36 44.56 10.85 5.28
CA THR F 36 45.59 11.33 6.20
C THR F 36 45.31 12.78 6.58
N ASN F 37 45.77 13.16 7.77
CA ASN F 37 45.47 14.46 8.32
C ASN F 37 46.58 14.87 9.28
N ILE F 38 46.99 16.14 9.19
CA ILE F 38 47.96 16.70 10.12
C ILE F 38 47.25 17.05 11.42
N PRO F 39 47.65 16.49 12.56
CA PRO F 39 46.92 16.72 13.81
C PRO F 39 47.20 18.09 14.41
N ARG F 40 47.30 19.12 13.57
CA ARG F 40 47.53 20.48 14.03
C ARG F 40 46.76 21.44 13.14
N ILE F 41 46.59 22.66 13.64
CA ILE F 41 45.93 23.72 12.88
C ILE F 41 47.00 24.45 12.08
N CYS F 42 47.01 24.26 10.77
CA CYS F 42 48.00 24.87 9.89
C CYS F 42 47.60 26.31 9.60
N SER F 43 48.29 27.26 10.21
CA SER F 43 47.94 28.66 10.10
C SER F 43 49.06 29.49 9.50
N LYS F 44 49.63 29.02 8.40
CA LYS F 44 50.71 29.73 7.74
C LYS F 44 50.17 30.92 6.95
N GLY F 45 50.76 32.08 7.14
CA GLY F 45 50.30 33.27 6.45
C GLY F 45 48.94 33.76 6.89
N LYS F 46 48.47 33.35 8.07
CA LYS F 46 47.17 33.74 8.58
C LYS F 46 47.32 34.28 9.99
N ARG F 47 46.81 35.47 10.25
CA ARG F 47 46.75 35.99 11.60
C ARG F 47 45.75 35.16 12.41
N THR F 48 46.25 34.45 13.42
CA THR F 48 45.47 33.47 14.15
C THR F 48 45.33 33.90 15.61
N VAL F 49 44.11 33.80 16.13
CA VAL F 49 43.80 34.13 17.52
C VAL F 49 43.23 32.88 18.17
N ASP F 50 43.95 32.31 19.13
CA ASP F 50 43.48 31.16 19.89
C ASP F 50 42.78 31.70 21.13
N LEU F 51 41.44 31.68 21.09
CA LEU F 51 40.65 32.26 22.17
C LEU F 51 40.89 31.54 23.50
N GLY F 52 41.08 30.24 23.47
CA GLY F 52 41.45 29.54 24.68
C GLY F 52 40.28 29.52 25.64
N GLN F 53 40.50 30.05 26.85
CA GLN F 53 39.48 30.10 27.88
C GLN F 53 38.42 31.17 27.61
N CYS F 54 38.65 32.07 26.66
CA CYS F 54 37.69 33.11 26.33
C CYS F 54 36.69 32.62 25.31
N GLY F 55 35.40 32.74 25.62
CA GLY F 55 34.37 32.41 24.67
C GLY F 55 34.24 33.48 23.59
N LEU F 56 33.78 33.05 22.41
CA LEU F 56 33.70 33.95 21.27
C LEU F 56 32.72 35.08 21.51
N LEU F 57 31.59 34.79 22.17
CA LEU F 57 30.62 35.84 22.47
C LEU F 57 31.13 36.77 23.57
N GLY F 58 31.94 36.24 24.49
CA GLY F 58 32.47 37.07 25.56
C GLY F 58 33.25 38.27 25.06
N THR F 59 33.89 38.14 23.90
CA THR F 59 34.64 39.26 23.31
C THR F 59 33.77 40.49 23.09
N ILE F 60 32.45 40.33 23.05
CA ILE F 60 31.57 41.48 22.92
C ILE F 60 31.19 42.06 24.28
N THR F 61 31.04 41.21 25.30
CA THR F 61 30.70 41.69 26.64
C THR F 61 31.92 41.94 27.51
N GLY F 62 32.94 41.09 27.38
CA GLY F 62 34.19 41.29 28.05
C GLY F 62 34.25 40.75 29.47
N PRO F 63 34.18 39.43 29.63
CA PRO F 63 34.47 38.84 30.94
C PRO F 63 35.96 38.88 31.21
N PRO F 64 36.39 38.62 32.44
CA PRO F 64 37.84 38.71 32.74
C PRO F 64 38.71 37.85 31.85
N GLN F 65 38.20 36.74 31.31
CA GLN F 65 39.00 35.89 30.45
C GLN F 65 39.11 36.41 29.02
N CYS F 66 38.39 37.47 28.67
CA CYS F 66 38.43 38.02 27.32
C CYS F 66 38.99 39.44 27.29
N ASP F 67 39.76 39.83 28.32
CA ASP F 67 40.25 41.21 28.38
C ASP F 67 41.24 41.51 27.26
N GLN F 68 41.93 40.51 26.73
CA GLN F 68 42.88 40.71 25.64
C GLN F 68 42.26 40.44 24.27
N PHE F 69 40.97 40.11 24.20
CA PHE F 69 40.29 39.88 22.95
C PHE F 69 39.16 40.88 22.72
N LEU F 70 39.19 42.02 23.42
CA LEU F 70 38.11 43.00 23.28
C LEU F 70 38.11 43.64 21.91
N GLU F 71 39.28 43.87 21.32
CA GLU F 71 39.40 44.45 19.99
C GLU F 71 40.39 43.62 19.16
N PHE F 72 40.11 42.34 19.05
CA PHE F 72 41.02 41.43 18.36
C PHE F 72 40.86 41.55 16.84
N SER F 73 41.85 41.03 16.13
CA SER F 73 41.84 41.03 14.67
C SER F 73 42.54 39.76 14.20
N ALA F 74 41.92 39.04 13.28
CA ALA F 74 42.48 37.77 12.83
C ALA F 74 41.83 37.36 11.51
N ASP F 75 42.53 36.49 10.80
CA ASP F 75 41.99 35.80 9.63
C ASP F 75 41.48 34.41 9.96
N LEU F 76 41.84 33.88 11.13
CA LEU F 76 41.41 32.56 11.57
C LEU F 76 41.13 32.62 13.07
N ILE F 77 39.93 32.22 13.46
CA ILE F 77 39.51 32.23 14.86
C ILE F 77 39.35 30.79 15.32
N ILE F 78 39.94 30.48 16.47
CA ILE F 78 39.92 29.12 17.01
C ILE F 78 39.18 29.15 18.35
N GLU F 79 38.08 28.41 18.42
CA GLU F 79 37.31 28.26 19.65
C GLU F 79 37.74 26.99 20.36
N ARG F 80 38.04 27.10 21.65
CA ARG F 80 38.44 25.96 22.46
C ARG F 80 37.27 25.50 23.32
N ARG F 81 37.37 24.26 23.80
CA ARG F 81 36.28 23.68 24.58
C ARG F 81 36.18 24.32 25.96
N GLU F 82 37.29 24.82 26.50
CA GLU F 82 37.27 25.49 27.80
C GLU F 82 36.86 26.95 27.72
N GLY F 83 36.47 27.44 26.54
CA GLY F 83 36.08 28.83 26.42
C GLY F 83 34.73 29.08 27.07
N SER F 84 34.63 30.22 27.76
CA SER F 84 33.40 30.61 28.45
C SER F 84 33.01 32.02 28.02
N ASP F 85 31.73 32.19 27.66
CA ASP F 85 31.24 33.49 27.24
C ASP F 85 30.97 34.43 28.40
N VAL F 86 30.74 33.92 29.60
CA VAL F 86 30.28 34.71 30.72
C VAL F 86 31.15 34.46 31.94
N CYS F 87 31.14 35.42 32.86
CA CYS F 87 31.68 35.26 34.19
C CYS F 87 30.57 35.21 35.24
N TYR F 88 29.63 36.16 35.17
CA TYR F 88 28.38 36.06 35.93
C TYR F 88 27.43 35.09 35.22
N PRO F 89 26.73 34.23 35.97
CA PRO F 89 25.94 33.18 35.32
C PRO F 89 24.88 33.75 34.38
N GLY F 90 24.88 33.25 33.15
CA GLY F 90 23.95 33.71 32.15
C GLY F 90 24.26 33.08 30.81
N LYS F 91 23.58 33.59 29.78
CA LYS F 91 23.74 33.07 28.43
C LYS F 91 23.31 34.15 27.45
N PHE F 92 23.39 33.82 26.16
CA PHE F 92 23.00 34.71 25.07
C PHE F 92 21.75 34.18 24.39
N VAL F 93 20.89 35.09 23.97
CA VAL F 93 19.74 34.75 23.13
C VAL F 93 20.19 34.83 21.67
N ASN F 94 19.83 33.82 20.89
CA ASN F 94 20.34 33.65 19.52
C ASN F 94 21.87 33.62 19.52
N GLU F 95 22.43 32.78 20.39
CA GLU F 95 23.87 32.73 20.58
C GLU F 95 24.58 32.19 19.36
N GLU F 96 24.01 31.17 18.71
CA GLU F 96 24.72 30.52 17.60
C GLU F 96 24.78 31.42 16.39
N ALA F 97 23.71 32.19 16.12
CA ALA F 97 23.74 33.13 15.01
C ALA F 97 24.81 34.19 15.22
N LEU F 98 24.98 34.66 16.45
CA LEU F 98 26.02 35.64 16.74
C LEU F 98 27.40 35.03 16.62
N ARG F 99 27.55 33.76 17.05
CA ARG F 99 28.83 33.07 16.85
C ARG F 99 29.18 32.97 15.38
N GLN F 100 28.19 32.61 14.55
CA GLN F 100 28.42 32.54 13.11
C GLN F 100 28.72 33.92 12.52
N ILE F 101 28.15 34.98 13.09
CA ILE F 101 28.48 36.32 12.64
C ILE F 101 29.94 36.66 12.98
N LEU F 102 30.38 36.31 14.19
CA LEU F 102 31.70 36.68 14.65
C LEU F 102 32.81 35.80 14.07
N ARG F 103 32.48 34.59 13.61
CA ARG F 103 33.50 33.74 13.01
C ARG F 103 34.02 34.31 11.69
N GLU F 104 33.17 35.00 10.93
CA GLU F 104 33.55 35.58 9.66
C GLU F 104 33.70 37.10 9.74
N SER F 105 33.85 37.64 10.94
CA SER F 105 33.92 39.09 11.14
C SER F 105 35.31 39.67 10.93
N GLY F 106 36.35 38.85 10.94
CA GLY F 106 37.70 39.37 10.84
C GLY F 106 38.16 40.13 12.06
N GLY F 107 37.46 40.03 13.18
CA GLY F 107 37.76 40.79 14.37
C GLY F 107 36.68 41.83 14.66
N ILE F 108 36.82 42.46 15.82
CA ILE F 108 35.87 43.46 16.28
C ILE F 108 36.61 44.73 16.65
N ASP F 109 35.92 45.86 16.53
CA ASP F 109 36.45 47.17 16.92
C ASP F 109 35.39 47.86 17.76
N LYS F 110 35.74 48.15 19.01
CA LYS F 110 34.80 48.76 19.94
C LYS F 110 34.82 50.28 19.80
N GLU F 111 33.70 50.90 20.14
CA GLU F 111 33.59 52.36 20.13
C GLU F 111 32.63 52.78 21.23
N ALA F 112 33.04 53.80 22.01
CA ALA F 112 32.20 54.26 23.11
C ALA F 112 30.88 54.81 22.60
N MET F 113 29.78 54.28 23.15
CA MET F 113 28.45 54.73 22.74
C MET F 113 28.05 56.05 23.38
N GLY F 114 28.73 56.46 24.45
CA GLY F 114 28.50 57.76 25.06
C GLY F 114 27.25 57.85 25.91
N PHE F 115 27.05 56.87 26.79
CA PHE F 115 25.90 56.86 27.70
C PHE F 115 26.33 57.42 29.05
N THR F 116 25.78 58.57 29.41
CA THR F 116 25.99 59.19 30.72
C THR F 116 24.73 59.06 31.54
N TYR F 117 24.89 58.76 32.83
CA TYR F 117 23.76 58.47 33.70
C TYR F 117 23.70 59.48 34.85
N SER F 118 22.51 59.59 35.43
CA SER F 118 22.27 60.50 36.55
C SER F 118 21.19 59.91 37.43
N GLY F 119 21.35 60.06 38.74
CA GLY F 119 20.37 59.57 39.69
C GLY F 119 20.40 58.08 39.94
N ILE F 120 21.37 57.35 39.38
CA ILE F 120 21.51 55.93 39.59
C ILE F 120 22.97 55.60 39.88
N ARG F 121 23.22 54.34 40.20
CA ARG F 121 24.57 53.84 40.38
C ARG F 121 25.02 53.11 39.12
N THR F 122 26.32 53.21 38.84
CA THR F 122 26.91 52.58 37.67
C THR F 122 28.07 51.65 38.02
N ASN F 123 28.23 51.30 39.30
CA ASN F 123 29.35 50.51 39.78
C ASN F 123 28.92 49.10 40.18
N GLY F 124 27.96 48.52 39.46
CA GLY F 124 27.50 47.18 39.76
C GLY F 124 28.60 46.17 39.48
N ALA F 125 29.03 45.46 40.51
CA ALA F 125 30.07 44.45 40.39
C ALA F 125 29.63 43.16 41.09
N THR F 126 30.45 42.12 40.94
CA THR F 126 30.15 40.83 41.55
C THR F 126 31.44 40.06 41.72
N SER F 127 31.41 39.08 42.62
CA SER F 127 32.57 38.25 42.92
C SER F 127 32.80 37.15 41.89
N ALA F 128 31.96 37.06 40.86
CA ALA F 128 32.15 36.08 39.80
C ALA F 128 33.08 36.57 38.70
N CYS F 129 33.22 37.89 38.55
CA CYS F 129 34.07 38.49 37.53
C CYS F 129 35.22 39.18 38.25
N ARG F 130 36.26 38.40 38.57
CA ARG F 130 37.36 38.86 39.41
C ARG F 130 38.51 39.33 38.53
N ARG F 131 38.78 40.64 38.57
CA ARG F 131 40.00 41.20 37.98
C ARG F 131 40.98 41.55 39.09
N SER F 132 40.71 42.66 39.79
CA SER F 132 41.46 43.01 40.99
C SER F 132 40.85 42.32 42.20
N GLY F 133 39.67 42.78 42.62
CA GLY F 133 38.93 42.14 43.68
C GLY F 133 37.59 41.62 43.19
N SER F 134 36.63 42.53 43.02
CA SER F 134 35.33 42.21 42.45
C SER F 134 35.04 43.22 41.34
N SER F 135 34.74 42.73 40.15
CA SER F 135 34.53 43.61 39.00
C SER F 135 33.28 43.20 38.23
N PHE F 136 33.27 43.47 36.93
CA PHE F 136 32.12 43.20 36.08
C PHE F 136 32.61 43.13 34.63
N TYR F 137 31.67 42.95 33.71
CA TYR F 137 32.01 42.95 32.29
C TYR F 137 32.63 44.29 31.90
N ALA F 138 33.74 44.23 31.15
CA ALA F 138 34.45 45.45 30.80
C ALA F 138 33.66 46.32 29.83
N GLU F 139 32.82 45.72 29.00
CA GLU F 139 32.06 46.44 27.99
C GLU F 139 30.63 46.71 28.41
N MET F 140 30.27 46.43 29.66
CA MET F 140 28.91 46.60 30.14
C MET F 140 28.91 47.44 31.41
N LYS F 141 27.70 47.77 31.86
CA LYS F 141 27.51 48.59 33.06
C LYS F 141 26.26 48.09 33.78
N TRP F 142 26.43 47.62 35.01
CA TRP F 142 25.31 47.13 35.82
C TRP F 142 24.72 48.31 36.56
N LEU F 143 23.62 48.86 36.02
CA LEU F 143 22.98 50.02 36.61
C LEU F 143 22.17 49.61 37.83
N LEU F 144 22.35 50.33 38.93
CA LEU F 144 21.66 50.06 40.18
C LEU F 144 21.08 51.36 40.73
N SER F 145 20.13 51.22 41.64
CA SER F 145 19.60 52.37 42.36
C SER F 145 20.69 52.99 43.23
N ASN F 146 20.51 54.27 43.56
CA ASN F 146 21.49 54.96 44.40
C ASN F 146 21.64 54.28 45.76
N THR F 147 20.55 53.77 46.31
CA THR F 147 20.56 53.13 47.61
C THR F 147 19.73 51.86 47.54
N ASP F 148 19.85 51.03 48.58
CA ASP F 148 19.04 49.83 48.68
C ASP F 148 17.57 50.19 48.76
N ASN F 149 16.75 49.47 48.00
CA ASN F 149 15.30 49.67 47.92
C ASN F 149 14.91 51.03 47.37
N ALA F 150 15.86 51.83 46.93
CA ALA F 150 15.56 53.15 46.40
C ALA F 150 15.01 53.06 44.97
N ALA F 151 14.11 53.98 44.64
CA ALA F 151 13.44 53.95 43.35
C ALA F 151 14.43 54.20 42.21
N PHE F 152 14.23 53.49 41.11
CA PHE F 152 15.06 53.64 39.92
C PHE F 152 14.35 54.54 38.92
N PRO F 153 14.94 55.68 38.55
CA PRO F 153 14.24 56.60 37.63
C PRO F 153 14.02 55.97 36.27
N GLN F 154 12.89 56.32 35.65
CA GLN F 154 12.60 55.90 34.29
C GLN F 154 13.54 56.62 33.34
N MET F 155 14.47 55.88 32.74
CA MET F 155 15.50 56.44 31.89
C MET F 155 15.29 56.00 30.44
N THR F 156 15.78 56.83 29.52
CA THR F 156 15.71 56.56 28.09
C THR F 156 17.02 57.03 27.46
N LYS F 157 17.85 56.09 27.03
CA LYS F 157 19.14 56.39 26.41
C LYS F 157 19.10 55.99 24.95
N SER F 158 19.76 56.79 24.10
CA SER F 158 19.71 56.60 22.66
C SER F 158 21.12 56.64 22.09
N TYR F 159 21.34 55.85 21.03
CA TYR F 159 22.63 55.79 20.38
C TYR F 159 22.44 55.77 18.87
N LYS F 160 23.17 56.64 18.18
CA LYS F 160 23.12 56.74 16.72
C LYS F 160 24.35 56.08 16.13
N ASN F 161 24.16 55.21 15.14
CA ASN F 161 25.26 54.53 14.48
C ASN F 161 25.92 55.50 13.49
N THR F 162 26.80 56.35 14.03
CA THR F 162 27.54 57.32 13.23
C THR F 162 28.73 56.64 12.55
N ARG F 163 28.42 55.70 11.69
CA ARG F 163 29.42 54.89 10.99
C ARG F 163 28.91 54.69 9.56
N LYS F 164 29.46 53.67 8.88
CA LYS F 164 29.01 53.30 7.55
C LYS F 164 28.82 51.79 7.41
N ASN F 165 28.93 51.05 8.50
CA ASN F 165 28.73 49.60 8.54
C ASN F 165 27.81 49.27 9.70
N PRO F 166 27.15 48.11 9.65
CA PRO F 166 26.26 47.73 10.76
C PRO F 166 27.03 47.58 12.07
N ALA F 167 26.38 47.98 13.16
CA ALA F 167 26.96 47.94 14.49
C ALA F 167 26.33 46.82 15.31
N LEU F 168 27.15 46.15 16.12
CA LEU F 168 26.67 45.10 17.00
C LEU F 168 26.32 45.70 18.35
N ILE F 169 25.04 45.63 18.73
CA ILE F 169 24.55 46.21 19.96
C ILE F 169 24.13 45.07 20.89
N VAL F 170 24.70 45.03 22.08
CA VAL F 170 24.44 43.99 23.06
C VAL F 170 24.04 44.63 24.38
N TRP F 171 22.91 44.19 24.94
CA TRP F 171 22.46 44.63 26.24
C TRP F 171 22.11 43.41 27.08
N GLY F 172 21.82 43.65 28.35
CA GLY F 172 21.56 42.55 29.28
C GLY F 172 20.34 42.81 30.13
N ILE F 173 19.67 41.72 30.48
CA ILE F 173 18.55 41.73 31.42
C ILE F 173 18.98 40.89 32.63
N HIS F 174 18.76 41.43 33.82
CA HIS F 174 19.15 40.79 35.07
C HIS F 174 17.91 40.23 35.75
N HIS F 175 17.82 38.90 35.77
CA HIS F 175 16.80 38.18 36.54
C HIS F 175 17.40 37.87 37.91
N SER F 176 16.85 38.53 38.93
CA SER F 176 17.33 38.36 40.30
C SER F 176 16.81 37.04 40.89
N VAL F 177 17.35 36.70 42.06
CA VAL F 177 16.97 35.44 42.70
C VAL F 177 15.54 35.52 43.24
N SER F 178 15.07 36.71 43.58
CA SER F 178 13.75 36.87 44.17
C SER F 178 13.22 38.26 43.87
N THR F 179 11.93 38.46 44.17
CA THR F 179 11.32 39.77 44.03
C THR F 179 11.93 40.76 45.03
N ALA F 180 12.19 40.30 46.25
CA ALA F 180 12.77 41.19 47.27
C ALA F 180 14.16 41.68 46.86
N GLU F 181 14.94 40.83 46.19
CA GLU F 181 16.25 41.27 45.71
C GLU F 181 16.10 42.26 44.57
N GLN F 182 15.14 42.03 43.66
CA GLN F 182 14.92 42.97 42.57
C GLN F 182 14.48 44.33 43.10
N THR F 183 13.70 44.34 44.19
CA THR F 183 13.36 45.61 44.81
C THR F 183 14.57 46.23 45.50
N LYS F 184 15.42 45.39 46.11
CA LYS F 184 16.63 45.89 46.75
C LYS F 184 17.56 46.55 45.75
N LEU F 185 17.59 46.06 44.51
CA LEU F 185 18.52 46.54 43.50
C LEU F 185 17.94 47.63 42.60
N TYR F 186 16.63 47.63 42.35
CA TYR F 186 16.05 48.54 41.37
C TYR F 186 14.80 49.24 41.86
N GLY F 187 14.45 49.12 43.14
CA GLY F 187 13.33 49.88 43.68
C GLY F 187 12.15 49.06 44.13
N SER F 188 11.09 49.03 43.29
CA SER F 188 9.87 48.29 43.58
C SER F 188 8.90 48.43 42.41
N GLY F 189 8.13 47.38 42.14
CA GLY F 189 7.18 47.39 41.05
C GLY F 189 7.70 46.65 39.83
N ASN F 190 6.85 46.60 38.81
CA ASN F 190 7.18 45.88 37.60
C ASN F 190 8.26 46.61 36.80
N LYS F 191 9.24 45.86 36.32
CA LYS F 191 10.34 46.41 35.53
C LYS F 191 10.14 46.07 34.06
N LEU F 192 10.68 46.93 33.20
CA LEU F 192 10.48 46.83 31.76
C LEU F 192 11.67 47.45 31.04
N VAL F 193 12.08 46.83 29.93
CA VAL F 193 13.16 47.33 29.10
C VAL F 193 12.71 47.22 27.65
N THR F 194 12.36 48.35 27.05
CA THR F 194 11.97 48.38 25.64
C THR F 194 13.16 48.83 24.80
N VAL F 195 13.45 48.06 23.75
CA VAL F 195 14.51 48.37 22.81
C VAL F 195 13.88 48.56 21.43
N GLY F 196 14.24 49.64 20.75
CA GLY F 196 13.65 49.95 19.47
C GLY F 196 14.67 50.51 18.50
N SER F 197 14.46 50.21 17.23
CA SER F 197 15.24 50.79 16.14
C SER F 197 14.33 50.84 14.91
N SER F 198 14.93 51.01 13.72
CA SER F 198 14.15 50.96 12.50
C SER F 198 13.81 49.53 12.10
N ASN F 199 14.67 48.58 12.45
CA ASN F 199 14.42 47.16 12.21
C ASN F 199 14.01 46.41 13.46
N TYR F 200 14.49 46.82 14.62
CA TYR F 200 14.28 46.11 15.87
C TYR F 200 13.14 46.74 16.67
N GLN F 201 12.46 45.92 17.45
CA GLN F 201 11.31 46.36 18.23
C GLN F 201 10.91 45.26 19.21
N GLN F 202 11.46 45.31 20.43
CA GLN F 202 11.19 44.27 21.40
C GLN F 202 11.12 44.86 22.80
N SER F 203 10.44 44.14 23.70
CA SER F 203 10.35 44.51 25.10
C SER F 203 10.72 43.31 25.96
N PHE F 204 11.34 43.59 27.10
CA PHE F 204 11.88 42.57 27.97
C PHE F 204 11.45 42.83 29.41
N VAL F 205 11.10 41.75 30.10
CA VAL F 205 10.68 41.79 31.50
C VAL F 205 11.52 40.79 32.29
N PRO F 206 12.08 41.17 33.43
CA PRO F 206 12.87 40.22 34.22
C PRO F 206 12.01 39.10 34.77
N SER F 207 12.69 38.06 35.25
CA SER F 207 12.05 36.84 35.75
C SER F 207 12.62 36.49 37.11
N PRO F 208 12.17 37.16 38.17
CA PRO F 208 12.67 36.83 39.52
C PRO F 208 12.18 35.45 39.94
N GLY F 209 13.13 34.56 40.20
CA GLY F 209 12.80 33.20 40.59
C GLY F 209 14.01 32.49 41.13
N ALA F 210 13.74 31.47 41.93
CA ALA F 210 14.80 30.67 42.52
C ALA F 210 15.36 29.68 41.51
N ARG F 211 16.66 29.42 41.62
CA ARG F 211 17.36 28.49 40.75
C ARG F 211 18.71 28.17 41.38
N PRO F 212 19.24 26.96 41.15
CA PRO F 212 20.46 26.56 41.85
C PRO F 212 21.64 27.47 41.50
N GLN F 213 22.53 27.63 42.48
CA GLN F 213 23.64 28.56 42.36
C GLN F 213 24.66 28.06 41.34
N VAL F 214 25.12 28.96 40.49
CA VAL F 214 26.19 28.69 39.53
C VAL F 214 27.41 29.46 39.99
N ASN F 215 28.47 28.73 40.36
CA ASN F 215 29.69 29.30 40.91
C ASN F 215 29.40 30.13 42.16
N GLY F 216 28.36 29.74 42.91
CA GLY F 216 27.97 30.40 44.13
C GLY F 216 26.83 31.39 43.98
N LEU F 217 26.55 31.85 42.77
CA LEU F 217 25.53 32.88 42.54
C LEU F 217 24.32 32.27 41.84
N SER F 218 23.14 32.74 42.23
CA SER F 218 21.88 32.21 41.71
C SER F 218 21.15 33.16 40.76
N GLY F 219 21.63 34.40 40.60
CA GLY F 219 21.04 35.30 39.64
C GLY F 219 21.46 34.96 38.22
N ARG F 220 20.76 35.57 37.25
CA ARG F 220 21.05 35.30 35.86
C ARG F 220 21.06 36.61 35.07
N ILE F 221 22.13 36.85 34.33
CA ILE F 221 22.22 37.99 33.41
C ILE F 221 22.23 37.44 32.00
N ASP F 222 21.14 37.66 31.26
CA ASP F 222 21.02 37.15 29.90
C ASP F 222 21.15 38.30 28.90
N PHE F 223 21.89 38.04 27.82
CA PHE F 223 22.25 39.07 26.86
C PHE F 223 21.43 38.94 25.58
N HIS F 224 21.13 40.09 24.98
CA HIS F 224 20.46 40.17 23.69
C HIS F 224 21.23 41.14 22.80
N TRP F 225 21.02 41.01 21.50
CA TRP F 225 21.82 41.78 20.55
C TRP F 225 20.99 42.12 19.33
N LEU F 226 21.47 43.10 18.57
CA LEU F 226 20.89 43.48 17.29
C LEU F 226 21.97 44.13 16.44
N MET F 227 21.67 44.33 15.17
CA MET F 227 22.57 44.98 14.22
C MET F 227 21.94 46.31 13.80
N LEU F 228 22.57 47.40 14.20
CA LEU F 228 22.12 48.73 13.82
C LEU F 228 22.65 49.05 12.41
N ASN F 229 21.74 49.40 11.51
CA ASN F 229 22.15 49.81 10.18
C ASN F 229 22.89 51.14 10.24
N PRO F 230 23.71 51.45 9.25
CA PRO F 230 24.40 52.75 9.23
C PRO F 230 23.41 53.90 9.26
N ASN F 231 23.75 54.93 10.04
CA ASN F 231 22.95 56.13 10.25
C ASN F 231 21.63 55.85 10.97
N ASP F 232 21.41 54.62 11.42
CA ASP F 232 20.21 54.29 12.19
C ASP F 232 20.46 54.53 13.67
N THR F 233 19.37 54.59 14.43
CA THR F 233 19.42 54.91 15.85
C THR F 233 18.68 53.84 16.64
N VAL F 234 19.29 53.40 17.75
CA VAL F 234 18.67 52.49 18.68
C VAL F 234 18.34 53.25 19.96
N THR F 235 17.22 52.89 20.58
CA THR F 235 16.79 53.55 21.81
C THR F 235 16.36 52.52 22.83
N PHE F 236 16.93 52.63 24.03
CA PHE F 236 16.56 51.83 25.18
C PHE F 236 15.76 52.67 26.16
N SER F 237 14.68 52.10 26.69
CA SER F 237 13.87 52.73 27.73
C SER F 237 13.70 51.72 28.85
N PHE F 238 14.10 52.08 30.06
CA PHE F 238 14.17 51.11 31.14
C PHE F 238 13.96 51.79 32.48
N ASN F 239 13.67 50.96 33.49
CA ASN F 239 13.54 51.45 34.87
C ASN F 239 14.15 50.47 35.87
N GLY F 240 15.06 49.61 35.43
CA GLY F 240 15.69 48.64 36.30
C GLY F 240 15.93 47.30 35.65
N ALA F 241 16.76 46.46 36.29
CA ALA F 241 17.06 45.11 35.79
C ALA F 241 17.62 45.16 34.38
N PHE F 242 18.47 46.15 34.11
CA PHE F 242 18.98 46.41 32.77
C PHE F 242 20.49 46.55 32.83
N ILE F 243 21.20 45.70 32.08
CA ILE F 243 22.65 45.80 31.95
C ILE F 243 22.94 46.61 30.70
N ALA F 244 23.44 47.83 30.90
CA ALA F 244 23.57 48.75 29.79
C ALA F 244 24.89 48.56 29.05
N PRO F 245 24.90 48.74 27.73
CA PRO F 245 26.16 48.62 26.98
C PRO F 245 27.02 49.87 27.12
N ASP F 246 28.33 49.65 27.27
CA ASP F 246 29.28 50.75 27.30
C ASP F 246 29.77 51.11 25.91
N ARG F 247 30.12 50.11 25.11
CA ARG F 247 30.67 50.32 23.78
C ARG F 247 30.00 49.37 22.78
N ALA F 248 30.01 49.78 21.53
CA ALA F 248 29.48 48.98 20.43
C ALA F 248 30.63 48.31 19.67
N SER F 249 30.28 47.24 18.96
CA SER F 249 31.25 46.44 18.22
C SER F 249 31.00 46.58 16.73
N PHE F 250 32.09 46.72 15.97
CA PHE F 250 32.04 46.81 14.51
C PHE F 250 32.92 45.73 13.91
N LEU F 251 32.40 45.06 12.88
CA LEU F 251 33.16 44.00 12.24
C LEU F 251 34.32 44.58 11.44
N ARG F 252 35.52 44.03 11.66
CA ARG F 252 36.71 44.55 10.98
C ARG F 252 36.70 44.19 9.51
N GLY F 253 36.63 42.90 9.19
CA GLY F 253 36.66 42.46 7.81
C GLY F 253 36.04 41.11 7.57
N LYS F 254 36.86 40.12 7.23
CA LYS F 254 36.38 38.78 6.92
C LYS F 254 37.41 37.77 7.43
N SER F 255 36.92 36.63 7.91
CA SER F 255 37.81 35.60 8.46
C SER F 255 37.06 34.27 8.44
N MET F 256 37.58 33.30 9.18
CA MET F 256 36.99 31.97 9.28
C MET F 256 37.08 31.50 10.73
N GLY F 257 36.09 30.70 11.14
CA GLY F 257 36.06 30.20 12.49
C GLY F 257 36.00 28.68 12.56
N ILE F 258 36.83 28.09 13.42
CA ILE F 258 36.88 26.65 13.58
C ILE F 258 36.83 26.30 15.06
N GLN F 259 36.27 25.14 15.38
CA GLN F 259 36.28 24.58 16.72
C GLN F 259 37.23 23.39 16.72
N SER F 260 38.31 23.50 17.49
CA SER F 260 39.35 22.47 17.50
C SER F 260 39.83 22.25 18.92
N GLY F 261 40.61 21.18 19.09
CA GLY F 261 41.19 20.85 20.38
C GLY F 261 42.65 20.46 20.26
N VAL F 262 43.28 20.85 19.16
CA VAL F 262 44.69 20.56 18.92
C VAL F 262 45.46 21.86 18.88
N GLN F 263 46.78 21.75 18.91
CA GLN F 263 47.67 22.91 18.99
C GLN F 263 47.77 23.61 17.64
N VAL F 264 48.37 24.80 17.67
CA VAL F 264 48.55 25.62 16.48
C VAL F 264 49.96 25.43 15.95
N ASP F 265 50.09 25.29 14.63
CA ASP F 265 51.37 25.09 13.97
C ASP F 265 51.55 26.19 12.93
N ALA F 266 52.54 27.07 13.16
CA ALA F 266 52.83 28.17 12.26
C ALA F 266 53.82 27.80 11.16
N ASP F 267 53.92 26.52 10.82
CA ASP F 267 54.82 26.05 9.78
C ASP F 267 54.11 25.47 8.57
N CYS F 268 53.08 24.66 8.77
CA CYS F 268 52.32 24.11 7.67
C CYS F 268 51.22 25.06 7.25
N GLU F 269 50.87 25.00 5.96
CA GLU F 269 49.85 25.87 5.38
C GLU F 269 48.62 25.03 5.06
N GLY F 270 47.46 25.49 5.56
CA GLY F 270 46.23 24.76 5.35
C GLY F 270 45.01 25.64 5.14
N ASP F 271 44.11 25.21 4.27
CA ASP F 271 42.86 25.91 4.03
C ASP F 271 41.63 25.07 4.38
N CYS F 272 41.82 23.88 4.93
CA CYS F 272 40.72 23.00 5.32
C CYS F 272 40.99 22.49 6.73
N TYR F 273 40.10 22.82 7.66
CA TYR F 273 40.28 22.48 9.06
C TYR F 273 39.10 21.68 9.58
N TYR F 274 39.33 21.01 10.71
CA TYR F 274 38.27 20.37 11.48
C TYR F 274 38.78 20.25 12.92
N SER F 275 38.01 19.57 13.77
CA SER F 275 38.35 19.50 15.19
C SER F 275 39.65 18.75 15.44
N GLY F 276 40.04 17.85 14.54
CA GLY F 276 41.22 17.03 14.76
C GLY F 276 42.50 17.60 14.15
N GLY F 277 42.37 18.56 13.24
CA GLY F 277 43.53 19.17 12.64
C GLY F 277 43.27 19.82 11.30
N THR F 278 44.20 19.63 10.36
CA THR F 278 44.14 20.25 9.05
C THR F 278 44.17 19.17 7.97
N ILE F 279 43.31 19.33 6.97
CA ILE F 279 43.24 18.41 5.83
C ILE F 279 43.95 19.09 4.67
N ILE F 280 45.16 18.63 4.37
CA ILE F 280 45.98 19.17 3.30
C ILE F 280 46.07 18.11 2.21
N SER F 281 45.36 18.33 1.10
CA SER F 281 45.30 17.33 0.05
C SER F 281 44.85 17.98 -1.25
N ASN F 282 45.24 17.37 -2.36
CA ASN F 282 44.77 17.73 -3.69
C ASN F 282 43.68 16.79 -4.19
N LEU F 283 43.38 15.72 -3.44
CA LEU F 283 42.38 14.76 -3.86
C LEU F 283 40.99 15.38 -3.79
N PRO F 284 40.09 15.01 -4.70
CA PRO F 284 38.75 15.63 -4.70
C PRO F 284 37.84 15.13 -3.60
N PHE F 285 38.18 14.06 -2.90
CA PHE F 285 37.31 13.49 -1.87
C PHE F 285 38.12 13.24 -0.60
N GLN F 286 37.40 13.15 0.52
CA GLN F 286 38.01 12.90 1.82
C GLN F 286 37.01 12.15 2.69
N ASN F 287 37.54 11.32 3.58
CA ASN F 287 36.74 10.50 4.49
C ASN F 287 37.18 10.72 5.93
N ILE F 288 37.45 11.98 6.30
CA ILE F 288 37.97 12.31 7.62
C ILE F 288 36.86 12.86 8.49
N ASP F 289 36.29 13.99 8.08
CA ASP F 289 35.26 14.67 8.87
C ASP F 289 34.23 15.27 7.93
N SER F 290 32.96 14.88 8.12
CA SER F 290 31.89 15.41 7.28
C SER F 290 31.59 16.88 7.60
N ARG F 291 32.06 17.39 8.73
CA ARG F 291 31.83 18.76 9.13
C ARG F 291 33.07 19.64 8.96
N ALA F 292 33.99 19.24 8.09
CA ALA F 292 35.16 20.07 7.81
C ALA F 292 34.73 21.35 7.10
N VAL F 293 35.35 22.46 7.47
CA VAL F 293 34.99 23.77 6.95
C VAL F 293 36.20 24.39 6.25
N GLY F 294 35.92 25.33 5.36
CA GLY F 294 36.95 25.97 4.57
C GLY F 294 36.86 25.58 3.11
N LYS F 295 38.01 25.39 2.47
CA LYS F 295 38.09 24.94 1.08
C LYS F 295 38.53 23.48 1.10
N CYS F 296 37.58 22.60 1.38
CA CYS F 296 37.81 21.18 1.61
C CYS F 296 37.38 20.34 0.43
N PRO F 297 37.95 19.15 0.27
CA PRO F 297 37.39 18.18 -0.66
C PRO F 297 36.04 17.68 -0.17
N ARG F 298 35.26 17.13 -1.09
CA ARG F 298 33.93 16.65 -0.74
C ARG F 298 34.01 15.40 0.12
N TYR F 299 33.25 15.39 1.21
CA TYR F 299 33.20 14.23 2.08
C TYR F 299 32.41 13.10 1.43
N VAL F 300 32.91 11.87 1.57
CA VAL F 300 32.25 10.69 1.03
C VAL F 300 32.24 9.61 2.11
N LYS F 301 31.30 8.67 1.95
CA LYS F 301 31.24 7.55 2.88
C LYS F 301 32.39 6.57 2.67
N GLN F 302 32.80 6.39 1.41
CA GLN F 302 33.84 5.42 1.09
C GLN F 302 35.19 5.89 1.64
N ARG F 303 35.96 4.94 2.19
CA ARG F 303 37.29 5.24 2.70
C ARG F 303 38.36 5.18 1.63
N SER F 304 38.07 4.55 0.49
CA SER F 304 39.05 4.44 -0.58
C SER F 304 38.32 4.25 -1.90
N LEU F 305 38.79 4.93 -2.94
CA LEU F 305 38.27 4.78 -4.30
C LEU F 305 39.47 4.88 -5.25
N LEU F 306 39.93 3.73 -5.74
CA LEU F 306 41.15 3.67 -6.52
C LEU F 306 40.86 4.01 -7.98
N LEU F 307 41.49 5.08 -8.46
CA LEU F 307 41.42 5.47 -9.85
C LEU F 307 42.51 4.75 -10.63
N ALA F 308 42.13 4.10 -11.72
CA ALA F 308 43.09 3.36 -12.54
C ALA F 308 43.93 4.35 -13.36
N THR F 309 45.25 4.18 -13.29
CA THR F 309 46.17 5.00 -14.06
C THR F 309 46.95 4.19 -15.10
N GLY F 310 46.53 2.96 -15.36
CA GLY F 310 47.20 2.11 -16.32
C GLY F 310 46.23 1.11 -16.94
N MET F 311 46.74 0.33 -17.88
CA MET F 311 45.94 -0.65 -18.57
C MET F 311 45.62 -1.83 -17.65
N LYS F 312 44.72 -2.70 -18.12
CA LYS F 312 44.46 -3.95 -17.42
C LYS F 312 45.71 -4.81 -17.40
N ASN F 313 46.09 -5.27 -16.21
CA ASN F 313 47.32 -6.05 -16.06
C ASN F 313 47.04 -7.50 -16.39
N VAL F 314 47.67 -7.99 -17.46
CA VAL F 314 47.52 -9.38 -17.89
C VAL F 314 48.88 -10.07 -17.80
N PRO F 315 49.21 -10.73 -16.70
CA PRO F 315 50.51 -11.39 -16.57
C PRO F 315 50.51 -12.74 -17.26
N GLU F 316 51.66 -13.40 -17.22
CA GLU F 316 51.82 -14.70 -17.85
C GLU F 316 51.53 -15.82 -16.85
N LEU F 323 36.77 -3.54 -24.86
CA LEU F 323 35.88 -3.15 -25.95
C LEU F 323 36.53 -3.42 -27.31
N PHE F 324 37.86 -3.41 -27.36
CA PHE F 324 38.58 -3.55 -28.61
C PHE F 324 39.26 -4.91 -28.77
N GLY F 325 39.27 -5.74 -27.73
CA GLY F 325 39.71 -7.12 -27.86
C GLY F 325 41.19 -7.33 -28.11
N ALA F 326 42.03 -6.33 -27.86
CA ALA F 326 43.47 -6.50 -27.99
C ALA F 326 44.07 -6.88 -26.64
N ILE F 327 44.13 -5.92 -25.72
CA ILE F 327 44.61 -6.20 -24.37
C ILE F 327 43.62 -7.13 -23.67
N ALA F 328 44.13 -8.23 -23.13
CA ALA F 328 43.32 -9.32 -22.57
C ALA F 328 42.35 -9.90 -23.59
N GLY F 329 42.65 -9.75 -24.87
CA GLY F 329 41.80 -10.27 -25.93
C GLY F 329 42.52 -11.28 -26.78
N PHE F 330 42.69 -11.00 -28.09
CA PHE F 330 43.43 -11.91 -28.94
C PHE F 330 44.93 -11.82 -28.72
N ILE F 331 45.42 -10.81 -28.02
CA ILE F 331 46.77 -10.82 -27.48
C ILE F 331 46.74 -11.57 -26.16
N GLU F 332 47.56 -12.62 -26.06
CA GLU F 332 47.45 -13.56 -24.95
C GLU F 332 47.63 -12.87 -23.60
N ASN F 333 48.79 -12.28 -23.38
CA ASN F 333 49.11 -11.68 -22.09
C ASN F 333 50.08 -10.52 -22.32
N GLY F 334 50.56 -9.94 -21.23
CA GLY F 334 51.52 -8.86 -21.30
C GLY F 334 52.96 -9.35 -21.13
N TRP F 335 53.88 -8.40 -21.28
CA TRP F 335 55.30 -8.67 -21.19
C TRP F 335 55.86 -7.97 -19.96
N GLU F 336 56.19 -8.75 -18.93
CA GLU F 336 56.79 -8.16 -17.72
C GLU F 336 58.17 -7.60 -17.99
N GLY F 337 58.86 -8.07 -19.04
CA GLY F 337 60.16 -7.56 -19.38
C GLY F 337 60.16 -6.26 -20.17
N LEU F 338 59.00 -5.81 -20.62
CA LEU F 338 58.88 -4.54 -21.35
C LEU F 338 58.76 -3.43 -20.34
N ILE F 339 59.90 -2.89 -19.91
CA ILE F 339 59.97 -1.83 -18.93
C ILE F 339 60.33 -0.48 -19.57
N ASP F 340 60.41 -0.43 -20.90
CA ASP F 340 60.75 0.80 -21.60
C ASP F 340 59.52 1.59 -22.02
N GLY F 341 58.34 0.99 -21.98
CA GLY F 341 57.13 1.69 -22.36
C GLY F 341 55.90 0.87 -22.07
N TRP F 342 54.77 1.33 -22.59
CA TRP F 342 53.50 0.64 -22.41
C TRP F 342 53.25 -0.39 -23.51
N TYR F 343 53.64 -0.08 -24.74
CA TYR F 343 53.49 -0.98 -25.87
C TYR F 343 54.84 -1.15 -26.54
N GLY F 344 55.03 -2.30 -27.20
CA GLY F 344 56.32 -2.55 -27.81
C GLY F 344 56.26 -3.66 -28.83
N PHE F 345 57.41 -3.89 -29.45
CA PHE F 345 57.60 -4.93 -30.46
C PHE F 345 58.51 -6.03 -29.93
N ARG F 346 58.42 -7.19 -30.57
CA ARG F 346 59.26 -8.34 -30.19
C ARG F 346 59.35 -9.26 -31.40
N HIS F 347 60.53 -9.33 -32.00
CA HIS F 347 60.72 -9.99 -33.29
C HIS F 347 61.68 -11.16 -33.19
N GLN F 348 61.55 -12.07 -34.15
CA GLN F 348 62.50 -13.17 -34.36
C GLN F 348 62.74 -13.30 -35.85
N ASN F 349 64.01 -13.43 -36.23
CA ASN F 349 64.38 -13.42 -37.64
C ASN F 349 65.73 -14.07 -37.90
N ALA F 350 65.97 -15.24 -37.28
CA ALA F 350 67.22 -15.98 -37.40
C ALA F 350 68.41 -15.23 -36.78
N GLN F 351 68.36 -13.90 -36.80
CA GLN F 351 69.40 -13.09 -36.19
C GLN F 351 69.27 -13.00 -34.67
N GLY F 352 68.18 -13.52 -34.10
CA GLY F 352 67.99 -13.48 -32.66
C GLY F 352 66.55 -13.25 -32.25
N GLU F 353 66.34 -12.61 -31.10
CA GLU F 353 65.01 -12.30 -30.61
C GLU F 353 65.07 -10.95 -29.93
N GLY F 354 64.45 -9.94 -30.55
CA GLY F 354 64.52 -8.59 -30.02
C GLY F 354 63.22 -8.10 -29.42
N THR F 355 63.28 -7.05 -28.61
CA THR F 355 62.10 -6.45 -28.00
C THR F 355 62.36 -4.97 -27.78
N ALA F 356 61.58 -4.13 -28.45
CA ALA F 356 61.69 -2.69 -28.34
C ALA F 356 60.36 -2.11 -27.86
N ALA F 357 60.33 -0.79 -27.70
CA ALA F 357 59.15 -0.09 -27.20
C ALA F 357 58.70 0.96 -28.22
N ASP F 358 57.39 1.09 -28.37
CA ASP F 358 56.81 2.08 -29.26
C ASP F 358 56.51 3.35 -28.46
N TYR F 359 57.05 4.48 -28.92
CA TYR F 359 56.98 5.69 -28.11
C TYR F 359 55.67 6.44 -28.33
N LYS F 360 55.15 6.45 -29.55
CA LYS F 360 53.98 7.27 -29.85
C LYS F 360 52.74 6.78 -29.11
N SER F 361 52.51 5.48 -29.10
CA SER F 361 51.33 4.93 -28.43
C SER F 361 51.47 5.05 -26.91
N THR F 362 52.62 4.67 -26.37
CA THR F 362 52.87 4.79 -24.94
C THR F 362 52.66 6.22 -24.46
N GLN F 363 53.32 7.18 -25.13
CA GLN F 363 53.18 8.58 -24.75
C GLN F 363 51.77 9.09 -24.98
N SER F 364 51.05 8.51 -25.95
CA SER F 364 49.67 8.92 -26.19
C SER F 364 48.77 8.53 -25.02
N ALA F 365 48.80 7.25 -24.63
CA ALA F 365 48.00 6.80 -23.49
C ALA F 365 48.42 7.50 -22.21
N ILE F 366 49.72 7.72 -22.04
CA ILE F 366 50.21 8.45 -20.86
C ILE F 366 49.68 9.87 -20.86
N ASP F 367 49.61 10.51 -22.02
CA ASP F 367 49.10 11.87 -22.09
C ASP F 367 47.60 11.91 -21.80
N GLN F 368 46.86 10.89 -22.25
CA GLN F 368 45.43 10.86 -21.99
C GLN F 368 45.14 10.64 -20.51
N ILE F 369 45.75 9.61 -19.91
CA ILE F 369 45.53 9.34 -18.50
C ILE F 369 46.03 10.51 -17.65
N THR F 370 47.13 11.13 -18.06
CA THR F 370 47.61 12.34 -17.40
C THR F 370 46.56 13.45 -17.49
N GLY F 371 45.86 13.53 -18.63
CA GLY F 371 44.77 14.49 -18.75
C GLY F 371 43.65 14.19 -17.78
N LYS F 372 43.32 12.91 -17.60
CA LYS F 372 42.31 12.55 -16.60
C LYS F 372 42.75 12.96 -15.20
N LEU F 373 44.03 12.72 -14.87
CA LEU F 373 44.52 13.09 -13.55
C LEU F 373 44.49 14.60 -13.33
N ASN F 374 44.85 15.37 -14.37
CA ASN F 374 44.80 16.82 -14.24
C ASN F 374 43.37 17.33 -14.14
N ARG F 375 42.43 16.65 -14.79
CA ARG F 375 41.03 17.08 -14.73
C ARG F 375 40.36 16.69 -13.41
N LEU F 376 40.82 15.59 -12.79
CA LEU F 376 40.24 15.14 -11.52
C LEU F 376 40.88 15.79 -10.31
N ILE F 377 42.12 16.26 -10.41
CA ILE F 377 42.81 16.96 -9.33
C ILE F 377 42.60 18.44 -9.57
N GLU F 378 41.64 19.02 -8.85
CA GLU F 378 41.33 20.44 -9.00
C GLU F 378 41.51 21.18 -7.69
N LYS F 379 40.76 22.27 -7.50
CA LYS F 379 40.83 23.05 -6.27
C LYS F 379 39.55 23.88 -6.18
N THR F 380 38.53 23.29 -5.55
CA THR F 380 37.25 23.98 -5.37
C THR F 380 37.44 25.21 -4.49
N ASN F 381 37.45 26.40 -5.11
CA ASN F 381 37.69 27.64 -4.40
C ASN F 381 36.50 28.07 -3.55
N GLN F 382 35.41 27.31 -3.52
CA GLN F 382 34.25 27.65 -2.72
C GLN F 382 34.52 27.31 -1.26
N GLN F 383 34.34 28.29 -0.38
CA GLN F 383 34.58 28.11 1.05
C GLN F 383 33.25 27.90 1.77
N PHE F 384 33.24 26.92 2.68
CA PHE F 384 32.08 26.63 3.51
C PHE F 384 32.36 27.02 4.95
N GLU F 385 31.39 27.65 5.60
CA GLU F 385 31.54 28.09 6.97
C GLU F 385 30.99 27.03 7.93
N LEU F 386 31.10 27.31 9.22
CA LEU F 386 30.62 26.41 10.26
C LEU F 386 29.20 26.78 10.63
N ILE F 387 28.26 25.87 10.43
CA ILE F 387 26.86 26.09 10.78
C ILE F 387 26.41 25.25 11.96
N ASP F 388 27.19 24.24 12.36
CA ASP F 388 26.91 23.45 13.55
C ASP F 388 27.72 23.99 14.72
N ASN F 389 27.61 23.31 15.86
CA ASN F 389 28.38 23.67 17.05
C ASN F 389 28.75 22.38 17.77
N GLU F 390 30.05 22.09 17.82
CA GLU F 390 30.53 20.84 18.40
C GLU F 390 30.58 20.87 19.92
N PHE F 391 30.66 22.06 20.52
CA PHE F 391 30.88 22.21 21.96
C PHE F 391 29.59 22.36 22.76
N THR F 392 28.63 23.17 22.28
CA THR F 392 27.42 23.44 23.04
C THR F 392 26.13 23.05 22.32
N GLU F 393 26.21 22.61 21.07
CA GLU F 393 25.07 22.08 20.31
C GLU F 393 24.02 23.13 20.00
N VAL F 394 23.29 22.94 18.89
CA VAL F 394 22.23 23.86 18.49
C VAL F 394 20.88 23.28 18.87
N GLU F 395 19.82 24.04 18.59
CA GLU F 395 18.46 23.59 18.87
C GLU F 395 18.15 22.30 18.11
N LYS F 396 17.30 21.46 18.73
CA LYS F 396 17.08 20.12 18.23
C LYS F 396 16.50 20.11 16.82
N GLN F 397 15.50 20.95 16.56
CA GLN F 397 14.81 20.90 15.27
C GLN F 397 15.72 21.36 14.14
N ILE F 398 16.33 22.54 14.27
CA ILE F 398 17.21 23.03 13.22
C ILE F 398 18.44 22.14 13.09
N GLY F 399 18.86 21.51 14.19
CA GLY F 399 19.95 20.55 14.10
C GLY F 399 19.57 19.30 13.34
N ASN F 400 18.31 18.87 13.45
CA ASN F 400 17.84 17.72 12.68
C ASN F 400 17.70 18.07 11.20
N VAL F 401 17.27 19.30 10.89
CA VAL F 401 17.24 19.73 9.50
C VAL F 401 18.65 19.80 8.93
N ILE F 402 19.60 20.34 9.72
CA ILE F 402 20.98 20.45 9.27
C ILE F 402 21.57 19.07 9.03
N ASN F 403 21.35 18.14 9.96
CA ASN F 403 21.90 16.80 9.82
C ASN F 403 21.25 16.05 8.66
N TRP F 404 19.96 16.28 8.43
CA TRP F 404 19.29 15.67 7.28
C TRP F 404 19.89 16.17 5.97
N THR F 405 20.08 17.49 5.86
CA THR F 405 20.66 18.04 4.64
C THR F 405 22.09 17.55 4.44
N ARG F 406 22.89 17.52 5.51
CA ARG F 406 24.28 17.09 5.40
C ARG F 406 24.36 15.62 4.99
N ASP F 407 23.52 14.77 5.60
CA ASP F 407 23.53 13.36 5.23
C ASP F 407 23.11 13.16 3.77
N SER F 408 22.12 13.94 3.32
CA SER F 408 21.70 13.85 1.92
C SER F 408 22.83 14.24 0.98
N ILE F 409 23.53 15.34 1.28
CA ILE F 409 24.64 15.75 0.43
C ILE F 409 25.76 14.71 0.46
N THR F 410 26.00 14.11 1.63
CA THR F 410 26.98 13.04 1.71
C THR F 410 26.60 11.87 0.80
N GLU F 411 25.31 11.52 0.78
CA GLU F 411 24.85 10.48 -0.13
C GLU F 411 25.13 10.85 -1.58
N VAL F 412 24.79 12.09 -1.96
CA VAL F 412 24.97 12.52 -3.36
C VAL F 412 26.43 12.44 -3.75
N TRP F 413 27.33 12.94 -2.89
CA TRP F 413 28.75 12.96 -3.24
C TRP F 413 29.37 11.57 -3.20
N SER F 414 28.87 10.69 -2.33
CA SER F 414 29.36 9.31 -2.34
C SER F 414 28.96 8.61 -3.62
N TYR F 415 27.72 8.78 -4.06
CA TYR F 415 27.29 8.22 -5.35
C TYR F 415 28.12 8.79 -6.49
N ASN F 416 28.33 10.12 -6.49
CA ASN F 416 29.09 10.74 -7.59
C ASN F 416 30.53 10.25 -7.62
N ALA F 417 31.14 10.07 -6.46
CA ALA F 417 32.52 9.60 -6.42
C ALA F 417 32.62 8.15 -6.87
N GLU F 418 31.71 7.30 -6.39
CA GLU F 418 31.70 5.90 -6.79
C GLU F 418 31.53 5.76 -8.30
N LEU F 419 30.45 6.34 -8.83
CA LEU F 419 30.19 6.23 -10.27
C LEU F 419 31.32 6.86 -11.08
N LEU F 420 31.88 7.96 -10.59
CA LEU F 420 32.98 8.62 -11.29
C LEU F 420 34.19 7.70 -11.40
N VAL F 421 34.59 7.09 -10.28
CA VAL F 421 35.75 6.22 -10.29
C VAL F 421 35.52 5.02 -11.20
N ALA F 422 34.36 4.38 -11.07
CA ALA F 422 34.07 3.20 -11.90
C ALA F 422 34.10 3.56 -13.38
N MET F 423 33.44 4.65 -13.76
CA MET F 423 33.36 5.04 -15.16
C MET F 423 34.74 5.40 -15.72
N GLU F 424 35.52 6.17 -14.96
CA GLU F 424 36.85 6.56 -15.42
C GLU F 424 37.75 5.34 -15.58
N ASN F 425 37.62 4.35 -14.68
CA ASN F 425 38.41 3.14 -14.81
C ASN F 425 38.01 2.35 -16.06
N GLN F 426 36.70 2.22 -16.29
CA GLN F 426 36.22 1.56 -17.50
C GLN F 426 36.79 2.22 -18.75
N HIS F 427 36.65 3.54 -18.86
CA HIS F 427 37.14 4.25 -20.04
C HIS F 427 38.65 4.19 -20.15
N THR F 428 39.36 4.07 -19.02
CA THR F 428 40.81 3.93 -19.06
C THR F 428 41.21 2.59 -19.67
N ILE F 429 40.61 1.50 -19.18
CA ILE F 429 40.90 0.18 -19.73
C ILE F 429 40.60 0.14 -21.22
N ASP F 430 39.39 0.58 -21.59
CA ASP F 430 39.02 0.59 -23.00
C ASP F 430 39.94 1.48 -23.83
N LEU F 431 40.43 2.57 -23.23
CA LEU F 431 41.32 3.48 -23.94
C LEU F 431 42.65 2.82 -24.26
N ALA F 432 43.28 2.20 -23.26
CA ALA F 432 44.54 1.51 -23.51
C ALA F 432 44.36 0.38 -24.52
N ASP F 433 43.27 -0.38 -24.38
CA ASP F 433 42.94 -1.41 -25.38
C ASP F 433 42.88 -0.81 -26.78
N SER F 434 42.24 0.36 -26.91
CA SER F 434 42.15 1.02 -28.21
C SER F 434 43.51 1.39 -28.75
N GLU F 435 44.40 1.93 -27.89
CA GLU F 435 45.74 2.29 -28.36
C GLU F 435 46.49 1.07 -28.86
N MET F 436 46.42 -0.04 -28.12
CA MET F 436 47.06 -1.27 -28.57
C MET F 436 46.53 -1.71 -29.93
N ASP F 437 45.20 -1.76 -30.07
CA ASP F 437 44.62 -2.16 -31.35
C ASP F 437 45.04 -1.23 -32.48
N LYS F 438 45.18 0.07 -32.19
CA LYS F 438 45.57 1.02 -33.23
C LYS F 438 47.01 0.82 -33.66
N LEU F 439 47.91 0.53 -32.71
CA LEU F 439 49.28 0.20 -33.09
C LEU F 439 49.32 -1.06 -33.95
N TYR F 440 48.56 -2.09 -33.56
CA TYR F 440 48.52 -3.33 -34.33
C TYR F 440 48.03 -3.08 -35.75
N GLU F 441 46.91 -2.37 -35.89
CA GLU F 441 46.38 -2.08 -37.22
C GLU F 441 47.34 -1.22 -38.03
N ARG F 442 48.08 -0.34 -37.37
CA ARG F 442 49.07 0.47 -38.07
C ARG F 442 50.18 -0.40 -38.65
N VAL F 443 50.68 -1.36 -37.87
CA VAL F 443 51.69 -2.28 -38.40
C VAL F 443 51.10 -3.10 -39.56
N LYS F 444 49.85 -3.55 -39.41
CA LYS F 444 49.21 -4.31 -40.48
C LYS F 444 49.16 -3.52 -41.77
N ARG F 445 48.77 -2.25 -41.70
CA ARG F 445 48.73 -1.43 -42.90
C ARG F 445 50.14 -1.14 -43.42
N GLN F 446 51.14 -1.12 -42.54
CA GLN F 446 52.52 -0.94 -42.99
C GLN F 446 52.96 -2.12 -43.85
N LEU F 447 52.70 -3.34 -43.39
CA LEU F 447 53.25 -4.51 -44.06
C LEU F 447 52.50 -4.87 -45.35
N ARG F 448 51.20 -4.54 -45.43
CA ARG F 448 50.39 -4.75 -46.63
C ARG F 448 50.39 -6.24 -46.96
N GLU F 449 50.76 -6.64 -48.18
CA GLU F 449 50.71 -8.04 -48.59
C GLU F 449 52.01 -8.80 -48.32
N ASN F 450 52.94 -8.19 -47.59
CA ASN F 450 54.21 -8.84 -47.30
C ASN F 450 54.14 -9.77 -46.08
N ALA F 451 53.18 -9.57 -45.20
CA ALA F 451 53.04 -10.37 -43.99
C ALA F 451 51.59 -10.81 -43.81
N GLU F 452 51.38 -11.73 -42.89
CA GLU F 452 50.06 -12.26 -42.59
C GLU F 452 49.84 -12.30 -41.08
N GLU F 453 48.57 -12.28 -40.70
CA GLU F 453 48.17 -12.37 -39.30
C GLU F 453 48.02 -13.84 -38.91
N ASP F 454 48.65 -14.22 -37.80
CA ASP F 454 48.50 -15.57 -37.27
C ASP F 454 47.43 -15.65 -36.18
N GLY F 455 46.85 -14.51 -35.78
CA GLY F 455 45.76 -14.50 -34.82
C GLY F 455 46.16 -14.29 -33.38
N THR F 456 47.43 -14.03 -33.10
CA THR F 456 47.90 -13.85 -31.74
C THR F 456 48.57 -12.49 -31.52
N GLY F 457 48.42 -11.56 -32.44
CA GLY F 457 49.08 -10.28 -32.35
C GLY F 457 50.43 -10.22 -33.03
N CYS F 458 50.85 -11.28 -33.70
CA CYS F 458 52.13 -11.34 -34.37
C CYS F 458 51.93 -11.39 -35.88
N PHE F 459 52.92 -10.91 -36.61
CA PHE F 459 52.89 -10.88 -38.07
C PHE F 459 53.97 -11.80 -38.63
N GLU F 460 53.58 -12.65 -39.57
CA GLU F 460 54.51 -13.54 -40.26
C GLU F 460 54.89 -12.89 -41.58
N ILE F 461 56.14 -12.44 -41.67
CA ILE F 461 56.64 -11.78 -42.86
C ILE F 461 57.17 -12.83 -43.81
N PHE F 462 56.74 -12.75 -45.08
CA PHE F 462 57.12 -13.74 -46.09
C PHE F 462 58.41 -13.37 -46.82
N HIS F 463 59.31 -12.68 -46.14
CA HIS F 463 60.65 -12.39 -46.66
C HIS F 463 61.57 -12.16 -45.48
N LYS F 464 62.86 -12.41 -45.70
CA LYS F 464 63.83 -12.25 -44.61
C LYS F 464 63.90 -10.79 -44.17
N CYS F 465 63.85 -10.58 -42.85
CA CYS F 465 63.75 -9.24 -42.27
C CYS F 465 64.79 -9.15 -41.16
N ASP F 466 65.98 -8.63 -41.49
CA ASP F 466 67.08 -8.55 -40.54
C ASP F 466 66.79 -7.46 -39.50
N ASP F 467 67.83 -7.08 -38.74
CA ASP F 467 67.64 -6.11 -37.67
C ASP F 467 67.32 -4.72 -38.21
N ASP F 468 67.98 -4.31 -39.30
CA ASP F 468 67.65 -3.03 -39.92
C ASP F 468 66.24 -3.05 -40.49
N CYS F 469 65.76 -4.21 -40.94
CA CYS F 469 64.40 -4.30 -41.46
C CYS F 469 63.37 -4.14 -40.34
N MET F 470 63.59 -4.82 -39.21
CA MET F 470 62.69 -4.66 -38.07
C MET F 470 62.68 -3.22 -37.59
N ALA F 471 63.85 -2.58 -37.54
CA ALA F 471 63.92 -1.18 -37.17
C ALA F 471 63.17 -0.30 -38.18
N SER F 472 63.23 -0.68 -39.46
CA SER F 472 62.48 0.06 -40.48
C SER F 472 60.98 -0.10 -40.28
N ILE F 473 60.54 -1.26 -39.76
CA ILE F 473 59.13 -1.45 -39.47
C ILE F 473 58.73 -0.62 -38.25
N ARG F 474 59.61 -0.55 -37.24
CA ARG F 474 59.24 0.12 -36.00
C ARG F 474 59.17 1.63 -36.16
N ASN F 475 59.97 2.23 -37.05
CA ASN F 475 59.99 3.67 -37.23
C ASN F 475 59.19 4.14 -38.45
N ASN F 476 58.29 3.29 -38.95
CA ASN F 476 57.38 3.64 -40.04
C ASN F 476 58.12 4.02 -41.32
N THR F 477 59.25 3.37 -41.58
CA THR F 477 60.01 3.59 -42.82
C THR F 477 60.10 2.34 -43.68
N TYR F 478 59.29 1.32 -43.40
CA TYR F 478 59.32 0.07 -44.14
C TYR F 478 58.62 0.25 -45.48
N ASP F 479 59.38 0.14 -46.57
CA ASP F 479 58.83 0.23 -47.91
C ASP F 479 58.45 -1.18 -48.36
N HIS F 480 57.15 -1.45 -48.47
CA HIS F 480 56.71 -2.79 -48.83
C HIS F 480 56.97 -3.10 -50.30
N SER F 481 57.03 -2.08 -51.16
CA SER F 481 57.20 -2.30 -52.59
C SER F 481 58.56 -2.92 -52.93
N LYS F 482 59.55 -2.76 -52.04
CA LYS F 482 60.85 -3.36 -52.28
C LYS F 482 60.88 -4.86 -52.00
N TYR F 483 59.88 -5.37 -51.29
CA TYR F 483 59.79 -6.79 -50.96
C TYR F 483 58.47 -7.40 -51.44
N ARG F 484 57.68 -6.67 -52.23
CA ARG F 484 56.35 -7.15 -52.58
C ARG F 484 56.41 -8.34 -53.53
N GLU F 485 57.30 -8.29 -54.53
CA GLU F 485 57.40 -9.38 -55.50
C GLU F 485 57.75 -10.70 -54.82
N GLU F 486 58.86 -10.73 -54.10
CA GLU F 486 59.27 -11.96 -53.42
C GLU F 486 58.28 -12.35 -52.34
N ALA F 487 57.74 -11.36 -51.61
CA ALA F 487 56.87 -11.66 -50.48
C ALA F 487 55.55 -12.29 -50.93
N MET F 488 54.98 -11.80 -52.04
CA MET F 488 53.72 -12.34 -52.52
C MET F 488 53.86 -13.69 -53.20
N GLN F 489 55.05 -14.03 -53.69
CA GLN F 489 55.26 -15.35 -54.29
C GLN F 489 55.32 -16.43 -53.22
N ASN F 490 55.77 -16.10 -52.02
CA ASN F 490 55.88 -17.08 -50.94
C ASN F 490 54.54 -17.31 -50.26
C1 NAG G . 10.87 -22.84 -9.06
C2 NAG G . 11.70 -22.75 -10.35
C3 NAG G . 11.33 -21.49 -11.12
C4 NAG G . 9.83 -21.43 -11.36
C5 NAG G . 9.07 -21.56 -10.04
C6 NAG G . 7.58 -21.64 -10.22
C7 NAG G . 13.92 -23.77 -10.47
C8 NAG G . 15.36 -23.65 -10.08
N2 NAG G . 13.12 -22.79 -10.06
O3 NAG G . 12.02 -21.48 -12.36
O4 NAG G . 9.48 -20.20 -11.98
O5 NAG G . 9.46 -22.77 -9.37
O6 NAG G . 6.98 -20.35 -10.10
O7 NAG G . 13.50 -24.72 -11.12
C1 NAG H . -18.23 -4.42 9.41
C2 NAG H . -18.72 -3.39 10.43
C3 NAG H . -18.04 -2.04 10.21
C4 NAG H . -16.52 -2.20 10.18
C5 NAG H . -16.13 -3.26 9.15
C6 NAG H . -14.65 -3.55 9.15
C7 NAG H . -20.91 -2.88 11.42
C8 NAG H . -22.39 -2.80 11.17
N2 NAG H . -20.16 -3.26 10.37
O3 NAG H . -18.42 -1.14 11.25
O4 NAG H . -15.91 -0.97 9.85
O5 NAG H . -16.80 -4.49 9.45
O6 NAG H . -14.36 -4.74 8.43
O7 NAG H . -20.42 -2.64 12.51
C1 NAG I . 16.11 -10.64 -18.69
C2 NAG I . 16.53 -12.08 -18.41
C3 NAG I . 16.20 -12.46 -16.96
C4 NAG I . 16.81 -11.45 -16.00
C5 NAG I . 16.38 -10.04 -16.37
C6 NAG I . 17.04 -8.97 -15.53
C7 NAG I . 16.55 -13.67 -20.28
C8 NAG I . 15.72 -14.57 -21.14
N2 NAG I . 15.89 -13.00 -19.34
O3 NAG I . 16.71 -13.76 -16.69
O4 NAG I . 16.40 -11.74 -14.67
O5 NAG I . 16.73 -9.76 -17.73
O6 NAG I . 16.61 -9.03 -14.17
O7 NAG I . 17.76 -13.55 -20.43
C1 NAG J . 5.19 20.32 2.13
C2 NAG J . 4.06 21.27 2.54
C3 NAG J . 2.89 20.48 3.13
C4 NAG J . 2.46 19.37 2.17
C5 NAG J . 3.66 18.51 1.79
C6 NAG J . 3.32 17.46 0.75
C7 NAG J . 4.02 23.51 3.55
C8 NAG J . 4.62 24.41 4.58
N2 NAG J . 4.53 22.27 3.48
O3 NAG J . 1.80 21.35 3.38
O4 NAG J . 1.47 18.56 2.78
O5 NAG J . 4.69 19.33 1.23
O6 NAG J . 4.49 16.79 0.29
O7 NAG J . 3.11 23.88 2.81
C1 NAG K . -34.93 -19.41 11.18
C2 NAG K . -36.40 -19.03 11.31
C3 NAG K . -36.83 -19.07 12.78
C4 NAG K . -36.48 -20.42 13.40
C5 NAG K . -35.01 -20.73 13.19
C6 NAG K . -34.61 -22.10 13.68
C7 NAG K . -37.76 -17.43 10.03
C8 NAG K . -37.86 -16.03 9.52
N2 NAG K . -36.67 -17.72 10.74
O3 NAG K . -38.23 -18.84 12.87
O4 NAG K . -36.77 -20.40 14.79
O5 NAG K . -34.70 -20.68 11.78
O6 NAG K . -33.25 -22.39 13.37
O7 NAG K . -38.63 -18.27 9.81
C1 NAG L . -20.01 -46.22 -18.63
C2 NAG L . -20.57 -47.65 -18.54
C3 NAG L . -22.09 -47.62 -18.39
C4 NAG L . -22.49 -46.74 -17.22
C5 NAG L . -21.86 -45.36 -17.36
C6 NAG L . -22.13 -44.46 -16.18
C7 NAG L . -19.29 -49.43 -19.64
C8 NAG L . -19.00 -50.13 -20.94
N2 NAG L . -20.18 -48.44 -19.70
O3 NAG L . -22.56 -48.94 -18.20
O4 NAG L . -23.91 -46.62 -17.17
O5 NAG L . -20.44 -45.47 -17.49
O6 NAG L . -23.53 -44.22 -16.01
O7 NAG L . -18.73 -49.74 -18.60
C1 NAG M . -30.16 -10.16 -9.11
C2 NAG M . -30.62 -8.79 -9.59
C3 NAG M . -31.86 -8.92 -10.46
C4 NAG M . -31.61 -9.92 -11.60
C5 NAG M . -31.13 -11.25 -11.03
C6 NAG M . -30.74 -12.24 -12.09
C7 NAG M . -30.53 -6.62 -8.46
C8 NAG M . -30.87 -5.84 -7.23
N2 NAG M . -30.88 -7.90 -8.47
O3 NAG M . -32.22 -7.66 -11.00
O4 NAG M . -32.81 -10.13 -12.34
O5 NAG M . -29.95 -11.04 -10.23
O6 NAG M . -29.88 -13.24 -11.59
O7 NAG M . -29.94 -6.09 -9.41
C1 NAG N . 22.99 34.73 2.18
C2 NAG N . 23.26 35.78 3.27
C3 NAG N . 22.75 37.15 2.81
C4 NAG N . 23.33 37.51 1.46
C5 NAG N . 23.06 36.40 0.45
C6 NAG N . 23.70 36.64 -0.90
C7 NAG N . 23.21 35.61 5.72
C8 NAG N . 22.43 35.16 6.92
N2 NAG N . 22.64 35.40 4.53
O3 NAG N . 23.13 38.14 3.78
O4 NAG N . 22.75 38.72 0.98
O5 NAG N . 23.58 35.15 0.95
O6 NAG N . 23.47 35.55 -1.78
O7 NAG N . 24.31 36.15 5.82
C1 NAG O . 23.91 15.74 14.19
C2 NAG O . 23.32 15.64 15.60
C3 NAG O . 24.40 15.83 16.65
C4 NAG O . 25.56 14.86 16.41
C5 NAG O . 26.06 15.01 14.97
C6 NAG O . 27.14 14.01 14.63
C7 NAG O . 21.15 16.37 16.49
C8 NAG O . 20.16 17.49 16.57
N2 NAG O . 22.25 16.62 15.78
O3 NAG O . 23.85 15.62 17.95
O4 NAG O . 26.61 15.14 17.32
O5 NAG O . 24.99 14.80 14.06
O6 NAG O . 27.47 14.07 13.25
O7 NAG O . 20.96 15.29 17.04
#